data_6SKE
#
_entry.id   6SKE
#
_cell.length_a   90.870
_cell.length_b   109.920
_cell.length_c   152.210
_cell.angle_alpha   90.19
_cell.angle_beta   93.99
_cell.angle_gamma   111.93
#
_symmetry.space_group_name_H-M   'P 1'
#
loop_
_entity.id
_entity.type
_entity.pdbx_description
1 polymer Teneurin-2
2 polymer 'Adhesion G protein-coupled receptor L2'
3 branched alpha-D-mannopyranose-(1-2)-alpha-D-mannopyranose-(1-2)-alpha-D-mannopyranose-(1-3)-[alpha-D-mannopyranose-(1-3)-alpha-D-mannopyranose-(1-6)]beta-D-mannopyranose-(1-4)-2-acetamido-2-deoxy-beta-D-glucopyranose-(1-4)-2-acetamido-2-deoxy-beta-D-glucopyranose
4 branched 2-acetamido-2-deoxy-beta-D-glucopyranose-(1-4)-2-acetamido-2-deoxy-beta-D-glucopyranose
5 non-polymer 2-acetamido-2-deoxy-beta-D-glucopyranose
6 water water
#
loop_
_entity_poly.entity_id
_entity_poly.type
_entity_poly.pdbx_seq_one_letter_code
_entity_poly.pdbx_strand_id
1 'polypeptide(L)'
;CDLSGFVRPDPVIISSPLSTFFSDAPGRNPIVPETQVLHEEIEVPGSSIKLIYLSSRTAGYKSLLKIIMTQSLVPLNLIK
VHLMVAVEGHLFQKSFLASPNLAYTFIWDKTDAYGQKVYGLSDAVVSVGFEYETCPSLILWEKRTALLQGFELDPSNLGG
WSLDKHHVLNVKSGILHKGNGENQFLTQQPAVITSIMGNGRRRSISCPSCNGLAEGNKLLAPVALAVGIDGSLFVGDFNY
IRRIFPSRNVTSILELRNKEFKHSNNPAHKYYLAVDPVSGSLYVSDTNSRRIYKVKSLTGTKDLAGNSEVVAGTGEQCLP
FDEARCGDGGKAVDATLMSPRGIAVDKYGLMYFVDATMIRKVDQNGIISTLLGSNDLTAVRPLSCDSSMDVSQVRLEWPT
DLAVDPMDNSLYVLENNVILRITENHQVSIIAGRPMHCQVPGIDYSLSKLAIHSALESASAIAISHTGVLYISETDEKKI
NRLRQVTTNGEICLLAGAASDCDCKNDVNCNCYSGDDGYATDAILNSPSSLAVAPDGTIYIADLGNIRIRAVSKNRPILN
SFNQYEAASPGEQELYVFNADGIHQYTLSLVTGEYLYNFTYSSDNDVTEVMDSNGNSLKVRRDASGMPRHLLMPDNQIVT
LAVGTNGGLKLVSTQTLELGLMTYNGNSGLLATKSDETGWTTFYDYDHEGRLTNVTRPTGVVTSLHREMEKSITIDIENS
NRDDDVTVITNLSSVEASYTVVQDQVRNSYQLCNNGTLRVMYANGMSISFHSEPHVLAGTVTPTIGRCNISLPMENGLNS
IEWRLRKEQIKGKVTVFGRKLRVHGRNLLSIDYDRNIRTEKIYDDHRKFTLRIIYDQLGRPFLWLPSSGLAAVNVSYFFN
GRLAGLQRGAMSERTDIDKQGRIISRMFADGKVWSYTYLEKSMVLLLQSQRQYIFEYDSSDRLHAVTMPSVARHSMSTHT
SVGYIRNIYNPPESNASVIFDYSDDGRILKTSFLGTGRQVFYKYGKLSKLSEIVYDSTAVTFGYDETTGVLKMVNLQSGG
FSCTIRYRKIGPLVDKQIYRFSEEGMVNARFDYTYHDNSFRIASIKPIISETPLPVDLYRYDEISGKVEHFGKFGVIYYD
INQIITTAVMTLSKHFDTHGRIKEVQYEMFRSLMYWMTVQYDSMGRVTKRELKLGPYANTTKYTYDYDGDGQLQSVAVND
RPTWRYSYDLNGNLHLLNPGNSVRLMPLRYDLRDRITRLGDIPYKIDDDGFLCQRGSDVFEYNSKGLLTRAYNKANGWNV
QYRYDGLGRRASCKTNLGHHLQYFYADLHNPTRVTHVYNHSNSEITSLYYDLQGHLFAMESSSGEEYYVASDNTGTPLAV
FSINGLMIKQLQYTAYGEIYYDSNPDFQLVIGFHGGLYDPLTKLVHFTQRDYDVLAGRWTSPDYTMWKNIGREPAPFNLY
MFKSNNPLSNELDLKNYVTDVKSWLVMFGFQLSNIIPGFPRAKMYFVSPPYELTESQACENGQLITGVQQTTERHNQAFM
ALEGQVISKRLHASIREKAGHWFATSTPIIGKGIMFAVKKGRVTTGISSIATDDSRKIASVLNSAHYLEKMHYSIEGKDT
HYFVKIGSADSDLVTLAMTSGRKVLDSGVNVTVSQPTLLINGRTRRFTNIEFQYSTLLINIRYGLTADTLDEEKARVLDQ
ARQRALGSAWAKEQQKARDGREGSRVWTDGEKQQLLNTGRVQGYEGYYVLPVEQYPELADSSSNIQFLRQNEMGKR
;
A,C
2 'polypeptide(L)'
;ALPFGLVRRELSCEGYSIDLRCPGSDVIMIESANYGRTDDKICDADPFQMENTDCYLPDAFKIMTQRCNNRTQCIVVTGS
DVFPDPCPGTYKYLEVQYECVPYSKMLV
;
B,D
#
# COMPACT_ATOMS: atom_id res chain seq x y z
N CYS A 1 34.91 1.56 17.26
CA CYS A 1 33.56 1.44 17.82
C CYS A 1 32.50 1.25 16.73
N ASP A 2 31.40 0.54 17.06
CA ASP A 2 30.29 0.26 16.14
C ASP A 2 28.96 0.63 16.78
N LEU A 3 28.28 1.65 16.21
CA LEU A 3 26.98 2.14 16.70
C LEU A 3 25.87 1.64 15.77
N SER A 4 25.14 0.60 16.22
CA SER A 4 24.04 0.00 15.47
C SER A 4 22.75 0.04 16.28
N GLY A 5 21.70 0.57 15.66
CA GLY A 5 20.38 0.71 16.29
C GLY A 5 20.26 1.91 17.20
N PHE A 6 21.31 2.75 17.28
CA PHE A 6 21.38 3.94 18.11
C PHE A 6 20.45 5.04 17.60
N VAL A 7 19.92 5.87 18.54
CA VAL A 7 19.00 6.96 18.24
C VAL A 7 19.70 8.07 17.45
N ARG A 8 19.23 8.30 16.22
CA ARG A 8 19.75 9.31 15.30
C ARG A 8 19.17 10.69 15.66
N PRO A 9 19.90 11.80 15.46
CA PRO A 9 19.32 13.13 15.79
C PRO A 9 18.20 13.50 14.82
N ASP A 10 17.04 13.90 15.36
CA ASP A 10 15.89 14.32 14.56
C ASP A 10 15.59 15.79 14.91
N PRO A 11 16.33 16.76 14.32
CA PRO A 11 16.09 18.17 14.69
C PRO A 11 14.88 18.80 14.01
N VAL A 12 14.28 19.78 14.70
CA VAL A 12 13.15 20.57 14.22
C VAL A 12 13.73 21.96 13.93
N ILE A 13 13.81 22.32 12.64
CA ILE A 13 14.38 23.61 12.20
C ILE A 13 13.26 24.55 11.77
N ILE A 14 13.15 25.68 12.46
CA ILE A 14 12.13 26.71 12.23
C ILE A 14 12.80 28.02 11.83
N SER A 15 12.60 28.44 10.57
CA SER A 15 13.14 29.68 10.02
C SER A 15 12.14 30.82 10.17
N SER A 16 12.65 32.07 10.34
CA SER A 16 11.81 33.25 10.47
C SER A 16 11.00 33.45 9.17
N PRO A 17 9.68 33.71 9.24
CA PRO A 17 8.89 33.83 7.99
C PRO A 17 9.32 34.97 7.06
N LEU A 18 9.12 34.77 5.74
CA LEU A 18 9.46 35.75 4.72
C LEU A 18 8.56 36.97 4.85
N SER A 19 9.10 38.17 4.60
CA SER A 19 8.34 39.42 4.71
C SER A 19 7.38 39.58 3.51
N THR A 20 6.29 38.77 3.51
CA THR A 20 5.26 38.77 2.47
C THR A 20 4.08 39.66 2.85
N PHE A 21 3.93 39.92 4.16
CA PHE A 21 2.84 40.73 4.69
C PHE A 21 3.18 42.22 4.76
N PHE A 22 2.21 43.06 4.41
CA PHE A 22 2.27 44.52 4.40
C PHE A 22 0.90 45.08 4.81
N SER A 23 0.82 46.41 5.03
CA SER A 23 -0.43 47.06 5.44
C SER A 23 -1.16 47.72 4.27
N ASP A 24 -2.49 47.57 4.24
CA ASP A 24 -3.36 48.17 3.23
C ASP A 24 -3.45 49.69 3.42
N ALA A 25 -3.40 50.13 4.69
CA ALA A 25 -3.42 51.54 5.09
C ALA A 25 -2.35 51.81 6.15
N PRO A 26 -1.08 52.08 5.73
CA PRO A 26 0.00 52.33 6.70
C PRO A 26 -0.23 53.52 7.65
N GLY A 27 -1.08 54.46 7.22
CA GLY A 27 -1.47 55.62 8.01
C GLY A 27 -2.44 55.28 9.12
N ARG A 28 -3.30 54.26 8.90
CA ARG A 28 -4.29 53.78 9.87
C ARG A 28 -3.68 52.73 10.80
N ASN A 29 -3.02 51.70 10.23
CA ASN A 29 -2.38 50.64 11.01
C ASN A 29 -0.96 50.35 10.49
N PRO A 30 0.09 50.87 11.16
CA PRO A 30 1.46 50.62 10.69
C PRO A 30 2.05 49.27 11.11
N ILE A 31 1.40 48.56 12.04
CA ILE A 31 1.84 47.29 12.60
C ILE A 31 1.45 46.06 11.77
N VAL A 32 2.45 45.24 11.40
CA VAL A 32 2.32 43.96 10.68
C VAL A 32 2.71 42.90 11.74
N PRO A 33 1.71 42.25 12.41
CA PRO A 33 2.04 41.35 13.53
C PRO A 33 2.93 40.11 13.27
N GLU A 34 2.58 39.27 12.28
CA GLU A 34 3.29 38.01 11.97
C GLU A 34 4.79 38.15 11.75
N THR A 35 5.21 39.14 10.96
CA THR A 35 6.61 39.37 10.66
C THR A 35 7.23 40.44 11.58
N GLN A 36 6.42 41.02 12.52
CA GLN A 36 6.81 42.08 13.46
C GLN A 36 7.53 43.20 12.70
N VAL A 37 6.85 43.69 11.65
CA VAL A 37 7.33 44.71 10.72
C VAL A 37 6.57 46.01 10.90
N LEU A 38 7.30 47.14 10.80
CA LEU A 38 6.72 48.46 10.85
C LEU A 38 6.59 48.96 9.42
N HIS A 39 5.35 49.30 9.03
CA HIS A 39 5.03 49.78 7.69
C HIS A 39 4.48 51.21 7.82
N GLU A 40 5.35 52.20 7.60
CA GLU A 40 4.96 53.61 7.71
C GLU A 40 4.92 54.34 6.38
N GLU A 41 4.27 55.52 6.37
CA GLU A 41 4.11 56.36 5.19
C GLU A 41 4.16 57.86 5.48
N ILE A 42 4.50 58.65 4.46
CA ILE A 42 4.52 60.11 4.47
C ILE A 42 3.84 60.59 3.18
N GLU A 43 2.69 61.25 3.32
CA GLU A 43 1.95 61.83 2.19
C GLU A 43 2.60 63.17 1.87
N VAL A 44 2.89 63.41 0.59
CA VAL A 44 3.52 64.66 0.12
C VAL A 44 2.54 65.50 -0.72
N PRO A 45 2.50 66.84 -0.54
CA PRO A 45 1.55 67.65 -1.32
C PRO A 45 1.98 67.86 -2.77
N GLY A 46 1.01 67.84 -3.68
CA GLY A 46 1.23 68.01 -5.12
C GLY A 46 1.24 66.73 -5.92
N SER A 47 1.25 65.57 -5.23
CA SER A 47 1.27 64.24 -5.85
C SER A 47 0.55 63.18 -5.02
N SER A 48 0.08 62.11 -5.70
CA SER A 48 -0.59 60.96 -5.08
C SER A 48 0.44 59.89 -4.68
N ILE A 49 1.72 60.08 -5.09
CA ILE A 49 2.84 59.20 -4.77
C ILE A 49 3.28 59.48 -3.32
N LYS A 50 3.36 58.42 -2.51
CA LYS A 50 3.73 58.48 -1.08
C LYS A 50 5.15 57.96 -0.84
N LEU A 51 5.73 58.30 0.33
CA LEU A 51 7.03 57.82 0.77
C LEU A 51 6.74 56.67 1.74
N ILE A 52 7.29 55.49 1.48
CA ILE A 52 7.02 54.28 2.27
C ILE A 52 8.23 53.77 3.03
N TYR A 53 8.03 53.34 4.29
CA TYR A 53 9.06 52.74 5.13
C TYR A 53 8.60 51.34 5.56
N LEU A 54 9.44 50.33 5.31
CA LEU A 54 9.20 48.94 5.70
C LEU A 54 10.42 48.52 6.53
N SER A 55 10.19 48.17 7.82
CA SER A 55 11.25 47.80 8.76
C SER A 55 12.05 46.55 8.38
N SER A 56 11.51 45.70 7.47
CA SER A 56 12.21 44.51 7.00
C SER A 56 13.28 44.84 5.94
N ARG A 57 13.18 46.05 5.34
CA ARG A 57 14.12 46.55 4.32
C ARG A 57 15.28 47.32 4.97
N THR A 58 15.78 46.80 6.12
CA THR A 58 16.86 47.39 6.91
C THR A 58 17.89 46.34 7.33
N ALA A 59 19.09 46.78 7.75
CA ALA A 59 20.18 45.92 8.20
C ALA A 59 19.88 45.27 9.56
N GLY A 60 19.13 45.98 10.41
CA GLY A 60 18.74 45.53 11.74
C GLY A 60 17.78 44.36 11.77
N TYR A 61 16.99 44.19 10.70
CA TYR A 61 16.02 43.09 10.56
C TYR A 61 16.75 41.81 10.15
N LYS A 62 17.22 41.06 11.16
CA LYS A 62 18.01 39.82 11.01
C LYS A 62 17.16 38.61 10.58
N SER A 63 17.85 37.53 10.15
CA SER A 63 17.23 36.25 9.76
C SER A 63 17.41 35.27 10.90
N LEU A 64 16.32 34.61 11.31
CA LEU A 64 16.34 33.69 12.46
C LEU A 64 16.19 32.23 12.07
N LEU A 65 16.83 31.36 12.86
CA LEU A 65 16.82 29.92 12.66
C LEU A 65 16.80 29.19 14.00
N LYS A 66 15.60 28.81 14.48
CA LYS A 66 15.42 28.08 15.73
C LYS A 66 15.61 26.60 15.46
N ILE A 67 16.65 26.01 16.09
CA ILE A 67 16.98 24.60 15.92
C ILE A 67 16.75 23.82 17.22
N ILE A 68 15.66 23.04 17.27
CA ILE A 68 15.31 22.20 18.41
C ILE A 68 15.95 20.83 18.13
N MET A 69 17.10 20.55 18.75
CA MET A 69 17.86 19.31 18.54
C MET A 69 17.49 18.16 19.48
N THR A 70 16.86 18.46 20.63
CA THR A 70 16.45 17.45 21.61
C THR A 70 15.01 17.69 22.08
N GLN A 71 14.28 16.59 22.37
CA GLN A 71 12.92 16.63 22.88
C GLN A 71 12.92 16.40 24.40
N SER A 72 11.74 16.22 25.01
CA SER A 72 11.57 15.97 26.45
C SER A 72 12.27 14.68 26.94
N LEU A 73 12.41 13.69 26.03
CA LEU A 73 13.07 12.41 26.30
C LEU A 73 14.47 12.38 25.66
N VAL A 74 15.50 12.08 26.48
CA VAL A 74 16.90 12.04 26.06
C VAL A 74 17.41 10.58 26.08
N PRO A 75 18.05 10.07 24.99
CA PRO A 75 18.57 8.69 25.03
C PRO A 75 19.61 8.47 26.14
N LEU A 76 19.50 7.33 26.83
CA LEU A 76 20.29 6.88 27.98
C LEU A 76 21.80 7.16 27.91
N ASN A 77 22.46 6.80 26.80
CA ASN A 77 23.91 6.95 26.63
C ASN A 77 24.37 8.30 26.08
N LEU A 78 23.43 9.21 25.71
CA LEU A 78 23.78 10.54 25.16
C LEU A 78 24.43 11.44 26.22
N ILE A 79 25.59 12.05 25.85
CA ILE A 79 26.37 12.92 26.72
C ILE A 79 26.62 14.32 26.11
N LYS A 80 26.84 14.39 24.78
CA LYS A 80 27.11 15.64 24.07
C LYS A 80 26.31 15.78 22.78
N VAL A 81 25.91 17.03 22.44
CA VAL A 81 25.16 17.39 21.23
C VAL A 81 25.93 18.52 20.51
N HIS A 82 26.31 18.29 19.24
CA HIS A 82 27.05 19.26 18.45
C HIS A 82 26.18 19.92 17.37
N LEU A 83 26.45 21.21 17.09
CA LEU A 83 25.69 21.98 16.10
C LEU A 83 26.59 22.71 15.09
N MET A 84 26.18 22.68 13.82
CA MET A 84 26.84 23.34 12.70
C MET A 84 25.81 24.06 11.84
N VAL A 85 26.07 25.33 11.49
CA VAL A 85 25.19 26.13 10.64
C VAL A 85 26.05 26.75 9.53
N ALA A 86 25.71 26.45 8.27
CA ALA A 86 26.44 26.96 7.10
C ALA A 86 25.56 27.85 6.21
N VAL A 87 25.80 29.18 6.26
CA VAL A 87 25.06 30.18 5.48
C VAL A 87 26.05 31.10 4.74
N GLU A 88 25.96 31.14 3.40
CA GLU A 88 26.77 31.98 2.50
C GLU A 88 28.27 32.05 2.85
N GLY A 89 28.87 30.90 3.14
CA GLY A 89 30.28 30.81 3.49
C GLY A 89 30.58 30.77 4.98
N HIS A 90 29.68 31.32 5.81
CA HIS A 90 29.85 31.33 7.27
C HIS A 90 29.70 29.92 7.81
N LEU A 91 30.48 29.59 8.85
CA LEU A 91 30.39 28.30 9.51
C LEU A 91 30.38 28.48 11.02
N PHE A 92 29.18 28.40 11.61
CA PHE A 92 28.98 28.52 13.05
C PHE A 92 29.04 27.13 13.66
N GLN A 93 29.84 26.97 14.72
CA GLN A 93 29.99 25.71 15.44
C GLN A 93 29.87 25.92 16.95
N LYS A 94 29.04 25.09 17.59
CA LYS A 94 28.80 25.15 19.04
C LYS A 94 28.54 23.75 19.61
N SER A 95 29.15 23.46 20.77
CA SER A 95 29.01 22.20 21.49
C SER A 95 28.11 22.38 22.71
N PHE A 96 27.20 21.42 22.93
CA PHE A 96 26.24 21.44 24.04
C PHE A 96 26.23 20.11 24.80
N LEU A 97 25.76 20.12 26.05
CA LEU A 97 25.63 18.93 26.89
C LEU A 97 24.20 18.39 26.76
N ALA A 98 24.05 17.05 26.81
CA ALA A 98 22.76 16.36 26.70
C ALA A 98 21.77 16.82 27.78
N SER A 99 20.69 17.49 27.33
CA SER A 99 19.64 18.06 28.19
C SER A 99 18.26 17.94 27.54
N PRO A 100 17.17 17.68 28.31
CA PRO A 100 15.83 17.62 27.68
C PRO A 100 15.36 18.97 27.15
N ASN A 101 14.76 18.96 25.94
CA ASN A 101 14.25 20.13 25.22
C ASN A 101 15.37 21.17 24.95
N LEU A 102 16.53 20.68 24.46
CA LEU A 102 17.70 21.49 24.12
C LEU A 102 17.49 22.17 22.77
N ALA A 103 17.60 23.51 22.75
CA ALA A 103 17.41 24.32 21.55
C ALA A 103 18.33 25.53 21.47
N TYR A 104 18.67 25.95 20.25
CA TYR A 104 19.50 27.13 19.97
C TYR A 104 18.91 27.89 18.79
N THR A 105 18.92 29.24 18.88
CA THR A 105 18.40 30.09 17.82
C THR A 105 19.57 30.86 17.16
N PHE A 106 19.85 30.52 15.89
CA PHE A 106 20.90 31.12 15.08
C PHE A 106 20.42 32.42 14.45
N ILE A 107 21.24 33.49 14.58
CA ILE A 107 20.92 34.81 14.04
C ILE A 107 21.89 35.14 12.89
N TRP A 108 21.33 35.39 11.70
CA TRP A 108 22.09 35.75 10.51
C TRP A 108 21.93 37.23 10.19
N ASP A 109 23.07 37.93 10.02
CA ASP A 109 23.13 39.36 9.73
C ASP A 109 23.00 39.69 8.23
N LYS A 110 22.61 38.69 7.41
CA LYS A 110 22.37 38.76 5.96
C LYS A 110 23.64 39.11 5.15
N THR A 111 24.83 38.73 5.68
CA THR A 111 26.12 38.97 5.01
C THR A 111 26.80 37.64 4.65
N ASP A 112 27.73 37.67 3.67
CA ASP A 112 28.49 36.50 3.28
C ASP A 112 29.74 36.37 4.18
N ALA A 113 30.60 35.37 3.91
CA ALA A 113 31.83 35.14 4.67
C ALA A 113 32.87 36.26 4.49
N TYR A 114 32.74 37.04 3.40
CA TYR A 114 33.62 38.17 3.04
C TYR A 114 33.14 39.49 3.71
N GLY A 115 32.00 39.44 4.42
CA GLY A 115 31.40 40.59 5.10
C GLY A 115 30.56 41.48 4.19
N GLN A 116 30.20 40.97 2.99
CA GLN A 116 29.41 41.69 1.99
C GLN A 116 27.93 41.30 2.06
N LYS A 117 27.04 42.27 1.79
CA LYS A 117 25.58 42.08 1.82
C LYS A 117 25.10 41.04 0.81
N VAL A 118 24.23 40.11 1.28
CA VAL A 118 23.64 39.05 0.46
C VAL A 118 22.19 39.43 0.18
N TYR A 119 21.82 39.50 -1.11
CA TYR A 119 20.47 39.89 -1.53
C TYR A 119 19.60 38.72 -1.97
N GLY A 120 18.31 38.81 -1.65
CA GLY A 120 17.32 37.81 -2.02
C GLY A 120 17.05 36.72 -1.01
N LEU A 121 17.20 35.46 -1.45
CA LEU A 121 16.98 34.26 -0.65
C LEU A 121 18.23 33.39 -0.63
N SER A 122 18.56 32.84 0.56
CA SER A 122 19.71 31.98 0.76
C SER A 122 19.32 30.63 1.38
N ASP A 123 20.17 29.61 1.17
CA ASP A 123 19.98 28.28 1.72
C ASP A 123 20.97 28.03 2.85
N ALA A 124 20.46 27.53 3.99
CA ALA A 124 21.25 27.22 5.18
C ALA A 124 21.37 25.72 5.37
N VAL A 125 22.57 25.25 5.72
CA VAL A 125 22.84 23.83 5.97
C VAL A 125 23.05 23.67 7.48
N VAL A 126 22.12 22.96 8.13
CA VAL A 126 22.14 22.71 9.57
C VAL A 126 22.57 21.28 9.82
N SER A 127 23.63 21.08 10.62
CA SER A 127 24.15 19.76 10.98
C SER A 127 24.06 19.56 12.50
N VAL A 128 23.39 18.47 12.91
CA VAL A 128 23.21 18.12 14.32
C VAL A 128 23.88 16.77 14.58
N GLY A 129 24.83 16.77 15.52
CA GLY A 129 25.58 15.60 15.91
C GLY A 129 25.25 15.09 17.30
N PHE A 130 25.24 13.76 17.45
CA PHE A 130 24.95 13.08 18.72
C PHE A 130 26.16 12.25 19.17
N GLU A 131 26.81 12.68 20.28
CA GLU A 131 27.96 11.98 20.84
C GLU A 131 27.51 11.13 22.03
N TYR A 132 27.74 9.81 21.93
CA TYR A 132 27.36 8.85 22.96
C TYR A 132 28.52 8.47 23.88
N GLU A 133 28.20 8.03 25.11
CA GLU A 133 29.16 7.63 26.14
C GLU A 133 29.94 6.35 25.75
N THR A 134 29.32 5.48 24.93
CA THR A 134 29.92 4.23 24.43
C THR A 134 31.11 4.49 23.50
N CYS A 135 31.06 5.59 22.71
CA CYS A 135 32.13 6.00 21.79
C CYS A 135 32.28 7.53 21.76
N PRO A 136 33.30 8.11 22.45
CA PRO A 136 33.46 9.57 22.43
C PRO A 136 34.08 10.12 21.16
N SER A 137 34.79 9.28 20.38
CA SER A 137 35.47 9.66 19.14
C SER A 137 34.48 9.92 18.00
N LEU A 138 33.51 9.00 17.78
CA LEU A 138 32.52 9.12 16.71
C LEU A 138 31.26 9.89 17.12
N ILE A 139 30.76 10.73 16.21
CA ILE A 139 29.55 11.56 16.40
C ILE A 139 28.56 11.23 15.28
N LEU A 140 27.28 10.93 15.65
CA LEU A 140 26.22 10.63 14.69
C LEU A 140 25.66 11.93 14.13
N TRP A 141 26.01 12.26 12.87
CA TRP A 141 25.59 13.49 12.19
C TRP A 141 24.34 13.36 11.33
N GLU A 142 23.58 14.46 11.22
CA GLU A 142 22.36 14.57 10.41
C GLU A 142 22.28 15.97 9.79
N LYS A 143 22.25 16.05 8.44
CA LYS A 143 22.19 17.31 7.69
C LYS A 143 20.76 17.65 7.22
N ARG A 144 20.34 18.90 7.46
CA ARG A 144 19.03 19.43 7.09
C ARG A 144 19.16 20.82 6.45
N THR A 145 18.24 21.17 5.52
CA THR A 145 18.27 22.48 4.86
C THR A 145 17.14 23.39 5.30
N ALA A 146 17.41 24.70 5.29
CA ALA A 146 16.47 25.74 5.67
C ALA A 146 16.62 26.97 4.76
N LEU A 147 15.51 27.67 4.48
CA LEU A 147 15.51 28.86 3.65
C LEU A 147 15.52 30.13 4.51
N LEU A 148 16.54 30.98 4.32
CA LEU A 148 16.71 32.24 5.03
C LEU A 148 16.61 33.42 4.07
N GLN A 149 15.91 34.49 4.48
CA GLN A 149 15.72 35.69 3.69
C GLN A 149 16.92 36.62 3.87
N GLY A 150 17.49 37.07 2.75
CA GLY A 150 18.61 38.01 2.76
C GLY A 150 18.13 39.44 2.71
N PHE A 151 19.02 40.34 2.26
CA PHE A 151 18.72 41.77 2.12
C PHE A 151 17.74 42.02 0.99
N GLU A 152 16.78 42.92 1.21
CA GLU A 152 15.80 43.32 0.21
C GLU A 152 16.42 44.50 -0.54
N LEU A 153 16.19 44.58 -1.86
CA LEU A 153 16.75 45.67 -2.68
C LEU A 153 16.03 46.99 -2.41
N ASP A 154 16.78 48.11 -2.43
CA ASP A 154 16.27 49.47 -2.24
C ASP A 154 16.17 50.16 -3.60
N PRO A 155 14.95 50.28 -4.19
CA PRO A 155 14.84 50.89 -5.51
C PRO A 155 15.04 52.41 -5.59
N SER A 156 14.35 53.16 -4.73
CA SER A 156 14.29 54.61 -4.71
C SER A 156 15.52 55.35 -4.16
N ASN A 157 16.25 54.78 -3.17
CA ASN A 157 17.41 55.42 -2.53
C ASN A 157 17.03 56.80 -1.96
N LEU A 158 16.17 56.81 -0.94
CA LEU A 158 15.70 58.02 -0.28
C LEU A 158 15.79 57.87 1.25
N GLY A 159 16.98 57.46 1.71
CA GLY A 159 17.28 57.25 3.11
C GLY A 159 16.51 56.12 3.78
N GLY A 160 16.41 54.98 3.10
CA GLY A 160 15.71 53.81 3.59
C GLY A 160 14.23 53.77 3.23
N TRP A 161 13.71 54.89 2.68
CA TRP A 161 12.32 55.04 2.26
C TRP A 161 12.22 54.87 0.75
N SER A 162 11.04 54.46 0.26
CA SER A 162 10.79 54.25 -1.17
C SER A 162 9.59 55.01 -1.69
N LEU A 163 9.56 55.25 -3.02
CA LEU A 163 8.43 55.90 -3.68
C LEU A 163 7.39 54.82 -3.93
N ASP A 164 6.15 55.08 -3.49
CA ASP A 164 4.94 54.24 -3.57
C ASP A 164 4.79 53.42 -4.87
N LYS A 165 5.02 54.07 -6.03
CA LYS A 165 4.87 53.48 -7.37
C LYS A 165 6.16 52.89 -7.98
N HIS A 166 7.32 53.16 -7.36
CA HIS A 166 8.62 52.70 -7.83
C HIS A 166 9.00 51.32 -7.28
N HIS A 167 9.14 50.33 -8.19
CA HIS A 167 9.48 48.95 -7.81
C HIS A 167 10.87 48.53 -8.30
N VAL A 168 11.30 47.31 -7.91
CA VAL A 168 12.59 46.71 -8.28
C VAL A 168 12.45 45.17 -8.31
N LEU A 169 13.15 44.53 -9.25
CA LEU A 169 13.15 43.08 -9.39
C LEU A 169 14.54 42.50 -9.11
N ASN A 170 14.60 41.52 -8.20
CA ASN A 170 15.81 40.77 -7.87
C ASN A 170 15.80 39.64 -8.89
N VAL A 171 16.60 39.78 -9.95
CA VAL A 171 16.66 38.84 -11.07
C VAL A 171 17.19 37.44 -10.68
N LYS A 172 18.21 37.38 -9.79
CA LYS A 172 18.83 36.12 -9.35
C LYS A 172 17.91 35.29 -8.44
N SER A 173 17.29 35.93 -7.43
CA SER A 173 16.41 35.23 -6.48
C SER A 173 14.92 35.19 -6.88
N GLY A 174 14.56 35.94 -7.92
CA GLY A 174 13.19 36.01 -8.42
C GLY A 174 12.22 36.65 -7.45
N ILE A 175 12.53 37.88 -6.99
CA ILE A 175 11.70 38.62 -6.04
C ILE A 175 11.30 39.99 -6.57
N LEU A 176 10.00 40.30 -6.52
CA LEU A 176 9.47 41.60 -6.89
C LEU A 176 9.30 42.42 -5.61
N HIS A 177 10.15 43.46 -5.44
CA HIS A 177 10.10 44.35 -4.28
C HIS A 177 9.35 45.60 -4.72
N LYS A 178 8.08 45.73 -4.30
CA LYS A 178 7.27 46.89 -4.67
C LYS A 178 7.46 48.04 -3.69
N GLY A 179 7.44 49.26 -4.20
CA GLY A 179 7.63 50.49 -3.43
C GLY A 179 6.61 50.72 -2.34
N ASN A 180 5.42 50.09 -2.43
CA ASN A 180 4.34 50.20 -1.46
C ASN A 180 4.51 49.25 -0.24
N GLY A 181 5.56 48.43 -0.26
CA GLY A 181 5.87 47.48 0.80
C GLY A 181 5.56 46.03 0.48
N GLU A 182 4.93 45.79 -0.69
CA GLU A 182 4.55 44.45 -1.15
C GLU A 182 5.73 43.68 -1.73
N ASN A 183 6.01 42.49 -1.17
CA ASN A 183 7.06 41.62 -1.65
C ASN A 183 6.47 40.38 -2.28
N GLN A 184 6.88 40.08 -3.52
CA GLN A 184 6.41 38.92 -4.26
C GLN A 184 7.58 38.00 -4.55
N PHE A 185 7.73 36.94 -3.73
CA PHE A 185 8.77 35.93 -3.90
C PHE A 185 8.23 34.99 -4.96
N LEU A 186 8.53 35.32 -6.24
CA LEU A 186 8.04 34.62 -7.43
C LEU A 186 8.41 33.12 -7.48
N THR A 187 9.59 32.73 -6.94
CA THR A 187 10.01 31.33 -6.91
C THR A 187 9.20 30.48 -5.92
N GLN A 188 8.56 31.14 -4.92
CA GLN A 188 7.73 30.51 -3.90
C GLN A 188 6.29 30.25 -4.38
N GLN A 189 5.96 30.75 -5.59
CA GLN A 189 4.66 30.58 -6.25
C GLN A 189 4.55 29.16 -6.85
N PRO A 190 3.36 28.66 -7.31
CA PRO A 190 3.30 27.29 -7.85
C PRO A 190 4.29 27.02 -8.98
N ALA A 191 4.95 25.84 -8.93
CA ALA A 191 5.93 25.37 -9.90
C ALA A 191 5.27 25.19 -11.27
N VAL A 192 6.03 25.50 -12.34
CA VAL A 192 5.58 25.44 -13.73
C VAL A 192 6.12 24.19 -14.42
N ILE A 193 5.27 23.55 -15.25
CA ILE A 193 5.63 22.37 -16.04
C ILE A 193 5.64 22.73 -17.54
N THR A 194 6.76 22.40 -18.21
CA THR A 194 6.94 22.67 -19.64
C THR A 194 7.54 21.45 -20.34
N SER A 195 7.36 21.38 -21.68
CA SER A 195 7.93 20.30 -22.49
C SER A 195 9.23 20.84 -23.07
N ILE A 196 10.36 20.17 -22.78
CA ILE A 196 11.68 20.61 -23.25
C ILE A 196 12.16 19.78 -24.46
N MET A 197 11.55 18.60 -24.68
CA MET A 197 11.86 17.69 -25.79
C MET A 197 10.67 16.77 -26.09
N GLY A 198 10.48 16.42 -27.36
CA GLY A 198 9.40 15.55 -27.82
C GLY A 198 8.17 16.30 -28.28
N ASN A 199 7.33 15.62 -29.08
CA ASN A 199 6.10 16.19 -29.60
C ASN A 199 4.89 15.21 -29.51
N GLY A 200 5.08 14.11 -28.77
CA GLY A 200 4.07 13.09 -28.58
C GLY A 200 4.00 12.07 -29.69
N ARG A 201 4.96 12.13 -30.63
CA ARG A 201 5.06 11.24 -31.79
C ARG A 201 6.43 10.56 -31.84
N ARG A 202 6.46 9.28 -32.28
CA ARG A 202 7.68 8.48 -32.37
C ARG A 202 8.52 8.78 -33.60
N ARG A 203 9.85 8.79 -33.42
CA ARG A 203 10.84 8.99 -34.48
C ARG A 203 11.23 7.63 -35.07
N SER A 204 11.88 7.63 -36.24
CA SER A 204 12.37 6.39 -36.84
C SER A 204 13.66 5.97 -36.14
N ILE A 205 13.92 4.65 -36.08
CA ILE A 205 15.07 4.03 -35.41
C ILE A 205 16.45 4.58 -35.88
N SER A 206 16.58 4.99 -37.15
CA SER A 206 17.82 5.52 -37.76
C SER A 206 18.26 6.90 -37.25
N CYS A 207 17.35 7.64 -36.56
CA CYS A 207 17.54 9.00 -36.02
C CYS A 207 17.91 10.04 -37.11
N PRO A 208 17.03 10.30 -38.12
CA PRO A 208 17.37 11.33 -39.12
C PRO A 208 17.01 12.72 -38.61
N SER A 209 17.94 13.69 -38.77
CA SER A 209 17.83 15.08 -38.31
C SER A 209 17.56 15.18 -36.79
N CYS A 210 18.24 14.32 -36.01
CA CYS A 210 18.17 14.26 -34.54
C CYS A 210 19.09 15.33 -33.94
N ASN A 211 19.98 15.91 -34.76
CA ASN A 211 20.93 16.95 -34.37
C ASN A 211 20.43 18.35 -34.78
N GLY A 212 19.65 18.95 -33.87
CA GLY A 212 19.05 20.27 -34.04
C GLY A 212 18.54 20.84 -32.72
N LEU A 213 17.39 21.53 -32.76
CA LEU A 213 16.79 22.12 -31.56
C LEU A 213 16.04 21.06 -30.74
N ALA A 214 16.12 21.15 -29.40
CA ALA A 214 15.49 20.22 -28.45
C ALA A 214 13.98 20.24 -28.45
N GLU A 215 13.38 21.46 -28.43
CA GLU A 215 11.93 21.65 -28.41
C GLU A 215 11.28 21.13 -29.69
N GLY A 216 10.32 20.22 -29.53
CA GLY A 216 9.59 19.61 -30.62
C GLY A 216 10.31 18.48 -31.34
N ASN A 217 11.58 18.20 -30.97
CA ASN A 217 12.40 17.15 -31.58
C ASN A 217 11.89 15.78 -31.13
N LYS A 218 11.47 14.96 -32.11
CA LYS A 218 10.93 13.62 -31.93
C LYS A 218 11.82 12.67 -31.14
N LEU A 219 11.21 11.96 -30.17
CA LEU A 219 11.85 10.94 -29.34
C LEU A 219 11.23 9.59 -29.69
N LEU A 220 11.80 8.49 -29.18
CA LEU A 220 11.30 7.14 -29.42
C LEU A 220 10.72 6.58 -28.12
N ALA A 221 11.58 6.49 -27.07
CA ALA A 221 11.22 5.99 -25.74
C ALA A 221 12.25 6.49 -24.69
N PRO A 222 11.96 7.59 -23.96
CA PRO A 222 12.91 8.05 -22.94
C PRO A 222 12.79 7.20 -21.67
N VAL A 223 13.79 6.34 -21.44
CA VAL A 223 13.81 5.41 -20.30
C VAL A 223 14.77 5.83 -19.17
N ALA A 224 15.79 6.65 -19.50
CA ALA A 224 16.78 7.11 -18.53
C ALA A 224 17.15 8.59 -18.69
N LEU A 225 17.46 9.25 -17.56
CA LEU A 225 17.87 10.65 -17.51
C LEU A 225 19.02 10.86 -16.53
N ALA A 226 19.96 11.76 -16.88
CA ALA A 226 21.12 12.12 -16.07
C ALA A 226 21.64 13.51 -16.43
N VAL A 227 21.89 14.36 -15.43
CA VAL A 227 22.39 15.72 -15.63
C VAL A 227 23.92 15.72 -15.51
N GLY A 228 24.58 16.25 -16.53
CA GLY A 228 26.03 16.37 -16.57
C GLY A 228 26.55 17.52 -15.73
N ILE A 229 27.88 17.57 -15.54
CA ILE A 229 28.57 18.61 -14.76
C ILE A 229 28.50 19.99 -15.46
N ASP A 230 28.23 19.97 -16.77
CA ASP A 230 28.09 21.10 -17.70
C ASP A 230 26.72 21.78 -17.55
N GLY A 231 25.74 21.01 -17.08
CA GLY A 231 24.34 21.45 -16.93
C GLY A 231 23.49 20.81 -18.01
N SER A 232 24.14 20.01 -18.87
CA SER A 232 23.54 19.28 -19.99
C SER A 232 22.69 18.12 -19.49
N LEU A 233 21.61 17.81 -20.22
CA LEU A 233 20.76 16.69 -19.87
C LEU A 233 20.97 15.55 -20.86
N PHE A 234 21.46 14.41 -20.34
CA PHE A 234 21.69 13.20 -21.12
C PHE A 234 20.39 12.40 -21.13
N VAL A 235 19.90 12.12 -22.33
CA VAL A 235 18.64 11.40 -22.53
C VAL A 235 18.88 10.00 -23.04
N GLY A 236 18.35 9.03 -22.31
CA GLY A 236 18.39 7.62 -22.68
C GLY A 236 17.21 7.33 -23.58
N ASP A 237 17.25 7.88 -24.82
CA ASP A 237 16.21 7.73 -25.81
C ASP A 237 16.28 6.37 -26.53
N PHE A 238 16.05 5.30 -25.74
CA PHE A 238 16.03 3.89 -26.13
C PHE A 238 17.26 3.47 -27.00
N ASN A 239 17.16 3.60 -28.33
CA ASN A 239 18.19 3.22 -29.29
C ASN A 239 19.42 4.13 -29.23
N TYR A 240 19.22 5.44 -29.06
CA TYR A 240 20.28 6.44 -29.00
C TYR A 240 20.32 7.19 -27.67
N ILE A 241 21.53 7.62 -27.27
CA ILE A 241 21.75 8.45 -26.10
C ILE A 241 22.03 9.86 -26.64
N ARG A 242 21.11 10.79 -26.38
CA ARG A 242 21.17 12.17 -26.89
C ARG A 242 21.44 13.20 -25.79
N ARG A 243 22.42 14.10 -26.03
CA ARG A 243 22.82 15.15 -25.08
C ARG A 243 22.18 16.50 -25.41
N ILE A 244 21.38 17.04 -24.46
CA ILE A 244 20.75 18.36 -24.60
C ILE A 244 21.70 19.39 -23.98
N PHE A 245 22.31 20.25 -24.81
CA PHE A 245 23.23 21.29 -24.38
C PHE A 245 22.50 22.46 -23.68
N PRO A 246 23.17 23.27 -22.81
CA PRO A 246 22.47 24.41 -22.19
C PRO A 246 21.93 25.43 -23.20
N SER A 247 22.46 25.40 -24.45
CA SER A 247 22.06 26.23 -25.58
C SER A 247 20.73 25.77 -26.20
N ARG A 248 20.11 24.72 -25.59
CA ARG A 248 18.85 24.07 -25.96
C ARG A 248 18.94 23.31 -27.30
N ASN A 249 20.15 22.85 -27.66
CA ASN A 249 20.40 22.06 -28.88
C ASN A 249 20.78 20.62 -28.53
N VAL A 250 20.35 19.65 -29.36
CA VAL A 250 20.56 18.21 -29.17
C VAL A 250 21.53 17.62 -30.21
N THR A 251 22.44 16.72 -29.77
CA THR A 251 23.39 15.97 -30.59
C THR A 251 23.47 14.54 -30.05
N SER A 252 23.33 13.53 -30.92
CA SER A 252 23.41 12.11 -30.54
C SER A 252 24.86 11.78 -30.20
N ILE A 253 25.11 11.13 -29.05
CA ILE A 253 26.47 10.83 -28.59
C ILE A 253 26.80 9.32 -28.60
N LEU A 254 25.80 8.43 -28.44
CA LEU A 254 26.01 6.98 -28.42
C LEU A 254 24.82 6.20 -28.97
N GLU A 255 25.10 5.18 -29.82
CA GLU A 255 24.09 4.29 -30.39
C GLU A 255 24.23 2.91 -29.76
N LEU A 256 23.10 2.34 -29.29
CA LEU A 256 23.07 1.01 -28.68
C LEU A 256 22.54 0.02 -29.71
N ARG A 257 23.43 -0.86 -30.22
CA ARG A 257 23.15 -1.88 -31.24
C ARG A 257 22.14 -2.95 -30.83
N ASN A 258 21.98 -3.19 -29.51
CA ASN A 258 21.08 -4.22 -28.96
C ASN A 258 19.63 -3.74 -28.73
N LYS A 259 19.26 -2.58 -29.31
CA LYS A 259 17.91 -2.02 -29.18
C LYS A 259 17.12 -2.10 -30.47
N GLU A 260 15.88 -2.62 -30.41
CA GLU A 260 14.98 -2.77 -31.55
C GLU A 260 13.65 -2.07 -31.32
N PHE A 261 13.16 -1.31 -32.33
CA PHE A 261 11.90 -0.54 -32.36
C PHE A 261 10.71 -1.19 -31.64
N LYS A 262 10.63 -2.54 -31.70
CA LYS A 262 9.59 -3.37 -31.09
C LYS A 262 9.61 -3.33 -29.55
N HIS A 263 10.82 -3.35 -28.96
CA HIS A 263 11.05 -3.38 -27.51
C HIS A 263 11.20 -1.99 -26.86
N SER A 264 10.67 -0.92 -27.51
CA SER A 264 10.75 0.47 -27.02
C SER A 264 10.18 0.66 -25.60
N ASN A 265 8.96 0.15 -25.35
CA ASN A 265 8.28 0.23 -24.05
C ASN A 265 8.40 -1.06 -23.22
N ASN A 266 9.41 -1.89 -23.51
CA ASN A 266 9.66 -3.16 -22.83
C ASN A 266 10.50 -2.94 -21.55
N PRO A 267 10.02 -3.39 -20.36
CA PRO A 267 10.80 -3.17 -19.11
C PRO A 267 12.12 -3.92 -19.02
N ALA A 268 12.27 -5.03 -19.77
CA ALA A 268 13.50 -5.85 -19.80
C ALA A 268 14.64 -5.12 -20.52
N HIS A 269 14.30 -4.27 -21.51
CA HIS A 269 15.25 -3.48 -22.30
C HIS A 269 15.49 -2.07 -21.71
N LYS A 270 15.07 -1.84 -20.45
CA LYS A 270 15.27 -0.56 -19.76
C LYS A 270 16.68 -0.48 -19.22
N TYR A 271 17.38 0.62 -19.51
CA TYR A 271 18.74 0.89 -19.03
C TYR A 271 18.78 2.13 -18.13
N TYR A 272 19.87 2.29 -17.36
CA TYR A 272 20.01 3.38 -16.40
C TYR A 272 21.28 4.19 -16.64
N LEU A 273 21.18 5.53 -16.51
CA LEU A 273 22.28 6.47 -16.70
C LEU A 273 22.76 7.05 -15.38
N ALA A 274 24.02 7.52 -15.34
CA ALA A 274 24.67 8.13 -14.18
C ALA A 274 25.86 8.99 -14.60
N VAL A 275 25.99 10.19 -13.99
CA VAL A 275 27.11 11.10 -14.28
C VAL A 275 28.01 11.16 -13.05
N ASP A 276 29.31 10.94 -13.28
CA ASP A 276 30.36 10.99 -12.27
C ASP A 276 30.64 12.48 -11.95
N PRO A 277 30.55 12.95 -10.68
CA PRO A 277 30.78 14.38 -10.39
C PRO A 277 32.23 14.84 -10.49
N VAL A 278 33.18 13.91 -10.31
CA VAL A 278 34.64 14.08 -10.38
C VAL A 278 34.99 14.58 -11.81
N SER A 279 34.83 13.69 -12.80
CA SER A 279 34.99 13.93 -14.23
C SER A 279 33.60 13.66 -14.76
N GLY A 280 33.12 14.52 -15.66
CA GLY A 280 31.77 14.45 -16.22
C GLY A 280 31.40 13.23 -17.06
N SER A 281 32.03 12.07 -16.78
CA SER A 281 31.82 10.78 -17.44
C SER A 281 30.40 10.24 -17.25
N LEU A 282 29.78 9.76 -18.35
CA LEU A 282 28.43 9.21 -18.35
C LEU A 282 28.51 7.67 -18.40
N TYR A 283 27.91 7.02 -17.39
CA TYR A 283 27.88 5.56 -17.26
C TYR A 283 26.52 5.00 -17.66
N VAL A 284 26.54 3.95 -18.51
CA VAL A 284 25.34 3.29 -19.04
C VAL A 284 25.29 1.84 -18.52
N SER A 285 24.13 1.40 -18.01
CA SER A 285 23.99 0.01 -17.56
C SER A 285 22.76 -0.65 -18.13
N ASP A 286 22.98 -1.56 -19.09
CA ASP A 286 21.89 -2.31 -19.72
C ASP A 286 21.68 -3.64 -19.02
N THR A 287 20.45 -3.85 -18.53
CA THR A 287 20.01 -5.06 -17.83
C THR A 287 20.07 -6.27 -18.76
N ASN A 288 19.65 -6.09 -20.03
CA ASN A 288 19.62 -7.12 -21.07
C ASN A 288 21.01 -7.62 -21.49
N SER A 289 22.00 -6.70 -21.64
CA SER A 289 23.37 -7.06 -22.06
C SER A 289 24.25 -7.56 -20.91
N ARG A 290 23.78 -7.42 -19.65
CA ARG A 290 24.44 -7.83 -18.39
C ARG A 290 25.82 -7.17 -18.21
N ARG A 291 25.97 -5.90 -18.68
CA ARG A 291 27.22 -5.12 -18.62
C ARG A 291 27.00 -3.64 -18.29
N ILE A 292 28.12 -2.94 -17.96
CA ILE A 292 28.16 -1.49 -17.65
C ILE A 292 29.18 -0.84 -18.60
N TYR A 293 28.77 0.26 -19.27
CA TYR A 293 29.57 1.00 -20.24
C TYR A 293 29.85 2.46 -19.80
N LYS A 294 30.89 3.08 -20.40
CA LYS A 294 31.29 4.47 -20.19
C LYS A 294 31.43 5.13 -21.57
N VAL A 295 30.74 6.27 -21.78
CA VAL A 295 30.79 7.03 -23.04
C VAL A 295 32.17 7.67 -23.18
N LYS A 296 32.87 7.39 -24.28
CA LYS A 296 34.22 7.90 -24.55
C LYS A 296 34.22 9.41 -24.83
N SER A 297 33.53 9.85 -25.90
CA SER A 297 33.43 11.27 -26.25
C SER A 297 32.00 11.77 -26.06
N LEU A 298 31.84 12.82 -25.24
CA LEU A 298 30.53 13.42 -24.94
C LEU A 298 30.08 14.45 -26.00
N THR A 299 30.91 14.64 -27.04
CA THR A 299 30.63 15.55 -28.16
C THR A 299 30.03 14.78 -29.34
N GLY A 300 30.24 13.47 -29.37
CA GLY A 300 29.75 12.57 -30.41
C GLY A 300 30.67 12.49 -31.61
N THR A 301 31.28 11.31 -31.81
CA THR A 301 32.20 11.05 -32.93
C THR A 301 31.44 10.59 -34.20
N LYS A 302 32.18 10.26 -35.28
CA LYS A 302 31.63 9.80 -36.56
C LYS A 302 30.93 8.45 -36.36
N ASP A 303 31.61 7.49 -35.69
CA ASP A 303 31.10 6.16 -35.39
C ASP A 303 30.48 6.20 -33.98
N LEU A 304 29.14 6.41 -33.93
CA LEU A 304 28.38 6.52 -32.68
C LEU A 304 28.10 5.18 -32.01
N ALA A 305 28.04 4.09 -32.80
CA ALA A 305 27.77 2.73 -32.31
C ALA A 305 28.88 2.17 -31.41
N GLY A 306 30.11 2.63 -31.61
CA GLY A 306 31.29 2.22 -30.84
C GLY A 306 31.95 3.34 -30.06
N ASN A 307 31.14 4.19 -29.40
CA ASN A 307 31.60 5.31 -28.59
C ASN A 307 31.54 4.98 -27.08
N SER A 308 31.51 3.67 -26.74
CA SER A 308 31.45 3.18 -25.37
C SER A 308 32.58 2.21 -25.02
N GLU A 309 32.96 2.15 -23.73
CA GLU A 309 34.01 1.29 -23.18
C GLU A 309 33.45 0.53 -21.96
N VAL A 310 33.68 -0.80 -21.88
CA VAL A 310 33.18 -1.67 -20.81
C VAL A 310 33.88 -1.36 -19.47
N VAL A 311 33.07 -1.10 -18.42
CA VAL A 311 33.52 -0.79 -17.05
C VAL A 311 33.41 -2.05 -16.18
N ALA A 312 32.26 -2.76 -16.26
CA ALA A 312 31.97 -3.97 -15.49
C ALA A 312 31.11 -4.96 -16.28
N GLY A 313 31.37 -6.25 -16.09
CA GLY A 313 30.66 -7.34 -16.74
C GLY A 313 31.33 -7.87 -17.98
N THR A 314 31.10 -9.17 -18.27
CA THR A 314 31.64 -9.84 -19.47
C THR A 314 30.54 -9.98 -20.53
N GLY A 315 29.29 -10.10 -20.07
CA GLY A 315 28.12 -10.25 -20.91
C GLY A 315 27.23 -11.41 -20.53
N GLU A 316 27.75 -12.33 -19.69
CA GLU A 316 27.03 -13.53 -19.23
C GLU A 316 26.39 -13.36 -17.85
N GLN A 317 25.15 -13.87 -17.72
CA GLN A 317 24.37 -13.83 -16.48
C GLN A 317 24.83 -14.96 -15.55
N CYS A 318 25.28 -14.61 -14.34
CA CYS A 318 25.71 -15.60 -13.34
C CYS A 318 24.53 -16.06 -12.46
N LEU A 319 24.48 -17.37 -12.14
CA LEU A 319 23.42 -18.04 -11.34
C LEU A 319 23.24 -17.43 -9.93
N PRO A 320 22.03 -17.52 -9.30
CA PRO A 320 21.85 -16.93 -7.96
C PRO A 320 22.77 -17.46 -6.86
N PHE A 321 23.19 -18.75 -6.94
CA PHE A 321 24.09 -19.33 -5.96
C PHE A 321 25.44 -19.70 -6.59
N ASP A 322 26.21 -18.64 -6.96
CA ASP A 322 27.54 -18.71 -7.58
C ASP A 322 28.62 -18.98 -6.53
N GLU A 323 29.54 -19.91 -6.85
CA GLU A 323 30.65 -20.31 -5.98
C GLU A 323 31.71 -19.20 -5.86
N ALA A 324 32.15 -18.64 -7.01
CA ALA A 324 33.16 -17.57 -7.10
C ALA A 324 32.60 -16.17 -6.75
N ARG A 325 31.29 -16.10 -6.42
CA ARG A 325 30.52 -14.90 -6.05
C ARG A 325 30.52 -13.85 -7.18
N CYS A 326 30.25 -14.33 -8.41
CA CYS A 326 30.16 -13.58 -9.67
C CYS A 326 31.41 -12.69 -9.97
N GLY A 327 32.58 -13.15 -9.53
CA GLY A 327 33.86 -12.47 -9.76
C GLY A 327 34.26 -11.40 -8.76
N ASP A 328 33.68 -11.43 -7.55
CA ASP A 328 33.96 -10.46 -6.48
C ASP A 328 35.38 -10.57 -5.96
N GLY A 329 36.02 -9.42 -5.72
CA GLY A 329 37.38 -9.34 -5.23
C GLY A 329 38.38 -8.96 -6.31
N GLY A 330 38.07 -9.34 -7.54
CA GLY A 330 38.90 -9.06 -8.71
C GLY A 330 38.43 -7.87 -9.52
N LYS A 331 38.99 -7.72 -10.74
CA LYS A 331 38.66 -6.64 -11.67
C LYS A 331 37.23 -6.72 -12.16
N ALA A 332 36.54 -5.56 -12.21
CA ALA A 332 35.14 -5.42 -12.63
C ALA A 332 34.87 -5.88 -14.06
N VAL A 333 35.82 -5.59 -14.98
CA VAL A 333 35.76 -5.97 -16.41
C VAL A 333 35.68 -7.50 -16.56
N ASP A 334 36.50 -8.24 -15.78
CA ASP A 334 36.58 -9.69 -15.79
C ASP A 334 35.41 -10.38 -15.05
N ALA A 335 34.72 -9.65 -14.16
CA ALA A 335 33.59 -10.15 -13.38
C ALA A 335 32.32 -10.35 -14.21
N THR A 336 31.32 -11.06 -13.65
CA THR A 336 30.03 -11.34 -14.30
C THR A 336 28.91 -10.67 -13.52
N LEU A 337 27.88 -10.19 -14.22
CA LEU A 337 26.74 -9.52 -13.58
C LEU A 337 25.44 -10.31 -13.74
N MET A 338 24.57 -10.26 -12.71
CA MET A 338 23.28 -10.94 -12.71
C MET A 338 22.28 -10.20 -13.60
N SER A 339 22.03 -8.91 -13.29
CA SER A 339 21.13 -8.00 -14.02
C SER A 339 21.35 -6.55 -13.52
N PRO A 340 22.31 -5.80 -14.13
CA PRO A 340 22.58 -4.42 -13.66
C PRO A 340 21.41 -3.45 -13.88
N ARG A 341 21.01 -2.75 -12.81
CA ARG A 341 19.92 -1.79 -12.83
C ARG A 341 20.42 -0.37 -12.56
N GLY A 342 19.84 0.33 -11.58
CA GLY A 342 20.20 1.71 -11.24
C GLY A 342 21.66 1.90 -10.85
N ILE A 343 22.29 2.98 -11.38
CA ILE A 343 23.69 3.34 -11.10
C ILE A 343 23.77 4.73 -10.47
N ALA A 344 24.70 4.89 -9.51
CA ALA A 344 24.97 6.13 -8.80
C ALA A 344 26.47 6.26 -8.53
N VAL A 345 27.03 7.45 -8.77
CA VAL A 345 28.46 7.73 -8.56
C VAL A 345 28.66 8.71 -7.41
N ASP A 346 29.46 8.28 -6.41
CA ASP A 346 29.83 9.00 -5.19
C ASP A 346 30.63 10.27 -5.46
N LYS A 347 30.82 11.09 -4.41
CA LYS A 347 31.59 12.34 -4.38
C LYS A 347 33.07 12.07 -4.69
N TYR A 348 33.61 10.94 -4.16
CA TYR A 348 34.99 10.49 -4.32
C TYR A 348 35.25 9.77 -5.66
N GLY A 349 34.19 9.53 -6.43
CA GLY A 349 34.25 8.86 -7.73
C GLY A 349 33.90 7.39 -7.71
N LEU A 350 33.46 6.88 -6.53
CA LEU A 350 33.08 5.48 -6.33
C LEU A 350 31.75 5.17 -7.02
N MET A 351 31.75 4.15 -7.89
CA MET A 351 30.55 3.75 -8.64
C MET A 351 29.79 2.61 -7.95
N TYR A 352 28.48 2.84 -7.71
CA TYR A 352 27.58 1.89 -7.06
C TYR A 352 26.48 1.48 -8.03
N PHE A 353 26.03 0.21 -7.97
CA PHE A 353 24.97 -0.29 -8.85
C PHE A 353 24.17 -1.46 -8.26
N VAL A 354 22.90 -1.56 -8.67
CA VAL A 354 21.99 -2.64 -8.26
C VAL A 354 22.21 -3.83 -9.20
N ASP A 355 22.56 -5.00 -8.63
CA ASP A 355 22.77 -6.23 -9.38
C ASP A 355 21.79 -7.29 -8.85
N ALA A 356 20.63 -7.42 -9.53
CA ALA A 356 19.50 -8.31 -9.23
C ALA A 356 18.83 -8.02 -7.88
N THR A 357 19.48 -8.37 -6.75
CA THR A 357 18.97 -8.15 -5.38
C THR A 357 20.05 -7.64 -4.40
N MET A 358 21.17 -7.11 -4.93
CA MET A 358 22.27 -6.60 -4.12
C MET A 358 22.91 -5.32 -4.68
N ILE A 359 23.69 -4.61 -3.85
CA ILE A 359 24.40 -3.40 -4.27
C ILE A 359 25.88 -3.72 -4.36
N ARG A 360 26.48 -3.46 -5.53
CA ARG A 360 27.88 -3.75 -5.81
C ARG A 360 28.68 -2.45 -6.05
N LYS A 361 29.94 -2.44 -5.57
CA LYS A 361 30.86 -1.30 -5.71
C LYS A 361 31.89 -1.56 -6.80
N VAL A 362 32.34 -0.49 -7.47
CA VAL A 362 33.41 -0.49 -8.47
C VAL A 362 34.28 0.73 -8.08
N ASP A 363 35.37 0.47 -7.34
CA ASP A 363 36.28 1.51 -6.84
C ASP A 363 37.14 2.15 -7.95
N GLN A 364 37.96 3.16 -7.56
CA GLN A 364 38.86 3.92 -8.42
C GLN A 364 39.90 3.04 -9.15
N ASN A 365 40.33 1.94 -8.50
CA ASN A 365 41.31 1.00 -9.05
C ASN A 365 40.69 0.06 -10.10
N GLY A 366 39.37 -0.12 -10.03
CA GLY A 366 38.62 -0.98 -10.94
C GLY A 366 38.23 -2.33 -10.37
N ILE A 367 38.37 -2.48 -9.04
CA ILE A 367 38.06 -3.71 -8.30
C ILE A 367 36.58 -3.73 -7.91
N ILE A 368 35.90 -4.86 -8.20
CA ILE A 368 34.49 -5.07 -7.88
C ILE A 368 34.33 -5.76 -6.51
N SER A 369 33.35 -5.29 -5.73
CA SER A 369 33.02 -5.80 -4.41
C SER A 369 31.51 -5.72 -4.21
N THR A 370 31.01 -6.16 -3.05
CA THR A 370 29.58 -6.12 -2.74
C THR A 370 29.34 -5.38 -1.43
N LEU A 371 28.56 -4.28 -1.50
CA LEU A 371 28.19 -3.45 -0.35
C LEU A 371 27.13 -4.19 0.47
N LEU A 372 25.98 -4.52 -0.14
CA LEU A 372 24.89 -5.25 0.50
C LEU A 372 25.01 -6.73 0.12
N GLY A 373 25.91 -7.44 0.81
CA GLY A 373 26.20 -8.85 0.60
C GLY A 373 25.04 -9.79 0.83
N SER A 374 24.57 -10.45 -0.25
CA SER A 374 23.44 -11.39 -0.23
C SER A 374 23.85 -12.82 0.12
N ASN A 375 22.87 -13.77 0.07
CA ASN A 375 22.98 -15.22 0.36
C ASN A 375 23.20 -15.54 1.85
N ASP A 376 23.32 -14.50 2.72
CA ASP A 376 23.50 -14.66 4.16
C ASP A 376 22.14 -14.55 4.89
N LEU A 377 21.15 -15.36 4.43
CA LEU A 377 19.76 -15.43 4.92
C LEU A 377 19.61 -15.65 6.44
N THR A 378 20.64 -16.24 7.08
CA THR A 378 20.64 -16.51 8.52
C THR A 378 20.86 -15.24 9.35
N ALA A 379 21.86 -14.41 8.97
CA ALA A 379 22.19 -13.14 9.63
C ALA A 379 21.19 -12.03 9.30
N VAL A 380 20.38 -12.23 8.23
CA VAL A 380 19.35 -11.30 7.77
C VAL A 380 18.18 -11.27 8.76
N ARG A 381 17.84 -10.06 9.22
CA ARG A 381 16.73 -9.80 10.14
C ARG A 381 15.70 -8.94 9.40
N PRO A 382 14.38 -9.20 9.56
CA PRO A 382 13.37 -8.37 8.87
C PRO A 382 13.49 -6.87 9.18
N LEU A 383 13.23 -6.04 8.15
CA LEU A 383 13.33 -4.57 8.17
C LEU A 383 12.69 -3.90 9.39
N SER A 384 13.52 -3.21 10.19
CA SER A 384 13.11 -2.50 11.39
C SER A 384 12.49 -1.16 11.02
N CYS A 385 11.27 -0.90 11.53
CA CYS A 385 10.49 0.31 11.25
C CYS A 385 11.12 1.58 11.82
N ASP A 386 11.59 1.55 13.09
CA ASP A 386 12.16 2.71 13.77
C ASP A 386 13.69 2.80 13.70
N SER A 387 14.40 1.79 14.24
CA SER A 387 15.86 1.74 14.29
C SER A 387 16.56 1.54 12.94
N SER A 388 17.87 1.85 12.89
CA SER A 388 18.73 1.70 11.70
C SER A 388 19.75 0.58 11.91
N MET A 389 19.74 -0.43 11.00
CA MET A 389 20.64 -1.58 11.06
C MET A 389 21.73 -1.56 9.97
N ASP A 390 22.82 -2.34 10.17
CA ASP A 390 23.94 -2.46 9.23
C ASP A 390 23.53 -3.19 7.93
N VAL A 391 24.32 -2.99 6.84
CA VAL A 391 24.13 -3.57 5.50
C VAL A 391 23.95 -5.10 5.51
N SER A 392 24.69 -5.81 6.39
CA SER A 392 24.67 -7.27 6.54
C SER A 392 23.32 -7.87 6.96
N GLN A 393 22.52 -7.10 7.74
CA GLN A 393 21.20 -7.51 8.23
C GLN A 393 20.06 -7.19 7.26
N VAL A 394 20.38 -6.51 6.14
CA VAL A 394 19.38 -6.07 5.15
C VAL A 394 19.33 -7.00 3.92
N ARG A 395 18.09 -7.37 3.54
CA ARG A 395 17.77 -8.20 2.37
C ARG A 395 16.95 -7.37 1.42
N LEU A 396 17.36 -7.30 0.15
CA LEU A 396 16.66 -6.53 -0.87
C LEU A 396 15.79 -7.40 -1.76
N GLU A 397 14.52 -6.98 -1.95
CA GLU A 397 13.53 -7.67 -2.77
C GLU A 397 13.05 -6.71 -3.86
N TRP A 398 13.42 -7.00 -5.13
CA TRP A 398 13.11 -6.23 -6.34
C TRP A 398 13.64 -4.75 -6.29
N PRO A 399 14.97 -4.51 -6.15
CA PRO A 399 15.46 -3.12 -6.18
C PRO A 399 15.64 -2.63 -7.61
N THR A 400 15.34 -1.34 -7.89
CA THR A 400 15.46 -0.80 -9.24
C THR A 400 16.40 0.41 -9.34
N ASP A 401 15.90 1.64 -9.06
CA ASP A 401 16.68 2.87 -9.16
C ASP A 401 17.66 3.09 -8.00
N LEU A 402 18.73 3.85 -8.29
CA LEU A 402 19.80 4.19 -7.34
C LEU A 402 20.29 5.62 -7.58
N ALA A 403 20.55 6.37 -6.49
CA ALA A 403 21.03 7.75 -6.56
C ALA A 403 21.82 8.15 -5.31
N VAL A 404 22.84 9.01 -5.49
CA VAL A 404 23.67 9.55 -4.42
C VAL A 404 23.12 10.91 -3.99
N ASP A 405 23.05 11.16 -2.68
CA ASP A 405 22.58 12.43 -2.10
C ASP A 405 23.78 13.42 -2.15
N PRO A 406 23.74 14.51 -2.97
CA PRO A 406 24.90 15.42 -3.04
C PRO A 406 25.19 16.27 -1.80
N MET A 407 24.40 16.09 -0.73
CA MET A 407 24.55 16.82 0.53
C MET A 407 25.08 15.90 1.65
N ASP A 408 24.56 14.66 1.71
CA ASP A 408 24.88 13.63 2.70
C ASP A 408 26.01 12.71 2.24
N ASN A 409 26.12 12.51 0.91
CA ASN A 409 27.02 11.59 0.22
C ASN A 409 26.58 10.13 0.48
N SER A 410 25.31 9.98 0.89
CA SER A 410 24.67 8.70 1.19
C SER A 410 24.04 8.12 -0.09
N LEU A 411 23.81 6.80 -0.10
CA LEU A 411 23.23 6.09 -1.24
C LEU A 411 21.75 5.80 -0.99
N TYR A 412 20.90 6.17 -1.97
CA TYR A 412 19.46 5.95 -1.89
C TYR A 412 19.05 4.83 -2.84
N VAL A 413 18.36 3.80 -2.30
CA VAL A 413 17.91 2.63 -3.06
C VAL A 413 16.39 2.57 -3.12
N LEU A 414 15.84 2.39 -4.33
CA LEU A 414 14.40 2.22 -4.56
C LEU A 414 14.16 0.71 -4.58
N GLU A 415 13.47 0.19 -3.56
CA GLU A 415 13.23 -1.25 -3.41
C GLU A 415 11.80 -1.59 -2.96
N ASN A 416 11.01 -2.21 -3.88
CA ASN A 416 9.62 -2.65 -3.70
C ASN A 416 8.76 -1.64 -2.92
N ASN A 417 8.57 -0.45 -3.52
CA ASN A 417 7.78 0.69 -2.99
C ASN A 417 8.25 1.17 -1.60
N VAL A 418 9.58 1.12 -1.35
CA VAL A 418 10.25 1.56 -0.12
C VAL A 418 11.63 2.12 -0.51
N ILE A 419 11.94 3.36 -0.08
CA ILE A 419 13.23 3.99 -0.35
C ILE A 419 14.10 3.91 0.91
N LEU A 420 15.27 3.26 0.80
CA LEU A 420 16.22 3.08 1.89
C LEU A 420 17.46 3.95 1.70
N ARG A 421 18.16 4.28 2.81
CA ARG A 421 19.38 5.09 2.77
C ARG A 421 20.57 4.34 3.35
N ILE A 422 21.69 4.32 2.60
CA ILE A 422 22.95 3.70 2.99
C ILE A 422 23.92 4.83 3.29
N THR A 423 24.20 5.08 4.58
CA THR A 423 25.11 6.15 5.01
C THR A 423 26.57 5.74 4.74
N GLU A 424 27.52 6.71 4.88
CA GLU A 424 28.96 6.47 4.70
C GLU A 424 29.50 5.48 5.75
N ASN A 425 28.78 5.32 6.89
CA ASN A 425 29.10 4.41 8.00
C ASN A 425 28.39 3.05 7.85
N HIS A 426 27.84 2.78 6.64
CA HIS A 426 27.14 1.55 6.22
C HIS A 426 25.86 1.25 7.05
N GLN A 427 25.13 2.30 7.44
CA GLN A 427 23.87 2.18 8.20
C GLN A 427 22.67 2.35 7.27
N VAL A 428 21.73 1.39 7.34
CA VAL A 428 20.52 1.32 6.50
C VAL A 428 19.28 1.72 7.30
N SER A 429 18.41 2.57 6.69
CA SER A 429 17.16 3.05 7.30
C SER A 429 16.11 3.38 6.26
N ILE A 430 14.80 3.23 6.61
CA ILE A 430 13.68 3.56 5.74
C ILE A 430 13.54 5.09 5.71
N ILE A 431 13.50 5.67 4.50
CA ILE A 431 13.37 7.12 4.31
C ILE A 431 11.96 7.48 3.82
N ALA A 432 11.36 6.62 2.96
CA ALA A 432 10.01 6.80 2.42
C ALA A 432 9.37 5.43 2.15
N GLY A 433 8.07 5.34 2.42
CA GLY A 433 7.29 4.12 2.23
C GLY A 433 6.99 3.38 3.51
N ARG A 434 5.87 2.64 3.51
CA ARG A 434 5.40 1.84 4.65
C ARG A 434 5.49 0.35 4.36
N PRO A 435 6.43 -0.40 4.97
CA PRO A 435 6.50 -1.85 4.73
C PRO A 435 5.41 -2.61 5.47
N MET A 436 5.20 -3.90 5.12
CA MET A 436 4.19 -4.76 5.73
C MET A 436 4.51 -5.16 7.18
N HIS A 437 5.75 -4.88 7.65
CA HIS A 437 6.24 -5.16 9.01
C HIS A 437 5.44 -4.41 10.08
N CYS A 438 5.01 -3.17 9.77
CA CYS A 438 4.23 -2.30 10.66
C CYS A 438 3.16 -1.52 9.87
N GLN A 439 2.40 -2.25 9.02
CA GLN A 439 1.34 -1.68 8.17
C GLN A 439 0.09 -1.28 8.96
N VAL A 440 -0.60 -2.25 9.60
CA VAL A 440 -1.82 -2.01 10.38
C VAL A 440 -1.94 -3.03 11.55
N PRO A 441 -2.07 -2.58 12.83
CA PRO A 441 -2.18 -1.20 13.33
C PRO A 441 -0.85 -0.62 13.80
N GLY A 442 0.08 -0.42 12.86
CA GLY A 442 1.41 0.13 13.09
C GLY A 442 1.38 1.55 13.62
N ILE A 443 0.43 2.36 13.12
CA ILE A 443 0.22 3.76 13.51
C ILE A 443 -1.27 4.01 13.77
N ASP A 444 -1.61 4.37 15.03
CA ASP A 444 -2.98 4.61 15.49
C ASP A 444 -3.58 5.94 15.03
N TYR A 445 -2.76 7.01 14.93
CA TYR A 445 -3.21 8.34 14.49
C TYR A 445 -3.42 8.45 12.97
N SER A 446 -3.04 7.41 12.21
CA SER A 446 -3.18 7.23 10.76
C SER A 446 -2.44 8.30 9.91
N LEU A 447 -3.17 9.27 9.32
CA LEU A 447 -2.63 10.30 8.43
C LEU A 447 -1.73 11.34 9.10
N SER A 448 -0.53 11.51 8.53
CA SER A 448 0.51 12.48 8.90
C SER A 448 1.32 12.84 7.65
N LYS A 449 1.92 14.05 7.64
CA LYS A 449 2.69 14.55 6.49
C LYS A 449 4.04 13.83 6.26
N LEU A 450 4.51 13.02 7.24
CA LEU A 450 5.77 12.26 7.19
C LEU A 450 5.81 11.20 6.09
N ALA A 451 6.99 11.02 5.46
CA ALA A 451 7.23 10.05 4.39
C ALA A 451 7.23 8.61 4.90
N ILE A 452 7.73 8.40 6.14
CA ILE A 452 7.80 7.10 6.82
C ILE A 452 6.39 6.49 7.06
N HIS A 453 5.37 7.35 7.26
CA HIS A 453 3.99 6.96 7.49
C HIS A 453 3.14 6.90 6.22
N SER A 454 3.69 7.33 5.08
CA SER A 454 2.97 7.32 3.80
C SER A 454 3.48 6.23 2.86
N ALA A 455 2.55 5.38 2.38
CA ALA A 455 2.84 4.26 1.48
C ALA A 455 3.06 4.72 0.05
N LEU A 456 4.02 4.09 -0.65
CA LEU A 456 4.34 4.40 -2.05
C LEU A 456 3.54 3.50 -3.00
N GLU A 457 2.85 4.13 -3.97
CA GLU A 457 2.00 3.44 -4.94
C GLU A 457 2.70 3.26 -6.29
N SER A 458 3.25 2.06 -6.54
CA SER A 458 3.96 1.64 -7.75
C SER A 458 5.04 2.66 -8.21
N ALA A 459 6.06 2.85 -7.36
CA ALA A 459 7.18 3.77 -7.61
C ALA A 459 8.10 3.25 -8.73
N SER A 460 8.61 4.16 -9.58
CA SER A 460 9.45 3.79 -10.72
C SER A 460 10.84 4.43 -10.75
N ALA A 461 10.99 5.69 -10.29
CA ALA A 461 12.27 6.40 -10.31
C ALA A 461 12.49 7.33 -9.12
N ILE A 462 13.77 7.64 -8.83
CA ILE A 462 14.21 8.55 -7.76
C ILE A 462 15.30 9.52 -8.24
N ALA A 463 15.37 10.72 -7.62
CA ALA A 463 16.35 11.77 -7.90
C ALA A 463 16.58 12.60 -6.64
N ILE A 464 17.84 13.04 -6.40
CA ILE A 464 18.18 13.85 -5.24
C ILE A 464 18.87 15.15 -5.68
N SER A 465 18.34 16.30 -5.23
CA SER A 465 18.89 17.63 -5.51
C SER A 465 20.08 17.91 -4.59
N HIS A 466 20.87 18.96 -4.91
CA HIS A 466 22.03 19.38 -4.10
C HIS A 466 21.63 19.88 -2.70
N THR A 467 20.35 20.21 -2.51
CA THR A 467 19.78 20.66 -1.24
C THR A 467 19.26 19.45 -0.39
N GLY A 468 19.53 18.24 -0.87
CA GLY A 468 19.16 17.00 -0.19
C GLY A 468 17.68 16.62 -0.31
N VAL A 469 16.97 17.22 -1.28
CA VAL A 469 15.55 16.95 -1.52
C VAL A 469 15.38 15.74 -2.45
N LEU A 470 14.64 14.72 -1.99
CA LEU A 470 14.37 13.49 -2.74
C LEU A 470 13.05 13.59 -3.50
N TYR A 471 13.10 13.30 -4.81
CA TYR A 471 11.93 13.30 -5.70
C TYR A 471 11.63 11.86 -6.13
N ILE A 472 10.37 11.42 -5.94
CA ILE A 472 9.93 10.05 -6.27
C ILE A 472 8.88 10.03 -7.37
N SER A 473 9.14 9.23 -8.42
CA SER A 473 8.24 9.01 -9.54
C SER A 473 7.36 7.81 -9.22
N GLU A 474 6.04 7.95 -9.40
CA GLU A 474 5.07 6.89 -9.13
C GLU A 474 4.20 6.65 -10.35
N THR A 475 4.29 5.45 -10.96
CA THR A 475 3.46 5.14 -12.12
C THR A 475 2.81 3.76 -12.02
N ASP A 476 1.47 3.77 -12.11
CA ASP A 476 0.56 2.64 -12.12
C ASP A 476 0.25 2.36 -13.60
N GLU A 477 0.56 3.35 -14.48
CA GLU A 477 0.34 3.37 -15.94
C GLU A 477 -1.14 3.55 -16.31
N LYS A 478 -2.04 3.48 -15.31
CA LYS A 478 -3.49 3.59 -15.47
C LYS A 478 -3.97 4.98 -15.02
N LYS A 479 -4.05 5.23 -13.70
CA LYS A 479 -4.51 6.50 -13.14
C LYS A 479 -3.44 7.21 -12.30
N ILE A 480 -2.57 6.43 -11.62
CA ILE A 480 -1.48 7.00 -10.82
C ILE A 480 -0.28 7.23 -11.73
N ASN A 481 0.03 8.52 -11.99
CA ASN A 481 1.16 9.00 -12.78
C ASN A 481 1.50 10.36 -12.18
N ARG A 482 2.33 10.33 -11.12
CA ARG A 482 2.69 11.52 -10.36
C ARG A 482 4.14 11.55 -9.87
N LEU A 483 4.59 12.75 -9.50
CA LEU A 483 5.92 13.03 -8.94
C LEU A 483 5.74 13.62 -7.55
N ARG A 484 6.29 12.94 -6.53
CA ARG A 484 6.22 13.38 -5.14
C ARG A 484 7.56 13.87 -4.62
N GLN A 485 7.54 14.81 -3.68
CA GLN A 485 8.71 15.46 -3.10
C GLN A 485 8.84 15.15 -1.60
N VAL A 486 10.07 14.78 -1.18
CA VAL A 486 10.42 14.49 0.21
C VAL A 486 11.51 15.47 0.66
N THR A 487 11.13 16.44 1.49
CA THR A 487 12.03 17.46 2.02
C THR A 487 12.92 16.89 3.14
N THR A 488 14.01 17.60 3.49
CA THR A 488 14.99 17.21 4.51
C THR A 488 14.35 16.86 5.86
N ASN A 489 13.28 17.57 6.25
CA ASN A 489 12.50 17.36 7.48
C ASN A 489 11.75 16.01 7.50
N GLY A 490 11.67 15.34 6.35
CA GLY A 490 11.02 14.04 6.19
C GLY A 490 9.56 14.08 5.79
N GLU A 491 9.09 15.25 5.29
CA GLU A 491 7.69 15.44 4.86
C GLU A 491 7.52 15.13 3.37
N ILE A 492 6.45 14.38 3.03
CA ILE A 492 6.11 14.01 1.66
C ILE A 492 4.90 14.80 1.14
N CYS A 493 4.95 15.25 -0.12
CA CYS A 493 3.90 16.03 -0.79
C CYS A 493 3.94 15.87 -2.30
N LEU A 494 2.80 16.11 -2.97
CA LEU A 494 2.68 16.04 -4.43
C LEU A 494 3.35 17.26 -5.07
N LEU A 495 4.28 17.02 -6.02
CA LEU A 495 4.99 18.08 -6.73
C LEU A 495 4.43 18.30 -8.14
N ALA A 496 4.08 17.19 -8.83
CA ALA A 496 3.53 17.20 -10.18
C ALA A 496 2.65 15.96 -10.39
N GLY A 497 1.69 16.08 -11.29
CA GLY A 497 0.80 14.98 -11.65
C GLY A 497 -0.48 14.89 -10.84
N ALA A 498 -1.57 15.40 -11.41
CA ALA A 498 -2.90 15.34 -10.81
C ALA A 498 -3.46 13.93 -11.03
N ALA A 499 -4.41 13.49 -10.18
CA ALA A 499 -5.04 12.17 -10.29
C ALA A 499 -5.95 12.15 -11.52
N SER A 500 -5.56 11.37 -12.55
CA SER A 500 -6.30 11.26 -13.81
C SER A 500 -7.58 10.46 -13.63
N ASP A 501 -8.70 11.01 -14.14
CA ASP A 501 -10.02 10.39 -14.09
C ASP A 501 -10.10 9.25 -15.12
N CYS A 502 -9.27 9.35 -16.17
CA CYS A 502 -9.18 8.41 -17.29
C CYS A 502 -7.99 7.46 -17.18
N ASP A 503 -8.13 6.23 -17.73
CA ASP A 503 -7.08 5.20 -17.75
C ASP A 503 -6.17 5.46 -18.94
N CYS A 504 -4.88 5.74 -18.67
CA CYS A 504 -3.88 6.07 -19.69
C CYS A 504 -3.50 4.90 -20.60
N LYS A 505 -3.48 3.66 -20.07
CA LYS A 505 -3.09 2.47 -20.82
C LYS A 505 -4.25 1.71 -21.47
N ASN A 506 -5.38 1.57 -20.76
CA ASN A 506 -6.55 0.81 -21.24
C ASN A 506 -7.51 1.59 -22.14
N ASP A 507 -7.98 2.78 -21.71
CA ASP A 507 -8.93 3.60 -22.47
C ASP A 507 -8.34 4.15 -23.77
N VAL A 508 -9.03 3.88 -24.90
CA VAL A 508 -8.62 4.32 -26.25
C VAL A 508 -8.92 5.82 -26.45
N ASN A 509 -10.12 6.28 -26.03
CA ASN A 509 -10.53 7.69 -26.11
C ASN A 509 -10.00 8.41 -24.86
N CYS A 510 -8.66 8.50 -24.77
CA CYS A 510 -7.97 9.10 -23.63
C CYS A 510 -6.81 9.98 -24.03
N ASN A 511 -6.64 11.08 -23.29
CA ASN A 511 -5.55 12.03 -23.47
C ASN A 511 -4.93 12.29 -22.10
N CYS A 512 -3.80 11.62 -21.83
CA CYS A 512 -3.07 11.75 -20.56
C CYS A 512 -1.92 12.74 -20.67
N TYR A 513 -2.12 13.80 -21.48
CA TYR A 513 -1.17 14.89 -21.70
C TYR A 513 -1.90 16.24 -21.62
N SER A 514 -1.67 16.96 -20.52
CA SER A 514 -2.26 18.28 -20.24
C SER A 514 -1.44 19.02 -19.18
N GLY A 515 -1.81 20.27 -18.93
CA GLY A 515 -1.17 21.12 -17.93
C GLY A 515 0.12 21.81 -18.31
N ASP A 516 0.69 21.50 -19.50
CA ASP A 516 1.93 22.12 -19.98
C ASP A 516 1.76 23.61 -20.19
N ASP A 517 2.78 24.40 -19.80
CA ASP A 517 2.83 25.87 -19.81
C ASP A 517 1.87 26.44 -18.73
N GLY A 518 1.56 25.60 -17.75
CA GLY A 518 0.71 25.90 -16.60
C GLY A 518 1.33 25.37 -15.32
N TYR A 519 0.52 25.18 -14.28
CA TYR A 519 1.03 24.70 -12.98
C TYR A 519 1.14 23.16 -12.93
N ALA A 520 2.27 22.67 -12.37
CA ALA A 520 2.67 21.26 -12.26
C ALA A 520 1.67 20.33 -11.57
N THR A 521 1.08 20.77 -10.44
CA THR A 521 0.10 19.98 -9.67
C THR A 521 -1.21 19.74 -10.41
N ASP A 522 -1.51 20.59 -11.42
CA ASP A 522 -2.72 20.52 -12.25
C ASP A 522 -2.50 19.61 -13.48
N ALA A 523 -1.24 19.44 -13.90
CA ALA A 523 -0.83 18.66 -15.06
C ALA A 523 -1.05 17.16 -14.92
N ILE A 524 -1.32 16.47 -16.04
CA ILE A 524 -1.51 15.02 -16.08
C ILE A 524 -0.34 14.37 -16.83
N LEU A 525 0.43 13.51 -16.13
CA LEU A 525 1.59 12.80 -16.66
C LEU A 525 1.18 11.41 -17.19
N ASN A 526 2.06 10.76 -17.96
CA ASN A 526 1.83 9.42 -18.49
C ASN A 526 3.10 8.57 -18.47
N SER A 527 3.09 7.54 -17.61
CA SER A 527 4.15 6.56 -17.38
C SER A 527 5.57 7.17 -17.13
N PRO A 528 5.78 8.00 -16.08
CA PRO A 528 7.13 8.55 -15.83
C PRO A 528 8.12 7.43 -15.47
N SER A 529 9.19 7.30 -16.28
CA SER A 529 10.21 6.25 -16.15
C SER A 529 11.51 6.67 -15.45
N SER A 530 11.96 7.93 -15.65
CA SER A 530 13.21 8.44 -15.06
C SER A 530 13.15 9.90 -14.63
N LEU A 531 13.98 10.28 -13.65
CA LEU A 531 14.08 11.64 -13.10
C LEU A 531 15.54 12.13 -13.04
N ALA A 532 15.72 13.46 -13.13
CA ALA A 532 17.01 14.15 -13.06
C ALA A 532 16.83 15.58 -12.55
N VAL A 533 17.75 16.05 -11.69
CA VAL A 533 17.67 17.40 -11.13
C VAL A 533 18.75 18.31 -11.75
N ALA A 534 18.29 19.39 -12.41
CA ALA A 534 19.13 20.40 -13.05
C ALA A 534 19.88 21.26 -11.99
N PRO A 535 21.05 21.90 -12.33
CA PRO A 535 21.76 22.71 -11.32
C PRO A 535 20.92 23.81 -10.65
N ASP A 536 19.95 24.41 -11.38
CA ASP A 536 19.06 25.46 -10.86
C ASP A 536 17.87 24.89 -10.04
N GLY A 537 17.84 23.57 -9.88
CA GLY A 537 16.81 22.88 -9.09
C GLY A 537 15.61 22.35 -9.84
N THR A 538 15.54 22.55 -11.18
CA THR A 538 14.41 22.05 -11.97
C THR A 538 14.46 20.54 -12.12
N ILE A 539 13.29 19.87 -12.05
CA ILE A 539 13.19 18.42 -12.12
C ILE A 539 12.72 17.96 -13.51
N TYR A 540 13.55 17.15 -14.17
CA TYR A 540 13.25 16.58 -15.49
C TYR A 540 12.54 15.24 -15.30
N ILE A 541 11.49 15.01 -16.10
CA ILE A 541 10.68 13.79 -16.05
C ILE A 541 10.69 13.12 -17.42
N ALA A 542 11.06 11.83 -17.46
CA ALA A 542 11.04 11.04 -18.69
C ALA A 542 9.61 10.53 -18.81
N ASP A 543 8.75 11.34 -19.45
CA ASP A 543 7.32 11.06 -19.63
C ASP A 543 7.12 10.12 -20.82
N LEU A 544 7.56 8.85 -20.64
CA LEU A 544 7.54 7.75 -21.60
C LEU A 544 6.22 7.58 -22.36
N GLY A 545 5.09 7.63 -21.64
CA GLY A 545 3.75 7.49 -22.19
C GLY A 545 3.35 8.58 -23.19
N ASN A 546 3.88 9.80 -22.99
CA ASN A 546 3.60 10.94 -23.87
C ASN A 546 4.77 11.26 -24.81
N ILE A 547 5.81 10.37 -24.84
CA ILE A 547 7.04 10.42 -25.65
C ILE A 547 7.67 11.85 -25.58
N ARG A 548 7.82 12.35 -24.34
CA ARG A 548 8.34 13.69 -24.05
C ARG A 548 9.19 13.73 -22.79
N ILE A 549 9.99 14.81 -22.67
CA ILE A 549 10.79 15.11 -21.48
C ILE A 549 10.21 16.41 -20.94
N ARG A 550 9.62 16.35 -19.75
CA ARG A 550 8.96 17.50 -19.13
C ARG A 550 9.74 18.03 -17.95
N ALA A 551 9.78 19.37 -17.79
CA ALA A 551 10.52 20.03 -16.72
C ALA A 551 9.62 20.73 -15.71
N VAL A 552 9.82 20.44 -14.41
CA VAL A 552 9.10 21.07 -13.31
C VAL A 552 10.07 22.14 -12.77
N SER A 553 9.86 23.39 -13.19
CA SER A 553 10.70 24.53 -12.85
C SER A 553 10.08 25.50 -11.86
N LYS A 554 10.95 26.27 -11.16
CA LYS A 554 10.57 27.32 -10.22
C LYS A 554 9.91 28.42 -11.03
N ASN A 555 8.81 28.99 -10.50
CA ASN A 555 8.10 30.08 -11.18
C ASN A 555 9.02 31.30 -11.24
N ARG A 556 9.40 31.73 -12.47
CA ARG A 556 10.35 32.83 -12.68
C ARG A 556 9.99 33.73 -13.88
N PRO A 557 10.34 35.05 -13.85
CA PRO A 557 10.10 35.88 -15.04
C PRO A 557 11.13 35.56 -16.13
N ILE A 558 10.65 35.45 -17.38
CA ILE A 558 11.50 35.11 -18.53
C ILE A 558 11.85 36.37 -19.34
N LEU A 559 13.11 36.46 -19.80
CA LEU A 559 13.60 37.57 -20.64
C LEU A 559 12.90 37.51 -21.99
N ASN A 560 12.15 38.57 -22.35
CA ASN A 560 11.44 38.62 -23.63
C ASN A 560 12.38 39.00 -24.80
N SER A 561 11.82 39.15 -26.01
CA SER A 561 12.54 39.52 -27.24
C SER A 561 13.22 40.89 -27.17
N PHE A 562 12.73 41.76 -26.26
CA PHE A 562 13.23 43.12 -26.05
C PHE A 562 14.26 43.21 -24.90
N ASN A 563 14.74 42.04 -24.41
CA ASN A 563 15.72 41.89 -23.30
C ASN A 563 15.19 42.58 -22.03
N GLN A 564 13.92 42.30 -21.70
CA GLN A 564 13.21 42.86 -20.55
C GLN A 564 12.44 41.79 -19.76
N TYR A 565 12.18 42.08 -18.47
CA TYR A 565 11.42 41.21 -17.57
C TYR A 565 10.06 41.85 -17.29
N GLU A 566 9.02 41.01 -17.16
CA GLU A 566 7.66 41.47 -16.88
C GLU A 566 7.01 40.73 -15.72
N ALA A 567 6.42 41.52 -14.81
CA ALA A 567 5.67 41.06 -13.63
C ALA A 567 4.38 41.88 -13.59
N ALA A 568 3.35 41.40 -12.88
CA ALA A 568 2.06 42.09 -12.82
C ALA A 568 1.33 41.94 -11.49
N SER A 569 0.44 42.90 -11.19
CA SER A 569 -0.41 42.90 -10.01
C SER A 569 -1.87 42.97 -10.50
N PRO A 570 -2.57 41.80 -10.53
CA PRO A 570 -3.95 41.78 -11.04
C PRO A 570 -4.93 42.57 -10.17
N GLY A 571 -4.66 42.63 -8.87
CA GLY A 571 -5.46 43.37 -7.90
C GLY A 571 -5.43 44.87 -8.14
N GLU A 572 -4.28 45.38 -8.61
CA GLU A 572 -4.10 46.81 -8.93
C GLU A 572 -4.28 47.06 -10.43
N GLN A 573 -4.45 45.97 -11.23
CA GLN A 573 -4.61 45.97 -12.69
C GLN A 573 -3.44 46.70 -13.37
N GLU A 574 -2.20 46.33 -12.96
CA GLU A 574 -0.96 46.93 -13.45
C GLU A 574 0.03 45.88 -13.94
N LEU A 575 0.82 46.26 -14.97
CA LEU A 575 1.90 45.45 -15.55
C LEU A 575 3.20 46.25 -15.39
N TYR A 576 4.23 45.62 -14.79
CA TYR A 576 5.53 46.26 -14.55
C TYR A 576 6.61 45.73 -15.48
N VAL A 577 7.32 46.65 -16.14
CA VAL A 577 8.41 46.34 -17.08
C VAL A 577 9.75 46.72 -16.46
N PHE A 578 10.70 45.76 -16.46
CA PHE A 578 12.04 45.91 -15.91
C PHE A 578 13.08 45.60 -16.98
N ASN A 579 14.28 46.22 -16.91
CA ASN A 579 15.34 45.91 -17.86
C ASN A 579 16.04 44.60 -17.46
N ALA A 580 17.13 44.20 -18.15
CA ALA A 580 17.88 42.97 -17.87
C ALA A 580 18.49 42.92 -16.45
N ASP A 581 18.63 44.08 -15.78
CA ASP A 581 19.17 44.22 -14.43
C ASP A 581 18.09 44.35 -13.33
N GLY A 582 16.82 44.22 -13.74
CA GLY A 582 15.67 44.30 -12.85
C GLY A 582 15.29 45.71 -12.41
N ILE A 583 15.73 46.72 -13.18
CA ILE A 583 15.47 48.13 -12.92
C ILE A 583 14.15 48.56 -13.62
N HIS A 584 13.19 49.07 -12.84
CA HIS A 584 11.85 49.50 -13.24
C HIS A 584 11.84 50.55 -14.35
N GLN A 585 11.37 50.15 -15.55
CA GLN A 585 11.29 51.04 -16.70
C GLN A 585 9.92 51.72 -16.80
N TYR A 586 8.85 50.90 -16.89
CA TYR A 586 7.47 51.37 -17.02
C TYR A 586 6.48 50.59 -16.18
N THR A 587 5.29 51.19 -15.97
CA THR A 587 4.11 50.63 -15.34
C THR A 587 2.99 50.90 -16.34
N LEU A 588 2.40 49.84 -16.88
CA LEU A 588 1.32 49.91 -17.86
C LEU A 588 0.04 49.37 -17.24
N SER A 589 -1.11 49.72 -17.81
CA SER A 589 -2.40 49.19 -17.34
C SER A 589 -2.52 47.78 -17.90
N LEU A 590 -2.84 46.81 -17.04
CA LEU A 590 -3.01 45.41 -17.41
C LEU A 590 -4.23 45.23 -18.33
N VAL A 591 -5.22 46.13 -18.21
CA VAL A 591 -6.47 46.15 -18.99
C VAL A 591 -6.33 46.98 -20.28
N THR A 592 -6.04 48.29 -20.11
CA THR A 592 -5.95 49.30 -21.17
C THR A 592 -4.69 49.17 -22.05
N GLY A 593 -3.56 48.82 -21.44
CA GLY A 593 -2.28 48.71 -22.15
C GLY A 593 -1.59 50.05 -22.33
N GLU A 594 -2.17 51.10 -21.71
CA GLU A 594 -1.64 52.46 -21.73
C GLU A 594 -0.61 52.63 -20.62
N TYR A 595 0.42 53.45 -20.88
CA TYR A 595 1.48 53.75 -19.92
C TYR A 595 0.93 54.60 -18.78
N LEU A 596 1.11 54.12 -17.54
CA LEU A 596 0.66 54.79 -16.33
C LEU A 596 1.79 55.58 -15.68
N TYR A 597 3.00 55.00 -15.66
CA TYR A 597 4.21 55.60 -15.08
C TYR A 597 5.46 55.26 -15.91
N ASN A 598 6.31 56.28 -16.16
CA ASN A 598 7.57 56.17 -16.89
C ASN A 598 8.69 56.61 -15.93
N PHE A 599 9.69 55.74 -15.73
CA PHE A 599 10.80 55.98 -14.79
C PHE A 599 12.12 56.26 -15.50
N THR A 600 12.71 57.44 -15.23
CA THR A 600 14.01 57.85 -15.79
C THR A 600 15.01 57.98 -14.65
N TYR A 601 16.23 57.44 -14.87
CA TYR A 601 17.31 57.36 -13.89
C TYR A 601 18.53 58.19 -14.26
N SER A 602 19.46 58.34 -13.29
CA SER A 602 20.73 59.04 -13.47
C SER A 602 21.79 58.05 -13.98
N SER A 603 23.05 58.49 -14.13
CA SER A 603 24.18 57.68 -14.58
C SER A 603 24.51 56.53 -13.63
N ASP A 604 24.23 56.73 -12.32
CA ASP A 604 24.49 55.75 -11.25
C ASP A 604 23.24 54.87 -10.94
N ASN A 605 22.23 54.87 -11.86
CA ASN A 605 20.97 54.13 -11.76
C ASN A 605 20.11 54.54 -10.54
N ASP A 606 20.15 55.84 -10.19
CA ASP A 606 19.36 56.42 -9.11
C ASP A 606 18.16 57.13 -9.77
N VAL A 607 16.92 56.76 -9.36
CA VAL A 607 15.68 57.32 -9.92
C VAL A 607 15.65 58.85 -9.77
N THR A 608 15.45 59.54 -10.91
CA THR A 608 15.45 61.01 -10.95
C THR A 608 14.10 61.59 -11.37
N GLU A 609 13.25 60.81 -12.06
CA GLU A 609 11.92 61.28 -12.50
C GLU A 609 10.91 60.15 -12.68
N VAL A 610 9.70 60.37 -12.14
CA VAL A 610 8.53 59.50 -12.25
C VAL A 610 7.51 60.35 -13.02
N MET A 611 7.20 59.97 -14.27
CA MET A 611 6.28 60.69 -15.14
C MET A 611 4.99 59.89 -15.31
N ASP A 612 3.85 60.42 -14.83
CA ASP A 612 2.56 59.74 -14.95
C ASP A 612 1.91 59.98 -16.32
N SER A 613 0.79 59.27 -16.58
CA SER A 613 0.00 59.33 -17.81
C SER A 613 -0.53 60.73 -18.17
N ASN A 614 -0.78 61.59 -17.16
CA ASN A 614 -1.30 62.95 -17.31
C ASN A 614 -0.24 64.03 -17.57
N GLY A 615 1.03 63.64 -17.50
CA GLY A 615 2.16 64.55 -17.70
C GLY A 615 2.68 65.15 -16.42
N ASN A 616 2.26 64.59 -15.26
CA ASN A 616 2.69 65.05 -13.94
C ASN A 616 4.02 64.37 -13.59
N SER A 617 5.10 65.16 -13.50
CA SER A 617 6.42 64.64 -13.20
C SER A 617 6.89 64.96 -11.79
N LEU A 618 7.28 63.92 -11.04
CA LEU A 618 7.83 64.05 -9.69
C LEU A 618 9.33 63.83 -9.86
N LYS A 619 10.11 64.92 -9.80
CA LYS A 619 11.56 64.87 -9.97
C LYS A 619 12.29 64.74 -8.64
N VAL A 620 13.31 63.87 -8.60
CA VAL A 620 14.15 63.67 -7.43
C VAL A 620 15.47 64.36 -7.77
N ARG A 621 15.72 65.54 -7.19
CA ARG A 621 16.96 66.29 -7.45
C ARG A 621 18.07 65.72 -6.58
N ARG A 622 19.14 65.20 -7.21
CA ARG A 622 20.22 64.52 -6.52
C ARG A 622 21.61 65.13 -6.63
N ASP A 623 22.47 64.74 -5.67
CA ASP A 623 23.88 65.06 -5.56
C ASP A 623 24.64 64.09 -6.49
N ALA A 624 25.94 64.35 -6.76
CA ALA A 624 26.81 63.52 -7.60
C ALA A 624 26.96 62.09 -7.04
N SER A 625 26.90 61.95 -5.71
CA SER A 625 27.00 60.67 -4.99
C SER A 625 25.67 59.89 -5.02
N GLY A 626 24.60 60.53 -5.47
CA GLY A 626 23.26 59.96 -5.57
C GLY A 626 22.38 60.30 -4.38
N MET A 627 22.90 61.12 -3.45
CA MET A 627 22.19 61.55 -2.24
C MET A 627 21.03 62.51 -2.59
N PRO A 628 19.80 62.21 -2.13
CA PRO A 628 18.67 63.11 -2.43
C PRO A 628 18.76 64.45 -1.71
N ARG A 629 18.45 65.55 -2.42
CA ARG A 629 18.45 66.91 -1.87
C ARG A 629 17.02 67.32 -1.59
N HIS A 630 16.14 67.20 -2.61
CA HIS A 630 14.74 67.56 -2.54
C HIS A 630 13.90 66.91 -3.65
N LEU A 631 12.57 66.97 -3.50
CA LEU A 631 11.60 66.49 -4.48
C LEU A 631 10.94 67.69 -5.14
N LEU A 632 10.94 67.73 -6.49
CA LEU A 632 10.26 68.78 -7.25
C LEU A 632 8.94 68.19 -7.71
N MET A 633 7.86 68.59 -7.04
CA MET A 633 6.49 68.13 -7.25
C MET A 633 5.91 68.57 -8.60
N PRO A 634 4.89 67.86 -9.15
CA PRO A 634 4.31 68.29 -10.45
C PRO A 634 3.85 69.75 -10.54
N ASP A 635 3.50 70.37 -9.39
CA ASP A 635 3.07 71.78 -9.29
C ASP A 635 4.26 72.73 -9.00
N ASN A 636 5.50 72.26 -9.22
CA ASN A 636 6.78 72.95 -9.02
C ASN A 636 7.03 73.36 -7.55
N GLN A 637 6.45 72.58 -6.61
CA GLN A 637 6.63 72.78 -5.17
C GLN A 637 7.85 71.98 -4.73
N ILE A 638 8.68 72.55 -3.85
CA ILE A 638 9.88 71.89 -3.35
C ILE A 638 9.63 71.23 -1.99
N VAL A 639 9.89 69.92 -1.93
CA VAL A 639 9.77 69.13 -0.70
C VAL A 639 11.20 68.74 -0.30
N THR A 640 11.74 69.44 0.70
CA THR A 640 13.11 69.29 1.22
C THR A 640 13.32 67.93 1.90
N LEU A 641 14.39 67.24 1.50
CA LEU A 641 14.78 65.95 2.06
C LEU A 641 16.13 66.08 2.74
N ALA A 642 16.20 65.72 4.03
CA ALA A 642 17.44 65.75 4.80
C ALA A 642 17.76 64.32 5.24
N VAL A 643 18.89 63.78 4.77
CA VAL A 643 19.32 62.43 5.11
C VAL A 643 20.44 62.52 6.15
N GLY A 644 20.25 61.86 7.28
CA GLY A 644 21.20 61.85 8.39
C GLY A 644 22.51 61.13 8.11
N THR A 645 23.51 61.33 8.99
CA THR A 645 24.84 60.72 8.91
C THR A 645 24.79 59.19 8.97
N ASN A 646 23.71 58.63 9.55
CA ASN A 646 23.45 57.19 9.65
C ASN A 646 22.82 56.63 8.36
N GLY A 647 22.54 57.51 7.40
CA GLY A 647 21.95 57.17 6.11
C GLY A 647 20.43 57.13 6.08
N GLY A 648 19.79 57.52 7.18
CA GLY A 648 18.34 57.52 7.30
C GLY A 648 17.70 58.88 7.09
N LEU A 649 16.56 58.89 6.36
CA LEU A 649 15.77 60.09 6.06
C LEU A 649 15.30 60.71 7.37
N LYS A 650 15.92 61.85 7.71
CA LYS A 650 15.74 62.60 8.95
C LYS A 650 14.58 63.61 8.87
N LEU A 651 14.44 64.33 7.75
CA LEU A 651 13.42 65.37 7.58
C LEU A 651 12.81 65.44 6.19
N VAL A 652 11.47 65.57 6.14
CA VAL A 652 10.64 65.73 4.95
C VAL A 652 9.81 66.99 5.26
N SER A 653 10.02 68.08 4.49
CA SER A 653 9.33 69.34 4.77
C SER A 653 9.11 70.25 3.56
N THR A 654 8.10 71.13 3.64
CA THR A 654 7.79 72.16 2.66
C THR A 654 8.29 73.48 3.28
N GLN A 655 8.08 74.63 2.60
CA GLN A 655 8.49 75.94 3.11
C GLN A 655 7.74 76.36 4.39
N THR A 656 6.58 75.71 4.67
CA THR A 656 5.74 75.97 5.84
C THR A 656 5.59 74.74 6.76
N LEU A 657 5.26 73.56 6.18
CA LEU A 657 4.99 72.32 6.92
C LEU A 657 6.18 71.39 7.11
N GLU A 658 6.22 70.72 8.27
CA GLU A 658 7.21 69.70 8.61
C GLU A 658 6.44 68.37 8.50
N LEU A 659 6.43 67.79 7.28
CA LEU A 659 5.70 66.56 6.95
C LEU A 659 6.16 65.33 7.73
N GLY A 660 7.46 65.24 7.98
CA GLY A 660 8.07 64.12 8.71
C GLY A 660 9.40 64.44 9.32
N LEU A 661 9.61 63.97 10.56
CA LEU A 661 10.84 64.12 11.32
C LEU A 661 11.13 62.76 11.94
N MET A 662 12.27 62.15 11.56
CA MET A 662 12.62 60.79 11.96
C MET A 662 14.00 60.65 12.61
N THR A 663 14.10 59.66 13.53
CA THR A 663 15.35 59.25 14.20
C THR A 663 15.43 57.73 14.10
N TYR A 664 16.64 57.19 13.96
CA TYR A 664 16.89 55.75 13.80
C TYR A 664 17.79 55.20 14.88
N ASN A 665 17.80 53.86 15.04
CA ASN A 665 18.62 53.18 16.04
C ASN A 665 19.99 52.84 15.43
N GLY A 666 20.96 53.72 15.65
CA GLY A 666 22.32 53.60 15.14
C GLY A 666 22.39 53.54 13.63
N ASN A 667 23.09 52.52 13.10
CA ASN A 667 23.23 52.28 11.66
C ASN A 667 22.38 51.09 11.17
N SER A 668 21.50 50.57 12.06
CA SER A 668 20.59 49.44 11.77
C SER A 668 19.53 49.78 10.72
N GLY A 669 19.14 51.05 10.67
CA GLY A 669 18.10 51.54 9.75
C GLY A 669 16.71 51.44 10.33
N LEU A 670 16.60 50.90 11.57
CA LEU A 670 15.33 50.72 12.27
C LEU A 670 14.83 52.04 12.81
N LEU A 671 13.64 52.45 12.34
CA LEU A 671 12.97 53.69 12.70
C LEU A 671 12.61 53.72 14.19
N ALA A 672 13.24 54.64 14.94
CA ALA A 672 13.03 54.81 16.38
C ALA A 672 11.86 55.76 16.69
N THR A 673 11.82 56.94 16.03
CA THR A 673 10.76 57.93 16.22
C THR A 673 10.29 58.50 14.89
N LYS A 674 9.03 58.96 14.84
CA LYS A 674 8.43 59.60 13.68
C LYS A 674 7.47 60.69 14.16
N SER A 675 7.71 61.94 13.74
CA SER A 675 6.90 63.11 14.08
C SER A 675 6.31 63.77 12.85
N ASP A 676 5.17 64.44 13.02
CA ASP A 676 4.51 65.21 11.96
C ASP A 676 4.41 66.68 12.38
N GLU A 677 3.75 67.53 11.57
CA GLU A 677 3.57 68.96 11.80
C GLU A 677 2.80 69.30 13.09
N THR A 678 1.92 68.40 13.56
CA THR A 678 1.11 68.59 14.77
C THR A 678 1.92 68.44 16.07
N GLY A 679 3.09 67.80 15.96
CA GLY A 679 3.98 67.55 17.10
C GLY A 679 3.80 66.17 17.69
N TRP A 680 2.93 65.34 17.07
CA TRP A 680 2.62 63.97 17.45
C TRP A 680 3.82 63.08 17.15
N THR A 681 4.47 62.55 18.20
CA THR A 681 5.63 61.68 18.06
C THR A 681 5.30 60.24 18.47
N THR A 682 5.55 59.29 17.55
CA THR A 682 5.36 57.86 17.78
C THR A 682 6.73 57.24 18.01
N PHE A 683 6.85 56.40 19.06
CA PHE A 683 8.09 55.72 19.45
C PHE A 683 7.99 54.24 19.14
N TYR A 684 9.05 53.69 18.52
CA TYR A 684 9.10 52.27 18.15
C TYR A 684 10.26 51.58 18.84
N ASP A 685 9.97 50.43 19.47
CA ASP A 685 10.94 49.60 20.17
C ASP A 685 11.06 48.25 19.49
N TYR A 686 12.29 47.77 19.34
CA TYR A 686 12.60 46.50 18.69
C TYR A 686 13.46 45.65 19.61
N ASP A 687 13.49 44.33 19.36
CA ASP A 687 14.37 43.42 20.09
C ASP A 687 15.72 43.40 19.35
N HIS A 688 16.72 42.66 19.86
CA HIS A 688 18.04 42.59 19.23
C HIS A 688 18.04 41.94 17.83
N GLU A 689 16.93 41.26 17.48
CA GLU A 689 16.69 40.59 16.20
C GLU A 689 16.08 41.56 15.16
N GLY A 690 15.77 42.78 15.59
CA GLY A 690 15.18 43.83 14.75
C GLY A 690 13.70 43.67 14.51
N ARG A 691 13.00 42.93 15.39
CA ARG A 691 11.56 42.69 15.31
C ARG A 691 10.84 43.66 16.24
N LEU A 692 9.80 44.34 15.71
CA LEU A 692 8.98 45.31 16.43
C LEU A 692 8.33 44.68 17.67
N THR A 693 8.60 45.27 18.84
CA THR A 693 8.07 44.80 20.12
C THR A 693 7.06 45.74 20.74
N ASN A 694 7.27 47.07 20.62
CA ASN A 694 6.36 48.07 21.20
C ASN A 694 6.19 49.31 20.29
N VAL A 695 4.97 49.89 20.29
CA VAL A 695 4.60 51.10 19.57
C VAL A 695 3.89 52.00 20.58
N THR A 696 4.55 53.11 20.98
CA THR A 696 4.05 54.06 21.98
C THR A 696 3.61 55.36 21.33
N ARG A 697 2.39 55.82 21.68
CA ARG A 697 1.76 57.02 21.13
C ARG A 697 1.63 58.15 22.19
N PRO A 698 1.53 59.45 21.79
CA PRO A 698 1.40 60.53 22.79
C PRO A 698 0.19 60.46 23.71
N THR A 699 -0.79 59.61 23.35
CA THR A 699 -2.01 59.35 24.12
C THR A 699 -1.69 58.47 25.34
N GLY A 700 -0.51 57.83 25.32
CA GLY A 700 -0.05 56.94 26.39
C GLY A 700 -0.34 55.48 26.09
N VAL A 701 -0.98 55.21 24.94
CA VAL A 701 -1.36 53.88 24.49
C VAL A 701 -0.15 53.15 23.89
N VAL A 702 0.14 51.95 24.42
CA VAL A 702 1.24 51.10 23.98
C VAL A 702 0.67 49.82 23.36
N THR A 703 1.12 49.49 22.13
CA THR A 703 0.77 48.25 21.45
C THR A 703 2.01 47.36 21.53
N SER A 704 1.88 46.20 22.18
CA SER A 704 2.97 45.26 22.38
C SER A 704 2.84 43.98 21.58
N LEU A 705 3.97 43.51 21.01
CA LEU A 705 4.08 42.29 20.22
C LEU A 705 5.10 41.36 20.88
N HIS A 706 4.67 40.13 21.25
CA HIS A 706 5.53 39.13 21.88
C HIS A 706 5.61 37.87 21.04
N ARG A 707 6.84 37.46 20.71
CA ARG A 707 7.12 36.28 19.88
C ARG A 707 7.61 35.10 20.71
N GLU A 708 7.04 33.92 20.41
CA GLU A 708 7.40 32.64 20.99
C GLU A 708 7.64 31.71 19.79
N MET A 709 8.93 31.53 19.46
CA MET A 709 9.39 30.75 18.32
C MET A 709 9.71 29.31 18.74
N GLU A 710 8.74 28.40 18.53
CA GLU A 710 8.85 26.97 18.83
C GLU A 710 8.55 26.20 17.54
N LYS A 711 7.92 25.01 17.62
CA LYS A 711 7.52 24.21 16.44
C LYS A 711 6.54 25.02 15.58
N SER A 712 5.79 25.91 16.24
CA SER A 712 4.86 26.87 15.65
C SER A 712 5.21 28.25 16.21
N ILE A 713 5.25 29.28 15.36
CA ILE A 713 5.57 30.65 15.77
C ILE A 713 4.30 31.36 16.23
N THR A 714 4.26 31.77 17.51
CA THR A 714 3.10 32.47 18.07
C THR A 714 3.44 33.93 18.38
N ILE A 715 2.63 34.85 17.84
CA ILE A 715 2.79 36.28 18.09
C ILE A 715 1.56 36.77 18.87
N ASP A 716 1.80 37.30 20.08
CA ASP A 716 0.77 37.84 20.96
C ASP A 716 0.74 39.36 20.83
N ILE A 717 -0.46 39.90 20.55
CA ILE A 717 -0.70 41.34 20.39
C ILE A 717 -1.54 41.82 21.56
N GLU A 718 -1.03 42.82 22.29
CA GLU A 718 -1.69 43.41 23.46
C GLU A 718 -1.70 44.93 23.36
N ASN A 719 -2.73 45.56 23.94
CA ASN A 719 -2.88 47.01 23.99
C ASN A 719 -3.08 47.43 25.44
N SER A 720 -2.42 48.52 25.85
CA SER A 720 -2.47 49.05 27.22
C SER A 720 -3.83 49.61 27.64
N ASN A 721 -4.66 50.05 26.67
CA ASN A 721 -5.96 50.65 26.91
C ASN A 721 -7.16 49.69 26.75
N ARG A 722 -6.97 48.54 26.07
CA ARG A 722 -8.05 47.57 25.82
C ARG A 722 -7.74 46.13 26.23
N ASP A 723 -8.81 45.31 26.37
CA ASP A 723 -8.72 43.88 26.71
C ASP A 723 -8.93 43.02 25.44
N ASP A 724 -8.60 43.58 24.27
CA ASP A 724 -8.74 42.94 22.95
C ASP A 724 -7.48 42.17 22.51
N ASP A 725 -6.94 41.31 23.39
CA ASP A 725 -5.74 40.51 23.11
C ASP A 725 -5.93 39.56 21.93
N VAL A 726 -5.08 39.70 20.90
CA VAL A 726 -5.12 38.91 19.67
C VAL A 726 -3.83 38.08 19.58
N THR A 727 -3.94 36.77 19.30
CA THR A 727 -2.77 35.90 19.15
C THR A 727 -2.80 35.18 17.80
N VAL A 728 -1.67 35.22 17.08
CA VAL A 728 -1.50 34.60 15.75
C VAL A 728 -0.55 33.42 15.87
N ILE A 729 -1.01 32.22 15.48
CA ILE A 729 -0.19 31.00 15.51
C ILE A 729 0.12 30.61 14.06
N THR A 730 1.42 30.40 13.74
CA THR A 730 1.87 30.03 12.41
C THR A 730 2.56 28.67 12.40
N ASN A 731 2.05 27.75 11.56
CA ASN A 731 2.60 26.41 11.38
C ASN A 731 2.99 26.25 9.91
N LEU A 732 4.31 26.20 9.64
CA LEU A 732 4.82 26.06 8.29
C LEU A 732 5.18 24.60 7.99
N SER A 733 4.68 24.08 6.87
CA SER A 733 4.94 22.72 6.42
C SER A 733 5.31 22.69 4.93
N SER A 734 5.44 21.48 4.38
CA SER A 734 5.77 21.24 2.97
C SER A 734 4.60 21.63 2.04
N VAL A 735 3.35 21.33 2.47
CA VAL A 735 2.12 21.58 1.71
C VAL A 735 1.55 23.00 1.87
N GLU A 736 1.58 23.56 3.11
CA GLU A 736 0.96 24.86 3.40
C GLU A 736 1.53 25.61 4.60
N ALA A 737 1.19 26.91 4.66
CA ALA A 737 1.47 27.83 5.76
C ALA A 737 0.11 27.98 6.44
N SER A 738 -0.01 27.47 7.68
CA SER A 738 -1.26 27.46 8.44
C SER A 738 -1.26 28.53 9.54
N TYR A 739 -2.26 29.45 9.47
CA TYR A 739 -2.43 30.55 10.41
C TYR A 739 -3.73 30.44 11.20
N THR A 740 -3.65 30.73 12.50
CA THR A 740 -4.79 30.72 13.40
C THR A 740 -4.80 32.00 14.23
N VAL A 741 -5.82 32.85 14.00
CA VAL A 741 -6.01 34.12 14.70
C VAL A 741 -7.01 33.84 15.83
N VAL A 742 -6.53 33.98 17.08
CA VAL A 742 -7.30 33.69 18.29
C VAL A 742 -7.61 34.96 19.11
N GLN A 743 -8.90 35.14 19.44
CA GLN A 743 -9.41 36.22 20.29
C GLN A 743 -10.30 35.51 21.31
N ASP A 744 -9.71 35.18 22.48
CA ASP A 744 -10.32 34.41 23.59
C ASP A 744 -10.53 32.94 23.16
N GLN A 745 -11.76 32.56 22.75
CA GLN A 745 -12.08 31.21 22.29
C GLN A 745 -12.54 31.23 20.82
N VAL A 746 -12.59 32.44 20.23
CA VAL A 746 -12.98 32.69 18.84
C VAL A 746 -11.73 32.50 17.98
N ARG A 747 -11.73 31.44 17.15
CA ARG A 747 -10.59 31.08 16.31
C ARG A 747 -10.93 31.12 14.81
N ASN A 748 -10.16 31.91 14.07
CA ASN A 748 -10.28 32.04 12.61
C ASN A 748 -9.05 31.41 11.97
N SER A 749 -9.27 30.43 11.06
CA SER A 749 -8.18 29.73 10.40
C SER A 749 -7.95 30.17 8.97
N TYR A 750 -6.67 30.30 8.59
CA TYR A 750 -6.21 30.73 7.27
C TYR A 750 -5.15 29.74 6.79
N GLN A 751 -5.26 29.31 5.52
CA GLN A 751 -4.33 28.34 4.94
C GLN A 751 -3.84 28.80 3.58
N LEU A 752 -2.53 29.12 3.49
CA LEU A 752 -1.89 29.53 2.24
C LEU A 752 -1.12 28.32 1.72
N CYS A 753 -1.74 27.60 0.77
CA CYS A 753 -1.20 26.38 0.18
C CYS A 753 -0.24 26.64 -0.98
N ASN A 754 0.68 25.69 -1.23
CA ASN A 754 1.70 25.74 -2.28
C ASN A 754 1.10 25.74 -3.70
N ASN A 755 -0.11 25.15 -3.88
CA ASN A 755 -0.82 25.07 -5.15
C ASN A 755 -1.46 26.41 -5.56
N GLY A 756 -1.37 27.41 -4.68
CA GLY A 756 -1.91 28.75 -4.91
C GLY A 756 -3.28 29.00 -4.29
N THR A 757 -3.78 28.03 -3.53
CA THR A 757 -5.09 28.11 -2.88
C THR A 757 -5.01 28.83 -1.53
N LEU A 758 -5.94 29.76 -1.30
CA LEU A 758 -6.09 30.50 -0.04
C LEU A 758 -7.43 30.05 0.55
N ARG A 759 -7.37 29.38 1.71
CA ARG A 759 -8.56 28.87 2.39
C ARG A 759 -8.79 29.57 3.72
N VAL A 760 -9.99 30.11 3.91
CA VAL A 760 -10.41 30.78 5.13
C VAL A 760 -11.51 29.96 5.77
N MET A 761 -11.34 29.62 7.06
CA MET A 761 -12.33 28.90 7.84
C MET A 761 -12.68 29.78 9.03
N TYR A 762 -13.70 30.65 8.83
CA TYR A 762 -14.18 31.59 9.83
C TYR A 762 -14.82 30.87 11.02
N ALA A 763 -14.74 31.50 12.20
CA ALA A 763 -15.31 30.97 13.44
C ALA A 763 -16.84 30.83 13.32
N ASN A 764 -17.50 31.72 12.54
CA ASN A 764 -18.96 31.72 12.32
C ASN A 764 -19.48 30.46 11.60
N GLY A 765 -18.61 29.72 10.94
CA GLY A 765 -18.97 28.48 10.24
C GLY A 765 -18.81 28.52 8.73
N MET A 766 -18.64 29.74 8.17
CA MET A 766 -18.47 29.93 6.73
C MET A 766 -17.01 29.73 6.30
N SER A 767 -16.79 28.99 5.20
CA SER A 767 -15.47 28.76 4.64
C SER A 767 -15.40 29.25 3.20
N ILE A 768 -14.30 29.96 2.86
CA ILE A 768 -14.05 30.49 1.52
C ILE A 768 -12.74 29.91 0.99
N SER A 769 -12.78 29.37 -0.25
CA SER A 769 -11.59 28.82 -0.90
C SER A 769 -11.34 29.54 -2.22
N PHE A 770 -10.22 30.29 -2.28
CA PHE A 770 -9.81 31.03 -3.47
C PHE A 770 -8.80 30.16 -4.20
N HIS A 771 -8.99 29.97 -5.52
CA HIS A 771 -8.12 29.12 -6.33
C HIS A 771 -7.43 29.91 -7.43
N SER A 772 -6.09 29.76 -7.51
CA SER A 772 -5.23 30.43 -8.47
C SER A 772 -5.10 29.72 -9.81
N GLU A 773 -4.92 30.51 -10.87
CA GLU A 773 -4.75 30.09 -12.26
C GLU A 773 -3.73 31.06 -12.89
N PRO A 774 -2.92 30.65 -13.91
CA PRO A 774 -2.02 31.62 -14.55
C PRO A 774 -2.82 32.69 -15.30
N HIS A 775 -2.41 33.99 -15.24
CA HIS A 775 -3.10 35.10 -15.91
C HIS A 775 -3.03 34.95 -17.44
N VAL A 776 -4.17 35.20 -18.13
CA VAL A 776 -4.30 35.08 -19.59
C VAL A 776 -3.34 36.03 -20.37
N LEU A 777 -2.99 37.20 -19.78
CA LEU A 777 -2.13 38.20 -20.39
C LEU A 777 -0.68 38.16 -19.89
N ALA A 778 -0.47 38.04 -18.56
CA ALA A 778 0.86 38.04 -17.93
C ALA A 778 1.53 36.65 -17.80
N GLY A 779 0.78 35.57 -18.01
CA GLY A 779 1.31 34.21 -17.94
C GLY A 779 1.39 33.58 -16.56
N THR A 780 2.21 32.51 -16.43
CA THR A 780 2.42 31.74 -15.20
C THR A 780 3.10 32.53 -14.07
N VAL A 781 3.90 33.56 -14.43
CA VAL A 781 4.63 34.42 -13.47
C VAL A 781 3.65 35.14 -12.50
N THR A 782 2.37 35.33 -12.90
CA THR A 782 1.39 35.97 -12.03
C THR A 782 0.12 35.12 -11.86
N PRO A 783 -0.04 34.46 -10.67
CA PRO A 783 -1.28 33.70 -10.43
C PRO A 783 -2.44 34.64 -10.13
N THR A 784 -3.64 34.31 -10.65
CA THR A 784 -4.85 35.10 -10.46
C THR A 784 -5.97 34.26 -9.89
N ILE A 785 -6.77 34.86 -9.00
CA ILE A 785 -7.93 34.18 -8.43
C ILE A 785 -9.04 34.24 -9.49
N GLY A 786 -9.32 33.08 -10.08
CA GLY A 786 -10.35 32.94 -11.10
C GLY A 786 -11.54 32.15 -10.62
N ARG A 787 -11.43 31.55 -9.42
CA ARG A 787 -12.44 30.70 -8.82
C ARG A 787 -12.57 30.95 -7.32
N CYS A 788 -13.80 30.92 -6.82
CA CYS A 788 -14.13 31.12 -5.40
C CYS A 788 -15.28 30.20 -4.98
N ASN A 789 -14.96 29.15 -4.22
CA ASN A 789 -15.94 28.19 -3.72
C ASN A 789 -16.24 28.53 -2.24
N ILE A 790 -17.52 28.88 -1.95
CA ILE A 790 -18.03 29.26 -0.62
C ILE A 790 -18.86 28.12 -0.02
N SER A 791 -18.73 27.92 1.29
CA SER A 791 -19.48 26.92 2.03
C SER A 791 -20.12 27.56 3.27
N LEU A 792 -21.46 27.41 3.41
CA LEU A 792 -22.21 27.90 4.57
C LEU A 792 -22.67 26.73 5.44
N PRO A 793 -22.73 26.87 6.80
CA PRO A 793 -23.18 25.74 7.62
C PRO A 793 -24.70 25.52 7.57
N MET A 794 -25.17 24.93 6.45
CA MET A 794 -26.58 24.61 6.17
C MET A 794 -26.71 23.47 5.14
N GLU A 795 -27.96 22.97 4.92
CA GLU A 795 -28.33 21.87 4.03
C GLU A 795 -27.75 22.00 2.61
N ASN A 796 -28.01 23.13 1.92
CA ASN A 796 -27.51 23.42 0.58
C ASN A 796 -26.74 24.75 0.63
N GLY A 797 -25.58 24.71 1.29
CA GLY A 797 -24.73 25.87 1.52
C GLY A 797 -23.54 26.06 0.60
N LEU A 798 -23.42 25.27 -0.48
CA LEU A 798 -22.30 25.40 -1.40
C LEU A 798 -22.57 26.42 -2.51
N ASN A 799 -21.75 27.48 -2.56
CA ASN A 799 -21.81 28.56 -3.54
C ASN A 799 -20.52 28.59 -4.35
N SER A 800 -20.57 29.11 -5.58
CA SER A 800 -19.39 29.20 -6.45
C SER A 800 -19.45 30.41 -7.36
N ILE A 801 -18.39 31.24 -7.33
CA ILE A 801 -18.23 32.41 -8.20
C ILE A 801 -16.98 32.18 -9.05
N GLU A 802 -17.06 32.56 -10.32
CA GLU A 802 -15.97 32.34 -11.27
C GLU A 802 -15.73 33.57 -12.15
N TRP A 803 -14.44 33.80 -12.47
CA TRP A 803 -13.99 34.85 -13.37
C TRP A 803 -13.31 34.15 -14.54
N ARG A 804 -13.88 34.28 -15.75
CA ARG A 804 -13.34 33.66 -16.94
C ARG A 804 -12.70 34.72 -17.83
N LEU A 805 -11.37 34.72 -17.87
CA LEU A 805 -10.55 35.67 -18.62
C LEU A 805 -10.23 35.16 -20.03
N ARG A 806 -10.21 36.08 -21.01
CA ARG A 806 -9.93 35.79 -22.41
C ARG A 806 -9.17 36.94 -23.08
N LYS A 807 -8.62 36.68 -24.29
CA LYS A 807 -7.88 37.68 -25.07
C LYS A 807 -8.06 37.52 -26.59
N GLU A 808 -7.91 38.63 -27.32
CA GLU A 808 -7.97 38.66 -28.79
C GLU A 808 -6.68 39.31 -29.28
N GLN A 809 -5.86 38.55 -30.02
CA GLN A 809 -4.59 39.03 -30.54
C GLN A 809 -4.60 39.18 -32.06
N ILE A 810 -4.21 40.37 -32.53
CA ILE A 810 -4.11 40.69 -33.95
C ILE A 810 -2.66 41.09 -34.21
N LYS A 811 -1.95 40.28 -35.04
CA LYS A 811 -0.54 40.44 -35.42
C LYS A 811 0.41 40.38 -34.19
N GLY A 812 0.09 39.48 -33.25
CA GLY A 812 0.85 39.26 -32.02
C GLY A 812 0.65 40.29 -30.93
N LYS A 813 -0.22 41.29 -31.16
CA LYS A 813 -0.52 42.36 -30.22
C LYS A 813 -1.94 42.21 -29.65
N VAL A 814 -2.11 42.45 -28.33
CA VAL A 814 -3.40 42.35 -27.63
C VAL A 814 -4.34 43.46 -28.09
N THR A 815 -5.51 43.07 -28.62
CA THR A 815 -6.55 43.95 -29.15
C THR A 815 -7.74 44.07 -28.18
N VAL A 816 -8.19 42.93 -27.60
CA VAL A 816 -9.32 42.85 -26.68
C VAL A 816 -8.97 42.03 -25.43
N PHE A 817 -9.38 42.51 -24.23
CA PHE A 817 -9.23 41.81 -22.96
C PHE A 817 -10.62 41.66 -22.34
N GLY A 818 -11.10 40.42 -22.37
CA GLY A 818 -12.43 40.06 -21.86
C GLY A 818 -12.40 39.37 -20.52
N ARG A 819 -13.43 39.67 -19.71
CA ARG A 819 -13.65 39.13 -18.37
C ARG A 819 -15.13 38.83 -18.19
N LYS A 820 -15.46 37.58 -17.83
CA LYS A 820 -16.85 37.15 -17.62
C LYS A 820 -17.05 36.64 -16.20
N LEU A 821 -18.08 37.18 -15.53
CA LEU A 821 -18.44 36.79 -14.17
C LEU A 821 -19.52 35.72 -14.23
N ARG A 822 -19.27 34.58 -13.57
CA ARG A 822 -20.17 33.42 -13.58
C ARG A 822 -20.52 32.91 -12.20
N VAL A 823 -21.78 32.46 -12.04
CA VAL A 823 -22.32 31.84 -10.83
C VAL A 823 -23.05 30.57 -11.27
N HIS A 824 -22.53 29.41 -10.82
CA HIS A 824 -23.02 28.05 -11.09
C HIS A 824 -23.25 27.79 -12.59
N GLY A 825 -22.20 28.05 -13.37
CA GLY A 825 -22.18 27.86 -14.82
C GLY A 825 -23.02 28.82 -15.65
N ARG A 826 -23.44 29.95 -15.07
CA ARG A 826 -24.26 30.95 -15.77
C ARG A 826 -23.58 32.32 -15.78
N ASN A 827 -23.48 32.94 -16.96
CA ASN A 827 -22.89 34.27 -17.14
C ASN A 827 -23.84 35.36 -16.64
N LEU A 828 -23.39 36.18 -15.68
CA LEU A 828 -24.19 37.27 -15.12
C LEU A 828 -23.81 38.58 -15.77
N LEU A 829 -22.49 38.80 -15.95
CA LEU A 829 -21.93 40.03 -16.50
C LEU A 829 -20.63 39.75 -17.24
N SER A 830 -20.33 40.60 -18.23
CA SER A 830 -19.10 40.54 -19.02
C SER A 830 -18.56 41.95 -19.18
N ILE A 831 -17.28 42.15 -18.86
CA ILE A 831 -16.57 43.42 -18.96
C ILE A 831 -15.42 43.19 -19.94
N ASP A 832 -15.57 43.72 -21.17
CA ASP A 832 -14.58 43.57 -22.24
C ASP A 832 -13.99 44.92 -22.64
N TYR A 833 -12.66 44.99 -22.78
CA TYR A 833 -11.99 46.22 -23.19
C TYR A 833 -11.33 46.06 -24.56
N ASP A 834 -11.71 46.92 -25.52
CA ASP A 834 -11.17 46.93 -26.88
C ASP A 834 -10.15 48.07 -26.99
N ARG A 835 -8.86 47.72 -26.98
CA ARG A 835 -7.72 48.65 -27.03
C ARG A 835 -7.66 49.51 -28.31
N ASN A 836 -8.18 48.98 -29.44
CA ASN A 836 -8.18 49.68 -30.72
C ASN A 836 -9.13 50.88 -30.75
N ILE A 837 -10.34 50.74 -30.19
CA ILE A 837 -11.36 51.80 -30.17
C ILE A 837 -11.48 52.47 -28.78
N ARG A 838 -10.69 52.00 -27.78
CA ARG A 838 -10.63 52.50 -26.40
C ARG A 838 -12.01 52.48 -25.68
N THR A 839 -12.82 51.44 -25.96
CA THR A 839 -14.14 51.29 -25.33
C THR A 839 -14.18 50.08 -24.40
N GLU A 840 -14.91 50.22 -23.28
CA GLU A 840 -15.11 49.17 -22.30
C GLU A 840 -16.59 48.80 -22.31
N LYS A 841 -16.91 47.64 -22.92
CA LYS A 841 -18.28 47.14 -23.03
C LYS A 841 -18.63 46.23 -21.86
N ILE A 842 -19.68 46.62 -21.12
CA ILE A 842 -20.25 45.89 -19.97
C ILE A 842 -21.64 45.47 -20.42
N TYR A 843 -21.87 44.16 -20.49
CA TYR A 843 -23.13 43.64 -21.01
C TYR A 843 -23.64 42.38 -20.31
N ASP A 844 -24.98 42.25 -20.29
CA ASP A 844 -25.77 41.15 -19.75
C ASP A 844 -25.83 40.05 -20.82
N ASP A 845 -26.14 38.82 -20.42
CA ASP A 845 -26.24 37.66 -21.31
C ASP A 845 -27.65 37.51 -21.94
N HIS A 846 -28.63 38.34 -21.50
CA HIS A 846 -30.02 38.26 -21.98
C HIS A 846 -30.60 39.57 -22.55
N ARG A 847 -29.75 40.46 -23.13
CA ARG A 847 -30.12 41.74 -23.76
C ARG A 847 -30.80 42.76 -22.81
N LYS A 848 -30.67 42.60 -21.48
CA LYS A 848 -31.29 43.49 -20.50
C LYS A 848 -30.46 44.74 -20.16
N PHE A 849 -29.12 44.60 -20.11
CA PHE A 849 -28.20 45.70 -19.78
C PHE A 849 -27.00 45.77 -20.72
N THR A 850 -26.66 46.99 -21.17
CA THR A 850 -25.51 47.29 -22.03
C THR A 850 -24.98 48.70 -21.73
N LEU A 851 -23.69 48.79 -21.37
CA LEU A 851 -23.01 50.04 -21.05
C LEU A 851 -21.64 50.07 -21.71
N ARG A 852 -21.34 51.20 -22.39
CA ARG A 852 -20.05 51.42 -23.04
C ARG A 852 -19.37 52.61 -22.38
N ILE A 853 -18.12 52.40 -21.92
CA ILE A 853 -17.32 53.46 -21.30
C ILE A 853 -16.18 53.80 -22.26
N ILE A 854 -16.18 55.05 -22.77
CA ILE A 854 -15.18 55.54 -23.71
C ILE A 854 -14.01 56.16 -22.94
N TYR A 855 -12.78 55.77 -23.32
CA TYR A 855 -11.54 56.25 -22.71
C TYR A 855 -10.84 57.20 -23.69
N ASP A 856 -10.24 58.29 -23.17
CA ASP A 856 -9.51 59.27 -23.98
C ASP A 856 -8.09 58.79 -24.34
N GLN A 857 -7.32 59.61 -25.08
CA GLN A 857 -5.94 59.33 -25.51
C GLN A 857 -4.96 59.11 -24.33
N LEU A 858 -5.29 59.67 -23.15
CA LEU A 858 -4.50 59.54 -21.92
C LEU A 858 -4.89 58.30 -21.09
N GLY A 859 -5.88 57.55 -21.58
CA GLY A 859 -6.39 56.33 -20.96
C GLY A 859 -7.35 56.55 -19.81
N ARG A 860 -8.05 57.71 -19.80
CA ARG A 860 -9.00 58.03 -18.73
C ARG A 860 -10.45 57.88 -19.20
N PRO A 861 -11.33 57.23 -18.40
CA PRO A 861 -12.76 57.14 -18.81
C PRO A 861 -13.40 58.53 -18.79
N PHE A 862 -14.07 58.94 -19.87
CA PHE A 862 -14.68 60.27 -19.96
C PHE A 862 -16.14 60.28 -20.42
N LEU A 863 -16.62 59.17 -21.01
CA LEU A 863 -17.99 59.07 -21.50
C LEU A 863 -18.64 57.73 -21.18
N TRP A 864 -19.83 57.78 -20.57
CA TRP A 864 -20.64 56.64 -20.17
C TRP A 864 -21.92 56.62 -21.00
N LEU A 865 -22.01 55.67 -21.95
CA LEU A 865 -23.13 55.52 -22.87
C LEU A 865 -24.05 54.35 -22.46
N PRO A 866 -25.18 54.62 -21.76
CA PRO A 866 -26.07 53.53 -21.35
C PRO A 866 -27.12 53.14 -22.38
N SER A 867 -27.78 51.99 -22.16
CA SER A 867 -28.87 51.50 -23.01
C SER A 867 -30.21 52.09 -22.53
N SER A 868 -31.34 51.67 -23.14
CA SER A 868 -32.73 52.08 -22.83
C SER A 868 -33.01 53.59 -23.05
N GLY A 869 -32.19 54.26 -23.85
CA GLY A 869 -32.32 55.67 -24.18
C GLY A 869 -32.10 56.64 -23.02
N LEU A 870 -31.24 56.23 -22.06
CA LEU A 870 -30.92 57.05 -20.88
C LEU A 870 -29.87 58.10 -21.21
N ALA A 871 -29.89 59.23 -20.46
CA ALA A 871 -28.96 60.34 -20.63
C ALA A 871 -27.53 59.91 -20.32
N ALA A 872 -26.61 60.17 -21.28
CA ALA A 872 -25.20 59.82 -21.15
C ALA A 872 -24.49 60.75 -20.16
N VAL A 873 -23.47 60.22 -19.47
CA VAL A 873 -22.67 60.98 -18.51
C VAL A 873 -21.29 61.23 -19.12
N ASN A 874 -20.82 62.50 -19.13
CA ASN A 874 -19.51 62.87 -19.65
C ASN A 874 -18.78 63.79 -18.67
N VAL A 875 -17.45 63.61 -18.57
CA VAL A 875 -16.60 64.37 -17.64
C VAL A 875 -15.49 65.16 -18.34
N SER A 876 -15.01 66.23 -17.68
CA SER A 876 -13.92 67.09 -18.10
C SER A 876 -12.75 66.89 -17.13
N TYR A 877 -11.52 67.07 -17.61
CA TYR A 877 -10.32 66.95 -16.79
C TYR A 877 -9.43 68.17 -16.95
N PHE A 878 -8.68 68.51 -15.88
CA PHE A 878 -7.70 69.58 -15.95
C PHE A 878 -6.41 68.96 -16.52
N PHE A 879 -5.38 69.78 -16.81
CA PHE A 879 -4.09 69.33 -17.35
C PHE A 879 -3.41 68.23 -16.50
N ASN A 880 -3.56 68.32 -15.16
CA ASN A 880 -3.00 67.40 -14.17
C ASN A 880 -3.82 66.12 -13.95
N GLY A 881 -4.87 65.92 -14.76
CA GLY A 881 -5.73 64.75 -14.70
C GLY A 881 -6.81 64.78 -13.63
N ARG A 882 -6.93 65.90 -12.89
CA ARG A 882 -7.95 66.08 -11.87
C ARG A 882 -9.29 66.36 -12.54
N LEU A 883 -10.38 65.84 -11.97
CA LEU A 883 -11.74 66.02 -12.47
C LEU A 883 -12.11 67.50 -12.45
N ALA A 884 -12.45 68.06 -13.63
CA ALA A 884 -12.81 69.48 -13.80
C ALA A 884 -14.31 69.73 -13.75
N GLY A 885 -15.08 68.91 -14.46
CA GLY A 885 -16.52 69.00 -14.55
C GLY A 885 -17.22 67.69 -14.82
N LEU A 886 -18.55 67.66 -14.62
CA LEU A 886 -19.41 66.49 -14.83
C LEU A 886 -20.69 66.94 -15.53
N GLN A 887 -21.23 66.08 -16.41
CA GLN A 887 -22.47 66.38 -17.13
C GLN A 887 -23.30 65.13 -17.37
N ARG A 888 -24.62 65.26 -17.15
CA ARG A 888 -25.63 64.24 -17.38
C ARG A 888 -26.81 64.97 -18.00
N GLY A 889 -26.87 64.94 -19.32
CA GLY A 889 -27.90 65.63 -20.11
C GLY A 889 -27.84 67.13 -19.95
N ALA A 890 -28.91 67.71 -19.37
CA ALA A 890 -29.05 69.15 -19.12
C ALA A 890 -28.40 69.60 -17.80
N MET A 891 -28.06 68.63 -16.93
CA MET A 891 -27.45 68.86 -15.63
C MET A 891 -25.92 68.85 -15.72
N SER A 892 -25.25 69.92 -15.21
CA SER A 892 -23.79 70.03 -15.21
C SER A 892 -23.23 70.83 -14.01
N GLU A 893 -22.02 70.48 -13.57
CA GLU A 893 -21.29 71.12 -12.47
C GLU A 893 -19.80 71.16 -12.84
N ARG A 894 -19.28 72.37 -13.12
CA ARG A 894 -17.88 72.61 -13.51
C ARG A 894 -17.13 73.41 -12.44
N THR A 895 -15.79 73.32 -12.46
CA THR A 895 -14.91 74.06 -11.54
C THR A 895 -13.72 74.67 -12.29
N ASP A 896 -13.13 75.73 -11.72
CA ASP A 896 -11.93 76.39 -12.23
C ASP A 896 -10.88 76.34 -11.14
N ILE A 897 -9.60 76.15 -11.50
CA ILE A 897 -8.52 76.06 -10.50
C ILE A 897 -7.46 77.16 -10.63
N ASP A 898 -6.71 77.34 -9.53
CA ASP A 898 -5.59 78.25 -9.34
C ASP A 898 -4.34 77.67 -10.02
N LYS A 899 -3.22 78.42 -9.96
CA LYS A 899 -1.91 77.93 -10.44
C LYS A 899 -1.41 76.93 -9.37
N GLN A 900 -1.95 77.07 -8.13
CA GLN A 900 -1.68 76.25 -6.95
C GLN A 900 -2.60 75.00 -6.88
N GLY A 901 -3.52 74.88 -7.83
CA GLY A 901 -4.44 73.76 -7.93
C GLY A 901 -5.67 73.84 -7.03
N ARG A 902 -5.91 75.01 -6.42
CA ARG A 902 -7.04 75.26 -5.53
C ARG A 902 -8.25 75.73 -6.34
N ILE A 903 -9.46 75.23 -6.01
CA ILE A 903 -10.71 75.61 -6.68
C ILE A 903 -11.00 77.08 -6.39
N ILE A 904 -11.19 77.87 -7.46
CA ILE A 904 -11.45 79.32 -7.37
C ILE A 904 -12.90 79.66 -7.78
N SER A 905 -13.53 78.78 -8.57
CA SER A 905 -14.91 78.95 -9.05
C SER A 905 -15.63 77.62 -9.19
N ARG A 906 -16.98 77.65 -9.09
CA ARG A 906 -17.87 76.50 -9.25
C ARG A 906 -19.09 76.96 -10.05
N MET A 907 -19.22 76.47 -11.30
CA MET A 907 -20.30 76.83 -12.23
C MET A 907 -21.35 75.73 -12.38
N PHE A 908 -22.64 76.11 -12.29
CA PHE A 908 -23.78 75.21 -12.45
C PHE A 908 -24.51 75.50 -13.77
N ALA A 909 -25.26 74.52 -14.32
CA ALA A 909 -25.98 74.67 -15.60
C ALA A 909 -27.08 75.74 -15.59
N ASP A 910 -27.62 76.08 -14.41
CA ASP A 910 -28.64 77.12 -14.27
C ASP A 910 -28.07 78.54 -14.19
N GLY A 911 -26.74 78.65 -14.31
CA GLY A 911 -26.02 79.92 -14.28
C GLY A 911 -25.48 80.34 -12.93
N LYS A 912 -25.72 79.52 -11.88
CA LYS A 912 -25.26 79.79 -10.51
C LYS A 912 -23.74 79.63 -10.42
N VAL A 913 -23.06 80.65 -9.88
CA VAL A 913 -21.59 80.67 -9.74
C VAL A 913 -21.17 80.97 -8.30
N TRP A 914 -20.30 80.11 -7.71
CA TRP A 914 -19.72 80.28 -6.38
C TRP A 914 -18.26 80.69 -6.56
N SER A 915 -17.79 81.69 -5.80
CA SER A 915 -16.40 82.12 -5.87
C SER A 915 -15.65 81.69 -4.61
N TYR A 916 -14.38 81.26 -4.77
CA TYR A 916 -13.52 80.83 -3.68
C TYR A 916 -12.27 81.73 -3.66
N THR A 917 -12.08 82.52 -2.58
CA THR A 917 -10.93 83.42 -2.44
C THR A 917 -10.04 82.96 -1.27
N TYR A 918 -8.72 82.90 -1.50
CA TYR A 918 -7.74 82.46 -0.49
C TYR A 918 -6.89 83.62 -0.01
N LEU A 919 -6.89 83.87 1.33
CA LEU A 919 -6.15 84.96 1.98
C LEU A 919 -5.65 84.52 3.36
N GLU A 920 -4.33 84.24 3.49
CA GLU A 920 -3.64 83.84 4.73
C GLU A 920 -4.38 82.75 5.55
N LYS A 921 -4.24 81.46 5.13
CA LYS A 921 -4.85 80.27 5.75
C LYS A 921 -6.40 80.28 5.74
N SER A 922 -7.02 81.39 5.31
CA SER A 922 -8.47 81.56 5.26
C SER A 922 -9.00 81.51 3.83
N MET A 923 -10.18 80.90 3.67
CA MET A 923 -10.88 80.80 2.39
C MET A 923 -12.28 81.41 2.56
N VAL A 924 -12.63 82.33 1.65
CA VAL A 924 -13.90 83.04 1.61
C VAL A 924 -14.72 82.49 0.44
N LEU A 925 -15.89 81.89 0.76
CA LEU A 925 -16.83 81.35 -0.22
C LEU A 925 -18.01 82.32 -0.35
N LEU A 926 -18.14 82.93 -1.53
CA LEU A 926 -19.18 83.91 -1.82
C LEU A 926 -20.15 83.43 -2.89
N LEU A 927 -21.46 83.57 -2.62
CA LEU A 927 -22.53 83.20 -3.54
C LEU A 927 -23.04 84.49 -4.20
N GLN A 928 -23.77 84.36 -5.33
CA GLN A 928 -24.32 85.51 -6.08
C GLN A 928 -25.35 86.33 -5.29
N SER A 929 -25.96 85.73 -4.25
CA SER A 929 -26.91 86.39 -3.35
C SER A 929 -26.16 87.24 -2.30
N GLN A 930 -24.82 87.25 -2.39
CA GLN A 930 -23.83 87.94 -1.54
C GLN A 930 -23.76 87.32 -0.13
N ARG A 931 -24.12 86.03 -0.02
CA ARG A 931 -24.01 85.25 1.21
C ARG A 931 -22.56 84.78 1.26
N GLN A 932 -21.87 85.08 2.38
CA GLN A 932 -20.44 84.82 2.55
C GLN A 932 -20.11 83.89 3.73
N TYR A 933 -19.31 82.85 3.45
CA TYR A 933 -18.84 81.88 4.44
C TYR A 933 -17.31 81.92 4.49
N ILE A 934 -16.74 82.17 5.68
CA ILE A 934 -15.30 82.23 5.90
C ILE A 934 -14.85 80.98 6.65
N PHE A 935 -13.90 80.24 6.07
CA PHE A 935 -13.35 79.02 6.64
C PHE A 935 -11.87 79.29 6.94
N GLU A 936 -11.51 79.28 8.23
CA GLU A 936 -10.15 79.53 8.71
C GLU A 936 -9.47 78.19 8.99
N TYR A 937 -8.31 77.94 8.36
CA TYR A 937 -7.59 76.67 8.49
C TYR A 937 -6.25 76.74 9.23
N ASP A 938 -5.74 75.54 9.52
CA ASP A 938 -4.45 75.15 10.12
C ASP A 938 -3.46 75.12 8.95
N SER A 939 -2.18 74.87 9.24
CA SER A 939 -1.17 74.67 8.21
C SER A 939 -1.45 73.28 7.59
N SER A 940 -2.09 72.39 8.37
CA SER A 940 -2.49 71.02 8.03
C SER A 940 -3.87 70.92 7.35
N ASP A 941 -4.43 72.07 6.93
CA ASP A 941 -5.74 72.21 6.26
C ASP A 941 -6.92 71.67 7.11
N ARG A 942 -6.84 71.90 8.44
CA ARG A 942 -7.86 71.51 9.42
C ARG A 942 -8.46 72.80 9.99
N LEU A 943 -9.80 72.85 10.09
CA LEU A 943 -10.53 74.03 10.55
C LEU A 943 -10.22 74.51 11.96
N HIS A 944 -10.07 75.84 12.08
N HIS A 944 -10.09 75.84 12.12
CA HIS A 944 -9.79 76.61 13.28
CA HIS A 944 -9.90 76.46 13.43
C HIS A 944 -11.08 77.31 13.71
C HIS A 944 -11.09 77.36 13.75
N ALA A 945 -11.82 77.84 12.71
CA ALA A 945 -13.05 78.64 12.82
C ALA A 945 -13.84 78.68 11.51
N VAL A 946 -15.16 78.95 11.62
CA VAL A 946 -16.09 79.13 10.49
C VAL A 946 -16.99 80.32 10.82
N THR A 947 -16.93 81.37 9.97
CA THR A 947 -17.76 82.57 10.11
C THR A 947 -18.89 82.49 9.08
N MET A 948 -20.14 82.57 9.58
CA MET A 948 -21.38 82.47 8.80
C MET A 948 -21.76 83.83 8.19
N PRO A 949 -22.68 83.89 7.18
CA PRO A 949 -23.12 85.20 6.67
C PRO A 949 -23.71 86.15 7.74
N SER A 950 -24.23 85.60 8.87
CA SER A 950 -24.77 86.39 10.00
C SER A 950 -23.65 87.09 10.78
N VAL A 951 -22.38 86.78 10.42
CA VAL A 951 -21.11 87.27 10.99
C VAL A 951 -20.83 86.55 12.35
N ALA A 952 -21.56 85.44 12.61
CA ALA A 952 -21.37 84.61 13.80
C ALA A 952 -20.21 83.64 13.53
N ARG A 953 -19.24 83.61 14.46
CA ARG A 953 -18.02 82.80 14.37
C ARG A 953 -18.08 81.55 15.26
N HIS A 954 -18.03 80.39 14.61
CA HIS A 954 -18.00 79.07 15.24
C HIS A 954 -16.52 78.71 15.33
N SER A 955 -16.07 78.12 16.45
CA SER A 955 -14.67 77.75 16.62
C SER A 955 -14.48 76.28 16.95
N MET A 956 -13.39 75.67 16.43
CA MET A 956 -13.09 74.25 16.63
C MET A 956 -11.61 74.02 16.94
N SER A 957 -11.31 72.91 17.64
CA SER A 957 -9.96 72.48 17.99
C SER A 957 -9.91 70.97 18.27
N THR A 958 -8.71 70.40 18.12
CA THR A 958 -8.42 68.99 18.36
C THR A 958 -7.17 68.92 19.24
N HIS A 959 -7.15 68.02 20.23
CA HIS A 959 -5.97 67.83 21.07
C HIS A 959 -5.81 66.39 21.53
N THR A 960 -4.55 65.98 21.71
CA THR A 960 -4.17 64.67 22.20
C THR A 960 -4.43 64.70 23.71
N SER A 961 -5.18 63.72 24.21
CA SER A 961 -5.53 63.60 25.62
C SER A 961 -4.90 62.30 26.19
N VAL A 962 -5.30 61.88 27.40
CA VAL A 962 -4.78 60.64 28.00
C VAL A 962 -5.69 59.47 27.63
N GLY A 963 -5.23 58.68 26.66
CA GLY A 963 -5.92 57.49 26.16
C GLY A 963 -6.79 57.69 24.93
N TYR A 964 -6.93 58.96 24.46
CA TYR A 964 -7.77 59.33 23.31
C TYR A 964 -7.39 60.70 22.72
N ILE A 965 -8.07 61.09 21.62
CA ILE A 965 -7.91 62.36 20.93
C ILE A 965 -9.25 63.08 21.11
N ARG A 966 -9.23 64.30 21.67
CA ARG A 966 -10.43 65.10 21.94
C ARG A 966 -10.68 66.12 20.83
N ASN A 967 -11.91 66.16 20.29
CA ASN A 967 -12.34 67.08 19.24
C ASN A 967 -13.42 67.99 19.82
N ILE A 968 -13.11 69.30 19.95
CA ILE A 968 -14.04 70.28 20.54
C ILE A 968 -14.62 71.24 19.50
N TYR A 969 -15.95 71.38 19.51
CA TYR A 969 -16.65 72.36 18.70
C TYR A 969 -17.33 73.33 19.68
N ASN A 970 -17.06 74.63 19.51
CA ASN A 970 -17.64 75.69 20.33
C ASN A 970 -18.61 76.55 19.51
N PRO A 971 -19.90 76.59 19.91
CA PRO A 971 -20.88 77.43 19.18
C PRO A 971 -20.57 78.94 19.30
N PRO A 972 -21.14 79.83 18.45
CA PRO A 972 -20.86 81.28 18.58
C PRO A 972 -21.19 81.86 19.95
N GLU A 973 -20.22 82.59 20.55
CA GLU A 973 -20.30 83.26 21.86
C GLU A 973 -20.84 82.32 22.97
N SER A 974 -20.38 81.06 22.98
CA SER A 974 -20.84 80.05 23.92
C SER A 974 -19.72 79.14 24.41
N ASN A 975 -19.88 78.60 25.64
CA ASN A 975 -18.97 77.68 26.29
C ASN A 975 -19.53 76.25 26.27
N ALA A 976 -20.73 76.09 25.67
CA ALA A 976 -21.46 74.81 25.53
C ALA A 976 -20.82 73.94 24.44
N SER A 977 -19.62 73.42 24.76
CA SER A 977 -18.79 72.59 23.89
C SER A 977 -19.42 71.25 23.53
N VAL A 978 -19.23 70.85 22.26
CA VAL A 978 -19.67 69.57 21.69
C VAL A 978 -18.36 68.82 21.45
N ILE A 979 -18.18 67.68 22.14
CA ILE A 979 -16.95 66.91 22.09
C ILE A 979 -17.13 65.49 21.55
N PHE A 980 -16.22 65.07 20.66
CA PHE A 980 -16.15 63.73 20.10
C PHE A 980 -14.76 63.18 20.42
N ASP A 981 -14.68 62.21 21.37
CA ASP A 981 -13.43 61.58 21.80
C ASP A 981 -13.20 60.29 21.01
N TYR A 982 -12.05 60.20 20.32
CA TYR A 982 -11.70 59.05 19.49
C TYR A 982 -10.42 58.36 19.95
N SER A 983 -10.38 57.03 19.79
CA SER A 983 -9.19 56.23 20.10
C SER A 983 -8.17 56.38 18.96
N ASP A 984 -6.95 55.90 19.17
CA ASP A 984 -5.84 55.96 18.20
C ASP A 984 -6.15 55.26 16.87
N ASP A 985 -7.03 54.25 16.88
CA ASP A 985 -7.45 53.49 15.69
C ASP A 985 -8.67 54.13 14.97
N GLY A 986 -9.17 55.25 15.50
CA GLY A 986 -10.28 56.00 14.92
C GLY A 986 -11.68 55.57 15.31
N ARG A 987 -11.83 54.88 16.46
CA ARG A 987 -13.12 54.43 16.98
C ARG A 987 -13.64 55.42 18.02
N ILE A 988 -14.94 55.74 17.98
CA ILE A 988 -15.60 56.67 18.91
C ILE A 988 -15.62 56.08 20.34
N LEU A 989 -15.24 56.89 21.34
CA LEU A 989 -15.19 56.48 22.74
C LEU A 989 -16.20 57.23 23.60
N LYS A 990 -16.39 58.54 23.34
CA LYS A 990 -17.31 59.40 24.07
C LYS A 990 -17.80 60.57 23.23
N THR A 991 -19.10 60.89 23.37
CA THR A 991 -19.80 62.03 22.77
C THR A 991 -20.29 62.85 23.96
N SER A 992 -19.83 64.12 24.08
CA SER A 992 -20.20 64.99 25.20
C SER A 992 -20.78 66.33 24.74
N PHE A 993 -21.84 66.77 25.43
CA PHE A 993 -22.52 68.05 25.21
C PHE A 993 -22.44 68.78 26.54
N LEU A 994 -21.42 69.64 26.67
CA LEU A 994 -21.08 70.38 27.89
C LEU A 994 -22.12 71.44 28.31
N GLY A 995 -23.07 71.76 27.43
CA GLY A 995 -24.13 72.72 27.69
C GLY A 995 -25.07 72.29 28.81
N THR A 996 -25.59 71.05 28.75
CA THR A 996 -26.48 70.51 29.78
C THR A 996 -25.85 69.31 30.51
N GLY A 997 -24.79 68.73 29.93
CA GLY A 997 -24.07 67.61 30.52
C GLY A 997 -24.39 66.25 29.92
N ARG A 998 -24.94 66.23 28.68
CA ARG A 998 -25.28 65.00 27.95
C ARG A 998 -24.01 64.23 27.58
N GLN A 999 -23.97 62.92 27.88
CA GLN A 999 -22.82 62.06 27.60
C GLN A 999 -23.22 60.67 27.10
N VAL A 1000 -22.53 60.19 26.05
CA VAL A 1000 -22.70 58.84 25.49
C VAL A 1000 -21.31 58.18 25.51
N PHE A 1001 -21.17 57.07 26.24
CA PHE A 1001 -19.92 56.32 26.38
C PHE A 1001 -19.96 55.05 25.53
N TYR A 1002 -18.89 54.79 24.76
CA TYR A 1002 -18.77 53.60 23.90
C TYR A 1002 -17.61 52.74 24.37
N LYS A 1003 -17.89 51.48 24.72
CA LYS A 1003 -16.90 50.51 25.21
C LYS A 1003 -16.73 49.35 24.23
N TYR A 1004 -15.48 48.84 24.11
CA TYR A 1004 -15.12 47.74 23.20
C TYR A 1004 -14.56 46.55 23.96
N GLY A 1005 -15.04 45.35 23.64
CA GLY A 1005 -14.69 44.11 24.30
C GLY A 1005 -13.49 43.35 23.79
N LYS A 1006 -13.36 42.08 24.25
CA LYS A 1006 -12.27 41.14 23.93
C LYS A 1006 -12.13 40.80 22.44
N LEU A 1007 -13.22 40.97 21.65
CA LEU A 1007 -13.22 40.68 20.21
C LEU A 1007 -12.97 41.95 19.37
N SER A 1008 -12.59 43.07 20.04
CA SER A 1008 -12.35 44.40 19.48
C SER A 1008 -13.62 45.01 18.82
N LYS A 1009 -14.79 44.49 19.22
CA LYS A 1009 -16.12 44.91 18.76
C LYS A 1009 -16.83 45.66 19.90
N LEU A 1010 -17.82 46.50 19.55
CA LEU A 1010 -18.64 47.28 20.48
C LEU A 1010 -19.29 46.34 21.51
N SER A 1011 -19.02 46.57 22.80
CA SER A 1011 -19.53 45.73 23.88
C SER A 1011 -20.56 46.42 24.78
N GLU A 1012 -20.42 47.75 24.98
CA GLU A 1012 -21.32 48.53 25.83
C GLU A 1012 -21.49 49.98 25.39
N ILE A 1013 -22.73 50.50 25.55
CA ILE A 1013 -23.11 51.89 25.32
C ILE A 1013 -23.80 52.36 26.59
N VAL A 1014 -23.25 53.42 27.24
CA VAL A 1014 -23.80 53.97 28.48
C VAL A 1014 -24.14 55.46 28.31
N TYR A 1015 -25.40 55.82 28.61
CA TYR A 1015 -25.92 57.18 28.57
C TYR A 1015 -26.98 57.34 29.66
N ASP A 1016 -26.91 58.43 30.44
CA ASP A 1016 -27.82 58.75 31.55
C ASP A 1016 -27.83 57.61 32.59
N SER A 1017 -28.98 56.96 32.78
CA SER A 1017 -29.17 55.83 33.69
C SER A 1017 -29.37 54.51 32.90
N THR A 1018 -29.10 54.56 31.57
CA THR A 1018 -29.24 53.44 30.63
C THR A 1018 -27.90 52.79 30.30
N ALA A 1019 -27.89 51.44 30.26
CA ALA A 1019 -26.73 50.64 29.89
C ALA A 1019 -27.18 49.64 28.81
N VAL A 1020 -26.50 49.66 27.65
CA VAL A 1020 -26.77 48.80 26.50
C VAL A 1020 -25.61 47.81 26.35
N THR A 1021 -25.89 46.51 26.43
CA THR A 1021 -24.85 45.48 26.32
C THR A 1021 -24.96 44.67 25.03
N PHE A 1022 -23.80 44.42 24.39
CA PHE A 1022 -23.69 43.64 23.16
C PHE A 1022 -22.99 42.33 23.45
N GLY A 1023 -23.75 41.25 23.40
CA GLY A 1023 -23.27 39.90 23.66
C GLY A 1023 -22.90 39.17 22.39
N TYR A 1024 -21.72 38.54 22.41
CA TYR A 1024 -21.19 37.78 21.28
C TYR A 1024 -20.99 36.34 21.67
N ASP A 1025 -21.19 35.39 20.74
CA ASP A 1025 -21.01 33.96 21.01
C ASP A 1025 -19.53 33.65 21.26
N GLU A 1026 -19.26 32.97 22.38
CA GLU A 1026 -17.91 32.60 22.86
C GLU A 1026 -17.05 31.85 21.84
N THR A 1027 -17.67 31.07 20.94
CA THR A 1027 -16.97 30.27 19.93
C THR A 1027 -16.99 30.90 18.52
N THR A 1028 -18.18 31.26 18.01
CA THR A 1028 -18.36 31.80 16.65
C THR A 1028 -18.02 33.30 16.50
N GLY A 1029 -18.07 34.04 17.61
CA GLY A 1029 -17.78 35.47 17.61
C GLY A 1029 -18.85 36.36 17.01
N VAL A 1030 -20.00 35.77 16.61
CA VAL A 1030 -21.13 36.51 16.03
C VAL A 1030 -21.94 37.22 17.10
N LEU A 1031 -22.59 38.35 16.74
CA LEU A 1031 -23.44 39.11 17.65
C LEU A 1031 -24.69 38.29 17.97
N LYS A 1032 -24.77 37.85 19.22
CA LYS A 1032 -25.85 37.01 19.72
C LYS A 1032 -26.96 37.79 20.40
N MET A 1033 -26.61 38.84 21.18
CA MET A 1033 -27.57 39.62 21.95
C MET A 1033 -27.27 41.13 21.98
N VAL A 1034 -28.33 41.95 22.04
CA VAL A 1034 -28.31 43.40 22.20
C VAL A 1034 -29.35 43.71 23.28
N ASN A 1035 -28.90 44.06 24.50
CA ASN A 1035 -29.81 44.32 25.62
C ASN A 1035 -29.71 45.73 26.19
N LEU A 1036 -30.82 46.48 26.12
CA LEU A 1036 -30.95 47.83 26.68
C LEU A 1036 -31.57 47.69 28.07
N GLN A 1037 -30.92 48.27 29.09
CA GLN A 1037 -31.39 48.23 30.48
C GLN A 1037 -31.46 49.64 31.08
N SER A 1038 -32.69 50.11 31.35
CA SER A 1038 -32.94 51.42 31.95
C SER A 1038 -33.81 51.24 33.20
N GLY A 1039 -33.17 50.85 34.29
CA GLY A 1039 -33.83 50.58 35.57
C GLY A 1039 -34.61 49.28 35.52
N GLY A 1040 -35.93 49.40 35.61
CA GLY A 1040 -36.85 48.28 35.54
C GLY A 1040 -37.04 47.75 34.14
N PHE A 1041 -37.11 48.68 33.16
CA PHE A 1041 -37.30 48.38 31.74
C PHE A 1041 -36.09 47.66 31.14
N SER A 1042 -36.37 46.60 30.38
CA SER A 1042 -35.37 45.78 29.69
C SER A 1042 -35.86 45.42 28.30
N CYS A 1043 -35.08 45.76 27.27
CA CYS A 1043 -35.38 45.46 25.87
C CYS A 1043 -34.24 44.63 25.31
N THR A 1044 -34.52 43.36 24.98
CA THR A 1044 -33.51 42.43 24.48
C THR A 1044 -33.80 41.97 23.05
N ILE A 1045 -32.77 42.06 22.17
CA ILE A 1045 -32.83 41.57 20.80
C ILE A 1045 -31.82 40.43 20.71
N ARG A 1046 -32.29 39.23 20.31
CA ARG A 1046 -31.43 38.05 20.19
C ARG A 1046 -31.40 37.52 18.78
N TYR A 1047 -30.20 37.09 18.32
CA TYR A 1047 -30.00 36.57 16.97
C TYR A 1047 -29.41 35.18 16.96
N ARG A 1048 -29.80 34.39 15.94
CA ARG A 1048 -29.25 33.07 15.64
C ARG A 1048 -28.74 33.22 14.21
N LYS A 1049 -27.53 32.74 13.92
CA LYS A 1049 -26.94 32.91 12.60
C LYS A 1049 -26.45 31.64 11.93
N ILE A 1050 -26.54 31.61 10.58
CA ILE A 1050 -26.04 30.57 9.69
C ILE A 1050 -24.83 31.26 9.06
N GLY A 1051 -23.67 31.06 9.68
CA GLY A 1051 -22.43 31.74 9.30
C GLY A 1051 -22.58 33.21 9.65
N PRO A 1052 -22.47 34.14 8.67
CA PRO A 1052 -22.69 35.56 8.98
C PRO A 1052 -24.14 36.04 8.76
N LEU A 1053 -25.04 35.16 8.29
CA LEU A 1053 -26.44 35.47 7.96
C LEU A 1053 -27.43 35.19 9.08
N VAL A 1054 -28.34 36.15 9.38
CA VAL A 1054 -29.38 36.03 10.40
C VAL A 1054 -30.50 35.09 9.91
N ASP A 1055 -30.82 34.05 10.70
CA ASP A 1055 -31.90 33.11 10.39
C ASP A 1055 -33.04 33.18 11.42
N LYS A 1056 -32.82 33.94 12.52
CA LYS A 1056 -33.78 34.13 13.62
C LYS A 1056 -33.50 35.45 14.35
N GLN A 1057 -34.56 36.23 14.60
CA GLN A 1057 -34.52 37.51 15.32
C GLN A 1057 -35.65 37.52 16.36
N ILE A 1058 -35.28 37.63 17.65
CA ILE A 1058 -36.21 37.63 18.79
C ILE A 1058 -36.20 38.99 19.50
N TYR A 1059 -37.39 39.50 19.84
CA TYR A 1059 -37.59 40.75 20.59
C TYR A 1059 -38.23 40.36 21.93
N ARG A 1060 -37.58 40.71 23.05
CA ARG A 1060 -38.09 40.40 24.39
C ARG A 1060 -38.10 41.62 25.30
N PHE A 1061 -39.20 41.79 26.05
CA PHE A 1061 -39.42 42.93 26.94
C PHE A 1061 -39.76 42.50 28.37
N SER A 1062 -39.29 43.29 29.37
CA SER A 1062 -39.55 43.04 30.79
C SER A 1062 -40.87 43.64 31.27
N GLU A 1063 -41.41 44.65 30.52
CA GLU A 1063 -42.67 45.35 30.82
C GLU A 1063 -43.88 44.42 30.85
N GLU A 1064 -44.86 44.76 31.70
CA GLU A 1064 -46.11 44.02 31.91
C GLU A 1064 -46.99 43.88 30.67
N GLY A 1065 -47.36 45.02 30.06
CA GLY A 1065 -48.25 45.05 28.91
C GLY A 1065 -47.63 44.78 27.55
N MET A 1066 -46.31 45.02 27.41
CA MET A 1066 -45.58 44.86 26.15
C MET A 1066 -45.51 43.42 25.65
N VAL A 1067 -45.71 43.26 24.33
CA VAL A 1067 -45.70 41.97 23.65
C VAL A 1067 -44.34 41.66 23.00
N ASN A 1068 -43.96 40.37 22.97
CA ASN A 1068 -42.70 39.90 22.38
C ASN A 1068 -42.90 39.53 20.91
N ALA A 1069 -41.78 39.44 20.15
CA ALA A 1069 -41.80 39.09 18.73
C ALA A 1069 -40.69 38.11 18.34
N ARG A 1070 -40.95 37.33 17.28
CA ARG A 1070 -40.04 36.34 16.72
C ARG A 1070 -40.14 36.37 15.20
N PHE A 1071 -38.99 36.38 14.51
CA PHE A 1071 -38.94 36.38 13.04
C PHE A 1071 -37.98 35.29 12.59
N ASP A 1072 -38.50 34.28 11.88
CA ASP A 1072 -37.73 33.16 11.35
C ASP A 1072 -37.45 33.40 9.88
N TYR A 1073 -36.18 33.23 9.47
CA TYR A 1073 -35.72 33.44 8.11
C TYR A 1073 -35.14 32.16 7.52
N THR A 1074 -35.40 31.93 6.23
CA THR A 1074 -34.84 30.80 5.47
C THR A 1074 -34.14 31.40 4.26
N TYR A 1075 -33.11 30.72 3.76
CA TYR A 1075 -32.35 31.18 2.60
C TYR A 1075 -32.50 30.25 1.42
N HIS A 1076 -32.48 30.78 0.19
CA HIS A 1076 -32.58 29.99 -1.03
C HIS A 1076 -31.37 29.07 -1.15
N ASP A 1077 -31.59 27.85 -1.68
CA ASP A 1077 -30.55 26.85 -1.86
C ASP A 1077 -29.39 27.38 -2.68
N ASN A 1078 -28.15 27.13 -2.19
CA ASN A 1078 -26.88 27.52 -2.81
C ASN A 1078 -26.76 29.04 -3.05
N SER A 1079 -27.25 29.85 -2.09
CA SER A 1079 -27.21 31.32 -2.15
C SER A 1079 -27.27 31.99 -0.78
N PHE A 1080 -27.14 33.33 -0.77
CA PHE A 1080 -27.20 34.20 0.40
C PHE A 1080 -28.52 35.00 0.37
N ARG A 1081 -29.44 34.65 -0.56
CA ARG A 1081 -30.75 35.27 -0.76
C ARG A 1081 -31.78 34.80 0.25
N ILE A 1082 -32.51 35.74 0.89
CA ILE A 1082 -33.57 35.45 1.85
C ILE A 1082 -34.78 34.90 1.06
N ALA A 1083 -35.22 33.68 1.38
CA ALA A 1083 -36.34 33.03 0.69
C ALA A 1083 -37.68 33.25 1.39
N SER A 1084 -37.69 33.32 2.73
CA SER A 1084 -38.91 33.52 3.52
C SER A 1084 -38.69 34.24 4.85
N ILE A 1085 -39.75 34.91 5.34
CA ILE A 1085 -39.81 35.60 6.63
C ILE A 1085 -41.11 35.13 7.29
N LYS A 1086 -41.01 34.50 8.47
CA LYS A 1086 -42.18 34.03 9.20
C LYS A 1086 -42.28 34.73 10.56
N PRO A 1087 -43.23 35.69 10.70
CA PRO A 1087 -43.36 36.41 11.97
C PRO A 1087 -44.31 35.76 12.99
N ILE A 1088 -44.01 35.95 14.29
CA ILE A 1088 -44.80 35.50 15.44
C ILE A 1088 -44.79 36.64 16.48
N ILE A 1089 -45.86 37.47 16.49
CA ILE A 1089 -46.01 38.59 17.42
C ILE A 1089 -47.07 38.21 18.45
N SER A 1090 -46.76 38.38 19.76
CA SER A 1090 -47.63 38.08 20.91
C SER A 1090 -48.16 36.63 20.89
N GLU A 1091 -47.27 35.67 20.53
CA GLU A 1091 -47.54 34.22 20.40
C GLU A 1091 -48.66 33.92 19.36
N THR A 1092 -48.85 34.83 18.40
CA THR A 1092 -49.82 34.72 17.31
C THR A 1092 -49.05 34.60 15.98
N PRO A 1093 -48.97 33.39 15.37
CA PRO A 1093 -48.24 33.26 14.10
C PRO A 1093 -48.92 34.00 12.94
N LEU A 1094 -48.12 34.70 12.14
CA LEU A 1094 -48.59 35.47 10.99
C LEU A 1094 -48.22 34.75 9.68
N PRO A 1095 -48.88 35.03 8.53
CA PRO A 1095 -48.52 34.33 7.28
C PRO A 1095 -47.09 34.57 6.82
N VAL A 1096 -46.46 33.53 6.25
CA VAL A 1096 -45.10 33.57 5.73
C VAL A 1096 -45.04 34.43 4.45
N ASP A 1097 -43.98 35.24 4.31
CA ASP A 1097 -43.78 36.08 3.13
C ASP A 1097 -42.65 35.47 2.31
N LEU A 1098 -42.97 34.99 1.10
CA LEU A 1098 -42.00 34.36 0.21
C LEU A 1098 -41.35 35.37 -0.72
N TYR A 1099 -40.05 35.19 -0.98
CA TYR A 1099 -39.25 36.07 -1.84
C TYR A 1099 -38.67 35.28 -3.00
N ARG A 1100 -38.95 35.73 -4.24
CA ARG A 1100 -38.45 35.12 -5.46
C ARG A 1100 -37.56 36.11 -6.20
N TYR A 1101 -36.44 35.63 -6.76
CA TYR A 1101 -35.46 36.48 -7.44
C TYR A 1101 -35.04 35.95 -8.80
N ASP A 1102 -34.48 36.83 -9.63
CA ASP A 1102 -33.89 36.45 -10.91
C ASP A 1102 -32.44 36.08 -10.57
N GLU A 1103 -32.05 34.83 -10.87
CA GLU A 1103 -30.72 34.28 -10.54
C GLU A 1103 -29.56 34.92 -11.32
N ILE A 1104 -29.85 35.64 -12.42
CA ILE A 1104 -28.86 36.28 -13.29
C ILE A 1104 -28.58 37.75 -12.88
N SER A 1105 -29.59 38.44 -12.33
CA SER A 1105 -29.49 39.86 -11.96
C SER A 1105 -29.65 40.18 -10.47
N GLY A 1106 -30.36 39.32 -9.73
CA GLY A 1106 -30.63 39.53 -8.32
C GLY A 1106 -31.90 40.34 -8.07
N LYS A 1107 -32.65 40.64 -9.16
CA LYS A 1107 -33.90 41.40 -9.15
C LYS A 1107 -34.97 40.66 -8.35
N VAL A 1108 -35.69 41.38 -7.47
CA VAL A 1108 -36.80 40.79 -6.68
C VAL A 1108 -37.99 40.67 -7.63
N GLU A 1109 -38.38 39.43 -7.96
CA GLU A 1109 -39.49 39.14 -8.88
C GLU A 1109 -40.83 38.97 -8.14
N HIS A 1110 -40.78 38.58 -6.86
CA HIS A 1110 -41.96 38.37 -6.02
C HIS A 1110 -41.62 38.57 -4.55
N PHE A 1111 -42.47 39.32 -3.83
CA PHE A 1111 -42.34 39.57 -2.40
C PHE A 1111 -43.73 39.58 -1.76
N GLY A 1112 -43.95 38.65 -0.83
CA GLY A 1112 -45.24 38.47 -0.16
C GLY A 1112 -46.28 38.00 -1.15
N LYS A 1113 -47.25 38.87 -1.46
CA LYS A 1113 -48.33 38.61 -2.43
C LYS A 1113 -48.12 39.42 -3.73
N PHE A 1114 -47.08 40.27 -3.74
CA PHE A 1114 -46.74 41.19 -4.83
C PHE A 1114 -45.71 40.65 -5.80
N GLY A 1115 -45.98 40.84 -7.09
CA GLY A 1115 -45.10 40.45 -8.19
C GLY A 1115 -44.49 41.67 -8.83
N VAL A 1116 -43.20 41.59 -9.24
CA VAL A 1116 -42.50 42.72 -9.85
C VAL A 1116 -42.08 42.44 -11.29
N ILE A 1117 -42.38 43.38 -12.20
CA ILE A 1117 -42.03 43.33 -13.61
C ILE A 1117 -41.05 44.48 -13.91
N TYR A 1118 -39.96 44.17 -14.61
CA TYR A 1118 -38.94 45.15 -14.97
C TYR A 1118 -38.84 45.31 -16.49
N TYR A 1119 -38.89 46.57 -16.95
CA TYR A 1119 -38.73 46.95 -18.34
C TYR A 1119 -37.92 48.24 -18.35
N ASP A 1120 -36.71 48.19 -18.94
CA ASP A 1120 -35.72 49.28 -18.97
C ASP A 1120 -35.34 49.60 -17.50
N ILE A 1121 -35.64 50.83 -17.02
CA ILE A 1121 -35.38 51.21 -15.62
C ILE A 1121 -36.72 51.40 -14.86
N ASN A 1122 -37.87 51.20 -15.56
CA ASN A 1122 -39.22 51.31 -15.00
C ASN A 1122 -39.67 50.02 -14.32
N GLN A 1123 -40.55 50.13 -13.29
CA GLN A 1123 -41.03 48.98 -12.51
C GLN A 1123 -42.56 48.93 -12.37
N ILE A 1124 -43.12 47.71 -12.32
CA ILE A 1124 -44.55 47.46 -12.11
C ILE A 1124 -44.74 46.46 -10.97
N ILE A 1125 -45.45 46.87 -9.90
CA ILE A 1125 -45.80 46.00 -8.78
C ILE A 1125 -47.25 45.55 -8.99
N THR A 1126 -47.47 44.25 -9.12
CA THR A 1126 -48.79 43.69 -9.41
C THR A 1126 -49.31 42.68 -8.40
N THR A 1127 -50.64 42.59 -8.35
CA THR A 1127 -51.49 41.72 -7.55
C THR A 1127 -52.72 41.46 -8.46
N ALA A 1128 -53.55 40.46 -8.15
CA ALA A 1128 -54.78 40.15 -8.91
C ALA A 1128 -55.76 41.34 -8.87
N VAL A 1129 -55.62 42.21 -7.86
CA VAL A 1129 -56.43 43.39 -7.60
C VAL A 1129 -55.76 44.70 -8.08
N MET A 1130 -54.50 44.96 -7.62
CA MET A 1130 -53.79 46.21 -7.93
C MET A 1130 -52.59 46.10 -8.88
N THR A 1131 -52.22 47.24 -9.50
CA THR A 1131 -51.05 47.45 -10.36
C THR A 1131 -50.48 48.84 -10.04
N LEU A 1132 -49.23 48.90 -9.57
CA LEU A 1132 -48.53 50.16 -9.27
C LEU A 1132 -47.38 50.30 -10.29
N SER A 1133 -47.54 51.24 -11.24
CA SER A 1133 -46.57 51.50 -12.29
C SER A 1133 -45.74 52.75 -12.00
N LYS A 1134 -44.40 52.58 -11.98
CA LYS A 1134 -43.45 53.66 -11.73
C LYS A 1134 -42.61 53.92 -12.98
N HIS A 1135 -42.72 55.14 -13.53
CA HIS A 1135 -42.03 55.59 -14.73
C HIS A 1135 -40.95 56.61 -14.37
N PHE A 1136 -39.73 56.40 -14.89
CA PHE A 1136 -38.57 57.26 -14.64
C PHE A 1136 -38.08 57.91 -15.93
N ASP A 1137 -37.58 59.15 -15.84
CA ASP A 1137 -37.06 59.88 -17.00
C ASP A 1137 -35.61 59.45 -17.35
N THR A 1138 -34.98 60.11 -18.34
CA THR A 1138 -33.61 59.84 -18.82
C THR A 1138 -32.53 60.02 -17.76
N HIS A 1139 -32.81 60.80 -16.68
CA HIS A 1139 -31.89 61.06 -15.57
C HIS A 1139 -32.16 60.11 -14.38
N GLY A 1140 -33.03 59.12 -14.58
CA GLY A 1140 -33.41 58.13 -13.57
C GLY A 1140 -34.32 58.65 -12.47
N ARG A 1141 -34.91 59.85 -12.67
CA ARG A 1141 -35.81 60.50 -11.71
C ARG A 1141 -37.25 60.15 -12.04
N ILE A 1142 -38.09 59.92 -11.00
CA ILE A 1142 -39.51 59.58 -11.16
C ILE A 1142 -40.27 60.68 -11.93
N LYS A 1143 -40.98 60.28 -12.99
CA LYS A 1143 -41.75 61.21 -13.83
C LYS A 1143 -43.26 60.93 -13.78
N GLU A 1144 -43.65 59.67 -13.52
CA GLU A 1144 -45.06 59.27 -13.43
C GLU A 1144 -45.28 58.03 -12.56
N VAL A 1145 -46.29 58.12 -11.67
CA VAL A 1145 -46.74 57.04 -10.79
C VAL A 1145 -48.21 56.79 -11.16
N GLN A 1146 -48.59 55.51 -11.30
CA GLN A 1146 -49.95 55.10 -11.65
C GLN A 1146 -50.38 53.97 -10.72
N TYR A 1147 -51.45 54.17 -9.95
CA TYR A 1147 -51.99 53.19 -9.00
C TYR A 1147 -53.40 52.79 -9.45
N GLU A 1148 -53.53 51.55 -9.93
CA GLU A 1148 -54.81 51.01 -10.40
C GLU A 1148 -55.29 49.88 -9.50
N MET A 1149 -56.61 49.86 -9.23
CA MET A 1149 -57.28 48.84 -8.43
C MET A 1149 -58.52 48.40 -9.21
N PHE A 1150 -58.68 47.07 -9.38
CA PHE A 1150 -59.80 46.44 -10.13
C PHE A 1150 -59.96 47.05 -11.54
N ARG A 1151 -58.83 47.28 -12.24
CA ARG A 1151 -58.72 47.87 -13.59
C ARG A 1151 -59.27 49.32 -13.66
N SER A 1152 -59.30 50.00 -12.49
CA SER A 1152 -59.74 51.39 -12.34
C SER A 1152 -58.62 52.21 -11.72
N LEU A 1153 -58.38 53.42 -12.25
CA LEU A 1153 -57.31 54.31 -11.78
C LEU A 1153 -57.69 55.01 -10.48
N MET A 1154 -56.94 54.72 -9.40
CA MET A 1154 -57.19 55.31 -8.08
C MET A 1154 -56.32 56.53 -7.81
N TYR A 1155 -55.07 56.52 -8.32
CA TYR A 1155 -54.11 57.60 -8.09
C TYR A 1155 -53.07 57.71 -9.21
N TRP A 1156 -52.76 58.95 -9.62
CA TRP A 1156 -51.70 59.23 -10.58
C TRP A 1156 -51.01 60.54 -10.26
N MET A 1157 -49.68 60.53 -10.35
CA MET A 1157 -48.81 61.69 -10.11
C MET A 1157 -47.79 61.82 -11.23
N THR A 1158 -47.52 63.07 -11.65
CA THR A 1158 -46.48 63.39 -12.64
C THR A 1158 -45.56 64.44 -12.07
N VAL A 1159 -44.25 64.16 -12.09
CA VAL A 1159 -43.23 65.08 -11.57
C VAL A 1159 -42.37 65.60 -12.72
N GLN A 1160 -42.16 66.93 -12.74
CA GLN A 1160 -41.33 67.64 -13.71
C GLN A 1160 -40.20 68.35 -12.98
N TYR A 1161 -39.01 68.35 -13.59
CA TYR A 1161 -37.80 68.93 -13.01
C TYR A 1161 -37.16 70.00 -13.88
N ASP A 1162 -36.34 70.88 -13.26
CA ASP A 1162 -35.58 71.88 -13.99
C ASP A 1162 -34.23 71.28 -14.42
N SER A 1163 -33.30 72.11 -14.96
CA SER A 1163 -31.98 71.66 -15.40
C SER A 1163 -31.15 71.00 -14.27
N MET A 1164 -31.28 71.51 -13.04
CA MET A 1164 -30.53 71.02 -11.87
C MET A 1164 -31.22 69.88 -11.09
N GLY A 1165 -32.34 69.38 -11.58
CA GLY A 1165 -33.07 68.29 -10.93
C GLY A 1165 -33.99 68.69 -9.79
N ARG A 1166 -34.40 69.97 -9.75
CA ARG A 1166 -35.32 70.49 -8.74
C ARG A 1166 -36.76 70.31 -9.25
N VAL A 1167 -37.66 69.82 -8.37
CA VAL A 1167 -39.08 69.62 -8.68
C VAL A 1167 -39.72 70.99 -8.97
N THR A 1168 -40.22 71.18 -10.20
CA THR A 1168 -40.85 72.45 -10.60
C THR A 1168 -42.36 72.31 -10.80
N LYS A 1169 -42.83 71.09 -11.13
CA LYS A 1169 -44.25 70.83 -11.35
C LYS A 1169 -44.65 69.43 -10.88
N ARG A 1170 -45.79 69.35 -10.17
CA ARG A 1170 -46.36 68.10 -9.68
C ARG A 1170 -47.87 68.11 -9.90
N GLU A 1171 -48.38 67.12 -10.66
CA GLU A 1171 -49.82 66.96 -10.91
C GLU A 1171 -50.30 65.78 -10.08
N LEU A 1172 -51.41 65.96 -9.34
CA LEU A 1172 -51.95 64.92 -8.46
C LEU A 1172 -53.45 64.70 -8.61
N LYS A 1173 -53.86 63.44 -8.71
CA LYS A 1173 -55.26 63.03 -8.77
C LYS A 1173 -55.44 61.97 -7.69
N LEU A 1174 -56.12 62.34 -6.59
CA LEU A 1174 -56.36 61.46 -5.44
C LEU A 1174 -57.82 60.98 -5.45
N GLY A 1175 -58.04 59.80 -6.00
CA GLY A 1175 -59.36 59.20 -6.14
C GLY A 1175 -59.74 59.04 -7.60
N PRO A 1176 -60.61 58.06 -7.95
CA PRO A 1176 -60.96 57.87 -9.37
C PRO A 1176 -61.82 58.95 -10.01
N TYR A 1177 -62.62 59.68 -9.21
CA TYR A 1177 -63.52 60.71 -9.72
C TYR A 1177 -63.13 62.15 -9.34
N ALA A 1178 -62.10 62.32 -8.49
CA ALA A 1178 -61.61 63.62 -8.05
C ALA A 1178 -60.86 64.36 -9.16
N ASN A 1179 -60.86 65.72 -9.11
CA ASN A 1179 -60.19 66.57 -10.09
C ASN A 1179 -58.66 66.50 -9.94
N THR A 1180 -57.93 66.89 -10.98
CA THR A 1180 -56.46 66.89 -10.98
C THR A 1180 -55.93 68.25 -10.49
N THR A 1181 -55.04 68.22 -9.48
CA THR A 1181 -54.46 69.43 -8.90
C THR A 1181 -53.01 69.60 -9.39
N LYS A 1182 -52.69 70.79 -9.91
CA LYS A 1182 -51.37 71.16 -10.44
C LYS A 1182 -50.63 72.06 -9.43
N TYR A 1183 -49.44 71.64 -9.02
CA TYR A 1183 -48.58 72.37 -8.09
C TYR A 1183 -47.31 72.82 -8.81
N THR A 1184 -47.04 74.13 -8.82
CA THR A 1184 -45.83 74.70 -9.45
C THR A 1184 -44.92 75.29 -8.39
N TYR A 1185 -43.62 75.00 -8.50
CA TYR A 1185 -42.60 75.40 -7.53
C TYR A 1185 -41.54 76.34 -8.12
N ASP A 1186 -41.27 77.45 -7.42
CA ASP A 1186 -40.26 78.43 -7.81
C ASP A 1186 -39.17 78.52 -6.75
N TYR A 1187 -37.91 78.60 -7.18
CA TYR A 1187 -36.75 78.64 -6.30
C TYR A 1187 -36.01 79.96 -6.38
N ASP A 1188 -35.32 80.36 -5.29
CA ASP A 1188 -34.56 81.60 -5.25
C ASP A 1188 -33.16 81.42 -5.89
N GLY A 1189 -32.32 82.46 -5.80
CA GLY A 1189 -30.97 82.48 -6.34
C GLY A 1189 -30.02 81.41 -5.82
N ASP A 1190 -30.34 80.80 -4.66
CA ASP A 1190 -29.54 79.76 -4.02
C ASP A 1190 -30.23 78.37 -4.06
N GLY A 1191 -31.31 78.26 -4.83
CA GLY A 1191 -32.06 77.00 -4.99
C GLY A 1191 -32.92 76.64 -3.79
N GLN A 1192 -33.35 77.66 -3.03
CA GLN A 1192 -34.21 77.51 -1.85
C GLN A 1192 -35.64 77.79 -2.30
N LEU A 1193 -36.59 76.92 -1.90
CA LEU A 1193 -38.00 77.04 -2.27
C LEU A 1193 -38.59 78.38 -1.87
N GLN A 1194 -38.99 79.17 -2.87
CA GLN A 1194 -39.50 80.53 -2.72
C GLN A 1194 -41.03 80.59 -2.70
N SER A 1195 -41.68 79.87 -3.64
CA SER A 1195 -43.14 79.88 -3.75
C SER A 1195 -43.74 78.58 -4.28
N VAL A 1196 -45.00 78.32 -3.90
CA VAL A 1196 -45.80 77.16 -4.31
C VAL A 1196 -47.16 77.69 -4.78
N ALA A 1197 -47.53 77.38 -6.04
CA ALA A 1197 -48.80 77.78 -6.61
C ALA A 1197 -49.70 76.58 -6.84
N VAL A 1198 -51.01 76.75 -6.59
CA VAL A 1198 -52.02 75.70 -6.75
C VAL A 1198 -52.89 76.10 -7.95
N ASN A 1199 -52.80 75.34 -9.06
CA ASN A 1199 -53.49 75.56 -10.34
C ASN A 1199 -53.23 76.99 -10.87
N ASP A 1200 -51.92 77.34 -10.94
CA ASP A 1200 -51.35 78.63 -11.38
C ASP A 1200 -51.75 79.83 -10.49
N ARG A 1201 -52.20 79.56 -9.25
CA ARG A 1201 -52.61 80.58 -8.27
C ARG A 1201 -51.67 80.54 -7.05
N PRO A 1202 -50.92 81.64 -6.74
CA PRO A 1202 -50.01 81.61 -5.58
C PRO A 1202 -50.71 81.36 -4.24
N THR A 1203 -50.20 80.38 -3.48
CA THR A 1203 -50.76 79.97 -2.19
C THR A 1203 -49.73 80.06 -1.05
N TRP A 1204 -48.48 79.63 -1.30
CA TRP A 1204 -47.42 79.65 -0.28
C TRP A 1204 -46.22 80.48 -0.68
N ARG A 1205 -45.66 81.20 0.30
CA ARG A 1205 -44.48 82.03 0.14
C ARG A 1205 -43.48 81.68 1.23
N TYR A 1206 -42.21 81.52 0.85
CA TYR A 1206 -41.12 81.18 1.77
C TYR A 1206 -39.96 82.14 1.59
N SER A 1207 -39.42 82.67 2.71
CA SER A 1207 -38.26 83.56 2.70
C SER A 1207 -37.21 83.11 3.70
N TYR A 1208 -35.93 83.40 3.38
CA TYR A 1208 -34.80 82.93 4.17
C TYR A 1208 -33.85 84.01 4.63
N ASP A 1209 -33.21 83.73 5.78
CA ASP A 1209 -32.17 84.49 6.47
C ASP A 1209 -30.88 84.40 5.63
N LEU A 1210 -29.84 85.17 6.01
CA LEU A 1210 -28.53 85.10 5.34
C LEU A 1210 -27.89 83.73 5.63
N ASN A 1211 -28.26 83.10 6.76
CA ASN A 1211 -27.77 81.79 7.18
C ASN A 1211 -28.62 80.62 6.67
N GLY A 1212 -29.68 80.93 5.93
CA GLY A 1212 -30.59 79.94 5.37
C GLY A 1212 -31.70 79.52 6.30
N ASN A 1213 -31.93 80.30 7.37
CA ASN A 1213 -33.01 80.03 8.33
C ASN A 1213 -34.32 80.54 7.72
N LEU A 1214 -35.33 79.65 7.64
CA LEU A 1214 -36.67 79.96 7.12
C LEU A 1214 -37.33 80.96 8.07
N HIS A 1215 -37.37 82.24 7.69
CA HIS A 1215 -37.90 83.28 8.58
C HIS A 1215 -39.26 83.85 8.17
N LEU A 1216 -39.92 83.24 7.15
CA LEU A 1216 -41.21 83.69 6.63
C LEU A 1216 -41.93 82.54 5.92
N LEU A 1217 -43.19 82.26 6.32
CA LEU A 1217 -44.02 81.20 5.74
C LEU A 1217 -45.51 81.41 5.93
N ASN A 1218 -46.32 80.75 5.09
CA ASN A 1218 -47.77 80.72 5.21
C ASN A 1218 -48.06 79.38 5.91
N PRO A 1219 -48.44 79.40 7.21
CA PRO A 1219 -48.65 78.13 7.93
C PRO A 1219 -49.91 77.38 7.52
N GLY A 1220 -49.74 76.08 7.23
CA GLY A 1220 -50.81 75.19 6.82
C GLY A 1220 -51.56 75.67 5.59
N ASN A 1221 -52.85 75.99 5.77
CA ASN A 1221 -53.77 76.46 4.74
C ASN A 1221 -53.91 77.99 4.74
N SER A 1222 -53.40 78.67 5.79
CA SER A 1222 -53.48 80.12 6.01
C SER A 1222 -52.86 80.99 4.90
N VAL A 1223 -53.52 82.15 4.66
CA VAL A 1223 -53.13 83.17 3.69
C VAL A 1223 -52.16 84.14 4.40
N ARG A 1224 -52.25 84.20 5.74
CA ARG A 1224 -51.44 85.04 6.62
C ARG A 1224 -49.95 84.62 6.57
N LEU A 1225 -49.06 85.63 6.44
CA LEU A 1225 -47.61 85.45 6.38
C LEU A 1225 -47.04 85.52 7.81
N MET A 1226 -46.46 84.40 8.29
CA MET A 1226 -45.91 84.32 9.64
C MET A 1226 -44.39 84.39 9.71
N PRO A 1227 -43.84 85.24 10.63
CA PRO A 1227 -42.38 85.33 10.76
C PRO A 1227 -41.77 84.39 11.82
N LEU A 1228 -40.57 83.87 11.55
CA LEU A 1228 -39.84 83.00 12.47
C LEU A 1228 -38.57 83.72 12.92
N ARG A 1229 -38.20 83.60 14.21
CA ARG A 1229 -37.05 84.27 14.81
C ARG A 1229 -35.97 83.28 15.27
N TYR A 1230 -34.69 83.69 15.12
CA TYR A 1230 -33.50 82.88 15.43
C TYR A 1230 -32.46 83.66 16.20
N ASP A 1231 -31.69 82.96 17.06
CA ASP A 1231 -30.61 83.56 17.84
C ASP A 1231 -29.28 83.51 17.04
N LEU A 1232 -28.14 83.88 17.68
CA LEU A 1232 -26.82 83.87 17.05
C LEU A 1232 -26.32 82.46 16.68
N ARG A 1233 -26.78 81.44 17.43
CA ARG A 1233 -26.42 80.03 17.25
C ARG A 1233 -27.37 79.30 16.28
N ASP A 1234 -28.19 80.07 15.51
CA ASP A 1234 -29.17 79.60 14.53
C ASP A 1234 -30.33 78.78 15.15
N ARG A 1235 -30.56 78.90 16.48
CA ARG A 1235 -31.62 78.19 17.19
C ARG A 1235 -32.91 79.02 17.14
N ILE A 1236 -34.04 78.38 16.80
CA ILE A 1236 -35.36 79.01 16.73
C ILE A 1236 -35.82 79.51 18.11
N THR A 1237 -36.38 80.73 18.17
CA THR A 1237 -36.86 81.37 19.40
C THR A 1237 -38.36 81.68 19.34
N ARG A 1238 -38.91 81.85 18.13
CA ARG A 1238 -40.32 82.18 17.90
C ARG A 1238 -40.81 81.77 16.50
N LEU A 1239 -42.08 81.32 16.42
CA LEU A 1239 -42.80 80.98 15.20
C LEU A 1239 -44.14 81.73 15.32
N GLY A 1240 -44.20 82.87 14.63
CA GLY A 1240 -45.34 83.77 14.68
C GLY A 1240 -45.43 84.39 16.05
N ASP A 1241 -46.43 83.94 16.83
CA ASP A 1241 -46.69 84.37 18.20
C ASP A 1241 -46.20 83.32 19.23
N ILE A 1242 -45.94 82.08 18.76
CA ILE A 1242 -45.51 80.94 19.58
C ILE A 1242 -44.00 80.97 19.92
N PRO A 1243 -43.62 81.02 21.22
CA PRO A 1243 -42.19 80.99 21.56
C PRO A 1243 -41.60 79.57 21.52
N TYR A 1244 -40.34 79.47 21.07
CA TYR A 1244 -39.58 78.22 20.97
C TYR A 1244 -38.40 78.28 21.93
N LYS A 1245 -38.03 77.13 22.50
CA LYS A 1245 -36.90 76.99 23.39
C LYS A 1245 -36.06 75.82 22.94
N ILE A 1246 -34.77 76.09 22.67
CA ILE A 1246 -33.78 75.09 22.27
C ILE A 1246 -32.70 75.17 23.35
N ASP A 1247 -32.35 74.03 23.97
CA ASP A 1247 -31.35 73.99 25.05
C ASP A 1247 -29.92 74.32 24.55
N ASP A 1248 -28.96 74.39 25.49
CA ASP A 1248 -27.55 74.71 25.21
C ASP A 1248 -26.81 73.63 24.41
N ASP A 1249 -27.43 72.45 24.22
CA ASP A 1249 -26.87 71.34 23.44
C ASP A 1249 -27.35 71.39 21.99
N GLY A 1250 -28.38 72.18 21.73
CA GLY A 1250 -28.97 72.35 20.40
C GLY A 1250 -30.23 71.53 20.17
N PHE A 1251 -30.77 70.93 21.25
CA PHE A 1251 -31.98 70.09 21.18
C PHE A 1251 -33.25 70.85 21.53
N LEU A 1252 -34.36 70.51 20.83
CA LEU A 1252 -35.68 71.10 21.06
C LEU A 1252 -36.10 70.82 22.50
N CYS A 1253 -36.46 71.89 23.21
CA CYS A 1253 -36.81 71.89 24.62
C CYS A 1253 -38.30 72.19 24.84
N GLN A 1254 -38.82 73.23 24.15
CA GLN A 1254 -40.21 73.68 24.26
C GLN A 1254 -40.72 74.40 23.01
N ARG A 1255 -42.02 74.24 22.72
CA ARG A 1255 -42.74 74.92 21.65
C ARG A 1255 -44.04 75.38 22.29
N GLY A 1256 -44.03 76.60 22.82
CA GLY A 1256 -45.16 77.17 23.55
C GLY A 1256 -45.35 76.43 24.85
N SER A 1257 -46.45 75.65 24.95
CA SER A 1257 -46.79 74.85 26.12
C SER A 1257 -46.26 73.40 26.02
N ASP A 1258 -45.89 72.95 24.79
CA ASP A 1258 -45.35 71.61 24.54
C ASP A 1258 -43.94 71.48 25.12
N VAL A 1259 -43.72 70.44 25.95
CA VAL A 1259 -42.43 70.15 26.59
C VAL A 1259 -41.85 68.88 25.97
N PHE A 1260 -40.58 68.94 25.54
CA PHE A 1260 -39.88 67.80 24.91
C PHE A 1260 -38.67 67.40 25.75
N GLU A 1261 -38.58 66.09 26.07
CA GLU A 1261 -37.48 65.53 26.85
C GLU A 1261 -36.61 64.61 26.00
N TYR A 1262 -35.44 65.11 25.58
CA TYR A 1262 -34.46 64.35 24.78
C TYR A 1262 -33.36 63.83 25.71
N ASN A 1263 -33.00 62.54 25.56
CA ASN A 1263 -31.96 61.91 26.37
C ASN A 1263 -30.55 62.25 25.84
N SER A 1264 -29.48 61.67 26.45
CA SER A 1264 -28.09 61.90 26.04
C SER A 1264 -27.79 61.38 24.63
N LYS A 1265 -28.51 60.31 24.22
CA LYS A 1265 -28.38 59.68 22.89
C LYS A 1265 -29.10 60.51 21.80
N GLY A 1266 -29.88 61.51 22.21
CA GLY A 1266 -30.62 62.40 21.31
C GLY A 1266 -31.98 61.88 20.91
N LEU A 1267 -32.51 60.93 21.69
CA LEU A 1267 -33.81 60.29 21.46
C LEU A 1267 -34.89 60.90 22.35
N LEU A 1268 -36.07 61.18 21.75
CA LEU A 1268 -37.21 61.75 22.47
C LEU A 1268 -37.85 60.68 23.35
N THR A 1269 -37.65 60.78 24.68
CA THR A 1269 -38.16 59.83 25.65
C THR A 1269 -39.57 60.18 26.12
N ARG A 1270 -39.88 61.49 26.17
CA ARG A 1270 -41.18 61.98 26.63
C ARG A 1270 -41.51 63.37 26.06
N ALA A 1271 -42.80 63.62 25.83
CA ALA A 1271 -43.36 64.88 25.37
C ALA A 1271 -44.74 65.07 25.96
N TYR A 1272 -45.04 66.28 26.47
CA TYR A 1272 -46.32 66.57 27.11
C TYR A 1272 -46.73 68.04 27.04
N ASN A 1273 -48.04 68.28 27.22
CA ASN A 1273 -48.64 69.60 27.28
C ASN A 1273 -49.63 69.55 28.45
N LYS A 1274 -49.31 70.25 29.55
CA LYS A 1274 -50.13 70.30 30.75
C LYS A 1274 -51.48 70.98 30.50
N ALA A 1275 -51.49 72.08 29.70
CA ALA A 1275 -52.68 72.84 29.35
C ALA A 1275 -53.65 72.06 28.46
N ASN A 1276 -53.12 71.31 27.46
CA ASN A 1276 -53.91 70.50 26.54
C ASN A 1276 -54.17 69.06 27.04
N GLY A 1277 -53.62 68.75 28.22
CA GLY A 1277 -53.79 67.48 28.92
C GLY A 1277 -53.26 66.21 28.27
N TRP A 1278 -52.28 66.33 27.35
CA TRP A 1278 -51.71 65.15 26.70
C TRP A 1278 -50.25 64.88 27.12
N ASN A 1279 -49.87 63.59 27.07
CA ASN A 1279 -48.55 63.06 27.42
C ASN A 1279 -48.27 61.87 26.51
N VAL A 1280 -47.01 61.72 26.06
CA VAL A 1280 -46.56 60.63 25.21
C VAL A 1280 -45.16 60.17 25.66
N GLN A 1281 -44.99 58.85 25.85
CA GLN A 1281 -43.72 58.26 26.26
C GLN A 1281 -43.24 57.30 25.18
N TYR A 1282 -41.93 57.32 24.90
CA TYR A 1282 -41.34 56.45 23.89
C TYR A 1282 -40.26 55.56 24.49
N ARG A 1283 -40.15 54.34 23.96
CA ARG A 1283 -39.14 53.35 24.36
C ARG A 1283 -38.30 53.01 23.15
N TYR A 1284 -36.99 52.78 23.37
CA TYR A 1284 -36.03 52.49 22.30
C TYR A 1284 -35.26 51.22 22.56
N ASP A 1285 -34.83 50.54 21.49
CA ASP A 1285 -34.01 49.33 21.58
C ASP A 1285 -32.53 49.72 21.67
N GLY A 1286 -31.67 48.73 21.90
CA GLY A 1286 -30.23 48.91 22.01
C GLY A 1286 -29.53 49.44 20.76
N LEU A 1287 -30.20 49.34 19.59
CA LEU A 1287 -29.67 49.82 18.32
C LEU A 1287 -30.12 51.25 17.96
N GLY A 1288 -30.86 51.89 18.87
CA GLY A 1288 -31.35 53.26 18.75
C GLY A 1288 -32.65 53.46 18.01
N ARG A 1289 -33.42 52.38 17.78
CA ARG A 1289 -34.71 52.41 17.07
C ARG A 1289 -35.87 52.46 18.04
N ARG A 1290 -36.94 53.21 17.69
CA ARG A 1290 -38.14 53.32 18.51
C ARG A 1290 -38.89 51.98 18.55
N ALA A 1291 -39.02 51.42 19.75
CA ALA A 1291 -39.68 50.15 20.01
C ALA A 1291 -41.17 50.34 20.31
N SER A 1292 -41.54 51.41 21.04
CA SER A 1292 -42.92 51.69 21.40
C SER A 1292 -43.26 53.18 21.54
N CYS A 1293 -44.57 53.48 21.49
CA CYS A 1293 -45.18 54.79 21.65
C CYS A 1293 -46.43 54.58 22.52
N LYS A 1294 -46.51 55.28 23.66
CA LYS A 1294 -47.65 55.15 24.57
C LYS A 1294 -48.11 56.52 25.08
N THR A 1295 -49.41 56.80 24.94
CA THR A 1295 -50.01 58.06 25.39
C THR A 1295 -50.86 57.86 26.65
N ASN A 1296 -51.27 58.98 27.28
CA ASN A 1296 -52.15 58.99 28.46
C ASN A 1296 -53.62 58.97 27.99
N LEU A 1297 -53.84 59.10 26.66
CA LEU A 1297 -55.15 59.14 26.00
C LEU A 1297 -55.60 57.76 25.45
N GLY A 1298 -54.94 56.69 25.89
CA GLY A 1298 -55.28 55.32 25.49
C GLY A 1298 -54.39 54.68 24.43
N HIS A 1299 -53.77 55.48 23.55
CA HIS A 1299 -52.91 54.99 22.46
C HIS A 1299 -51.67 54.25 22.96
N HIS A 1300 -51.39 53.09 22.37
CA HIS A 1300 -50.24 52.25 22.66
C HIS A 1300 -49.89 51.39 21.45
N LEU A 1301 -48.75 51.70 20.81
CA LEU A 1301 -48.26 51.00 19.63
C LEU A 1301 -46.85 50.46 19.85
N GLN A 1302 -46.53 49.34 19.19
CA GLN A 1302 -45.21 48.71 19.22
C GLN A 1302 -44.71 48.57 17.79
N TYR A 1303 -43.41 48.84 17.57
CA TYR A 1303 -42.79 48.78 16.24
C TYR A 1303 -41.74 47.69 16.13
N PHE A 1304 -41.72 46.99 14.99
CA PHE A 1304 -40.78 45.90 14.72
C PHE A 1304 -40.08 46.07 13.38
N TYR A 1305 -38.81 45.66 13.33
CA TYR A 1305 -37.92 45.80 12.17
C TYR A 1305 -37.43 44.43 11.69
N ALA A 1306 -38.23 43.77 10.82
CA ALA A 1306 -37.94 42.44 10.28
C ALA A 1306 -37.05 42.44 9.02
N ASP A 1307 -36.97 43.58 8.31
CA ASP A 1307 -36.15 43.69 7.09
C ASP A 1307 -34.66 43.76 7.47
N LEU A 1308 -33.90 42.71 7.12
CA LEU A 1308 -32.47 42.63 7.40
C LEU A 1308 -31.64 43.58 6.53
N HIS A 1309 -32.13 43.87 5.30
CA HIS A 1309 -31.48 44.77 4.34
C HIS A 1309 -31.74 46.25 4.67
N ASN A 1310 -32.90 46.55 5.26
CA ASN A 1310 -33.30 47.89 5.67
C ASN A 1310 -33.63 47.86 7.18
N PRO A 1311 -32.59 47.88 8.06
CA PRO A 1311 -32.86 47.73 9.51
C PRO A 1311 -33.61 48.87 10.22
N THR A 1312 -33.76 50.05 9.58
CA THR A 1312 -34.49 51.19 10.18
C THR A 1312 -35.95 51.26 9.70
N ARG A 1313 -36.34 50.34 8.80
CA ARG A 1313 -37.67 50.22 8.19
C ARG A 1313 -38.64 49.50 9.12
N VAL A 1314 -39.75 50.18 9.50
CA VAL A 1314 -40.80 49.60 10.35
C VAL A 1314 -41.59 48.64 9.45
N THR A 1315 -41.52 47.33 9.73
CA THR A 1315 -42.20 46.32 8.92
C THR A 1315 -43.52 45.84 9.55
N HIS A 1316 -43.60 45.87 10.89
CA HIS A 1316 -44.78 45.44 11.63
C HIS A 1316 -45.12 46.39 12.78
N VAL A 1317 -46.43 46.61 12.99
CA VAL A 1317 -46.95 47.48 14.04
C VAL A 1317 -47.98 46.70 14.88
N TYR A 1318 -47.76 46.60 16.21
CA TYR A 1318 -48.71 45.94 17.11
C TYR A 1318 -49.51 47.02 17.83
N ASN A 1319 -50.83 47.00 17.65
CA ASN A 1319 -51.76 47.95 18.27
C ASN A 1319 -52.40 47.30 19.50
N HIS A 1320 -52.16 47.87 20.69
CA HIS A 1320 -52.64 47.36 21.97
C HIS A 1320 -54.14 47.57 22.24
N SER A 1321 -54.77 48.58 21.62
CA SER A 1321 -56.20 48.84 21.84
C SER A 1321 -57.13 47.81 21.16
N ASN A 1322 -56.66 47.12 20.10
CA ASN A 1322 -57.44 46.10 19.39
C ASN A 1322 -56.71 44.75 19.25
N SER A 1323 -55.43 44.69 19.71
CA SER A 1323 -54.53 43.53 19.69
C SER A 1323 -54.23 42.99 18.27
N GLU A 1324 -54.32 43.87 17.24
CA GLU A 1324 -54.05 43.46 15.85
C GLU A 1324 -52.68 43.94 15.35
N ILE A 1325 -52.07 43.14 14.46
CA ILE A 1325 -50.76 43.39 13.84
C ILE A 1325 -50.95 43.92 12.42
N THR A 1326 -50.27 45.04 12.10
CA THR A 1326 -50.30 45.67 10.79
C THR A 1326 -48.95 45.45 10.10
N SER A 1327 -48.98 44.80 8.93
CA SER A 1327 -47.81 44.53 8.09
C SER A 1327 -47.68 45.67 7.10
N LEU A 1328 -46.52 46.32 7.09
CA LEU A 1328 -46.25 47.47 6.22
C LEU A 1328 -45.44 47.02 5.01
N TYR A 1329 -45.94 47.33 3.79
CA TYR A 1329 -45.27 46.97 2.55
C TYR A 1329 -44.76 48.18 1.79
N TYR A 1330 -43.48 48.14 1.43
CA TYR A 1330 -42.76 49.22 0.76
C TYR A 1330 -42.32 48.81 -0.64
N ASP A 1331 -42.34 49.77 -1.58
CA ASP A 1331 -41.92 49.53 -2.96
C ASP A 1331 -40.38 49.49 -3.09
N LEU A 1332 -39.86 49.41 -4.34
CA LEU A 1332 -38.41 49.34 -4.60
C LEU A 1332 -37.65 50.64 -4.31
N GLN A 1333 -38.38 51.76 -4.11
CA GLN A 1333 -37.83 53.07 -3.79
C GLN A 1333 -37.93 53.34 -2.27
N GLY A 1334 -38.56 52.40 -1.56
CA GLY A 1334 -38.77 52.46 -0.11
C GLY A 1334 -40.02 53.17 0.34
N HIS A 1335 -40.90 53.56 -0.60
CA HIS A 1335 -42.15 54.25 -0.26
C HIS A 1335 -43.24 53.25 0.11
N LEU A 1336 -44.04 53.56 1.15
CA LEU A 1336 -45.14 52.71 1.59
C LEU A 1336 -46.23 52.70 0.52
N PHE A 1337 -46.65 51.51 0.09
CA PHE A 1337 -47.67 51.38 -0.95
C PHE A 1337 -48.84 50.49 -0.54
N ALA A 1338 -48.63 49.59 0.44
CA ALA A 1338 -49.66 48.67 0.91
C ALA A 1338 -49.55 48.31 2.39
N MET A 1339 -50.68 47.87 2.97
CA MET A 1339 -50.81 47.45 4.35
C MET A 1339 -51.70 46.21 4.43
N GLU A 1340 -51.41 45.34 5.41
CA GLU A 1340 -52.16 44.12 5.66
C GLU A 1340 -52.36 43.95 7.16
N SER A 1341 -53.61 43.72 7.58
CA SER A 1341 -53.95 43.54 8.98
C SER A 1341 -54.11 42.07 9.33
N SER A 1342 -53.84 41.71 10.60
CA SER A 1342 -54.01 40.34 11.11
C SER A 1342 -55.49 39.95 11.18
N SER A 1343 -56.39 40.97 11.15
CA SER A 1343 -57.84 40.81 11.16
C SER A 1343 -58.38 40.37 9.78
N GLY A 1344 -57.54 40.51 8.74
CA GLY A 1344 -57.87 40.14 7.38
C GLY A 1344 -58.03 41.33 6.43
N GLU A 1345 -58.04 42.54 6.99
CA GLU A 1345 -58.18 43.79 6.22
C GLU A 1345 -56.94 44.14 5.41
N GLU A 1346 -57.15 44.71 4.22
CA GLU A 1346 -56.10 45.13 3.29
C GLU A 1346 -56.27 46.59 2.91
N TYR A 1347 -55.16 47.36 2.93
CA TYR A 1347 -55.15 48.78 2.59
C TYR A 1347 -54.11 49.07 1.52
N TYR A 1348 -54.43 50.02 0.62
CA TYR A 1348 -53.57 50.40 -0.49
C TYR A 1348 -53.25 51.88 -0.38
N VAL A 1349 -51.97 52.19 -0.14
CA VAL A 1349 -51.48 53.55 0.11
C VAL A 1349 -50.87 54.21 -1.13
N ALA A 1350 -51.33 55.44 -1.42
CA ALA A 1350 -50.85 56.30 -2.50
C ALA A 1350 -49.80 57.24 -1.88
N SER A 1351 -48.53 57.06 -2.26
CA SER A 1351 -47.41 57.86 -1.75
C SER A 1351 -46.77 58.71 -2.84
N ASP A 1352 -46.35 59.94 -2.49
CA ASP A 1352 -45.72 60.85 -3.45
C ASP A 1352 -44.24 60.52 -3.70
N ASN A 1353 -43.52 61.40 -4.43
CA ASN A 1353 -42.11 61.29 -4.79
C ASN A 1353 -41.14 61.25 -3.60
N THR A 1354 -41.55 61.78 -2.44
CA THR A 1354 -40.71 61.81 -1.23
C THR A 1354 -41.02 60.64 -0.26
N GLY A 1355 -42.05 59.85 -0.59
CA GLY A 1355 -42.49 58.70 0.21
C GLY A 1355 -43.54 59.04 1.24
N THR A 1356 -44.19 60.20 1.06
CA THR A 1356 -45.24 60.74 1.93
C THR A 1356 -46.61 60.16 1.55
N PRO A 1357 -47.33 59.45 2.47
CA PRO A 1357 -48.67 58.94 2.13
C PRO A 1357 -49.70 60.05 1.98
N LEU A 1358 -50.33 60.12 0.80
CA LEU A 1358 -51.32 61.14 0.46
C LEU A 1358 -52.76 60.61 0.46
N ALA A 1359 -52.95 59.29 0.32
CA ALA A 1359 -54.27 58.64 0.30
C ALA A 1359 -54.21 57.14 0.64
N VAL A 1360 -55.29 56.61 1.23
CA VAL A 1360 -55.48 55.20 1.59
C VAL A 1360 -56.75 54.71 0.89
N PHE A 1361 -56.69 53.52 0.29
CA PHE A 1361 -57.81 52.87 -0.40
C PHE A 1361 -58.08 51.52 0.27
N SER A 1362 -59.37 51.22 0.49
CA SER A 1362 -59.82 49.98 1.14
C SER A 1362 -59.68 48.74 0.25
N ILE A 1363 -59.97 47.55 0.83
CA ILE A 1363 -59.94 46.23 0.18
C ILE A 1363 -60.88 46.19 -1.06
N ASN A 1364 -61.94 47.04 -1.07
CA ASN A 1364 -62.94 47.16 -2.13
C ASN A 1364 -62.70 48.37 -3.07
N GLY A 1365 -61.47 48.89 -3.09
CA GLY A 1365 -61.04 50.00 -3.93
C GLY A 1365 -61.75 51.32 -3.69
N LEU A 1366 -62.00 51.67 -2.42
CA LEU A 1366 -62.66 52.91 -2.05
C LEU A 1366 -61.73 53.77 -1.20
N MET A 1367 -61.57 55.07 -1.57
CA MET A 1367 -60.72 56.00 -0.83
C MET A 1367 -61.35 56.30 0.53
N ILE A 1368 -60.69 55.84 1.60
CA ILE A 1368 -61.15 56.01 2.97
C ILE A 1368 -60.44 57.16 3.69
N LYS A 1369 -59.23 57.54 3.24
CA LYS A 1369 -58.44 58.64 3.80
C LYS A 1369 -57.71 59.39 2.68
N GLN A 1370 -57.66 60.73 2.80
CA GLN A 1370 -57.00 61.64 1.85
C GLN A 1370 -56.32 62.75 2.65
N LEU A 1371 -55.00 62.91 2.46
CA LEU A 1371 -54.18 63.91 3.14
C LEU A 1371 -53.57 64.92 2.17
N GLN A 1372 -53.47 66.17 2.61
CA GLN A 1372 -52.85 67.28 1.88
C GLN A 1372 -51.82 67.93 2.80
N TYR A 1373 -50.56 67.98 2.35
CA TYR A 1373 -49.43 68.54 3.10
C TYR A 1373 -48.87 69.78 2.43
N THR A 1374 -48.24 70.67 3.22
CA THR A 1374 -47.51 71.82 2.70
C THR A 1374 -46.15 71.28 2.24
N ALA A 1375 -45.36 72.09 1.52
CA ALA A 1375 -44.04 71.71 1.03
C ALA A 1375 -43.11 71.19 2.14
N TYR A 1376 -43.21 71.77 3.35
CA TYR A 1376 -42.40 71.39 4.51
C TYR A 1376 -43.07 70.31 5.41
N GLY A 1377 -44.16 69.70 4.92
CA GLY A 1377 -44.82 68.57 5.58
C GLY A 1377 -45.85 68.80 6.66
N GLU A 1378 -46.50 69.97 6.68
CA GLU A 1378 -47.55 70.24 7.66
C GLU A 1378 -48.91 69.90 7.02
N ILE A 1379 -49.70 69.03 7.69
CA ILE A 1379 -51.03 68.62 7.23
C ILE A 1379 -52.00 69.79 7.40
N TYR A 1380 -52.71 70.17 6.32
CA TYR A 1380 -53.73 71.22 6.33
C TYR A 1380 -55.12 70.65 5.98
N TYR A 1381 -55.15 69.41 5.46
CA TYR A 1381 -56.39 68.71 5.10
C TYR A 1381 -56.28 67.21 5.36
N ASP A 1382 -57.32 66.66 6.01
CA ASP A 1382 -57.45 65.25 6.34
C ASP A 1382 -58.94 64.89 6.25
N SER A 1383 -59.31 64.04 5.27
CA SER A 1383 -60.69 63.61 5.05
C SER A 1383 -61.22 62.68 6.15
N ASN A 1384 -60.33 61.88 6.77
CA ASN A 1384 -60.67 60.95 7.84
C ASN A 1384 -59.60 60.98 8.96
N PRO A 1385 -59.73 61.89 9.96
CA PRO A 1385 -58.71 61.96 11.03
C PRO A 1385 -58.66 60.76 11.97
N ASP A 1386 -59.75 59.96 12.03
CA ASP A 1386 -59.85 58.79 12.89
C ASP A 1386 -59.04 57.59 12.37
N PHE A 1387 -58.75 57.55 11.05
CA PHE A 1387 -57.93 56.51 10.45
C PHE A 1387 -56.47 56.90 10.71
N GLN A 1388 -55.87 56.29 11.73
CA GLN A 1388 -54.51 56.56 12.18
C GLN A 1388 -53.45 55.91 11.29
N LEU A 1389 -52.58 56.75 10.67
CA LEU A 1389 -51.49 56.31 9.81
C LEU A 1389 -50.16 56.47 10.56
N VAL A 1390 -49.41 55.36 10.67
CA VAL A 1390 -48.12 55.28 11.37
C VAL A 1390 -47.01 56.08 10.64
N ILE A 1391 -46.92 55.93 9.30
CA ILE A 1391 -45.93 56.63 8.49
C ILE A 1391 -46.49 57.95 7.95
N GLY A 1392 -45.73 59.02 8.15
CA GLY A 1392 -46.08 60.36 7.72
C GLY A 1392 -45.12 60.94 6.69
N PHE A 1393 -44.84 62.25 6.81
CA PHE A 1393 -43.97 63.01 5.91
C PHE A 1393 -42.58 62.41 5.74
N HIS A 1394 -42.14 62.27 4.47
CA HIS A 1394 -40.84 61.73 4.04
C HIS A 1394 -40.57 60.27 4.47
N GLY A 1395 -41.65 59.55 4.80
CA GLY A 1395 -41.57 58.15 5.21
C GLY A 1395 -41.31 57.90 6.68
N GLY A 1396 -41.09 58.96 7.46
CA GLY A 1396 -40.83 58.86 8.89
C GLY A 1396 -42.07 58.60 9.72
N LEU A 1397 -41.90 58.43 11.04
CA LEU A 1397 -43.01 58.19 11.97
C LEU A 1397 -43.55 59.53 12.47
N TYR A 1398 -44.73 59.93 11.99
CA TYR A 1398 -45.35 61.20 12.38
C TYR A 1398 -46.22 61.07 13.63
N ASP A 1399 -46.09 62.04 14.57
CA ASP A 1399 -46.87 62.09 15.80
C ASP A 1399 -47.81 63.32 15.74
N PRO A 1400 -49.16 63.11 15.74
CA PRO A 1400 -50.07 64.26 15.63
C PRO A 1400 -50.12 65.20 16.83
N LEU A 1401 -49.62 64.74 18.01
CA LEU A 1401 -49.58 65.53 19.24
C LEU A 1401 -48.39 66.48 19.25
N THR A 1402 -47.17 65.92 19.09
CA THR A 1402 -45.90 66.65 19.13
C THR A 1402 -45.65 67.46 17.85
N LYS A 1403 -46.20 67.00 16.71
CA LYS A 1403 -46.04 67.56 15.35
C LYS A 1403 -44.63 67.29 14.81
N LEU A 1404 -43.97 66.23 15.33
CA LEU A 1404 -42.63 65.82 14.93
C LEU A 1404 -42.68 64.52 14.14
N VAL A 1405 -41.82 64.41 13.12
CA VAL A 1405 -41.65 63.22 12.29
C VAL A 1405 -40.31 62.60 12.68
N HIS A 1406 -40.36 61.35 13.17
CA HIS A 1406 -39.21 60.62 13.65
C HIS A 1406 -38.54 59.75 12.60
N PHE A 1407 -37.22 59.86 12.55
CA PHE A 1407 -36.27 59.09 11.76
C PHE A 1407 -35.28 58.62 12.83
N THR A 1408 -34.85 57.35 12.79
CA THR A 1408 -34.01 56.69 13.79
C THR A 1408 -32.92 57.61 14.43
N GLN A 1409 -32.20 58.43 13.64
CA GLN A 1409 -31.17 59.32 14.21
C GLN A 1409 -31.63 60.76 14.51
N ARG A 1410 -32.57 61.31 13.73
CA ARG A 1410 -33.04 62.69 13.91
C ARG A 1410 -34.57 62.86 13.86
N ASP A 1411 -35.09 63.90 14.54
CA ASP A 1411 -36.50 64.26 14.53
C ASP A 1411 -36.69 65.54 13.72
N TYR A 1412 -37.76 65.61 12.93
CA TYR A 1412 -38.07 66.76 12.08
C TYR A 1412 -39.37 67.46 12.52
N ASP A 1413 -39.30 68.78 12.69
CA ASP A 1413 -40.43 69.63 13.11
C ASP A 1413 -41.17 70.15 11.86
N VAL A 1414 -42.43 69.71 11.68
CA VAL A 1414 -43.25 70.10 10.52
C VAL A 1414 -43.72 71.56 10.58
N LEU A 1415 -43.89 72.11 11.80
CA LEU A 1415 -44.34 73.50 12.00
C LEU A 1415 -43.25 74.51 11.66
N ALA A 1416 -42.00 74.26 12.10
CA ALA A 1416 -40.88 75.16 11.83
C ALA A 1416 -40.19 74.91 10.48
N GLY A 1417 -40.31 73.69 9.96
CA GLY A 1417 -39.71 73.29 8.69
C GLY A 1417 -38.22 73.00 8.82
N ARG A 1418 -37.81 72.53 10.00
CA ARG A 1418 -36.42 72.20 10.33
C ARG A 1418 -36.30 71.01 11.27
N TRP A 1419 -35.06 70.52 11.46
CA TRP A 1419 -34.73 69.44 12.38
C TRP A 1419 -34.76 69.99 13.81
N THR A 1420 -34.99 69.12 14.80
CA THR A 1420 -35.09 69.48 16.23
C THR A 1420 -33.74 69.47 16.94
N SER A 1421 -32.68 69.02 16.24
CA SER A 1421 -31.33 68.92 16.75
C SER A 1421 -30.33 69.10 15.61
N PRO A 1422 -29.09 69.58 15.88
CA PRO A 1422 -28.11 69.71 14.79
C PRO A 1422 -27.36 68.40 14.57
N ASP A 1423 -26.83 68.20 13.36
CA ASP A 1423 -26.01 67.03 13.08
C ASP A 1423 -24.58 67.53 13.19
N TYR A 1424 -23.98 67.33 14.38
CA TYR A 1424 -22.63 67.81 14.70
C TYR A 1424 -21.52 67.09 13.93
N THR A 1425 -21.84 65.96 13.28
CA THR A 1425 -20.89 65.20 12.46
C THR A 1425 -20.59 65.92 11.13
N MET A 1426 -21.39 66.96 10.79
CA MET A 1426 -21.23 67.82 9.60
C MET A 1426 -19.85 68.50 9.63
N TRP A 1427 -19.38 68.86 10.84
CA TRP A 1427 -18.11 69.53 11.11
C TRP A 1427 -16.86 68.74 10.70
N LYS A 1428 -16.98 67.39 10.64
CA LYS A 1428 -15.90 66.48 10.29
C LYS A 1428 -15.39 66.67 8.85
N ASN A 1429 -16.31 66.83 7.86
CA ASN A 1429 -15.94 66.96 6.46
C ASN A 1429 -16.21 68.32 5.79
N ILE A 1430 -16.80 69.30 6.53
CA ILE A 1430 -17.09 70.64 5.98
C ILE A 1430 -15.78 71.39 5.60
N GLY A 1431 -14.68 71.08 6.28
CA GLY A 1431 -13.37 71.66 6.00
C GLY A 1431 -12.81 71.19 4.66
N ARG A 1432 -12.94 69.88 4.39
CA ARG A 1432 -12.49 69.22 3.15
C ARG A 1432 -13.41 69.60 1.97
N GLU A 1433 -14.73 69.64 2.23
CA GLU A 1433 -15.75 69.98 1.24
C GLU A 1433 -16.51 71.25 1.67
N PRO A 1434 -15.94 72.47 1.45
CA PRO A 1434 -16.62 73.69 1.87
C PRO A 1434 -17.78 74.06 0.97
N ALA A 1435 -18.95 74.32 1.60
CA ALA A 1435 -20.20 74.64 0.92
C ALA A 1435 -21.13 75.42 1.87
N PRO A 1436 -22.19 76.12 1.37
CA PRO A 1436 -23.13 76.79 2.30
C PRO A 1436 -23.81 75.73 3.15
N PHE A 1437 -23.90 75.96 4.46
CA PHE A 1437 -24.49 74.99 5.38
C PHE A 1437 -25.22 75.66 6.54
N ASN A 1438 -26.10 74.88 7.17
CA ASN A 1438 -26.89 75.24 8.35
C ASN A 1438 -27.14 73.93 9.08
N LEU A 1439 -26.91 73.93 10.41
CA LEU A 1439 -27.05 72.75 11.26
C LEU A 1439 -28.48 72.22 11.41
N TYR A 1440 -29.50 73.07 11.15
CA TYR A 1440 -30.90 72.70 11.30
C TYR A 1440 -31.73 72.63 10.03
N MET A 1441 -31.33 73.34 8.95
CA MET A 1441 -32.13 73.39 7.73
C MET A 1441 -32.38 72.00 7.13
N PHE A 1442 -33.60 71.82 6.62
CA PHE A 1442 -34.07 70.58 6.03
C PHE A 1442 -33.84 70.57 4.52
N LYS A 1443 -33.10 69.56 4.03
CA LYS A 1443 -32.78 69.31 2.61
C LYS A 1443 -32.36 70.57 1.81
N SER A 1444 -31.48 71.42 2.42
CA SER A 1444 -30.98 72.68 1.84
C SER A 1444 -32.11 73.65 1.39
N ASN A 1445 -33.25 73.59 2.10
CA ASN A 1445 -34.47 74.37 1.90
C ASN A 1445 -35.13 74.08 0.52
N ASN A 1446 -35.04 72.81 0.11
CA ASN A 1446 -35.63 72.23 -1.10
C ASN A 1446 -36.24 70.89 -0.60
N PRO A 1447 -37.42 70.93 0.08
CA PRO A 1447 -37.95 69.70 0.68
C PRO A 1447 -38.58 68.66 -0.26
N LEU A 1448 -38.93 69.05 -1.50
CA LEU A 1448 -39.60 68.13 -2.43
C LEU A 1448 -38.68 67.45 -3.45
N SER A 1449 -37.45 67.93 -3.60
CA SER A 1449 -36.49 67.34 -4.55
C SER A 1449 -35.45 66.50 -3.83
N ASN A 1450 -34.89 65.50 -4.54
CA ASN A 1450 -33.82 64.64 -4.02
C ASN A 1450 -32.58 65.49 -3.84
N GLU A 1451 -31.92 65.38 -2.67
CA GLU A 1451 -30.74 66.16 -2.30
C GLU A 1451 -29.63 66.07 -3.36
N LEU A 1452 -29.14 67.25 -3.78
CA LEU A 1452 -28.11 67.36 -4.80
C LEU A 1452 -26.74 66.92 -4.31
N ASP A 1453 -26.20 65.89 -4.97
CA ASP A 1453 -24.92 65.25 -4.69
C ASP A 1453 -24.22 64.87 -6.01
N LEU A 1454 -22.91 64.57 -5.96
CA LEU A 1454 -22.14 64.15 -7.14
C LEU A 1454 -22.52 62.73 -7.57
N LYS A 1455 -23.22 61.97 -6.70
CA LYS A 1455 -23.73 60.63 -6.94
C LYS A 1455 -24.83 60.63 -8.03
N ASN A 1456 -25.36 61.83 -8.35
CA ASN A 1456 -26.36 62.04 -9.41
C ASN A 1456 -25.73 61.86 -10.80
N TYR A 1457 -24.39 62.02 -10.91
CA TYR A 1457 -23.63 61.78 -12.15
C TYR A 1457 -23.07 60.36 -12.06
N VAL A 1458 -23.76 59.41 -12.72
CA VAL A 1458 -23.42 57.99 -12.70
C VAL A 1458 -22.14 57.72 -13.52
N THR A 1459 -21.02 57.46 -12.80
CA THR A 1459 -19.70 57.21 -13.40
C THR A 1459 -19.08 55.86 -13.00
N ASP A 1460 -19.91 54.90 -12.54
CA ASP A 1460 -19.46 53.56 -12.13
C ASP A 1460 -20.50 52.49 -12.46
N VAL A 1461 -20.01 51.32 -12.95
CA VAL A 1461 -20.80 50.16 -13.39
C VAL A 1461 -21.85 49.71 -12.34
N LYS A 1462 -21.45 49.55 -11.06
CA LYS A 1462 -22.34 49.12 -9.98
C LYS A 1462 -23.55 50.05 -9.80
N SER A 1463 -23.35 51.38 -9.99
CA SER A 1463 -24.41 52.38 -9.87
C SER A 1463 -25.37 52.37 -11.07
N TRP A 1464 -24.86 52.07 -12.28
CA TRP A 1464 -25.65 51.96 -13.51
C TRP A 1464 -26.54 50.71 -13.43
N LEU A 1465 -25.99 49.61 -12.87
CA LEU A 1465 -26.69 48.33 -12.70
C LEU A 1465 -27.87 48.44 -11.72
N VAL A 1466 -27.69 49.19 -10.61
CA VAL A 1466 -28.70 49.45 -9.58
C VAL A 1466 -29.96 50.08 -10.21
N MET A 1467 -29.77 51.05 -11.13
CA MET A 1467 -30.82 51.74 -11.89
C MET A 1467 -31.72 50.78 -12.66
N PHE A 1468 -31.12 49.73 -13.25
CA PHE A 1468 -31.79 48.72 -14.05
C PHE A 1468 -32.47 47.61 -13.23
N GLY A 1469 -32.46 47.76 -11.91
CA GLY A 1469 -33.09 46.82 -10.98
C GLY A 1469 -32.16 45.73 -10.48
N PHE A 1470 -30.96 45.61 -11.08
CA PHE A 1470 -29.93 44.62 -10.73
C PHE A 1470 -29.51 44.76 -9.27
N GLN A 1471 -29.42 43.63 -8.57
CA GLN A 1471 -29.01 43.58 -7.18
C GLN A 1471 -27.90 42.53 -7.06
N LEU A 1472 -26.66 42.95 -7.37
CA LEU A 1472 -25.45 42.14 -7.34
C LEU A 1472 -25.16 41.55 -5.96
N SER A 1473 -25.65 42.22 -4.90
CA SER A 1473 -25.53 41.81 -3.50
C SER A 1473 -26.23 40.48 -3.24
N ASN A 1474 -27.29 40.18 -4.02
CA ASN A 1474 -28.08 38.94 -3.93
C ASN A 1474 -27.47 37.77 -4.72
N ILE A 1475 -26.63 38.05 -5.73
CA ILE A 1475 -26.03 37.00 -6.56
C ILE A 1475 -24.52 36.80 -6.30
N ILE A 1476 -23.81 37.84 -5.84
CA ILE A 1476 -22.39 37.76 -5.49
C ILE A 1476 -22.28 37.86 -3.97
N PRO A 1477 -21.99 36.74 -3.26
CA PRO A 1477 -21.88 36.80 -1.79
C PRO A 1477 -20.77 37.74 -1.31
N GLY A 1478 -21.13 38.64 -0.40
CA GLY A 1478 -20.21 39.61 0.17
C GLY A 1478 -20.21 40.97 -0.51
N PHE A 1479 -20.79 41.06 -1.73
CA PHE A 1479 -20.87 42.30 -2.51
C PHE A 1479 -21.65 43.38 -1.76
N PRO A 1480 -21.13 44.63 -1.67
CA PRO A 1480 -21.83 45.68 -0.91
C PRO A 1480 -23.20 46.08 -1.45
N ARG A 1481 -24.20 46.10 -0.56
CA ARG A 1481 -25.58 46.47 -0.88
C ARG A 1481 -25.71 48.00 -0.89
N ALA A 1482 -26.42 48.54 -1.90
CA ALA A 1482 -26.66 49.97 -2.06
C ALA A 1482 -27.53 50.49 -0.91
N LYS A 1483 -27.01 51.48 -0.16
CA LYS A 1483 -27.67 52.07 1.01
C LYS A 1483 -28.92 52.86 0.63
N MET A 1484 -30.05 52.49 1.26
CA MET A 1484 -31.35 53.12 1.06
C MET A 1484 -31.78 53.84 2.35
N TYR A 1485 -31.07 54.95 2.67
CA TYR A 1485 -31.33 55.76 3.86
C TYR A 1485 -31.46 57.23 3.51
N PHE A 1486 -32.48 57.89 4.11
CA PHE A 1486 -32.68 59.33 3.97
C PHE A 1486 -31.83 59.96 5.09
N VAL A 1487 -32.02 59.45 6.34
CA VAL A 1487 -31.26 59.84 7.53
C VAL A 1487 -30.29 58.69 7.82
N SER A 1488 -29.00 59.02 8.00
CA SER A 1488 -27.93 58.06 8.30
C SER A 1488 -28.23 57.32 9.62
N PRO A 1489 -28.10 55.98 9.68
CA PRO A 1489 -28.41 55.25 10.93
C PRO A 1489 -27.39 55.51 12.05
N PRO A 1490 -27.72 55.22 13.35
CA PRO A 1490 -26.73 55.42 14.41
C PRO A 1490 -25.57 54.44 14.34
N TYR A 1491 -24.41 54.83 14.89
CA TYR A 1491 -23.15 54.07 14.92
C TYR A 1491 -23.32 52.59 15.24
N GLU A 1492 -24.02 52.26 16.36
CA GLU A 1492 -24.26 50.89 16.83
C GLU A 1492 -25.04 50.01 15.85
N LEU A 1493 -25.95 50.62 15.07
CA LEU A 1493 -26.78 49.92 14.10
C LEU A 1493 -25.95 49.46 12.89
N THR A 1494 -25.17 50.39 12.30
CA THR A 1494 -24.28 50.11 11.16
C THR A 1494 -23.15 49.15 11.57
N GLU A 1495 -22.71 49.25 12.84
CA GLU A 1495 -21.67 48.41 13.43
C GLU A 1495 -22.14 46.97 13.64
N SER A 1496 -23.43 46.79 14.03
CA SER A 1496 -24.03 45.46 14.26
C SER A 1496 -24.13 44.61 12.98
N GLN A 1497 -24.18 45.27 11.81
CA GLN A 1497 -24.26 44.63 10.50
C GLN A 1497 -22.86 44.28 9.98
N ALA A 1498 -21.88 45.19 10.17
CA ALA A 1498 -20.50 45.07 9.71
C ALA A 1498 -19.56 44.26 10.65
N CYS A 1499 -20.03 43.88 11.85
CA CYS A 1499 -19.20 43.12 12.81
C CYS A 1499 -19.00 41.66 12.38
N GLU A 1500 -19.91 41.10 11.55
CA GLU A 1500 -19.83 39.73 11.03
C GLU A 1500 -18.72 39.57 9.98
N ASN A 1501 -18.27 40.70 9.39
CA ASN A 1501 -17.18 40.75 8.41
C ASN A 1501 -15.85 40.44 9.09
N GLY A 1502 -14.94 39.79 8.37
CA GLY A 1502 -13.62 39.41 8.86
C GLY A 1502 -12.77 40.56 9.35
N GLN A 1503 -12.09 40.37 10.51
CA GLN A 1503 -11.22 41.37 11.15
C GLN A 1503 -9.96 41.60 10.30
N LEU A 1504 -9.27 42.76 10.50
CA LEU A 1504 -8.07 43.11 9.73
C LEU A 1504 -6.86 43.50 10.60
N ILE A 1505 -6.73 42.86 11.78
CA ILE A 1505 -5.64 43.12 12.73
C ILE A 1505 -4.30 42.55 12.23
N THR A 1506 -4.29 41.28 11.80
CA THR A 1506 -3.08 40.57 11.34
C THR A 1506 -2.88 40.69 9.82
N GLY A 1507 -1.66 40.39 9.36
CA GLY A 1507 -1.25 40.43 7.97
C GLY A 1507 -1.95 39.42 7.08
N VAL A 1508 -2.23 38.21 7.61
CA VAL A 1508 -2.92 37.14 6.86
C VAL A 1508 -4.39 37.51 6.63
N GLN A 1509 -4.97 38.28 7.57
CA GLN A 1509 -6.35 38.79 7.50
C GLN A 1509 -6.45 39.85 6.41
N GLN A 1510 -5.40 40.67 6.24
CA GLN A 1510 -5.31 41.71 5.22
C GLN A 1510 -5.06 41.12 3.83
N THR A 1511 -4.32 39.98 3.75
CA THR A 1511 -4.04 39.25 2.50
C THR A 1511 -5.36 38.67 1.98
N THR A 1512 -6.17 38.10 2.89
CA THR A 1512 -7.49 37.52 2.64
C THR A 1512 -8.45 38.57 2.06
N GLU A 1513 -8.45 39.79 2.64
CA GLU A 1513 -9.30 40.90 2.22
C GLU A 1513 -8.94 41.39 0.81
N ARG A 1514 -7.63 41.41 0.47
CA ARG A 1514 -7.14 41.79 -0.85
C ARG A 1514 -7.68 40.83 -1.90
N HIS A 1515 -7.71 39.51 -1.56
CA HIS A 1515 -8.24 38.43 -2.39
C HIS A 1515 -9.75 38.62 -2.60
N ASN A 1516 -10.49 39.05 -1.55
CA ASN A 1516 -11.93 39.29 -1.59
C ASN A 1516 -12.29 40.53 -2.43
N GLN A 1517 -11.63 41.68 -2.16
CA GLN A 1517 -11.87 42.96 -2.85
C GLN A 1517 -11.53 42.91 -4.34
N ALA A 1518 -10.40 42.25 -4.70
CA ALA A 1518 -9.96 42.10 -6.10
C ALA A 1518 -10.94 41.22 -6.88
N PHE A 1519 -11.61 40.29 -6.19
CA PHE A 1519 -12.60 39.40 -6.77
C PHE A 1519 -13.92 40.14 -7.06
N MET A 1520 -14.27 41.15 -6.25
CA MET A 1520 -15.51 41.93 -6.41
C MET A 1520 -15.38 43.12 -7.38
N ALA A 1521 -14.16 43.45 -7.83
CA ALA A 1521 -13.89 44.56 -8.77
C ALA A 1521 -14.52 44.34 -10.15
N LEU A 1522 -15.20 45.38 -10.69
CA LEU A 1522 -15.89 45.32 -11.98
C LEU A 1522 -15.11 46.02 -13.11
N GLU A 1523 -14.99 47.36 -13.05
CA GLU A 1523 -14.29 48.17 -14.06
C GLU A 1523 -12.79 47.95 -13.97
N GLY A 1524 -12.11 48.06 -15.11
CA GLY A 1524 -10.65 47.94 -15.20
C GLY A 1524 -9.97 49.18 -14.64
N GLN A 1525 -10.69 50.32 -14.65
CA GLN A 1525 -10.26 51.63 -14.15
C GLN A 1525 -11.46 52.42 -13.60
N VAL A 1526 -11.32 52.96 -12.37
CA VAL A 1526 -12.35 53.76 -11.70
C VAL A 1526 -11.86 55.21 -11.53
N ILE A 1527 -12.72 56.19 -11.86
CA ILE A 1527 -12.41 57.62 -11.73
C ILE A 1527 -12.56 58.08 -10.27
N SER A 1528 -11.82 59.14 -9.89
CA SER A 1528 -11.90 59.72 -8.56
C SER A 1528 -12.91 60.88 -8.64
N LYS A 1529 -14.19 60.56 -8.39
CA LYS A 1529 -15.31 61.51 -8.46
C LYS A 1529 -15.29 62.47 -7.26
N ARG A 1530 -14.39 63.46 -7.31
CA ARG A 1530 -14.20 64.47 -6.27
C ARG A 1530 -13.92 65.83 -6.91
N LEU A 1531 -14.79 66.81 -6.62
CA LEU A 1531 -14.61 68.17 -7.10
C LEU A 1531 -14.12 69.05 -5.93
N HIS A 1532 -13.13 68.52 -5.18
CA HIS A 1532 -12.46 69.15 -4.03
C HIS A 1532 -11.02 68.63 -3.92
N ALA A 1533 -10.13 69.44 -3.34
CA ALA A 1533 -8.72 69.07 -3.18
C ALA A 1533 -8.53 68.03 -2.09
N SER A 1534 -7.57 67.11 -2.30
CA SER A 1534 -7.23 66.03 -1.37
C SER A 1534 -6.52 66.58 -0.13
N ILE A 1535 -7.02 66.19 1.07
CA ILE A 1535 -6.49 66.62 2.36
C ILE A 1535 -5.89 65.42 3.12
N ARG A 1536 -4.73 65.63 3.79
CA ARG A 1536 -4.07 64.61 4.60
C ARG A 1536 -4.91 64.42 5.88
N GLU A 1537 -5.60 63.27 5.98
CA GLU A 1537 -6.48 62.96 7.11
C GLU A 1537 -5.84 62.02 8.13
N LYS A 1538 -5.91 62.40 9.43
CA LYS A 1538 -5.38 61.62 10.56
C LYS A 1538 -6.54 60.94 11.31
N ALA A 1539 -6.26 59.79 11.94
CA ALA A 1539 -7.26 59.00 12.69
C ALA A 1539 -7.74 59.71 13.97
N GLY A 1540 -9.03 60.08 13.97
CA GLY A 1540 -9.67 60.76 15.08
C GLY A 1540 -9.41 62.25 15.20
N HIS A 1541 -8.65 62.84 14.25
CA HIS A 1541 -8.31 64.27 14.21
C HIS A 1541 -9.24 64.98 13.21
N TRP A 1542 -10.17 65.79 13.72
CA TRP A 1542 -11.14 66.49 12.89
C TRP A 1542 -10.72 67.93 12.58
N PHE A 1543 -10.20 68.64 13.60
CA PHE A 1543 -9.88 70.06 13.51
C PHE A 1543 -8.42 70.41 13.78
N ALA A 1544 -8.12 71.73 13.73
CA ALA A 1544 -6.80 72.31 13.98
C ALA A 1544 -6.28 71.85 15.33
N THR A 1545 -5.06 71.33 15.34
CA THR A 1545 -4.42 70.77 16.53
C THR A 1545 -3.86 71.83 17.47
N SER A 1546 -4.17 71.66 18.77
CA SER A 1546 -3.71 72.51 19.88
C SER A 1546 -2.33 72.04 20.33
N THR A 1547 -1.49 72.97 20.83
CA THR A 1547 -0.15 72.68 21.34
C THR A 1547 -0.23 71.62 22.45
N PRO A 1548 0.46 70.47 22.32
CA PRO A 1548 0.34 69.44 23.36
C PRO A 1548 1.16 69.70 24.61
N ILE A 1549 0.74 69.12 25.74
CA ILE A 1549 1.46 69.20 27.01
C ILE A 1549 2.64 68.22 26.86
N ILE A 1550 2.36 66.99 26.36
CA ILE A 1550 3.36 65.96 26.03
C ILE A 1550 3.95 66.43 24.69
N GLY A 1551 5.06 67.17 24.75
CA GLY A 1551 5.72 67.77 23.60
C GLY A 1551 6.26 66.82 22.56
N LYS A 1552 6.71 67.40 21.43
CA LYS A 1552 7.32 66.67 20.31
C LYS A 1552 8.66 66.12 20.79
N GLY A 1553 8.90 64.84 20.56
CA GLY A 1553 10.10 64.15 20.99
C GLY A 1553 10.03 63.56 22.39
N ILE A 1554 8.83 63.61 23.01
CA ILE A 1554 8.58 63.08 24.36
C ILE A 1554 7.77 61.80 24.27
N MET A 1555 8.23 60.74 24.94
CA MET A 1555 7.54 59.46 25.00
C MET A 1555 6.70 59.47 26.28
N PHE A 1556 5.45 59.01 26.18
CA PHE A 1556 4.52 58.94 27.30
C PHE A 1556 3.78 57.61 27.22
N ALA A 1557 3.82 56.82 28.30
CA ALA A 1557 3.18 55.51 28.36
C ALA A 1557 2.44 55.29 29.67
N VAL A 1558 1.22 54.75 29.57
CA VAL A 1558 0.38 54.40 30.74
C VAL A 1558 0.08 52.90 30.65
N LYS A 1559 0.86 52.10 31.39
CA LYS A 1559 0.75 50.64 31.46
C LYS A 1559 0.26 50.24 32.85
N LYS A 1560 -0.96 49.64 32.92
CA LYS A 1560 -1.64 49.20 34.14
C LYS A 1560 -1.74 50.32 35.21
N GLY A 1561 -1.98 51.54 34.74
CA GLY A 1561 -2.10 52.73 35.58
C GLY A 1561 -0.79 53.36 36.00
N ARG A 1562 0.35 52.83 35.51
CA ARG A 1562 1.69 53.34 35.85
C ARG A 1562 2.26 54.16 34.69
N VAL A 1563 2.76 55.38 34.99
CA VAL A 1563 3.31 56.29 33.99
C VAL A 1563 4.83 56.15 33.85
N THR A 1564 5.29 56.04 32.59
CA THR A 1564 6.69 55.98 32.20
C THR A 1564 6.90 56.98 31.06
N THR A 1565 8.00 57.75 31.10
CA THR A 1565 8.31 58.75 30.08
C THR A 1565 9.71 58.57 29.50
N GLY A 1566 9.87 59.00 28.26
CA GLY A 1566 11.13 58.94 27.51
C GLY A 1566 11.44 60.26 26.82
N ILE A 1567 12.70 60.46 26.43
CA ILE A 1567 13.17 61.68 25.78
C ILE A 1567 13.98 61.39 24.52
N SER A 1568 13.66 62.10 23.41
CA SER A 1568 14.39 62.01 22.15
C SER A 1568 15.16 63.34 21.92
N SER A 1569 16.06 63.37 20.92
CA SER A 1569 16.92 64.51 20.58
C SER A 1569 16.19 65.82 20.28
N ILE A 1570 15.06 65.77 19.54
CA ILE A 1570 14.30 66.97 19.14
C ILE A 1570 13.54 67.65 20.30
N ALA A 1571 13.23 66.92 21.39
CA ALA A 1571 12.52 67.45 22.55
C ALA A 1571 13.16 68.72 23.14
N THR A 1572 12.33 69.73 23.42
CA THR A 1572 12.78 71.01 24.02
C THR A 1572 13.03 70.78 25.51
N ASP A 1573 13.78 71.70 26.16
CA ASP A 1573 14.10 71.60 27.59
C ASP A 1573 12.86 71.64 28.48
N ASP A 1574 11.86 72.49 28.14
CA ASP A 1574 10.60 72.62 28.87
C ASP A 1574 9.70 71.39 28.73
N SER A 1575 9.79 70.67 27.60
CA SER A 1575 9.03 69.43 27.34
C SER A 1575 9.62 68.29 28.17
N ARG A 1576 10.96 68.30 28.37
CA ARG A 1576 11.72 67.33 29.16
C ARG A 1576 11.41 67.51 30.65
N LYS A 1577 11.09 68.75 31.07
CA LYS A 1577 10.72 69.11 32.44
C LYS A 1577 9.40 68.45 32.82
N ILE A 1578 8.39 68.51 31.92
CA ILE A 1578 7.06 67.91 32.08
C ILE A 1578 7.19 66.39 32.15
N ALA A 1579 8.04 65.81 31.26
CA ALA A 1579 8.32 64.37 31.17
C ALA A 1579 8.93 63.83 32.47
N SER A 1580 9.90 64.58 33.04
CA SER A 1580 10.59 64.24 34.28
C SER A 1580 9.63 64.22 35.48
N VAL A 1581 8.68 65.17 35.52
CA VAL A 1581 7.68 65.29 36.59
C VAL A 1581 6.63 64.17 36.47
N LEU A 1582 6.17 63.86 35.24
CA LEU A 1582 5.17 62.84 35.00
C LEU A 1582 5.67 61.39 35.16
N ASN A 1583 6.99 61.16 35.05
CA ASN A 1583 7.59 59.82 35.20
C ASN A 1583 7.33 59.23 36.59
N SER A 1584 7.01 57.92 36.64
CA SER A 1584 6.72 57.10 37.84
C SER A 1584 5.39 57.45 38.55
N ALA A 1585 4.55 58.32 37.94
CA ALA A 1585 3.25 58.69 38.50
C ALA A 1585 2.22 57.58 38.27
N HIS A 1586 1.14 57.57 39.08
CA HIS A 1586 0.07 56.58 38.94
C HIS A 1586 -1.21 57.27 38.47
N TYR A 1587 -1.69 56.92 37.27
CA TYR A 1587 -2.89 57.49 36.66
C TYR A 1587 -4.16 56.92 37.26
N LEU A 1588 -5.14 57.80 37.55
CA LEU A 1588 -6.44 57.43 38.08
C LEU A 1588 -7.32 57.00 36.90
N GLU A 1589 -7.26 55.71 36.57
CA GLU A 1589 -7.99 55.08 35.47
C GLU A 1589 -9.51 55.21 35.64
N LYS A 1590 -10.23 55.53 34.54
CA LYS A 1590 -11.68 55.73 34.46
C LYS A 1590 -12.21 56.91 35.29
N MET A 1591 -11.32 57.64 35.99
CA MET A 1591 -11.68 58.77 36.84
C MET A 1591 -11.12 60.11 36.32
N HIS A 1592 -11.44 60.41 35.06
CA HIS A 1592 -11.10 61.65 34.35
C HIS A 1592 -12.43 62.30 33.97
N TYR A 1593 -12.58 63.61 34.22
CA TYR A 1593 -13.85 64.30 33.95
C TYR A 1593 -13.69 65.64 33.25
N SER A 1594 -14.80 66.16 32.71
CA SER A 1594 -14.87 67.47 32.08
C SER A 1594 -15.40 68.43 33.15
N ILE A 1595 -14.48 69.14 33.83
CA ILE A 1595 -14.80 70.07 34.91
C ILE A 1595 -14.55 71.50 34.42
N GLU A 1596 -15.63 72.31 34.36
CA GLU A 1596 -15.63 73.72 33.89
C GLU A 1596 -15.04 73.86 32.48
N GLY A 1597 -15.35 72.88 31.62
CA GLY A 1597 -14.87 72.83 30.25
C GLY A 1597 -13.53 72.15 30.09
N LYS A 1598 -12.79 71.99 31.20
CA LYS A 1598 -11.45 71.40 31.22
C LYS A 1598 -11.45 69.87 31.23
N ASP A 1599 -10.69 69.27 30.30
CA ASP A 1599 -10.45 67.84 30.13
C ASP A 1599 -9.43 67.46 31.21
N THR A 1600 -9.91 67.25 32.46
CA THR A 1600 -9.06 66.98 33.62
C THR A 1600 -8.68 65.52 33.80
N HIS A 1601 -7.38 65.27 34.00
CA HIS A 1601 -6.81 63.94 34.23
C HIS A 1601 -6.03 63.95 35.54
N TYR A 1602 -6.32 62.98 36.43
CA TYR A 1602 -5.71 62.88 37.76
C TYR A 1602 -4.60 61.85 37.85
N PHE A 1603 -3.49 62.25 38.49
CA PHE A 1603 -2.29 61.45 38.70
C PHE A 1603 -1.81 61.60 40.15
N VAL A 1604 -1.08 60.59 40.66
CA VAL A 1604 -0.51 60.59 42.02
C VAL A 1604 0.97 60.21 42.00
N LYS A 1605 1.75 60.78 42.92
CA LYS A 1605 3.17 60.47 43.05
C LYS A 1605 3.51 60.18 44.50
N ILE A 1606 4.07 58.98 44.76
CA ILE A 1606 4.48 58.57 46.10
C ILE A 1606 5.93 58.99 46.33
N GLY A 1607 6.09 60.03 47.14
CA GLY A 1607 7.36 60.65 47.49
C GLY A 1607 7.22 62.15 47.71
N SER A 1608 8.33 62.87 47.60
CA SER A 1608 8.34 64.33 47.78
C SER A 1608 8.42 65.07 46.47
N ALA A 1609 7.78 66.25 46.41
CA ALA A 1609 7.75 67.12 45.23
C ALA A 1609 9.05 67.92 45.05
N ASP A 1610 9.95 67.91 46.07
CA ASP A 1610 11.23 68.62 46.09
C ASP A 1610 12.08 68.42 44.84
N SER A 1611 12.27 67.15 44.42
CA SER A 1611 13.06 66.79 43.24
C SER A 1611 12.45 67.36 41.96
N ASP A 1612 11.10 67.28 41.84
CA ASP A 1612 10.35 67.77 40.69
C ASP A 1612 10.25 69.30 40.66
N LEU A 1613 10.30 69.96 41.84
CA LEU A 1613 10.24 71.41 41.96
C LEU A 1613 11.54 72.07 41.50
N VAL A 1614 12.68 71.35 41.67
CA VAL A 1614 14.02 71.77 41.24
C VAL A 1614 14.05 71.74 39.70
N THR A 1615 13.43 70.68 39.10
CA THR A 1615 13.31 70.47 37.66
C THR A 1615 12.49 71.60 37.01
N LEU A 1616 11.34 71.96 37.62
CA LEU A 1616 10.46 73.02 37.15
C LEU A 1616 11.01 74.43 37.40
N ALA A 1617 12.03 74.55 38.28
CA ALA A 1617 12.70 75.78 38.71
C ALA A 1617 11.72 76.80 39.31
N MET A 1618 10.85 76.31 40.21
CA MET A 1618 9.83 77.10 40.92
C MET A 1618 9.49 76.51 42.30
N THR A 1619 8.86 77.31 43.16
CA THR A 1619 8.46 76.91 44.52
C THR A 1619 6.94 76.89 44.68
N SER A 1620 6.27 77.95 44.17
CA SER A 1620 4.81 78.13 44.21
C SER A 1620 4.35 79.10 43.10
N GLY A 1621 3.04 79.17 42.90
CA GLY A 1621 2.42 80.05 41.91
C GLY A 1621 2.30 79.43 40.52
N ARG A 1622 2.17 80.29 39.49
CA ARG A 1622 2.02 79.89 38.09
C ARG A 1622 3.23 80.33 37.24
N LYS A 1623 3.72 79.42 36.38
CA LYS A 1623 4.84 79.65 35.47
C LYS A 1623 4.42 79.27 34.05
N VAL A 1624 4.77 80.12 33.06
CA VAL A 1624 4.45 79.91 31.65
C VAL A 1624 5.71 79.44 30.92
N LEU A 1625 5.62 78.28 30.24
CA LEU A 1625 6.74 77.69 29.49
C LEU A 1625 6.81 78.26 28.07
N ASP A 1626 7.89 77.93 27.32
CA ASP A 1626 8.11 78.38 25.94
C ASP A 1626 6.98 77.98 24.99
N SER A 1627 6.37 76.82 25.24
CA SER A 1627 5.23 76.26 24.49
C SER A 1627 3.92 77.01 24.79
N GLY A 1628 3.85 77.63 25.97
CA GLY A 1628 2.68 78.36 26.44
C GLY A 1628 1.94 77.63 27.56
N VAL A 1629 2.40 76.40 27.88
CA VAL A 1629 1.86 75.52 28.91
C VAL A 1629 2.01 76.14 30.31
N ASN A 1630 0.90 76.20 31.06
CA ASN A 1630 0.85 76.75 32.42
C ASN A 1630 1.21 75.67 33.44
N VAL A 1631 2.14 75.99 34.37
CA VAL A 1631 2.55 75.11 35.46
C VAL A 1631 2.14 75.80 36.76
N THR A 1632 1.16 75.23 37.48
CA THR A 1632 0.67 75.80 38.74
C THR A 1632 1.01 74.87 39.92
N VAL A 1633 1.83 75.38 40.85
CA VAL A 1633 2.24 74.66 42.06
C VAL A 1633 1.51 75.28 43.25
N SER A 1634 0.81 74.45 44.02
CA SER A 1634 0.04 74.89 45.19
C SER A 1634 0.01 73.83 46.29
N GLN A 1635 -0.43 74.22 47.49
CA GLN A 1635 -0.60 73.31 48.62
C GLN A 1635 -2.05 73.41 49.13
N PRO A 1636 -3.03 72.82 48.40
CA PRO A 1636 -4.43 72.93 48.82
C PRO A 1636 -4.79 72.13 50.06
N THR A 1637 -5.83 72.58 50.76
CA THR A 1637 -6.39 71.94 51.95
C THR A 1637 -7.83 71.58 51.60
N LEU A 1638 -8.14 70.27 51.52
CA LEU A 1638 -9.46 69.78 51.15
C LEU A 1638 -10.19 69.10 52.30
N LEU A 1639 -11.51 69.34 52.38
CA LEU A 1639 -12.40 68.73 53.36
C LEU A 1639 -13.25 67.70 52.60
N ILE A 1640 -12.85 66.43 52.70
CA ILE A 1640 -13.53 65.31 52.03
C ILE A 1640 -14.08 64.34 53.08
N ASN A 1641 -15.42 64.29 53.22
CA ASN A 1641 -16.18 63.44 54.15
C ASN A 1641 -15.73 63.61 55.63
N GLY A 1642 -15.58 64.87 56.04
CA GLY A 1642 -15.16 65.22 57.39
C GLY A 1642 -13.66 65.27 57.60
N ARG A 1643 -12.90 64.50 56.79
CA ARG A 1643 -11.44 64.41 56.85
C ARG A 1643 -10.78 65.63 56.18
N THR A 1644 -9.79 66.22 56.86
CA THR A 1644 -9.00 67.35 56.34
C THR A 1644 -7.68 66.80 55.81
N ARG A 1645 -7.27 67.25 54.61
CA ARG A 1645 -6.01 66.82 54.01
C ARG A 1645 -5.31 67.93 53.25
N ARG A 1646 -4.00 68.05 53.45
CA ARG A 1646 -3.11 69.03 52.82
C ARG A 1646 -2.02 68.27 52.05
N PHE A 1647 -1.73 68.70 50.81
CA PHE A 1647 -0.75 68.06 49.92
C PHE A 1647 -0.21 69.03 48.87
N THR A 1648 0.97 68.72 48.29
CA THR A 1648 1.54 69.52 47.21
C THR A 1648 0.83 69.09 45.92
N ASN A 1649 0.46 70.06 45.09
CA ASN A 1649 -0.26 69.83 43.84
C ASN A 1649 0.43 70.55 42.68
N ILE A 1650 0.84 69.78 41.65
CA ILE A 1650 1.44 70.34 40.42
C ILE A 1650 0.43 70.13 39.30
N GLU A 1651 0.03 71.23 38.65
CA GLU A 1651 -0.95 71.24 37.57
C GLU A 1651 -0.35 71.75 36.25
N PHE A 1652 -0.45 70.94 35.18
CA PHE A 1652 -0.01 71.29 33.83
C PHE A 1652 -1.25 71.56 33.00
N GLN A 1653 -1.33 72.75 32.35
CA GLN A 1653 -2.52 73.14 31.59
C GLN A 1653 -2.24 73.93 30.31
N TYR A 1654 -2.88 73.52 29.20
CA TYR A 1654 -2.90 74.21 27.91
C TYR A 1654 -4.32 74.14 27.37
N SER A 1655 -4.93 75.31 27.15
CA SER A 1655 -6.31 75.47 26.66
C SER A 1655 -7.28 74.66 27.55
N THR A 1656 -8.01 73.66 27.00
CA THR A 1656 -8.93 72.85 27.80
C THR A 1656 -8.25 71.64 28.47
N LEU A 1657 -7.03 71.24 28.02
CA LEU A 1657 -6.35 70.10 28.62
C LEU A 1657 -5.71 70.45 29.95
N LEU A 1658 -6.04 69.68 31.01
CA LEU A 1658 -5.53 69.86 32.36
C LEU A 1658 -5.05 68.51 32.93
N ILE A 1659 -3.77 68.46 33.33
CA ILE A 1659 -3.12 67.29 33.94
C ILE A 1659 -2.76 67.68 35.38
N ASN A 1660 -3.34 66.96 36.37
CA ASN A 1660 -3.14 67.23 37.80
C ASN A 1660 -2.37 66.12 38.51
N ILE A 1661 -1.35 66.49 39.31
CA ILE A 1661 -0.52 65.55 40.06
C ILE A 1661 -0.60 65.84 41.57
N ARG A 1662 -0.98 64.82 42.37
CA ARG A 1662 -1.06 64.88 43.83
C ARG A 1662 0.14 64.15 44.43
N TYR A 1663 0.79 64.77 45.42
CA TYR A 1663 1.95 64.17 46.10
C TYR A 1663 1.57 63.66 47.48
N GLY A 1664 2.07 62.48 47.83
CA GLY A 1664 1.85 61.82 49.10
C GLY A 1664 2.97 60.86 49.46
N LEU A 1665 3.03 60.43 50.73
CA LEU A 1665 4.07 59.51 51.20
C LEU A 1665 3.52 58.14 51.56
N THR A 1666 2.27 58.09 52.06
CA THR A 1666 1.57 56.87 52.46
C THR A 1666 1.19 56.00 51.25
N ALA A 1667 0.88 54.72 51.49
CA ALA A 1667 0.47 53.77 50.46
C ALA A 1667 -0.95 54.05 49.99
N ASP A 1668 -1.78 54.63 50.89
CA ASP A 1668 -3.18 54.97 50.64
C ASP A 1668 -3.39 56.26 49.83
N THR A 1669 -2.30 56.88 49.30
CA THR A 1669 -2.32 58.11 48.50
C THR A 1669 -3.25 57.98 47.27
N LEU A 1670 -3.12 56.88 46.51
CA LEU A 1670 -3.93 56.57 45.33
C LEU A 1670 -5.41 56.40 45.71
N ASP A 1671 -5.67 55.68 46.82
CA ASP A 1671 -7.02 55.43 47.35
C ASP A 1671 -7.68 56.70 47.89
N GLU A 1672 -6.87 57.62 48.46
CA GLU A 1672 -7.34 58.89 49.01
C GLU A 1672 -7.74 59.87 47.90
N GLU A 1673 -6.94 59.92 46.81
CA GLU A 1673 -7.20 60.77 45.65
C GLU A 1673 -8.43 60.26 44.90
N LYS A 1674 -8.59 58.93 44.81
CA LYS A 1674 -9.75 58.27 44.18
C LYS A 1674 -11.02 58.65 44.94
N ALA A 1675 -10.97 58.61 46.29
CA ALA A 1675 -12.08 58.98 47.18
C ALA A 1675 -12.38 60.49 47.11
N ARG A 1676 -11.34 61.31 46.87
CA ARG A 1676 -11.44 62.76 46.77
C ARG A 1676 -12.12 63.19 45.46
N VAL A 1677 -11.63 62.66 44.30
CA VAL A 1677 -12.17 62.98 42.98
C VAL A 1677 -13.62 62.50 42.81
N LEU A 1678 -13.97 61.34 43.40
CA LEU A 1678 -15.32 60.79 43.34
C LEU A 1678 -16.29 61.61 44.19
N ASP A 1679 -15.83 62.12 45.36
CA ASP A 1679 -16.64 62.95 46.25
C ASP A 1679 -16.90 64.32 45.61
N GLN A 1680 -15.88 64.88 44.94
CA GLN A 1680 -15.98 66.17 44.24
C GLN A 1680 -16.91 66.06 43.03
N ALA A 1681 -16.87 64.90 42.34
CA ALA A 1681 -17.75 64.59 41.20
C ALA A 1681 -19.18 64.38 41.69
N ARG A 1682 -19.34 63.71 42.87
CA ARG A 1682 -20.64 63.46 43.50
C ARG A 1682 -21.31 64.80 43.84
N GLN A 1683 -20.52 65.79 44.31
CA GLN A 1683 -20.97 67.15 44.64
C GLN A 1683 -21.43 67.89 43.38
N ARG A 1684 -20.73 67.68 42.24
CA ARG A 1684 -21.06 68.27 40.95
C ARG A 1684 -22.36 67.68 40.40
N ALA A 1685 -22.50 66.33 40.47
CA ALA A 1685 -23.69 65.59 40.03
C ALA A 1685 -24.92 65.99 40.85
N LEU A 1686 -24.77 66.11 42.19
CA LEU A 1686 -25.86 66.50 43.08
C LEU A 1686 -26.22 67.97 42.93
N GLY A 1687 -25.21 68.83 42.79
CA GLY A 1687 -25.37 70.27 42.60
C GLY A 1687 -26.15 70.58 41.34
N SER A 1688 -25.81 69.89 40.24
CA SER A 1688 -26.45 70.03 38.93
C SER A 1688 -27.88 69.45 38.93
N ALA A 1689 -28.07 68.23 39.49
CA ALA A 1689 -29.37 67.56 39.56
C ALA A 1689 -30.42 68.33 40.36
N TRP A 1690 -30.04 68.91 41.52
CA TRP A 1690 -30.95 69.71 42.36
C TRP A 1690 -31.32 71.03 41.66
N ALA A 1691 -30.34 71.64 40.95
CA ALA A 1691 -30.53 72.90 40.20
C ALA A 1691 -31.51 72.70 39.05
N LYS A 1692 -31.40 71.56 38.32
CA LYS A 1692 -32.27 71.18 37.22
C LYS A 1692 -33.67 70.87 37.73
N GLU A 1693 -33.77 70.25 38.93
CA GLU A 1693 -35.04 69.92 39.60
C GLU A 1693 -35.76 71.19 40.05
N GLN A 1694 -35.01 72.19 40.56
CA GLN A 1694 -35.53 73.48 41.00
C GLN A 1694 -36.04 74.27 39.79
N GLN A 1695 -35.31 74.21 38.66
CA GLN A 1695 -35.65 74.88 37.40
C GLN A 1695 -36.94 74.30 36.80
N LYS A 1696 -37.16 72.97 36.93
CA LYS A 1696 -38.38 72.28 36.46
C LYS A 1696 -39.61 72.80 37.20
N ALA A 1697 -39.47 73.01 38.53
CA ALA A 1697 -40.52 73.53 39.42
C ALA A 1697 -40.83 75.00 39.08
N ARG A 1698 -39.80 75.79 38.75
CA ARG A 1698 -39.89 77.20 38.39
C ARG A 1698 -40.61 77.39 37.04
N ASP A 1699 -40.27 76.53 36.05
CA ASP A 1699 -40.82 76.55 34.69
C ASP A 1699 -42.24 75.97 34.60
N GLY A 1700 -42.65 75.22 35.63
CA GLY A 1700 -43.96 74.56 35.66
C GLY A 1700 -43.95 73.23 34.97
N ARG A 1701 -42.75 72.68 34.72
CA ARG A 1701 -42.52 71.39 34.07
C ARG A 1701 -42.57 70.26 35.11
N GLU A 1702 -42.84 69.03 34.63
CA GLU A 1702 -42.88 67.83 35.48
C GLU A 1702 -41.48 67.44 35.92
N GLY A 1703 -41.34 67.14 37.21
CA GLY A 1703 -40.06 66.75 37.80
C GLY A 1703 -39.75 65.28 37.65
N SER A 1704 -38.54 64.88 38.12
CA SER A 1704 -38.08 63.49 38.09
C SER A 1704 -38.86 62.61 39.08
N ARG A 1705 -39.30 63.23 40.20
CA ARG A 1705 -40.07 62.59 41.27
C ARG A 1705 -41.34 63.40 41.53
N VAL A 1706 -42.39 62.74 42.06
CA VAL A 1706 -43.65 63.41 42.39
C VAL A 1706 -43.52 64.09 43.77
N TRP A 1707 -43.47 65.43 43.78
CA TRP A 1707 -43.33 66.24 45.00
C TRP A 1707 -44.70 66.80 45.42
N THR A 1708 -44.92 66.92 46.74
CA THR A 1708 -46.16 67.51 47.29
C THR A 1708 -46.03 69.04 47.23
N ASP A 1709 -47.13 69.77 47.50
CA ASP A 1709 -47.16 71.24 47.50
C ASP A 1709 -46.11 71.87 48.43
N GLY A 1710 -45.91 71.25 49.60
CA GLY A 1710 -44.92 71.67 50.58
C GLY A 1710 -43.50 71.38 50.15
N GLU A 1711 -43.28 70.18 49.55
CA GLU A 1711 -41.99 69.73 49.03
C GLU A 1711 -41.55 70.61 47.85
N LYS A 1712 -42.49 70.93 46.94
CA LYS A 1712 -42.27 71.77 45.76
C LYS A 1712 -41.89 73.20 46.17
N GLN A 1713 -42.59 73.76 47.18
CA GLN A 1713 -42.32 75.10 47.71
C GLN A 1713 -40.97 75.17 48.40
N GLN A 1714 -40.57 74.10 49.10
CA GLN A 1714 -39.29 73.98 49.80
C GLN A 1714 -38.14 74.01 48.77
N LEU A 1715 -38.33 73.31 47.64
CA LEU A 1715 -37.39 73.22 46.52
C LEU A 1715 -37.22 74.59 45.84
N LEU A 1716 -38.31 75.36 45.71
CA LEU A 1716 -38.32 76.69 45.08
C LEU A 1716 -37.58 77.74 45.93
N ASN A 1717 -37.74 77.68 47.27
CA ASN A 1717 -37.14 78.64 48.20
C ASN A 1717 -35.71 78.31 48.62
N THR A 1718 -35.43 77.06 49.04
CA THR A 1718 -34.10 76.65 49.51
C THR A 1718 -33.21 76.06 48.42
N GLY A 1719 -33.78 75.21 47.58
CA GLY A 1719 -33.05 74.52 46.51
C GLY A 1719 -32.95 73.03 46.74
N ARG A 1720 -33.17 72.60 48.00
CA ARG A 1720 -33.12 71.22 48.46
C ARG A 1720 -34.45 70.88 49.17
N VAL A 1721 -34.78 69.57 49.28
CA VAL A 1721 -35.98 69.10 49.96
C VAL A 1721 -35.55 68.23 51.15
N GLN A 1722 -36.04 68.57 52.37
CA GLN A 1722 -35.73 67.87 53.63
C GLN A 1722 -36.18 66.42 53.61
N GLY A 1723 -35.25 65.52 53.94
CA GLY A 1723 -35.47 64.08 53.95
C GLY A 1723 -35.10 63.40 52.66
N TYR A 1724 -34.95 64.19 51.57
CA TYR A 1724 -34.60 63.71 50.24
C TYR A 1724 -33.14 63.98 49.89
N GLU A 1725 -32.48 62.99 49.27
CA GLU A 1725 -31.09 63.04 48.83
C GLU A 1725 -30.99 62.34 47.46
N GLY A 1726 -30.02 62.77 46.66
CA GLY A 1726 -29.76 62.20 45.35
C GLY A 1726 -28.85 60.99 45.44
N TYR A 1727 -29.27 59.88 44.81
CA TYR A 1727 -28.53 58.62 44.77
C TYR A 1727 -28.28 58.19 43.33
N TYR A 1728 -27.19 57.46 43.08
CA TYR A 1728 -26.86 56.98 41.73
C TYR A 1728 -27.80 55.85 41.30
N VAL A 1729 -28.28 55.90 40.04
CA VAL A 1729 -29.16 54.86 39.48
C VAL A 1729 -28.22 53.72 39.07
N LEU A 1730 -27.26 54.00 38.14
CA LEU A 1730 -26.23 53.05 37.74
C LEU A 1730 -25.09 53.22 38.76
N PRO A 1731 -24.70 52.12 39.46
CA PRO A 1731 -23.67 52.26 40.51
C PRO A 1731 -22.33 52.83 40.05
N VAL A 1732 -21.82 53.81 40.83
CA VAL A 1732 -20.55 54.51 40.60
C VAL A 1732 -19.34 53.55 40.74
N GLU A 1733 -19.53 52.44 41.47
CA GLU A 1733 -18.53 51.39 41.69
C GLU A 1733 -18.21 50.65 40.39
N GLN A 1734 -19.23 50.46 39.52
CA GLN A 1734 -19.09 49.79 38.22
C GLN A 1734 -18.99 50.81 37.09
N TYR A 1735 -19.54 52.02 37.31
CA TYR A 1735 -19.54 53.09 36.33
C TYR A 1735 -18.91 54.39 36.93
N PRO A 1736 -17.57 54.45 37.14
CA PRO A 1736 -16.98 55.68 37.71
C PRO A 1736 -16.99 56.89 36.78
N GLU A 1737 -17.14 56.65 35.46
CA GLU A 1737 -17.20 57.69 34.43
C GLU A 1737 -18.48 58.56 34.53
N LEU A 1738 -19.56 58.05 35.15
CA LEU A 1738 -20.83 58.77 35.33
C LEU A 1738 -20.93 59.43 36.73
N ALA A 1739 -19.78 59.56 37.44
CA ALA A 1739 -19.73 60.13 38.79
C ALA A 1739 -20.20 61.59 38.89
N ASP A 1740 -19.99 62.40 37.84
CA ASP A 1740 -20.40 63.81 37.83
C ASP A 1740 -21.66 64.05 36.97
N SER A 1741 -22.31 62.96 36.51
CA SER A 1741 -23.52 63.00 35.68
C SER A 1741 -24.80 63.16 36.50
N SER A 1742 -25.51 64.29 36.30
CA SER A 1742 -26.77 64.61 36.99
C SER A 1742 -27.92 63.72 36.50
N SER A 1743 -27.82 63.21 35.25
CA SER A 1743 -28.81 62.33 34.63
C SER A 1743 -28.73 60.87 35.15
N ASN A 1744 -27.75 60.60 36.03
CA ASN A 1744 -27.55 59.32 36.69
C ASN A 1744 -27.91 59.44 38.19
N ILE A 1745 -28.62 60.52 38.56
CA ILE A 1745 -29.05 60.81 39.93
C ILE A 1745 -30.58 60.72 40.06
N GLN A 1746 -31.06 60.10 41.15
CA GLN A 1746 -32.48 59.98 41.49
C GLN A 1746 -32.72 60.44 42.94
N PHE A 1747 -33.77 61.24 43.16
CA PHE A 1747 -34.08 61.74 44.51
C PHE A 1747 -35.00 60.78 45.24
N LEU A 1748 -34.53 60.27 46.39
CA LEU A 1748 -35.25 59.31 47.21
C LEU A 1748 -35.14 59.65 48.70
N ARG A 1749 -36.20 59.34 49.46
CA ARG A 1749 -36.21 59.51 50.91
C ARG A 1749 -35.61 58.24 51.53
N GLN A 1750 -35.30 58.25 52.85
CA GLN A 1750 -34.69 57.11 53.55
C GLN A 1750 -35.59 55.86 53.63
N ASN A 1751 -36.86 55.97 53.17
CA ASN A 1751 -37.83 54.87 53.15
C ASN A 1751 -37.55 53.91 51.97
N GLU A 1752 -36.92 54.43 50.88
CA GLU A 1752 -36.53 53.72 49.65
C GLU A 1752 -37.71 53.07 48.93
N VAL B 7 45.10 -71.19 -9.86
CA VAL B 7 44.29 -71.03 -11.06
C VAL B 7 43.42 -69.76 -11.00
N ARG B 8 43.39 -69.00 -12.11
CA ARG B 8 42.61 -67.78 -12.30
C ARG B 8 41.64 -68.04 -13.45
N ARG B 9 40.44 -67.44 -13.40
CA ARG B 9 39.40 -67.65 -14.40
C ARG B 9 38.88 -66.36 -15.00
N GLU B 10 38.70 -66.37 -16.33
CA GLU B 10 38.13 -65.25 -17.08
C GLU B 10 37.12 -65.79 -18.08
N LEU B 11 36.07 -65.00 -18.35
CA LEU B 11 35.03 -65.36 -19.31
C LEU B 11 34.46 -64.08 -19.94
N SER B 12 34.28 -64.07 -21.27
CA SER B 12 33.67 -62.96 -21.98
C SER B 12 32.75 -63.45 -23.09
N CYS B 13 31.58 -62.80 -23.26
CA CYS B 13 30.59 -63.12 -24.30
C CYS B 13 31.09 -62.61 -25.66
N GLU B 14 30.48 -63.09 -26.77
CA GLU B 14 30.86 -62.70 -28.15
C GLU B 14 30.91 -61.18 -28.39
N GLY B 15 32.00 -60.74 -29.02
CA GLY B 15 32.26 -59.35 -29.33
C GLY B 15 32.93 -58.57 -28.20
N TYR B 16 33.07 -59.18 -27.01
CA TYR B 16 33.70 -58.54 -25.86
C TYR B 16 35.08 -59.09 -25.60
N SER B 17 35.98 -58.23 -25.10
CA SER B 17 37.36 -58.61 -24.83
C SER B 17 37.51 -59.36 -23.49
N ILE B 18 38.50 -60.25 -23.44
CA ILE B 18 38.89 -61.01 -22.25
C ILE B 18 40.21 -60.38 -21.78
N ASP B 19 40.30 -60.04 -20.48
CA ASP B 19 41.47 -59.38 -19.92
C ASP B 19 42.17 -60.29 -18.92
N LEU B 20 43.45 -60.55 -19.14
CA LEU B 20 44.30 -61.40 -18.30
C LEU B 20 45.45 -60.55 -17.78
N ARG B 21 45.62 -60.48 -16.46
CA ARG B 21 46.71 -59.71 -15.85
C ARG B 21 47.36 -60.47 -14.71
N CYS B 22 48.70 -60.39 -14.65
CA CYS B 22 49.52 -61.00 -13.61
C CYS B 22 50.21 -59.92 -12.77
N PRO B 23 50.40 -60.15 -11.44
CA PRO B 23 51.06 -59.12 -10.60
C PRO B 23 52.58 -59.02 -10.81
N GLY B 24 53.14 -57.84 -10.55
CA GLY B 24 54.58 -57.56 -10.66
C GLY B 24 55.27 -58.00 -11.93
N SER B 25 56.24 -58.93 -11.79
CA SER B 25 57.01 -59.46 -12.90
C SER B 25 56.52 -60.84 -13.39
N ASP B 26 55.48 -61.41 -12.73
CA ASP B 26 54.88 -62.70 -13.09
C ASP B 26 54.24 -62.66 -14.47
N VAL B 27 54.27 -63.79 -15.20
CA VAL B 27 53.76 -63.92 -16.57
C VAL B 27 52.63 -64.96 -16.68
N ILE B 28 51.77 -64.78 -17.69
CA ILE B 28 50.64 -65.67 -17.97
C ILE B 28 51.07 -67.03 -18.50
N MET B 29 50.37 -68.08 -18.06
CA MET B 29 50.48 -69.44 -18.59
C MET B 29 49.04 -69.96 -18.77
N ILE B 30 48.64 -70.26 -20.02
CA ILE B 30 47.30 -70.76 -20.33
C ILE B 30 47.15 -72.22 -19.91
N GLU B 31 46.17 -72.49 -19.06
CA GLU B 31 45.84 -73.80 -18.50
C GLU B 31 44.83 -74.52 -19.40
N SER B 32 43.74 -73.82 -19.77
CA SER B 32 42.70 -74.31 -20.68
C SER B 32 41.98 -73.13 -21.31
N ALA B 33 41.40 -73.34 -22.51
CA ALA B 33 40.64 -72.31 -23.22
C ALA B 33 39.65 -72.94 -24.18
N ASN B 34 38.48 -72.29 -24.33
CA ASN B 34 37.46 -72.70 -25.29
C ASN B 34 36.69 -71.50 -25.79
N TYR B 35 36.48 -71.44 -27.11
CA TYR B 35 35.66 -70.45 -27.77
C TYR B 35 34.51 -71.24 -28.36
N GLY B 36 33.30 -70.99 -27.86
CA GLY B 36 32.11 -71.71 -28.30
C GLY B 36 31.03 -71.67 -27.25
N ARG B 37 30.44 -72.83 -26.96
CA ARG B 37 29.37 -72.95 -25.96
C ARG B 37 29.36 -74.33 -25.33
N THR B 38 29.50 -74.39 -24.00
CA THR B 38 29.53 -75.63 -23.22
C THR B 38 28.41 -75.70 -22.17
N ASP B 39 27.62 -74.61 -22.05
CA ASP B 39 26.56 -74.46 -21.06
C ASP B 39 25.40 -73.64 -21.67
N ASP B 40 24.15 -73.90 -21.23
CA ASP B 40 22.94 -73.23 -21.75
C ASP B 40 22.56 -71.93 -21.02
N LYS B 41 23.17 -71.67 -19.85
CA LYS B 41 22.90 -70.48 -19.03
C LYS B 41 23.91 -69.35 -19.23
N ILE B 42 25.13 -69.67 -19.69
CA ILE B 42 26.20 -68.69 -19.90
C ILE B 42 25.91 -67.78 -21.10
N CYS B 43 26.05 -66.45 -20.93
CA CYS B 43 25.86 -65.42 -21.96
C CYS B 43 24.46 -65.47 -22.60
N ASP B 44 23.48 -64.95 -21.84
CA ASP B 44 22.06 -64.89 -22.18
C ASP B 44 21.75 -64.20 -23.51
N ALA B 45 20.88 -64.82 -24.34
CA ALA B 45 20.45 -64.33 -25.65
C ALA B 45 19.12 -65.00 -26.08
N ASP B 46 18.73 -64.92 -27.38
CA ASP B 46 17.50 -65.51 -27.95
C ASP B 46 17.42 -67.05 -27.76
N PRO B 47 16.23 -67.72 -27.91
CA PRO B 47 16.18 -69.19 -27.72
C PRO B 47 17.28 -69.97 -28.46
N PHE B 48 17.72 -69.46 -29.62
CA PHE B 48 18.78 -70.02 -30.46
C PHE B 48 20.13 -70.15 -29.75
N GLN B 49 20.35 -69.41 -28.65
CA GLN B 49 21.58 -69.47 -27.86
C GLN B 49 21.78 -70.83 -27.18
N MET B 50 20.73 -71.37 -26.55
CA MET B 50 20.79 -72.61 -25.76
C MET B 50 20.62 -73.90 -26.60
N GLU B 51 20.52 -73.76 -27.93
CA GLU B 51 20.31 -74.86 -28.87
C GLU B 51 21.51 -75.82 -29.00
N ASN B 52 22.72 -75.36 -28.63
CA ASN B 52 23.92 -76.20 -28.73
C ASN B 52 24.88 -75.96 -27.57
N THR B 53 25.05 -76.97 -26.70
CA THR B 53 25.96 -76.93 -25.54
C THR B 53 27.21 -77.79 -25.78
N ASP B 54 27.39 -78.26 -27.02
CA ASP B 54 28.55 -79.06 -27.42
C ASP B 54 29.34 -78.38 -28.55
N CYS B 55 29.58 -77.06 -28.39
CA CYS B 55 30.32 -76.26 -29.37
C CYS B 55 31.75 -76.00 -28.86
N TYR B 56 32.73 -76.69 -29.46
CA TYR B 56 34.14 -76.63 -29.08
C TYR B 56 35.06 -76.20 -30.22
N LEU B 57 36.13 -75.46 -29.88
CA LEU B 57 37.17 -75.05 -30.83
C LEU B 57 38.51 -75.59 -30.30
N PRO B 58 39.10 -76.63 -30.93
CA PRO B 58 40.37 -77.19 -30.41
C PRO B 58 41.55 -76.22 -30.42
N ASP B 59 41.59 -75.32 -31.42
CA ASP B 59 42.65 -74.34 -31.58
C ASP B 59 42.57 -73.15 -30.60
N ALA B 60 41.48 -73.04 -29.82
CA ALA B 60 41.29 -71.96 -28.83
C ALA B 60 42.44 -71.93 -27.82
N PHE B 61 42.89 -73.12 -27.36
CA PHE B 61 44.02 -73.27 -26.45
C PHE B 61 45.30 -72.76 -27.10
N LYS B 62 45.55 -73.15 -28.37
CA LYS B 62 46.73 -72.75 -29.15
C LYS B 62 46.79 -71.24 -29.39
N ILE B 63 45.65 -70.62 -29.78
CA ILE B 63 45.52 -69.18 -30.04
C ILE B 63 45.78 -68.37 -28.77
N MET B 64 45.18 -68.77 -27.64
CA MET B 64 45.37 -68.10 -26.34
C MET B 64 46.81 -68.25 -25.84
N THR B 65 47.40 -69.46 -25.98
CA THR B 65 48.79 -69.77 -25.60
C THR B 65 49.77 -68.86 -26.36
N GLN B 66 49.60 -68.75 -27.68
CA GLN B 66 50.45 -67.91 -28.54
C GLN B 66 50.31 -66.42 -28.24
N ARG B 67 49.09 -65.94 -27.98
CA ARG B 67 48.80 -64.54 -27.73
C ARG B 67 49.08 -64.04 -26.31
N CYS B 68 48.99 -64.92 -25.29
CA CYS B 68 49.11 -64.50 -23.89
C CYS B 68 50.30 -65.04 -23.10
N ASN B 69 50.87 -66.21 -23.45
CA ASN B 69 52.00 -66.75 -22.68
C ASN B 69 53.24 -65.85 -22.69
N ASN B 70 53.96 -65.83 -21.56
CA ASN B 70 55.19 -65.05 -21.29
C ASN B 70 54.91 -63.52 -21.19
N ARG B 71 53.63 -63.13 -21.04
CA ARG B 71 53.23 -61.74 -20.95
C ARG B 71 52.66 -61.38 -19.59
N THR B 72 52.89 -60.13 -19.13
CA THR B 72 52.36 -59.58 -17.88
C THR B 72 50.84 -59.37 -18.01
N GLN B 73 50.38 -58.97 -19.21
CA GLN B 73 48.97 -58.72 -19.50
C GLN B 73 48.57 -59.18 -20.91
N CYS B 74 47.27 -59.50 -21.10
CA CYS B 74 46.74 -59.96 -22.37
C CYS B 74 45.29 -59.52 -22.58
N ILE B 75 44.99 -58.98 -23.77
CA ILE B 75 43.63 -58.57 -24.14
C ILE B 75 43.28 -59.27 -25.45
N VAL B 76 42.24 -60.12 -25.45
CA VAL B 76 41.81 -60.89 -26.62
C VAL B 76 40.31 -60.71 -26.84
N VAL B 77 39.90 -60.33 -28.06
CA VAL B 77 38.48 -60.16 -28.40
C VAL B 77 37.85 -61.49 -28.79
N THR B 78 36.72 -61.82 -28.14
CA THR B 78 35.92 -63.02 -28.34
C THR B 78 35.10 -62.87 -29.64
N GLY B 79 35.75 -63.10 -30.78
CA GLY B 79 35.06 -62.95 -32.05
C GLY B 79 35.77 -63.54 -33.26
N SER B 80 35.19 -63.29 -34.45
CA SER B 80 35.63 -63.77 -35.76
C SER B 80 36.97 -63.19 -36.25
N ASP B 81 37.42 -62.05 -35.67
CA ASP B 81 38.69 -61.42 -36.01
C ASP B 81 39.90 -62.19 -35.47
N VAL B 82 39.69 -62.95 -34.38
CA VAL B 82 40.76 -63.71 -33.70
C VAL B 82 40.53 -65.23 -33.77
N PHE B 83 39.27 -65.68 -33.70
CA PHE B 83 38.93 -67.10 -33.69
C PHE B 83 38.07 -67.54 -34.85
N PRO B 84 38.24 -68.78 -35.39
CA PRO B 84 37.30 -69.27 -36.41
C PRO B 84 35.94 -69.57 -35.76
N ASP B 85 34.90 -69.83 -36.56
CA ASP B 85 33.58 -70.13 -36.02
C ASP B 85 33.32 -71.64 -35.87
N PRO B 86 33.22 -72.15 -34.62
CA PRO B 86 32.94 -73.59 -34.44
C PRO B 86 31.46 -73.95 -34.53
N CYS B 87 30.54 -72.96 -34.45
CA CYS B 87 29.09 -73.19 -34.52
C CYS B 87 28.30 -71.96 -35.02
N PRO B 88 28.29 -71.69 -36.35
CA PRO B 88 27.54 -70.53 -36.87
C PRO B 88 26.05 -70.54 -36.51
N GLY B 89 25.56 -69.42 -36.00
CA GLY B 89 24.17 -69.26 -35.57
C GLY B 89 24.00 -69.29 -34.07
N THR B 90 24.93 -69.96 -33.36
CA THR B 90 24.93 -70.07 -31.91
C THR B 90 25.75 -68.92 -31.31
N TYR B 91 25.18 -68.22 -30.32
CA TYR B 91 25.85 -67.12 -29.63
C TYR B 91 26.95 -67.70 -28.71
N LYS B 92 28.21 -67.38 -29.00
CA LYS B 92 29.38 -67.95 -28.33
C LYS B 92 29.98 -67.12 -27.20
N TYR B 93 30.94 -67.72 -26.50
CA TYR B 93 31.73 -67.08 -25.44
C TYR B 93 33.11 -67.72 -25.37
N LEU B 94 34.07 -67.00 -24.78
CA LEU B 94 35.43 -67.46 -24.59
C LEU B 94 35.62 -67.69 -23.10
N GLU B 95 35.95 -68.93 -22.73
CA GLU B 95 36.19 -69.33 -21.34
C GLU B 95 37.64 -69.77 -21.21
N VAL B 96 38.38 -69.14 -20.28
CA VAL B 96 39.81 -69.39 -20.10
C VAL B 96 40.18 -69.62 -18.62
N GLN B 97 41.09 -70.59 -18.38
CA GLN B 97 41.70 -70.86 -17.09
C GLN B 97 43.19 -70.63 -17.28
N TYR B 98 43.82 -69.91 -16.34
CA TYR B 98 45.25 -69.56 -16.46
C TYR B 98 45.95 -69.36 -15.12
N GLU B 99 47.28 -69.35 -15.15
CA GLU B 99 48.12 -69.13 -13.98
C GLU B 99 49.07 -67.96 -14.22
N CYS B 100 49.67 -67.47 -13.13
CA CYS B 100 50.69 -66.43 -13.12
C CYS B 100 51.92 -67.09 -12.53
N VAL B 101 52.97 -67.23 -13.35
CA VAL B 101 54.21 -67.91 -13.01
C VAL B 101 55.40 -66.95 -13.11
N PRO B 102 56.57 -67.21 -12.46
CA PRO B 102 57.70 -66.29 -12.58
C PRO B 102 58.35 -66.28 -13.98
N CYS C 1 -34.65 -15.63 -37.71
CA CYS C 1 -33.30 -15.06 -37.61
C CYS C 1 -32.23 -16.01 -38.15
N ASP C 2 -31.14 -15.45 -38.70
CA ASP C 2 -30.01 -16.21 -39.25
C ASP C 2 -28.69 -15.71 -38.67
N LEU C 3 -28.02 -16.57 -37.88
CA LEU C 3 -26.73 -16.26 -37.25
C LEU C 3 -25.59 -16.91 -38.03
N SER C 4 -24.89 -16.11 -38.85
CA SER C 4 -23.77 -16.58 -39.67
C SER C 4 -22.49 -15.84 -39.33
N GLY C 5 -21.44 -16.59 -39.04
CA GLY C 5 -20.13 -16.05 -38.68
C GLY C 5 -20.01 -15.63 -37.23
N PHE C 6 -21.06 -15.90 -36.42
CA PHE C 6 -21.14 -15.57 -35.01
C PHE C 6 -20.22 -16.43 -34.15
N VAL C 7 -19.69 -15.85 -33.05
CA VAL C 7 -18.78 -16.51 -32.12
C VAL C 7 -19.49 -17.64 -31.36
N ARG C 8 -19.00 -18.88 -31.57
CA ARG C 8 -19.53 -20.09 -30.93
C ARG C 8 -18.96 -20.22 -29.51
N PRO C 9 -19.71 -20.81 -28.53
CA PRO C 9 -19.14 -20.94 -27.19
C PRO C 9 -18.03 -21.99 -27.14
N ASP C 10 -16.87 -21.62 -26.58
CA ASP C 10 -15.72 -22.52 -26.43
C ASP C 10 -15.43 -22.68 -24.92
N PRO C 11 -16.17 -23.58 -24.22
CA PRO C 11 -15.95 -23.72 -22.78
C PRO C 11 -14.75 -24.56 -22.40
N VAL C 12 -14.17 -24.25 -21.24
CA VAL C 12 -13.04 -24.97 -20.65
C VAL C 12 -13.63 -25.72 -19.46
N ILE C 13 -13.72 -27.06 -19.56
CA ILE C 13 -14.28 -27.92 -18.51
C ILE C 13 -13.17 -28.64 -17.77
N ILE C 14 -13.07 -28.37 -16.45
CA ILE C 14 -12.06 -28.94 -15.56
C ILE C 14 -12.75 -29.77 -14.48
N SER C 15 -12.54 -31.10 -14.53
CA SER C 15 -13.10 -32.05 -13.56
C SER C 15 -12.12 -32.30 -12.43
N SER C 16 -12.62 -32.57 -11.21
CA SER C 16 -11.79 -32.86 -10.04
C SER C 16 -10.98 -34.14 -10.31
N PRO C 17 -9.65 -34.18 -10.03
CA PRO C 17 -8.86 -35.38 -10.34
C PRO C 17 -9.31 -36.64 -9.62
N LEU C 18 -9.10 -37.80 -10.26
CA LEU C 18 -9.45 -39.11 -9.71
C LEU C 18 -8.55 -39.41 -8.52
N SER C 19 -9.09 -40.06 -7.48
CA SER C 19 -8.34 -40.41 -6.27
C SER C 19 -7.38 -41.57 -6.54
N THR C 20 -6.30 -41.30 -7.28
CA THR C 20 -5.26 -42.27 -7.65
C THR C 20 -4.09 -42.22 -6.68
N PHE C 21 -3.93 -41.10 -5.96
CA PHE C 21 -2.85 -40.88 -5.01
C PHE C 21 -3.21 -41.34 -3.60
N PHE C 22 -2.23 -41.96 -2.93
CA PHE C 22 -2.31 -42.49 -1.57
C PHE C 22 -0.94 -42.30 -0.89
N SER C 23 -0.86 -42.55 0.42
CA SER C 23 0.38 -42.40 1.18
C SER C 23 1.11 -43.73 1.39
N ASP C 24 2.44 -43.71 1.26
CA ASP C 24 3.31 -44.86 1.47
C ASP C 24 3.39 -45.21 2.95
N ALA C 25 3.33 -44.18 3.82
CA ALA C 25 3.35 -44.31 5.28
C ALA C 25 2.26 -43.41 5.89
N PRO C 26 1.00 -43.91 6.00
CA PRO C 26 -0.09 -43.08 6.57
C PRO C 26 0.13 -42.62 8.01
N GLY C 27 0.97 -43.34 8.74
CA GLY C 27 1.36 -43.02 10.11
C GLY C 27 2.33 -41.86 10.19
N ARG C 28 3.19 -41.71 9.16
CA ARG C 28 4.19 -40.63 9.06
C ARG C 28 3.58 -39.39 8.41
N ASN C 29 2.93 -39.56 7.23
CA ASN C 29 2.29 -38.46 6.51
C ASN C 29 0.87 -38.84 6.05
N PRO C 30 -0.18 -38.38 6.77
CA PRO C 30 -1.55 -38.75 6.35
C PRO C 30 -2.14 -37.88 5.24
N ILE C 31 -1.47 -36.76 4.90
CA ILE C 31 -1.92 -35.79 3.91
C ILE C 31 -1.51 -36.13 2.46
N VAL C 32 -2.52 -36.19 1.56
CA VAL C 32 -2.36 -36.41 0.11
C VAL C 32 -2.74 -35.04 -0.50
N PRO C 33 -1.76 -34.19 -0.88
CA PRO C 33 -2.08 -32.82 -1.33
C PRO C 33 -2.95 -32.63 -2.58
N GLU C 34 -2.61 -33.27 -3.72
CA GLU C 34 -3.30 -33.11 -5.01
C GLU C 34 -4.80 -33.36 -4.97
N THR C 35 -5.23 -34.45 -4.32
CA THR C 35 -6.64 -34.82 -4.21
C THR C 35 -7.26 -34.34 -2.89
N GLN C 36 -6.45 -33.66 -2.02
CA GLN C 36 -6.85 -33.15 -0.70
C GLN C 36 -7.57 -34.25 0.08
N VAL C 37 -6.90 -35.41 0.18
CA VAL C 37 -7.38 -36.64 0.80
C VAL C 37 -6.62 -36.92 2.08
N LEU C 38 -7.36 -37.41 3.10
CA LEU C 38 -6.79 -37.83 4.37
C LEU C 38 -6.65 -39.35 4.31
N HIS C 39 -5.42 -39.84 4.51
CA HIS C 39 -5.10 -41.25 4.50
C HIS C 39 -4.57 -41.64 5.87
N GLU C 40 -5.44 -42.20 6.73
CA GLU C 40 -5.06 -42.58 8.08
C GLU C 40 -5.02 -44.10 8.30
N GLU C 41 -4.38 -44.52 9.41
CA GLU C 41 -4.22 -45.93 9.77
C GLU C 41 -4.28 -46.17 11.28
N ILE C 42 -4.62 -47.42 11.66
CA ILE C 42 -4.64 -47.92 13.03
C ILE C 42 -3.98 -49.28 13.02
N GLU C 43 -2.82 -49.39 13.71
CA GLU C 43 -2.09 -50.65 13.85
C GLU C 43 -2.75 -51.43 14.99
N VAL C 44 -3.03 -52.72 14.76
CA VAL C 44 -3.68 -53.58 15.76
C VAL C 44 -2.70 -54.67 16.26
N PRO C 45 -2.66 -54.97 17.58
CA PRO C 45 -1.72 -56.00 18.07
C PRO C 45 -2.15 -57.42 17.75
N GLY C 46 -1.17 -58.27 17.41
CA GLY C 46 -1.39 -59.67 17.07
C GLY C 46 -1.40 -59.97 15.59
N SER C 47 -1.39 -58.91 14.75
CA SER C 47 -1.41 -59.04 13.28
C SER C 47 -0.68 -57.88 12.58
N SER C 48 -0.20 -58.13 11.35
CA SER C 48 0.47 -57.16 10.50
C SER C 48 -0.56 -56.40 9.62
N ILE C 49 -1.83 -56.85 9.66
CA ILE C 49 -2.95 -56.24 8.92
C ILE C 49 -3.39 -54.99 9.70
N LYS C 50 -3.46 -53.84 9.00
CA LYS C 50 -3.84 -52.53 9.55
C LYS C 50 -5.26 -52.13 9.14
N LEU C 51 -5.84 -51.15 9.87
CA LEU C 51 -7.15 -50.55 9.57
C LEU C 51 -6.84 -49.25 8.84
N ILE C 52 -7.38 -49.08 7.63
CA ILE C 52 -7.10 -47.92 6.79
C ILE C 52 -8.33 -47.03 6.57
N TYR C 53 -8.11 -45.70 6.61
CA TYR C 53 -9.14 -44.69 6.33
C TYR C 53 -8.67 -43.80 5.17
N LEU C 54 -9.52 -43.68 4.14
CA LEU C 54 -9.26 -42.82 2.99
C LEU C 54 -10.48 -41.90 2.86
N SER C 55 -10.26 -40.57 2.99
CA SER C 55 -11.31 -39.55 2.98
C SER C 55 -12.11 -39.48 1.66
N SER C 56 -11.56 -40.03 0.56
CA SER C 56 -12.25 -40.05 -0.73
C SER C 56 -13.32 -41.15 -0.79
N ARG C 57 -13.24 -42.14 0.12
CA ARG C 57 -14.16 -43.27 0.23
C ARG C 57 -15.33 -42.93 1.17
N THR C 58 -15.83 -41.68 1.08
CA THR C 58 -16.92 -41.14 1.91
C THR C 58 -17.95 -40.38 1.07
N ALA C 59 -19.15 -40.15 1.62
CA ALA C 59 -20.24 -39.41 0.97
C ALA C 59 -19.93 -37.92 0.84
N GLY C 60 -19.19 -37.37 1.81
CA GLY C 60 -18.80 -35.96 1.87
C GLY C 60 -17.83 -35.52 0.77
N TYR C 61 -17.03 -36.47 0.24
CA TYR C 61 -16.06 -36.22 -0.82
C TYR C 61 -16.78 -36.14 -2.18
N LYS C 62 -17.26 -34.95 -2.53
CA LYS C 62 -18.03 -34.65 -3.74
C LYS C 62 -17.18 -34.62 -5.02
N SER C 63 -17.86 -34.66 -6.19
CA SER C 63 -17.23 -34.58 -7.52
C SER C 63 -17.41 -33.16 -8.04
N LEU C 64 -16.32 -32.55 -8.51
CA LEU C 64 -16.34 -31.16 -8.97
C LEU C 64 -16.17 -31.01 -10.47
N LEU C 65 -16.81 -29.97 -11.02
CA LEU C 65 -16.79 -29.66 -12.44
C LEU C 65 -16.77 -28.15 -12.66
N LYS C 66 -15.57 -27.58 -12.85
CA LYS C 66 -15.39 -26.15 -13.09
C LYS C 66 -15.57 -25.89 -14.58
N ILE C 67 -16.59 -25.10 -14.94
CA ILE C 67 -16.93 -24.77 -16.33
C ILE C 67 -16.68 -23.29 -16.60
N ILE C 68 -15.59 -22.97 -17.31
CA ILE C 68 -15.24 -21.60 -17.71
C ILE C 68 -15.85 -21.41 -19.10
N MET C 69 -17.01 -20.73 -19.16
CA MET C 69 -17.76 -20.50 -20.40
C MET C 69 -17.39 -19.22 -21.15
N THR C 70 -16.76 -18.24 -20.47
CA THR C 70 -16.35 -16.98 -21.08
C THR C 70 -14.92 -16.61 -20.69
N GLN C 71 -14.18 -15.97 -21.61
CA GLN C 71 -12.81 -15.50 -21.39
C GLN C 71 -12.84 -13.99 -21.07
N SER C 72 -11.64 -13.34 -21.03
CA SER C 72 -11.49 -11.91 -20.75
C SER C 72 -12.17 -11.02 -21.81
N LEU C 73 -12.30 -11.53 -23.05
CA LEU C 73 -12.95 -10.83 -24.17
C LEU C 73 -14.34 -11.42 -24.43
N VAL C 74 -15.38 -10.55 -24.44
CA VAL C 74 -16.78 -10.93 -24.63
C VAL C 74 -17.27 -10.41 -26.00
N PRO C 75 -17.89 -11.26 -26.87
CA PRO C 75 -18.40 -10.76 -28.17
C PRO C 75 -19.45 -9.64 -27.99
N LEU C 76 -19.33 -8.60 -28.83
CA LEU C 76 -20.12 -7.37 -28.86
C LEU C 76 -21.64 -7.53 -28.64
N ASN C 77 -22.29 -8.45 -29.38
CA ASN C 77 -23.74 -8.66 -29.30
C ASN C 77 -24.21 -9.64 -28.22
N LEU C 78 -23.28 -10.30 -27.48
CA LEU C 78 -23.64 -11.27 -26.43
C LEU C 78 -24.30 -10.60 -25.23
N ILE C 79 -25.46 -11.15 -24.80
CA ILE C 79 -26.25 -10.64 -23.69
C ILE C 79 -26.51 -11.70 -22.59
N LYS C 80 -26.73 -12.96 -22.99
CA LYS C 80 -27.01 -14.07 -22.05
C LYS C 80 -26.20 -15.33 -22.36
N VAL C 81 -25.80 -16.06 -21.30
CA VAL C 81 -25.05 -17.33 -21.37
C VAL C 81 -25.83 -18.39 -20.57
N HIS C 82 -26.20 -19.52 -21.23
CA HIS C 82 -26.95 -20.60 -20.59
C HIS C 82 -26.08 -21.84 -20.34
N LEU C 83 -26.36 -22.54 -19.22
CA LEU C 83 -25.61 -23.73 -18.82
C LEU C 83 -26.50 -24.93 -18.50
N MET C 84 -26.08 -26.13 -18.96
CA MET C 84 -26.76 -27.40 -18.73
C MET C 84 -25.72 -28.45 -18.33
N VAL C 85 -26.01 -29.23 -17.26
CA VAL C 85 -25.15 -30.31 -16.78
C VAL C 85 -26.00 -31.56 -16.58
N ALA C 86 -25.68 -32.66 -17.30
CA ALA C 86 -26.42 -33.91 -17.22
C ALA C 86 -25.56 -35.06 -16.67
N VAL C 87 -25.83 -35.48 -15.42
CA VAL C 87 -25.11 -36.56 -14.73
C VAL C 87 -26.11 -37.55 -14.10
N GLU C 88 -26.04 -38.83 -14.52
CA GLU C 88 -26.86 -39.96 -14.02
C GLU C 88 -28.36 -39.65 -13.80
N GLY C 89 -28.97 -38.99 -14.77
CA GLY C 89 -30.38 -38.64 -14.71
C GLY C 89 -30.67 -37.22 -14.25
N HIS C 90 -29.74 -36.60 -13.48
CA HIS C 90 -29.88 -35.23 -12.99
C HIS C 90 -29.71 -34.25 -14.15
N LEU C 91 -30.48 -33.16 -14.13
CA LEU C 91 -30.36 -32.11 -15.13
C LEU C 91 -30.35 -30.74 -14.47
N PHE C 92 -29.15 -30.16 -14.36
CA PHE C 92 -28.95 -28.85 -13.77
C PHE C 92 -28.99 -27.80 -14.86
N GLN C 93 -29.79 -26.75 -14.66
CA GLN C 93 -29.94 -25.65 -15.59
C GLN C 93 -29.83 -24.30 -14.89
N LYS C 94 -28.99 -23.40 -15.43
CA LYS C 94 -28.76 -22.07 -14.88
C LYS C 94 -28.49 -21.05 -15.99
N SER C 95 -29.10 -19.87 -15.87
CA SER C 95 -28.95 -18.76 -16.82
C SER C 95 -28.06 -17.66 -16.21
N PHE C 96 -27.15 -17.12 -17.03
CA PHE C 96 -26.19 -16.09 -16.61
C PHE C 96 -26.18 -14.92 -17.61
N LEU C 97 -25.71 -13.76 -17.15
CA LEU C 97 -25.58 -12.55 -17.98
C LEU C 97 -24.15 -12.48 -18.52
N ALA C 98 -23.98 -11.97 -19.76
CA ALA C 98 -22.69 -11.84 -20.43
C ALA C 98 -21.70 -10.98 -19.62
N SER C 99 -20.62 -11.62 -19.13
CA SER C 99 -19.59 -11.00 -18.29
C SER C 99 -18.20 -11.58 -18.60
N PRO C 100 -17.11 -10.77 -18.58
CA PRO C 100 -15.76 -11.33 -18.84
C PRO C 100 -15.31 -12.29 -17.75
N ASN C 101 -14.70 -13.42 -18.16
CA ASN C 101 -14.20 -14.50 -17.30
C ASN C 101 -15.32 -15.12 -16.43
N LEU C 102 -16.47 -15.41 -17.07
CA LEU C 102 -17.66 -16.00 -16.44
C LEU C 102 -17.44 -17.51 -16.26
N ALA C 103 -17.56 -17.98 -15.01
CA ALA C 103 -17.38 -19.40 -14.66
C ALA C 103 -18.31 -19.88 -13.55
N TYR C 104 -18.65 -21.18 -13.58
CA TYR C 104 -19.49 -21.86 -12.59
C TYR C 104 -18.90 -23.23 -12.26
N THR C 105 -18.92 -23.59 -10.98
CA THR C 105 -18.41 -24.89 -10.53
C THR C 105 -19.58 -25.77 -10.04
N PHE C 106 -19.85 -26.85 -10.80
CA PHE C 106 -20.89 -27.83 -10.52
C PHE C 106 -20.41 -28.86 -9.51
N ILE C 107 -21.24 -29.11 -8.47
CA ILE C 107 -20.93 -30.07 -7.41
C ILE C 107 -21.89 -31.26 -7.50
N TRP C 108 -21.34 -32.48 -7.67
CA TRP C 108 -22.11 -33.71 -7.76
C TRP C 108 -21.95 -34.53 -6.47
N ASP C 109 -23.09 -34.93 -5.88
CA ASP C 109 -23.16 -35.70 -4.64
C ASP C 109 -23.02 -37.24 -4.84
N LYS C 110 -22.64 -37.65 -6.07
CA LYS C 110 -22.40 -39.04 -6.52
C LYS C 110 -23.67 -39.92 -6.45
N THR C 111 -24.86 -39.32 -6.63
CA THR C 111 -26.14 -40.03 -6.63
C THR C 111 -26.84 -39.91 -7.98
N ASP C 112 -27.78 -40.83 -8.27
CA ASP C 112 -28.59 -40.80 -9.49
C ASP C 112 -29.82 -39.90 -9.29
N ALA C 113 -30.70 -39.82 -10.30
CA ALA C 113 -31.93 -39.02 -10.26
C ALA C 113 -32.93 -39.47 -9.16
N TYR C 114 -32.85 -40.75 -8.74
CA TYR C 114 -33.71 -41.34 -7.71
C TYR C 114 -33.12 -41.27 -6.29
N GLY C 115 -31.97 -40.62 -6.15
CA GLY C 115 -31.27 -40.45 -4.87
C GLY C 115 -30.49 -41.67 -4.41
N GLN C 116 -30.19 -42.59 -5.35
CA GLN C 116 -29.42 -43.82 -5.09
C GLN C 116 -27.95 -43.62 -5.45
N LYS C 117 -27.04 -44.20 -4.65
CA LYS C 117 -25.59 -44.11 -4.82
C LYS C 117 -25.11 -44.68 -6.17
N VAL C 118 -24.25 -43.92 -6.86
CA VAL C 118 -23.67 -44.30 -8.16
C VAL C 118 -22.20 -44.69 -7.92
N TYR C 119 -21.83 -45.91 -8.29
CA TYR C 119 -20.47 -46.43 -8.09
C TYR C 119 -19.60 -46.42 -9.34
N GLY C 120 -18.31 -46.15 -9.13
CA GLY C 120 -17.30 -46.14 -10.19
C GLY C 120 -17.03 -44.82 -10.85
N LEU C 121 -17.18 -44.80 -12.19
CA LEU C 121 -16.97 -43.62 -13.03
C LEU C 121 -18.21 -43.31 -13.85
N SER C 122 -18.56 -42.02 -13.92
CA SER C 122 -19.72 -41.54 -14.66
C SER C 122 -19.33 -40.50 -15.71
N ASP C 123 -20.17 -40.35 -16.75
CA ASP C 123 -19.97 -39.37 -17.81
C ASP C 123 -20.96 -38.23 -17.66
N ALA C 124 -20.46 -37.00 -17.73
CA ALA C 124 -21.25 -35.78 -17.61
C ALA C 124 -21.34 -35.08 -18.96
N VAL C 125 -22.55 -34.59 -19.30
CA VAL C 125 -22.79 -33.87 -20.55
C VAL C 125 -22.99 -32.39 -20.19
N VAL C 126 -22.03 -31.55 -20.61
CA VAL C 126 -22.05 -30.11 -20.35
C VAL C 126 -22.46 -29.37 -21.62
N SER C 127 -23.52 -28.56 -21.52
CA SER C 127 -24.02 -27.77 -22.65
C SER C 127 -23.93 -26.27 -22.34
N VAL C 128 -23.25 -25.51 -23.19
CA VAL C 128 -23.08 -24.06 -23.04
C VAL C 128 -23.73 -23.35 -24.23
N GLY C 129 -24.69 -22.48 -23.91
CA GLY C 129 -25.43 -21.71 -24.89
C GLY C 129 -25.11 -20.23 -24.88
N PHE C 130 -25.07 -19.62 -26.08
CA PHE C 130 -24.79 -18.20 -26.28
C PHE C 130 -25.99 -17.49 -26.91
N GLU C 131 -26.65 -16.60 -26.14
CA GLU C 131 -27.80 -15.84 -26.62
C GLU C 131 -27.35 -14.43 -27.00
N TYR C 132 -27.56 -14.06 -28.27
CA TYR C 132 -27.19 -12.76 -28.82
C TYR C 132 -28.35 -11.77 -28.86
N GLU C 133 -28.03 -10.46 -28.85
CA GLU C 133 -29.00 -9.36 -28.89
C GLU C 133 -29.76 -9.29 -30.22
N THR C 134 -29.13 -9.76 -31.32
CA THR C 134 -29.72 -9.79 -32.67
C THR C 134 -30.90 -10.76 -32.76
N CYS C 135 -30.85 -11.88 -32.00
CA CYS C 135 -31.92 -12.88 -31.95
C CYS C 135 -32.08 -13.45 -30.52
N PRO C 136 -33.11 -13.01 -29.76
CA PRO C 136 -33.29 -13.53 -28.39
C PRO C 136 -33.91 -14.92 -28.31
N SER C 137 -34.60 -15.35 -29.38
CA SER C 137 -35.27 -16.66 -29.47
C SER C 137 -34.28 -17.82 -29.60
N LEU C 138 -33.30 -17.69 -30.52
CA LEU C 138 -32.31 -18.74 -30.77
C LEU C 138 -31.06 -18.61 -29.90
N ILE C 139 -30.56 -19.77 -29.41
CA ILE C 139 -29.37 -19.86 -28.56
C ILE C 139 -28.35 -20.80 -29.24
N LEU C 140 -27.08 -20.34 -29.38
CA LEU C 140 -26.01 -21.14 -29.98
C LEU C 140 -25.46 -22.11 -28.95
N TRP C 141 -25.81 -23.40 -29.07
CA TRP C 141 -25.40 -24.47 -28.15
C TRP C 141 -24.13 -25.23 -28.56
N GLU C 142 -23.39 -25.71 -27.55
CA GLU C 142 -22.17 -26.50 -27.71
C GLU C 142 -22.10 -27.56 -26.62
N LYS C 143 -22.08 -28.85 -27.02
CA LYS C 143 -22.04 -29.99 -26.10
C LYS C 143 -20.63 -30.56 -25.92
N ARG C 144 -20.22 -30.77 -24.64
CA ARG C 144 -18.91 -31.30 -24.26
C ARG C 144 -19.07 -32.38 -23.19
N THR C 145 -18.17 -33.38 -23.19
CA THR C 145 -18.20 -34.46 -22.19
C THR C 145 -17.09 -34.36 -21.18
N ALA C 146 -17.38 -34.79 -19.94
CA ALA C 146 -16.46 -34.79 -18.81
C ALA C 146 -16.61 -36.06 -17.97
N LEU C 147 -15.50 -36.55 -17.41
CA LEU C 147 -15.50 -37.75 -16.57
C LEU C 147 -15.52 -37.37 -15.09
N LEU C 148 -16.54 -37.85 -14.36
CA LEU C 148 -16.72 -37.62 -12.93
C LEU C 148 -16.61 -38.92 -12.15
N GLN C 149 -15.90 -38.90 -11.02
CA GLN C 149 -15.71 -40.07 -10.18
C GLN C 149 -16.91 -40.22 -9.24
N GLY C 150 -17.49 -41.42 -9.21
CA GLY C 150 -18.61 -41.74 -8.34
C GLY C 150 -18.15 -42.30 -7.01
N PHE C 151 -19.03 -43.03 -6.32
CA PHE C 151 -18.73 -43.66 -5.04
C PHE C 151 -17.75 -44.81 -5.21
N GLU C 152 -16.80 -44.91 -4.28
CA GLU C 152 -15.82 -45.99 -4.26
C GLU C 152 -16.44 -47.11 -3.42
N LEU C 153 -16.22 -48.37 -3.81
CA LEU C 153 -16.77 -49.52 -3.08
C LEU C 153 -16.07 -49.74 -1.74
N ASP C 154 -16.83 -50.16 -0.71
CA ASP C 154 -16.32 -50.44 0.63
C ASP C 154 -16.22 -51.96 0.80
N PRO C 155 -15.00 -52.55 0.72
CA PRO C 155 -14.89 -54.01 0.82
C PRO C 155 -15.11 -54.62 2.21
N SER C 156 -14.41 -54.07 3.22
CA SER C 156 -14.37 -54.57 4.59
C SER C 156 -15.60 -54.32 5.47
N ASN C 157 -16.32 -53.18 5.27
CA ASN C 157 -17.50 -52.80 6.09
C ASN C 157 -17.13 -52.77 7.59
N LEU C 158 -16.27 -51.80 7.96
CA LEU C 158 -15.81 -51.62 9.33
C LEU C 158 -15.90 -50.12 9.72
N GLY C 159 -17.09 -49.56 9.50
CA GLY C 159 -17.39 -48.16 9.79
C GLY C 159 -16.61 -47.15 8.98
N GLY C 160 -16.51 -47.39 7.68
CA GLY C 160 -15.79 -46.51 6.75
C GLY C 160 -14.32 -46.84 6.60
N TRP C 161 -13.81 -47.74 7.45
CA TRP C 161 -12.41 -48.19 7.45
C TRP C 161 -12.31 -49.54 6.76
N SER C 162 -11.13 -49.86 6.23
CA SER C 162 -10.88 -51.11 5.52
C SER C 162 -9.68 -51.88 6.05
N LEU C 163 -9.65 -53.21 5.81
CA LEU C 163 -8.53 -54.05 6.19
C LEU C 163 -7.47 -53.91 5.10
N ASP C 164 -6.23 -53.59 5.51
CA ASP C 164 -5.02 -53.37 4.71
C ASP C 164 -4.86 -54.30 3.48
N LYS C 165 -5.10 -55.61 3.67
CA LYS C 165 -4.94 -56.65 2.65
C LYS C 165 -6.22 -57.02 1.88
N HIS C 166 -7.39 -56.53 2.35
CA HIS C 166 -8.68 -56.82 1.74
C HIS C 166 -9.05 -55.82 0.64
N HIS C 167 -9.19 -56.31 -0.60
CA HIS C 167 -9.52 -55.48 -1.76
C HIS C 167 -10.90 -55.78 -2.35
N VAL C 168 -11.33 -55.00 -3.35
CA VAL C 168 -12.60 -55.13 -4.06
C VAL C 168 -12.46 -54.61 -5.50
N LEU C 169 -13.16 -55.27 -6.44
CA LEU C 169 -13.15 -54.88 -7.85
C LEU C 169 -14.53 -54.43 -8.30
N ASN C 170 -14.59 -53.22 -8.90
CA ASN C 170 -15.80 -52.66 -9.49
C ASN C 170 -15.78 -53.22 -10.91
N VAL C 171 -16.57 -54.26 -11.16
CA VAL C 171 -16.63 -54.97 -12.43
C VAL C 171 -17.13 -54.12 -13.61
N LYS C 172 -18.16 -53.27 -13.36
CA LYS C 172 -18.76 -52.41 -14.39
C LYS C 172 -17.85 -51.27 -14.84
N SER C 173 -17.23 -50.55 -13.89
CA SER C 173 -16.36 -49.40 -14.19
C SER C 173 -14.88 -49.77 -14.37
N GLY C 174 -14.51 -51.01 -14.02
CA GLY C 174 -13.14 -51.51 -14.12
C GLY C 174 -12.17 -50.81 -13.18
N ILE C 175 -12.50 -50.81 -11.86
CA ILE C 175 -11.67 -50.18 -10.83
C ILE C 175 -11.28 -51.17 -9.74
N LEU C 176 -9.98 -51.22 -9.41
CA LEU C 176 -9.46 -52.03 -8.32
C LEU C 176 -9.30 -51.11 -7.10
N HIS C 177 -10.16 -51.32 -6.08
CA HIS C 177 -10.11 -50.55 -4.84
C HIS C 177 -9.37 -51.41 -3.81
N LYS C 178 -8.11 -51.06 -3.54
CA LYS C 178 -7.29 -51.81 -2.58
C LYS C 178 -7.50 -51.29 -1.16
N GLY C 179 -7.49 -52.21 -0.20
CA GLY C 179 -7.68 -51.92 1.23
C GLY C 179 -6.67 -50.97 1.84
N ASN C 180 -5.48 -50.85 1.22
CA ASN C 180 -4.40 -49.97 1.68
C ASN C 180 -4.57 -48.50 1.22
N GLY C 181 -5.61 -48.23 0.43
CA GLY C 181 -5.92 -46.90 -0.09
C GLY C 181 -5.59 -46.69 -1.56
N GLU C 182 -4.97 -47.69 -2.19
CA GLU C 182 -4.57 -47.66 -3.60
C GLU C 182 -5.75 -47.93 -4.53
N ASN C 183 -6.02 -46.98 -5.45
CA ASN C 183 -7.08 -47.12 -6.45
C ASN C 183 -6.46 -47.28 -7.83
N GLN C 184 -6.86 -48.33 -8.55
CA GLN C 184 -6.39 -48.61 -9.89
C GLN C 184 -7.55 -48.57 -10.86
N PHE C 185 -7.71 -47.43 -11.57
CA PHE C 185 -8.74 -47.23 -12.58
C PHE C 185 -8.19 -47.90 -13.84
N LEU C 186 -8.49 -49.20 -13.98
CA LEU C 186 -7.98 -50.07 -15.05
C LEU C 186 -8.35 -49.59 -16.47
N THR C 187 -9.53 -48.95 -16.66
CA THR C 187 -9.94 -48.45 -17.97
C THR C 187 -9.13 -47.22 -18.41
N GLN C 188 -8.50 -46.52 -17.43
CA GLN C 188 -7.66 -45.33 -17.66
C GLN C 188 -6.23 -45.69 -18.07
N GLN C 189 -5.90 -47.00 -18.04
CA GLN C 189 -4.59 -47.56 -18.42
C GLN C 189 -4.49 -47.62 -19.97
N PRO C 190 -3.29 -47.88 -20.59
CA PRO C 190 -3.22 -47.91 -22.06
C PRO C 190 -4.19 -48.89 -22.72
N ALA C 191 -4.85 -48.42 -23.81
CA ALA C 191 -5.82 -49.19 -24.60
C ALA C 191 -5.16 -50.41 -25.24
N VAL C 192 -5.93 -51.51 -25.35
CA VAL C 192 -5.47 -52.80 -25.88
C VAL C 192 -6.00 -53.01 -27.31
N ILE C 193 -5.14 -53.58 -28.18
CA ILE C 193 -5.48 -53.91 -29.57
C ILE C 193 -5.51 -55.44 -29.77
N THR C 194 -6.60 -55.96 -30.34
CA THR C 194 -6.78 -57.39 -30.60
C THR C 194 -7.35 -57.62 -32.00
N SER C 195 -7.17 -58.84 -32.55
CA SER C 195 -7.70 -59.23 -33.85
C SER C 195 -9.01 -59.97 -33.57
N ILE C 196 -10.13 -59.46 -34.11
CA ILE C 196 -11.45 -60.06 -33.88
C ILE C 196 -11.91 -60.90 -35.10
N MET C 197 -11.29 -60.69 -36.28
CA MET C 197 -11.57 -61.41 -37.52
C MET C 197 -10.37 -61.35 -38.48
N GLY C 198 -10.17 -62.41 -39.24
CA GLY C 198 -9.08 -62.53 -40.21
C GLY C 198 -7.85 -63.22 -39.66
N ASN C 199 -7.00 -63.73 -40.57
CA ASN C 199 -5.75 -64.41 -40.21
C ASN C 199 -4.56 -63.98 -41.07
N GLY C 200 -4.73 -62.89 -41.82
CA GLY C 200 -3.70 -62.35 -42.70
C GLY C 200 -3.61 -63.02 -44.06
N ARG C 201 -4.58 -63.93 -44.36
CA ARG C 201 -4.65 -64.69 -45.60
C ARG C 201 -6.02 -64.51 -46.28
N ARG C 202 -6.02 -64.46 -47.61
CA ARG C 202 -7.24 -64.27 -48.42
C ARG C 202 -8.08 -65.53 -48.58
N ARG C 203 -9.41 -65.37 -48.53
CA ARG C 203 -10.38 -66.43 -48.73
C ARG C 203 -10.76 -66.50 -50.21
N SER C 204 -11.39 -67.60 -50.64
CA SER C 204 -11.87 -67.72 -52.01
C SER C 204 -13.16 -66.92 -52.18
N ILE C 205 -13.41 -66.41 -53.39
CA ILE C 205 -14.55 -65.56 -53.75
C ILE C 205 -15.94 -66.20 -53.41
N SER C 206 -16.06 -67.54 -53.49
CA SER C 206 -17.30 -68.29 -53.23
C SER C 206 -17.76 -68.31 -51.76
N CYS C 207 -16.86 -67.93 -50.81
CA CYS C 207 -17.06 -67.90 -49.35
C CYS C 207 -17.44 -69.30 -48.76
N PRO C 208 -16.55 -70.33 -48.87
CA PRO C 208 -16.89 -71.63 -48.27
C PRO C 208 -16.54 -71.65 -46.78
N SER C 209 -17.49 -72.13 -45.95
CA SER C 209 -17.41 -72.21 -44.48
C SER C 209 -17.15 -70.82 -43.84
N CYS C 210 -17.83 -69.79 -44.38
CA CYS C 210 -17.78 -68.40 -43.91
C CYS C 210 -18.71 -68.21 -42.71
N ASN C 211 -19.60 -69.20 -42.48
CA ASN C 211 -20.56 -69.21 -41.38
C ASN C 211 -20.07 -70.07 -40.21
N GLY C 212 -19.34 -69.43 -39.30
CA GLY C 212 -18.79 -70.05 -38.10
C GLY C 212 -18.29 -69.02 -37.10
N LEU C 213 -17.15 -69.30 -36.45
CA LEU C 213 -16.56 -68.38 -35.48
C LEU C 213 -15.78 -67.25 -36.17
N ALA C 214 -15.86 -66.02 -35.62
CA ALA C 214 -15.23 -64.80 -36.15
C ALA C 214 -13.70 -64.82 -36.10
N GLU C 215 -13.11 -65.22 -34.96
CA GLU C 215 -11.67 -65.26 -34.75
C GLU C 215 -10.99 -66.27 -35.67
N GLY C 216 -10.03 -65.78 -36.46
CA GLY C 216 -9.28 -66.59 -37.42
C GLY C 216 -9.99 -66.87 -38.74
N ASN C 217 -11.25 -66.43 -38.88
CA ASN C 217 -12.05 -66.62 -40.08
C ASN C 217 -11.55 -65.73 -41.21
N LYS C 218 -11.11 -66.34 -42.32
CA LYS C 218 -10.54 -65.69 -43.49
C LYS C 218 -11.43 -64.62 -44.12
N LEU C 219 -10.83 -63.46 -44.42
CA LEU C 219 -11.45 -62.32 -45.09
C LEU C 219 -10.83 -62.17 -46.48
N LEU C 220 -11.38 -61.30 -47.32
CA LEU C 220 -10.86 -61.05 -48.66
C LEU C 220 -10.30 -59.62 -48.73
N ALA C 221 -11.16 -58.62 -48.45
CA ALA C 221 -10.82 -57.20 -48.44
C ALA C 221 -11.84 -56.40 -47.61
N PRO C 222 -11.57 -56.10 -46.31
CA PRO C 222 -12.54 -55.32 -45.54
C PRO C 222 -12.42 -53.84 -45.88
N VAL C 223 -13.42 -53.30 -46.62
CA VAL C 223 -13.44 -51.92 -47.09
C VAL C 223 -14.41 -51.02 -46.30
N ALA C 224 -15.43 -51.62 -45.66
CA ALA C 224 -16.44 -50.88 -44.90
C ALA C 224 -16.82 -51.55 -43.58
N LEU C 225 -17.16 -50.73 -42.57
CA LEU C 225 -17.58 -51.18 -41.24
C LEU C 225 -18.73 -50.34 -40.71
N ALA C 226 -19.68 -50.98 -40.01
CA ALA C 226 -20.84 -50.35 -39.39
C ALA C 226 -21.37 -51.19 -38.23
N VAL C 227 -21.64 -50.55 -37.08
CA VAL C 227 -22.16 -51.22 -35.89
C VAL C 227 -23.67 -51.11 -35.85
N GLY C 228 -24.34 -52.25 -35.72
CA GLY C 228 -25.80 -52.33 -35.63
C GLY C 228 -26.31 -51.96 -34.26
N ILE C 229 -27.64 -51.79 -34.15
CA ILE C 229 -28.33 -51.44 -32.89
C ILE C 229 -28.27 -52.59 -31.86
N ASP C 230 -28.01 -53.81 -32.37
CA ASP C 230 -27.89 -55.07 -31.65
C ASP C 230 -26.52 -55.19 -30.94
N GLY C 231 -25.53 -54.47 -31.48
CA GLY C 231 -24.15 -54.50 -31.00
C GLY C 231 -23.28 -55.26 -31.98
N SER C 232 -23.92 -55.79 -33.04
CA SER C 232 -23.32 -56.56 -34.12
C SER C 232 -22.45 -55.69 -35.02
N LEU C 233 -21.37 -56.25 -35.56
CA LEU C 233 -20.50 -55.53 -36.48
C LEU C 233 -20.70 -56.05 -37.89
N PHE C 234 -21.17 -55.16 -38.78
CA PHE C 234 -21.38 -55.46 -40.19
C PHE C 234 -20.09 -55.19 -40.92
N VAL C 235 -19.57 -56.21 -41.60
CA VAL C 235 -18.30 -56.15 -42.33
C VAL C 235 -18.53 -56.14 -43.82
N GLY C 236 -17.99 -55.10 -44.46
CA GLY C 236 -18.03 -54.95 -45.91
C GLY C 236 -16.83 -55.68 -46.49
N ASP C 237 -16.87 -57.03 -46.42
CA ASP C 237 -15.80 -57.91 -46.89
C ASP C 237 -15.87 -58.09 -48.42
N PHE C 238 -15.63 -56.97 -49.15
CA PHE C 238 -15.61 -56.84 -50.60
C PHE C 238 -16.81 -57.51 -51.30
N ASN C 239 -16.70 -58.80 -51.66
CA ASN C 239 -17.73 -59.57 -52.37
C ASN C 239 -18.97 -59.84 -51.52
N TYR C 240 -18.77 -60.14 -50.23
CA TYR C 240 -19.85 -60.45 -49.28
C TYR C 240 -19.90 -59.47 -48.11
N ILE C 241 -21.11 -59.27 -47.57
CA ILE C 241 -21.36 -58.45 -46.38
C ILE C 241 -21.64 -59.46 -45.27
N ARG C 242 -20.74 -59.55 -44.29
CA ARG C 242 -20.80 -60.51 -43.18
C ARG C 242 -21.10 -59.84 -41.83
N ARG C 243 -22.09 -60.38 -41.09
CA ARG C 243 -22.51 -59.86 -39.78
C ARG C 243 -21.88 -60.64 -38.62
N ILE C 244 -21.09 -59.95 -37.77
CA ILE C 244 -20.47 -60.55 -36.58
C ILE C 244 -21.44 -60.32 -35.42
N PHE C 245 -22.06 -61.40 -34.93
CA PHE C 245 -23.02 -61.37 -33.81
C PHE C 245 -22.31 -61.13 -32.46
N PRO C 246 -23.00 -60.61 -31.41
CA PRO C 246 -22.33 -60.43 -30.10
C PRO C 246 -21.80 -61.73 -29.49
N SER C 247 -22.31 -62.88 -29.99
CA SER C 247 -21.91 -64.23 -29.59
C SER C 247 -20.56 -64.63 -30.24
N ARG C 248 -19.93 -63.69 -30.98
CA ARG C 248 -18.66 -63.79 -31.70
C ARG C 248 -18.72 -64.79 -32.88
N ASN C 249 -19.93 -64.98 -33.46
CA ASN C 249 -20.16 -65.84 -34.62
C ASN C 249 -20.50 -65.00 -35.86
N VAL C 250 -20.06 -65.44 -37.05
CA VAL C 250 -20.25 -64.77 -38.34
C VAL C 250 -21.20 -65.54 -39.27
N THR C 251 -22.09 -64.81 -39.97
CA THR C 251 -23.02 -65.32 -40.98
C THR C 251 -23.10 -64.30 -42.11
N SER C 252 -22.93 -64.76 -43.37
CA SER C 252 -23.00 -63.90 -44.56
C SER C 252 -24.45 -63.47 -44.75
N ILE C 253 -24.70 -62.17 -44.95
CA ILE C 253 -26.07 -61.64 -45.09
C ILE C 253 -26.39 -61.12 -46.51
N LEU C 254 -25.38 -60.65 -47.27
CA LEU C 254 -25.59 -60.13 -48.63
C LEU C 254 -24.39 -60.36 -49.54
N GLU C 255 -24.65 -60.80 -50.78
CA GLU C 255 -23.63 -61.01 -51.82
C GLU C 255 -23.76 -59.93 -52.89
N LEU C 256 -22.64 -59.29 -53.24
CA LEU C 256 -22.59 -58.24 -54.27
C LEU C 256 -22.04 -58.85 -55.56
N ARG C 257 -22.93 -59.02 -56.57
CA ARG C 257 -22.63 -59.61 -57.87
C ARG C 257 -21.61 -58.84 -58.72
N ASN C 258 -21.47 -57.52 -58.48
CA ASN C 258 -20.57 -56.63 -59.23
C ASN C 258 -19.12 -56.58 -58.70
N LYS C 259 -18.75 -57.53 -57.82
CA LYS C 259 -17.40 -57.59 -57.23
C LYS C 259 -16.61 -58.79 -57.75
N GLU C 260 -15.36 -58.53 -58.19
CA GLU C 260 -14.44 -59.54 -58.74
C GLU C 260 -13.12 -59.56 -57.98
N PHE C 261 -12.63 -60.77 -57.62
CA PHE C 261 -11.38 -61.08 -56.90
C PHE C 261 -10.20 -60.15 -57.25
N LYS C 262 -10.10 -59.73 -58.52
CA LYS C 262 -9.05 -58.86 -59.07
C LYS C 262 -9.09 -57.45 -58.49
N HIS C 263 -10.31 -56.88 -58.31
CA HIS C 263 -10.55 -55.52 -57.83
C HIS C 263 -10.72 -55.41 -56.30
N SER C 264 -10.20 -56.39 -55.52
CA SER C 264 -10.28 -56.43 -54.06
C SER C 264 -9.73 -55.17 -53.36
N ASN C 265 -8.51 -54.74 -53.74
CA ASN C 265 -7.85 -53.55 -53.18
C ASN C 265 -7.95 -52.31 -54.10
N ASN C 266 -8.96 -52.30 -55.00
CA ASN C 266 -9.20 -51.21 -55.94
C ASN C 266 -10.07 -50.10 -55.30
N PRO C 267 -9.59 -48.82 -55.29
CA PRO C 267 -10.38 -47.74 -54.65
C PRO C 267 -11.70 -47.40 -55.34
N ALA C 268 -11.83 -47.71 -56.65
CA ALA C 268 -13.06 -47.45 -57.43
C ALA C 268 -14.19 -48.39 -57.01
N HIS C 269 -13.85 -49.61 -56.57
CA HIS C 269 -14.80 -50.63 -56.13
C HIS C 269 -15.05 -50.59 -54.60
N LYS C 270 -14.65 -49.49 -53.93
CA LYS C 270 -14.86 -49.31 -52.50
C LYS C 270 -16.29 -48.83 -52.24
N TYR C 271 -16.98 -49.50 -51.31
CA TYR C 271 -18.35 -49.15 -50.91
C TYR C 271 -18.41 -48.75 -49.43
N TYR C 272 -19.50 -48.09 -49.02
CA TYR C 272 -19.66 -47.58 -47.66
C TYR C 272 -20.92 -48.10 -46.99
N LEU C 273 -20.83 -48.46 -45.70
CA LEU C 273 -21.95 -48.97 -44.91
C LEU C 273 -22.44 -47.93 -43.89
N ALA C 274 -23.70 -48.06 -43.47
CA ALA C 274 -24.36 -47.20 -42.49
C ALA C 274 -25.56 -47.89 -41.85
N VAL C 275 -25.71 -47.75 -40.52
CA VAL C 275 -26.83 -48.32 -39.79
C VAL C 275 -27.72 -47.19 -39.28
N ASP C 276 -29.03 -47.31 -39.54
CA ASP C 276 -30.04 -46.36 -39.07
C ASP C 276 -30.21 -46.60 -37.55
N PRO C 277 -30.05 -45.57 -36.68
CA PRO C 277 -30.08 -45.83 -35.23
C PRO C 277 -31.45 -46.21 -34.65
N VAL C 278 -32.54 -45.76 -35.26
CA VAL C 278 -33.88 -46.07 -34.76
C VAL C 278 -34.21 -47.55 -35.05
N SER C 279 -34.31 -47.90 -36.35
CA SER C 279 -34.52 -49.26 -36.81
C SER C 279 -33.16 -49.68 -37.35
N GLY C 280 -32.68 -50.86 -36.96
CA GLY C 280 -31.38 -51.37 -37.32
C GLY C 280 -31.08 -51.67 -38.77
N SER C 281 -31.72 -50.96 -39.72
CA SER C 281 -31.55 -51.10 -41.17
C SER C 281 -30.13 -50.75 -41.62
N LEU C 282 -29.52 -51.64 -42.44
CA LEU C 282 -28.16 -51.47 -42.97
C LEU C 282 -28.22 -50.98 -44.42
N TYR C 283 -27.60 -49.82 -44.68
CA TYR C 283 -27.55 -49.18 -45.99
C TYR C 283 -26.19 -49.36 -46.65
N VAL C 284 -26.17 -49.79 -47.92
CA VAL C 284 -24.96 -50.06 -48.72
C VAL C 284 -24.91 -49.06 -49.87
N SER C 285 -23.75 -48.42 -50.11
CA SER C 285 -23.62 -47.50 -51.24
C SER C 285 -22.37 -47.79 -52.07
N ASP C 286 -22.58 -48.36 -53.26
CA ASP C 286 -21.48 -48.69 -54.17
C ASP C 286 -21.27 -47.56 -55.17
N THR C 287 -20.04 -47.01 -55.18
CA THR C 287 -19.60 -45.92 -56.06
C THR C 287 -19.65 -46.37 -57.53
N ASN C 288 -19.22 -47.62 -57.79
CA ASN C 288 -19.17 -48.22 -59.13
C ASN C 288 -20.56 -48.46 -59.75
N SER C 289 -21.55 -48.93 -58.96
CA SER C 289 -22.91 -49.19 -59.45
C SER C 289 -23.81 -47.94 -59.52
N ARG C 290 -23.35 -46.82 -58.93
CA ARG C 290 -24.02 -45.50 -58.88
C ARG C 290 -25.42 -45.58 -58.20
N ARG C 291 -25.56 -46.47 -57.19
CA ARG C 291 -26.81 -46.70 -56.46
C ARG C 291 -26.60 -46.91 -54.93
N ILE C 292 -27.72 -46.86 -54.17
CA ILE C 292 -27.78 -47.08 -52.71
C ILE C 292 -28.79 -48.21 -52.44
N TYR C 293 -28.38 -49.22 -51.66
CA TYR C 293 -29.17 -50.40 -51.30
C TYR C 293 -29.47 -50.50 -49.79
N LYS C 294 -30.51 -51.28 -49.43
CA LYS C 294 -30.93 -51.57 -48.07
C LYS C 294 -31.07 -53.09 -47.94
N VAL C 295 -30.38 -53.69 -46.96
CA VAL C 295 -30.42 -55.14 -46.70
C VAL C 295 -31.81 -55.50 -46.15
N LYS C 296 -32.51 -56.43 -46.83
CA LYS C 296 -33.84 -56.88 -46.46
C LYS C 296 -33.85 -57.66 -45.14
N SER C 297 -33.15 -58.82 -45.09
CA SER C 297 -33.05 -59.64 -43.89
C SER C 297 -31.63 -59.61 -43.35
N LEU C 298 -31.48 -59.22 -42.08
CA LEU C 298 -30.17 -59.14 -41.40
C LEU C 298 -29.74 -60.47 -40.80
N THR C 299 -30.56 -61.53 -40.98
CA THR C 299 -30.27 -62.89 -40.50
C THR C 299 -29.62 -63.73 -41.61
N GLY C 300 -29.79 -63.30 -42.86
CA GLY C 300 -29.24 -63.97 -44.03
C GLY C 300 -30.17 -65.05 -44.56
N THR C 301 -30.73 -64.82 -45.74
CA THR C 301 -31.66 -65.75 -46.40
C THR C 301 -30.93 -66.79 -47.26
N LYS C 302 -31.69 -67.67 -47.95
CA LYS C 302 -31.17 -68.71 -48.83
C LYS C 302 -30.46 -68.08 -50.04
N ASP C 303 -31.13 -67.12 -50.71
CA ASP C 303 -30.60 -66.39 -51.86
C ASP C 303 -29.99 -65.08 -51.34
N LEU C 304 -28.65 -65.10 -51.11
CA LEU C 304 -27.91 -63.97 -50.57
C LEU C 304 -27.61 -62.86 -51.59
N ALA C 305 -27.55 -63.21 -52.89
CA ALA C 305 -27.28 -62.28 -53.98
C ALA C 305 -28.40 -61.24 -54.21
N GLY C 306 -29.63 -61.61 -53.84
CA GLY C 306 -30.81 -60.75 -53.96
C GLY C 306 -31.48 -60.43 -52.65
N ASN C 307 -30.68 -60.09 -51.62
CA ASN C 307 -31.16 -59.74 -50.27
C ASN C 307 -31.10 -58.20 -50.05
N SER C 308 -31.07 -57.43 -51.15
CA SER C 308 -31.03 -55.96 -51.12
C SER C 308 -32.16 -55.31 -51.93
N GLU C 309 -32.54 -54.09 -51.51
CA GLU C 309 -33.60 -53.28 -52.12
C GLU C 309 -33.05 -51.87 -52.39
N VAL C 310 -33.26 -51.33 -53.61
CA VAL C 310 -32.76 -50.01 -54.03
C VAL C 310 -33.47 -48.88 -53.27
N VAL C 311 -32.68 -47.98 -52.65
CA VAL C 311 -33.14 -46.82 -51.88
C VAL C 311 -33.04 -45.56 -52.75
N ALA C 312 -31.89 -45.38 -53.42
CA ALA C 312 -31.60 -44.22 -54.28
C ALA C 312 -30.73 -44.61 -55.49
N GLY C 313 -30.99 -43.97 -56.62
CA GLY C 313 -30.27 -44.20 -57.87
C GLY C 313 -30.92 -45.17 -58.82
N THR C 314 -30.70 -44.99 -60.13
CA THR C 314 -31.21 -45.87 -61.18
C THR C 314 -30.11 -46.80 -61.67
N GLY C 315 -28.86 -46.31 -61.63
CA GLY C 315 -27.68 -47.04 -62.05
C GLY C 315 -26.79 -46.25 -63.00
N GLU C 316 -27.31 -45.15 -63.56
CA GLU C 316 -26.60 -44.30 -64.51
C GLU C 316 -25.98 -43.06 -63.86
N GLN C 317 -24.75 -42.73 -64.28
CA GLN C 317 -23.98 -41.58 -63.79
C GLN C 317 -24.46 -40.32 -64.51
N CYS C 318 -24.99 -39.34 -63.74
CA CYS C 318 -25.48 -38.08 -64.29
C CYS C 318 -24.35 -37.05 -64.42
N LEU C 319 -24.40 -36.24 -65.51
CA LEU C 319 -23.42 -35.19 -65.83
C LEU C 319 -23.34 -34.10 -64.75
N PRO C 320 -22.16 -33.43 -64.56
CA PRO C 320 -22.06 -32.39 -63.50
C PRO C 320 -23.05 -31.23 -63.59
N PHE C 321 -23.46 -30.85 -64.81
CA PHE C 321 -24.38 -29.74 -65.04
C PHE C 321 -25.73 -30.24 -65.61
N ASP C 322 -26.43 -31.05 -64.80
CA ASP C 322 -27.73 -31.65 -65.13
C ASP C 322 -28.86 -30.61 -65.06
N GLU C 323 -29.78 -30.69 -66.01
CA GLU C 323 -30.95 -29.80 -66.13
C GLU C 323 -31.96 -30.06 -65.01
N ALA C 324 -32.36 -31.32 -64.82
CA ALA C 324 -33.32 -31.78 -63.79
C ALA C 324 -32.67 -31.89 -62.39
N ARG C 325 -31.35 -31.56 -62.29
CA ARG C 325 -30.52 -31.59 -61.09
C ARG C 325 -30.42 -33.01 -60.50
N CYS C 326 -30.14 -33.99 -61.39
CA CYS C 326 -30.00 -35.43 -61.12
C CYS C 326 -31.21 -36.05 -60.37
N GLY C 327 -32.40 -35.51 -60.64
CA GLY C 327 -33.66 -35.98 -60.06
C GLY C 327 -34.05 -35.39 -58.73
N ASP C 328 -33.46 -34.25 -58.34
CA ASP C 328 -33.75 -33.56 -57.07
C ASP C 328 -35.18 -33.04 -57.00
N GLY C 329 -35.81 -33.22 -55.84
CA GLY C 329 -37.19 -32.80 -55.59
C GLY C 329 -38.17 -33.95 -55.65
N GLY C 330 -37.84 -34.97 -56.44
CA GLY C 330 -38.65 -36.17 -56.62
C GLY C 330 -38.17 -37.35 -55.81
N LYS C 331 -38.70 -38.55 -56.11
CA LYS C 331 -38.35 -39.80 -55.44
C LYS C 331 -36.90 -40.21 -55.69
N ALA C 332 -36.21 -40.65 -54.63
CA ALA C 332 -34.81 -41.08 -54.64
C ALA C 332 -34.52 -42.26 -55.57
N VAL C 333 -35.46 -43.23 -55.64
CA VAL C 333 -35.39 -44.43 -56.49
C VAL C 333 -35.30 -44.03 -57.98
N ASP C 334 -36.13 -43.05 -58.39
CA ASP C 334 -36.21 -42.53 -59.76
C ASP C 334 -35.06 -41.59 -60.13
N ALA C 335 -34.38 -41.02 -59.12
CA ALA C 335 -33.26 -40.10 -59.29
C ALA C 335 -31.98 -40.81 -59.77
N THR C 336 -30.99 -40.02 -60.21
CA THR C 336 -29.69 -40.52 -60.70
C THR C 336 -28.57 -40.01 -59.79
N LEU C 337 -27.52 -40.82 -59.60
CA LEU C 337 -26.39 -40.44 -58.74
C LEU C 337 -25.09 -40.30 -59.53
N MET C 338 -24.23 -39.35 -59.12
CA MET C 338 -22.94 -39.09 -59.75
C MET C 338 -21.92 -40.17 -59.38
N SER C 339 -21.66 -40.34 -58.05
CA SER C 339 -20.75 -41.33 -57.46
C SER C 339 -20.98 -41.38 -55.93
N PRO C 340 -21.94 -42.22 -55.45
CA PRO C 340 -22.20 -42.28 -54.00
C PRO C 340 -21.04 -42.82 -53.18
N ARG C 341 -20.65 -42.07 -52.13
CA ARG C 341 -19.56 -42.42 -51.23
C ARG C 341 -20.07 -42.67 -49.80
N GLY C 342 -19.50 -42.01 -48.80
CA GLY C 342 -19.88 -42.17 -47.39
C GLY C 342 -21.33 -41.88 -47.08
N ILE C 343 -21.96 -42.76 -46.28
CA ILE C 343 -23.37 -42.63 -45.85
C ILE C 343 -23.46 -42.53 -44.33
N ALA C 344 -24.39 -41.69 -43.85
CA ALA C 344 -24.68 -41.46 -42.43
C ALA C 344 -26.18 -41.26 -42.23
N VAL C 345 -26.75 -41.90 -41.20
CA VAL C 345 -28.18 -41.79 -40.88
C VAL C 345 -28.38 -41.04 -39.56
N ASP C 346 -29.19 -39.96 -39.62
CA ASP C 346 -29.56 -39.06 -38.53
C ASP C 346 -30.37 -39.77 -37.43
N LYS C 347 -30.58 -39.05 -36.31
CA LYS C 347 -31.37 -39.44 -35.13
C LYS C 347 -32.85 -39.63 -35.53
N TYR C 348 -33.36 -38.75 -36.42
CA TYR C 348 -34.74 -38.75 -36.92
C TYR C 348 -34.97 -39.74 -38.08
N GLY C 349 -33.91 -40.44 -38.51
CA GLY C 349 -33.95 -41.41 -39.58
C GLY C 349 -33.59 -40.89 -40.96
N LEU C 350 -33.16 -39.60 -41.03
CA LEU C 350 -32.77 -38.92 -42.25
C LEU C 350 -31.44 -39.47 -42.77
N MET C 351 -31.42 -39.94 -44.03
CA MET C 351 -30.23 -40.51 -44.65
C MET C 351 -29.47 -39.45 -45.46
N TYR C 352 -28.17 -39.31 -45.16
CA TYR C 352 -27.26 -38.36 -45.82
C TYR C 352 -26.16 -39.12 -46.53
N PHE C 353 -25.72 -38.62 -47.70
CA PHE C 353 -24.64 -39.26 -48.47
C PHE C 353 -23.85 -38.29 -49.34
N VAL C 354 -22.57 -38.62 -49.57
CA VAL C 354 -21.66 -37.85 -50.42
C VAL C 354 -21.86 -38.31 -51.87
N ASP C 355 -22.22 -37.37 -52.76
CA ASP C 355 -22.42 -37.63 -54.19
C ASP C 355 -21.46 -36.76 -54.99
N ALA C 356 -20.28 -37.34 -55.34
CA ALA C 356 -19.16 -36.74 -56.06
C ALA C 356 -18.49 -35.59 -55.30
N THR C 357 -19.14 -34.39 -55.23
CA THR C 357 -18.62 -33.20 -54.53
C THR C 357 -19.71 -32.47 -53.72
N MET C 358 -20.84 -33.15 -53.42
CA MET C 358 -21.96 -32.58 -52.66
C MET C 358 -22.60 -33.57 -51.67
N ILE C 359 -23.39 -33.05 -50.72
CA ILE C 359 -24.10 -33.88 -49.74
C ILE C 359 -25.58 -33.86 -50.07
N ARG C 360 -26.18 -35.05 -50.25
CA ARG C 360 -27.59 -35.21 -50.61
C ARG C 360 -28.38 -35.90 -49.50
N LYS C 361 -29.64 -35.47 -49.32
CA LYS C 361 -30.57 -36.01 -48.31
C LYS C 361 -31.60 -36.95 -48.94
N VAL C 362 -32.05 -37.95 -48.18
CA VAL C 362 -33.11 -38.90 -48.54
C VAL C 362 -33.99 -39.00 -47.28
N ASP C 363 -35.09 -38.23 -47.26
CA ASP C 363 -36.00 -38.17 -46.11
C ASP C 363 -36.85 -39.44 -45.91
N GLN C 364 -37.67 -39.45 -44.84
CA GLN C 364 -38.56 -40.55 -44.43
C GLN C 364 -39.57 -40.93 -45.51
N ASN C 365 -40.05 -39.94 -46.31
CA ASN C 365 -41.02 -40.13 -47.39
C ASN C 365 -40.38 -40.77 -48.63
N GLY C 366 -39.06 -40.61 -48.78
CA GLY C 366 -38.29 -41.16 -49.89
C GLY C 366 -37.93 -40.12 -50.96
N ILE C 367 -38.08 -38.83 -50.61
CA ILE C 367 -37.79 -37.70 -51.50
C ILE C 367 -36.31 -37.30 -51.37
N ILE C 368 -35.63 -37.15 -52.52
CA ILE C 368 -34.22 -36.76 -52.59
C ILE C 368 -34.08 -35.23 -52.73
N SER C 369 -33.07 -34.66 -52.04
CA SER C 369 -32.75 -33.24 -52.05
C SER C 369 -31.22 -33.05 -51.89
N THR C 370 -30.74 -31.81 -51.89
CA THR C 370 -29.30 -31.52 -51.74
C THR C 370 -29.06 -30.56 -50.57
N LEU C 371 -28.28 -31.01 -49.57
CA LEU C 371 -27.92 -30.22 -48.41
C LEU C 371 -26.86 -29.19 -48.79
N LEU C 372 -25.70 -29.65 -49.31
CA LEU C 372 -24.62 -28.78 -49.77
C LEU C 372 -24.73 -28.61 -51.29
N GLY C 373 -25.64 -27.72 -51.70
CA GLY C 373 -25.96 -27.40 -53.08
C GLY C 373 -24.81 -26.84 -53.89
N SER C 374 -24.36 -27.63 -54.89
CA SER C 374 -23.26 -27.28 -55.79
C SER C 374 -23.72 -26.41 -56.98
N ASN C 375 -22.80 -26.14 -57.94
CA ASN C 375 -22.97 -25.35 -59.17
C ASN C 375 -23.06 -23.83 -58.92
N ASP C 376 -23.17 -23.41 -57.64
CA ASP C 376 -23.27 -22.00 -57.25
C ASP C 376 -21.89 -21.41 -56.90
N LEU C 377 -20.89 -21.62 -57.79
CA LEU C 377 -19.50 -21.18 -57.67
C LEU C 377 -19.31 -19.67 -57.43
N THR C 378 -20.31 -18.86 -57.78
CA THR C 378 -20.30 -17.40 -57.62
C THR C 378 -20.57 -16.99 -56.17
N ALA C 379 -21.54 -17.63 -55.50
CA ALA C 379 -21.90 -17.38 -54.09
C ALA C 379 -20.93 -18.07 -53.11
N VAL C 380 -20.10 -18.99 -53.62
CA VAL C 380 -19.10 -19.76 -52.88
C VAL C 380 -17.94 -18.83 -52.47
N ARG C 381 -17.59 -18.85 -51.18
CA ARG C 381 -16.50 -18.08 -50.58
C ARG C 381 -15.47 -19.07 -50.03
N PRO C 382 -14.13 -18.83 -50.20
CA PRO C 382 -13.13 -19.75 -49.65
C PRO C 382 -13.28 -20.00 -48.14
N LEU C 383 -13.00 -21.24 -47.72
CA LEU C 383 -13.10 -21.76 -46.35
C LEU C 383 -12.48 -20.85 -45.29
N SER C 384 -13.32 -20.35 -44.36
CA SER C 384 -12.92 -19.47 -43.26
C SER C 384 -12.30 -20.30 -42.14
N CYS C 385 -11.10 -19.91 -41.69
CA CYS C 385 -10.33 -20.60 -40.66
C CYS C 385 -10.95 -20.52 -39.26
N ASP C 386 -11.42 -19.33 -38.85
CA ASP C 386 -12.01 -19.12 -37.53
C ASP C 386 -13.54 -19.21 -37.47
N SER C 387 -14.23 -18.36 -38.26
CA SER C 387 -15.69 -18.28 -38.31
C SER C 387 -16.37 -19.47 -38.99
N SER C 388 -17.69 -19.64 -38.75
CA SER C 388 -18.52 -20.71 -39.31
C SER C 388 -19.54 -20.13 -40.31
N MET C 389 -19.52 -20.60 -41.56
CA MET C 389 -20.41 -20.14 -42.63
C MET C 389 -21.50 -21.18 -43.02
N ASP C 390 -22.58 -20.71 -43.67
CA ASP C 390 -23.70 -21.55 -44.12
C ASP C 390 -23.29 -22.50 -45.26
N VAL C 391 -24.07 -23.59 -45.46
CA VAL C 391 -23.88 -24.64 -46.47
C VAL C 391 -23.71 -24.09 -47.91
N SER C 392 -24.44 -23.01 -48.25
CA SER C 392 -24.43 -22.35 -49.57
C SER C 392 -23.08 -21.73 -49.96
N GLN C 393 -22.29 -21.29 -48.98
CA GLN C 393 -20.98 -20.66 -49.18
C GLN C 393 -19.83 -21.69 -49.22
N VAL C 394 -20.14 -22.98 -48.97
CA VAL C 394 -19.14 -24.06 -48.90
C VAL C 394 -19.07 -24.89 -50.19
N ARG C 395 -17.84 -25.13 -50.67
CA ARG C 395 -17.49 -25.93 -51.84
C ARG C 395 -16.65 -27.10 -51.37
N LEU C 396 -17.05 -28.32 -51.77
CA LEU C 396 -16.35 -29.55 -51.41
C LEU C 396 -15.46 -30.06 -52.53
N GLU C 397 -14.20 -30.38 -52.20
CA GLU C 397 -13.19 -30.90 -53.11
C GLU C 397 -12.73 -32.27 -52.60
N TRP C 398 -13.09 -33.35 -53.33
CA TRP C 398 -12.78 -34.75 -53.04
C TRP C 398 -13.31 -35.23 -51.64
N PRO C 399 -14.63 -35.18 -51.37
CA PRO C 399 -15.13 -35.71 -50.09
C PRO C 399 -15.31 -37.23 -50.13
N THR C 400 -15.02 -37.93 -49.02
CA THR C 400 -15.13 -39.40 -49.00
C THR C 400 -16.07 -39.92 -47.90
N ASP C 401 -15.58 -40.09 -46.65
CA ASP C 401 -16.36 -40.62 -45.54
C ASP C 401 -17.35 -39.63 -44.93
N LEU C 402 -18.43 -40.15 -44.33
CA LEU C 402 -19.50 -39.40 -43.69
C LEU C 402 -20.00 -40.14 -42.44
N ALA C 403 -20.28 -39.38 -41.37
CA ALA C 403 -20.77 -39.93 -40.09
C ALA C 403 -21.56 -38.90 -39.28
N VAL C 404 -22.58 -39.37 -38.55
CA VAL C 404 -23.43 -38.54 -37.68
C VAL C 404 -22.89 -38.63 -36.26
N ASP C 405 -22.83 -37.48 -35.55
CA ASP C 405 -22.38 -37.39 -34.17
C ASP C 405 -23.58 -37.78 -33.27
N PRO C 406 -23.56 -38.93 -32.54
CA PRO C 406 -24.72 -39.33 -31.73
C PRO C 406 -25.02 -38.46 -30.51
N MET C 407 -24.24 -37.40 -30.27
CA MET C 407 -24.41 -36.49 -29.15
C MET C 407 -24.92 -35.11 -29.61
N ASP C 408 -24.40 -34.63 -30.74
CA ASP C 408 -24.71 -33.33 -31.35
C ASP C 408 -25.83 -33.42 -32.39
N ASN C 409 -25.94 -34.60 -33.05
CA ASN C 409 -26.82 -34.91 -34.17
C ASN C 409 -26.37 -34.15 -35.44
N SER C 410 -25.10 -33.71 -35.42
CA SER C 410 -24.44 -33.00 -36.51
C SER C 410 -23.81 -33.99 -37.49
N LEU C 411 -23.58 -33.53 -38.74
CA LEU C 411 -22.99 -34.35 -39.78
C LEU C 411 -21.51 -34.03 -39.96
N TYR C 412 -20.65 -35.06 -39.95
CA TYR C 412 -19.21 -34.91 -40.12
C TYR C 412 -18.79 -35.41 -41.50
N VAL C 413 -18.10 -34.54 -42.26
CA VAL C 413 -17.64 -34.84 -43.63
C VAL C 413 -16.11 -34.87 -43.69
N LEU C 414 -15.55 -35.93 -44.28
CA LEU C 414 -14.12 -36.08 -44.50
C LEU C 414 -13.87 -35.57 -45.93
N GLU C 415 -13.18 -34.42 -46.05
CA GLU C 415 -12.93 -33.77 -47.34
C GLU C 415 -11.50 -33.24 -47.49
N ASN C 416 -10.70 -33.88 -48.39
CA ASN C 416 -9.32 -33.55 -48.73
C ASN C 416 -8.45 -33.17 -47.49
N ASN C 417 -8.27 -34.14 -46.59
CA ASN C 417 -7.50 -34.06 -45.34
C ASN C 417 -7.97 -32.92 -44.39
N VAL C 418 -9.30 -32.67 -44.36
CA VAL C 418 -9.99 -31.68 -43.53
C VAL C 418 -11.37 -32.25 -43.15
N ILE C 419 -11.69 -32.29 -41.84
CA ILE C 419 -12.99 -32.76 -41.36
C ILE C 419 -13.86 -31.56 -40.99
N LEU C 420 -15.01 -31.44 -41.65
CA LEU C 420 -15.97 -30.36 -41.44
C LEU C 420 -17.23 -30.84 -40.71
N ARG C 421 -17.93 -29.93 -40.02
CA ARG C 421 -19.15 -30.25 -39.28
C ARG C 421 -20.34 -29.44 -39.79
N ILE C 422 -21.45 -30.14 -40.09
CA ILE C 422 -22.71 -29.56 -40.55
C ILE C 422 -23.69 -29.68 -39.39
N THR C 423 -23.97 -28.55 -38.71
CA THR C 423 -24.89 -28.53 -37.56
C THR C 423 -26.35 -28.63 -38.04
N GLU C 424 -27.30 -28.84 -37.10
CA GLU C 424 -28.74 -28.94 -37.38
C GLU C 424 -29.28 -27.59 -37.95
N ASN C 425 -28.56 -26.48 -37.69
CA ASN C 425 -28.87 -25.13 -38.14
C ASN C 425 -28.17 -24.78 -39.49
N HIS C 426 -27.60 -25.82 -40.15
CA HIS C 426 -26.90 -25.79 -41.44
C HIS C 426 -25.63 -24.91 -41.44
N GLN C 427 -24.90 -24.91 -40.31
CA GLN C 427 -23.65 -24.15 -40.14
C GLN C 427 -22.44 -25.08 -40.31
N VAL C 428 -21.50 -24.67 -41.18
CA VAL C 428 -20.29 -25.43 -41.52
C VAL C 428 -19.04 -24.83 -40.86
N SER C 429 -18.18 -25.69 -40.28
CA SER C 429 -16.96 -25.29 -39.60
C SER C 429 -15.89 -26.38 -39.63
N ILE C 430 -14.61 -25.99 -39.63
CA ILE C 430 -13.47 -26.93 -39.61
C ILE C 430 -13.34 -27.49 -38.19
N ILE C 431 -13.30 -28.83 -38.06
CA ILE C 431 -13.18 -29.51 -36.79
C ILE C 431 -11.76 -30.10 -36.61
N ALA C 432 -11.15 -30.59 -37.71
CA ALA C 432 -9.81 -31.16 -37.73
C ALA C 432 -9.14 -30.92 -39.09
N GLY C 433 -7.85 -30.62 -39.07
CA GLY C 433 -7.07 -30.37 -40.27
C GLY C 433 -6.77 -28.91 -40.51
N ARG C 434 -5.64 -28.64 -41.19
CA ARG C 434 -5.18 -27.29 -41.52
C ARG C 434 -5.25 -27.04 -43.04
N PRO C 435 -6.20 -26.19 -43.51
CA PRO C 435 -6.26 -25.91 -44.96
C PRO C 435 -5.17 -24.94 -45.40
N MET C 436 -4.96 -24.80 -46.73
CA MET C 436 -3.94 -23.92 -47.29
C MET C 436 -4.28 -22.42 -47.16
N HIS C 437 -5.52 -22.09 -46.74
CA HIS C 437 -6.02 -20.72 -46.53
C HIS C 437 -5.23 -19.99 -45.44
N CYS C 438 -4.81 -20.72 -44.39
CA CYS C 438 -4.04 -20.20 -43.25
C CYS C 438 -2.96 -21.20 -42.79
N GLN C 439 -2.19 -21.73 -43.76
CA GLN C 439 -1.14 -22.72 -43.54
C GLN C 439 0.11 -22.12 -42.86
N VAL C 440 0.79 -21.17 -43.54
CA VAL C 440 2.01 -20.52 -43.04
C VAL C 440 2.12 -19.05 -43.57
N PRO C 441 2.24 -18.02 -42.70
CA PRO C 441 2.34 -18.05 -41.23
C PRO C 441 0.99 -17.82 -40.52
N GLY C 442 0.08 -18.78 -40.69
CA GLY C 442 -1.25 -18.77 -40.09
C GLY C 442 -1.23 -18.78 -38.57
N ILE C 443 -0.28 -19.54 -37.99
CA ILE C 443 -0.07 -19.67 -36.54
C ILE C 443 1.42 -19.52 -36.21
N ASP C 444 1.75 -18.47 -35.42
CA ASP C 444 3.12 -18.12 -35.04
C ASP C 444 3.73 -19.03 -33.97
N TYR C 445 2.91 -19.51 -33.00
CA TYR C 445 3.36 -20.39 -31.91
C TYR C 445 3.57 -21.86 -32.35
N SER C 446 3.19 -22.19 -33.61
CA SER C 446 3.33 -23.48 -34.29
C SER C 446 2.59 -24.65 -33.59
N LEU C 447 3.32 -25.56 -32.90
CA LEU C 447 2.77 -26.76 -32.26
C LEU C 447 1.87 -26.50 -31.04
N SER C 448 0.67 -27.09 -31.09
CA SER C 448 -0.36 -27.08 -30.04
C SER C 448 -1.17 -28.38 -30.14
N LYS C 449 -1.78 -28.80 -29.02
CA LYS C 449 -2.56 -30.05 -28.94
C LYS C 449 -3.90 -30.03 -29.71
N LEU C 450 -4.37 -28.82 -30.14
CA LEU C 450 -5.62 -28.62 -30.87
C LEU C 450 -5.65 -29.28 -32.26
N ALA C 451 -6.84 -29.79 -32.65
CA ALA C 451 -7.06 -30.46 -33.95
C ALA C 451 -7.05 -29.47 -35.12
N ILE C 452 -7.55 -28.24 -34.89
CA ILE C 452 -7.62 -27.14 -35.86
C ILE C 452 -6.22 -26.70 -36.33
N HIS C 453 -5.21 -26.81 -35.45
CA HIS C 453 -3.82 -26.44 -35.73
C HIS C 453 -2.95 -27.60 -36.22
N SER C 454 -3.50 -28.83 -36.24
CA SER C 454 -2.78 -30.03 -36.68
C SER C 454 -3.27 -30.51 -38.04
N ALA C 455 -2.33 -30.65 -39.00
CA ALA C 455 -2.62 -31.10 -40.37
C ALA C 455 -2.82 -32.61 -40.44
N LEU C 456 -3.78 -33.04 -41.28
CA LEU C 456 -4.09 -34.47 -41.49
C LEU C 456 -3.27 -35.04 -42.65
N GLU C 457 -2.57 -36.16 -42.40
CA GLU C 457 -1.72 -36.83 -43.37
C GLU C 457 -2.41 -38.04 -44.02
N SER C 458 -2.94 -37.85 -45.24
CA SER C 458 -3.64 -38.85 -46.06
C SER C 458 -4.71 -39.62 -45.29
N ALA C 459 -5.76 -38.90 -44.82
CA ALA C 459 -6.88 -39.47 -44.06
C ALA C 459 -7.77 -40.32 -44.95
N SER C 460 -8.30 -41.45 -44.41
CA SER C 460 -9.13 -42.39 -45.16
C SER C 460 -10.53 -42.65 -44.59
N ALA C 461 -10.68 -42.65 -43.24
CA ALA C 461 -11.97 -42.93 -42.60
C ALA C 461 -12.21 -42.14 -41.31
N ILE C 462 -13.51 -41.99 -40.93
CA ILE C 462 -13.95 -41.31 -39.71
C ILE C 462 -15.05 -42.10 -38.99
N ALA C 463 -15.12 -41.95 -37.64
CA ALA C 463 -16.12 -42.58 -36.78
C ALA C 463 -16.37 -41.69 -35.55
N ILE C 464 -17.62 -41.63 -35.08
CA ILE C 464 -17.99 -40.83 -33.91
C ILE C 464 -18.69 -41.69 -32.85
N SER C 465 -18.17 -41.68 -31.62
CA SER C 465 -18.73 -42.43 -30.49
C SER C 465 -19.93 -41.67 -29.90
N HIS C 466 -20.73 -42.33 -29.05
CA HIS C 466 -21.89 -41.73 -28.38
C HIS C 466 -21.52 -40.61 -27.40
N THR C 467 -20.23 -40.54 -27.02
CA THR C 467 -19.67 -39.51 -26.14
C THR C 467 -19.14 -38.29 -26.94
N GLY C 468 -19.41 -38.30 -28.25
CA GLY C 468 -19.01 -37.23 -29.17
C GLY C 468 -17.54 -37.20 -29.55
N VAL C 469 -16.83 -38.33 -29.34
CA VAL C 469 -15.41 -38.44 -29.66
C VAL C 469 -15.23 -38.88 -31.12
N LEU C 470 -14.47 -38.09 -31.90
CA LEU C 470 -14.18 -38.34 -33.31
C LEU C 470 -12.87 -39.10 -33.49
N TYR C 471 -12.90 -40.23 -34.23
CA TYR C 471 -11.73 -41.05 -34.52
C TYR C 471 -11.42 -40.94 -36.01
N ILE C 472 -10.15 -40.61 -36.35
CA ILE C 472 -9.71 -40.43 -37.73
C ILE C 472 -8.63 -41.44 -38.13
N SER C 473 -8.88 -42.15 -39.25
CA SER C 473 -7.98 -43.13 -39.84
C SER C 473 -7.08 -42.39 -40.85
N GLU C 474 -5.76 -42.60 -40.76
CA GLU C 474 -4.79 -41.97 -41.65
C GLU C 474 -3.90 -43.03 -42.29
N THR C 475 -3.97 -43.18 -43.62
CA THR C 475 -3.12 -44.16 -44.31
C THR C 475 -2.46 -43.58 -45.56
N ASP C 476 -1.12 -43.66 -45.56
CA ASP C 476 -0.20 -43.27 -46.61
C ASP C 476 0.13 -44.54 -47.39
N GLU C 477 -0.18 -45.72 -46.78
CA GLU C 477 0.05 -47.09 -47.25
C GLU C 477 1.53 -47.50 -47.20
N LYS C 478 2.42 -46.54 -46.90
CA LYS C 478 3.87 -46.72 -46.82
C LYS C 478 4.33 -46.79 -45.37
N LYS C 479 4.40 -45.64 -44.66
CA LYS C 479 4.83 -45.55 -43.27
C LYS C 479 3.74 -45.03 -42.34
N ILE C 480 2.88 -44.13 -42.83
CA ILE C 480 1.78 -43.57 -42.04
C ILE C 480 0.57 -44.52 -42.15
N ASN C 481 0.26 -45.21 -41.06
CA ASN C 481 -0.87 -46.14 -40.90
C ASN C 481 -1.24 -46.05 -39.42
N ARG C 482 -2.07 -45.04 -39.09
CA ARG C 482 -2.45 -44.75 -37.71
C ARG C 482 -3.91 -44.31 -37.53
N LEU C 483 -4.37 -44.38 -36.28
CA LEU C 483 -5.70 -43.97 -35.84
C LEU C 483 -5.54 -42.88 -34.80
N ARG C 484 -6.07 -41.68 -35.08
CA ARG C 484 -6.01 -40.54 -34.18
C ARG C 484 -7.37 -40.23 -33.56
N GLN C 485 -7.36 -39.68 -32.33
CA GLN C 485 -8.54 -39.38 -31.53
C GLN C 485 -8.69 -37.87 -31.30
N VAL C 486 -9.90 -37.34 -31.52
CA VAL C 486 -10.26 -35.93 -31.30
C VAL C 486 -11.36 -35.89 -30.23
N THR C 487 -10.98 -35.44 -29.02
CA THR C 487 -11.89 -35.32 -27.88
C THR C 487 -12.78 -34.08 -28.03
N THR C 488 -13.88 -34.01 -27.23
CA THR C 488 -14.87 -32.92 -27.23
C THR C 488 -14.22 -31.53 -27.07
N ASN C 489 -13.14 -31.43 -26.27
CA ASN C 489 -12.38 -30.20 -26.03
C ASN C 489 -11.61 -29.70 -27.28
N GLY C 490 -11.54 -30.53 -28.32
CA GLY C 490 -10.89 -30.21 -29.59
C GLY C 490 -9.42 -30.59 -29.68
N GLU C 491 -8.95 -31.46 -28.76
CA GLU C 491 -7.55 -31.92 -28.73
C GLU C 491 -7.37 -33.20 -29.54
N ILE C 492 -6.30 -33.26 -30.37
CA ILE C 492 -5.95 -34.41 -31.19
C ILE C 492 -4.74 -35.16 -30.60
N CYS C 493 -4.80 -36.51 -30.62
CA CYS C 493 -3.75 -37.40 -30.10
C CYS C 493 -3.78 -38.76 -30.80
N LEU C 494 -2.65 -39.48 -30.79
CA LEU C 494 -2.53 -40.80 -31.37
C LEU C 494 -3.22 -41.84 -30.48
N LEU C 495 -4.12 -42.64 -31.04
CA LEU C 495 -4.85 -43.69 -30.31
C LEU C 495 -4.28 -45.07 -30.59
N ALA C 496 -3.93 -45.33 -31.87
CA ALA C 496 -3.36 -46.60 -32.34
C ALA C 496 -2.48 -46.37 -33.56
N GLY C 497 -1.51 -47.25 -33.75
CA GLY C 497 -0.61 -47.19 -34.90
C GLY C 497 0.66 -46.39 -34.68
N ALA C 498 1.75 -47.11 -34.37
CA ALA C 498 3.08 -46.51 -34.19
C ALA C 498 3.66 -46.22 -35.60
N ALA C 499 4.61 -45.27 -35.68
CA ALA C 499 5.25 -44.90 -36.94
C ALA C 499 6.17 -46.03 -37.39
N SER C 500 5.80 -46.72 -38.49
CA SER C 500 6.55 -47.85 -39.02
C SER C 500 7.85 -47.41 -39.68
N ASP C 501 8.95 -48.06 -39.33
CA ASP C 501 10.29 -47.80 -39.87
C ASP C 501 10.40 -48.36 -41.29
N CYS C 502 9.58 -49.39 -41.59
CA CYS C 502 9.52 -50.10 -42.86
C CYS C 502 8.33 -49.67 -43.74
N ASP C 503 8.49 -49.74 -45.07
CA ASP C 503 7.47 -49.41 -46.06
C ASP C 503 6.56 -50.62 -46.26
N CYS C 504 5.27 -50.47 -45.92
CA CYS C 504 4.26 -51.54 -45.99
C CYS C 504 3.91 -51.99 -47.41
N LYS C 505 3.90 -51.05 -48.37
CA LYS C 505 3.54 -51.33 -49.77
C LYS C 505 4.72 -51.68 -50.68
N ASN C 506 5.85 -50.96 -50.54
CA ASN C 506 7.03 -51.13 -51.40
C ASN C 506 7.99 -52.24 -50.98
N ASP C 507 8.44 -52.26 -49.70
CA ASP C 507 9.39 -53.26 -49.19
C ASP C 507 8.81 -54.67 -49.15
N VAL C 508 9.51 -55.64 -49.79
CA VAL C 508 9.11 -57.05 -49.85
C VAL C 508 9.40 -57.76 -48.51
N ASN C 509 10.58 -57.52 -47.91
CA ASN C 509 10.96 -58.09 -46.61
C ASN C 509 10.40 -57.17 -45.51
N CYS C 510 9.06 -57.13 -45.41
CA CYS C 510 8.36 -56.28 -44.47
C CYS C 510 7.18 -56.97 -43.81
N ASN C 511 6.99 -56.68 -42.52
CA ASN C 511 5.89 -57.18 -41.72
C ASN C 511 5.25 -55.99 -41.00
N CYS C 512 4.12 -55.50 -41.56
CA CYS C 512 3.39 -54.37 -41.01
C CYS C 512 2.21 -54.83 -40.12
N TYR C 513 2.41 -55.95 -39.42
CA TYR C 513 1.45 -56.54 -38.49
C TYR C 513 2.16 -56.94 -37.20
N SER C 514 1.91 -56.17 -36.13
CA SER C 514 2.47 -56.38 -34.79
C SER C 514 1.64 -55.65 -33.73
N GLY C 515 1.98 -55.87 -32.47
CA GLY C 515 1.32 -55.23 -31.33
C GLY C 515 0.03 -55.84 -30.83
N ASP C 516 -0.52 -56.85 -31.55
CA ASP C 516 -1.77 -57.52 -31.14
C ASP C 516 -1.61 -58.23 -29.81
N ASP C 517 -2.65 -58.14 -28.95
CA ASP C 517 -2.72 -58.64 -27.57
C ASP C 517 -1.78 -57.84 -26.64
N GLY C 518 -1.45 -56.63 -27.08
CA GLY C 518 -0.61 -55.66 -26.39
C GLY C 518 -1.23 -54.28 -26.45
N TYR C 519 -0.41 -53.23 -26.24
CA TYR C 519 -0.93 -51.85 -26.26
C TYR C 519 -1.02 -51.27 -27.68
N ALA C 520 -2.14 -50.57 -27.96
CA ALA C 520 -2.54 -49.98 -29.25
C ALA C 520 -1.53 -49.00 -29.87
N THR C 521 -0.94 -48.11 -29.04
CA THR C 521 0.03 -47.11 -29.49
C THR C 521 1.36 -47.72 -29.96
N ASP C 522 1.66 -48.96 -29.52
CA ASP C 522 2.86 -49.71 -29.88
C ASP C 522 2.65 -50.53 -31.15
N ALA C 523 1.40 -50.87 -31.47
CA ALA C 523 1.00 -51.68 -32.63
C ALA C 523 1.24 -51.01 -33.98
N ILE C 524 1.53 -51.81 -35.01
CA ILE C 524 1.74 -51.33 -36.38
C ILE C 524 0.58 -51.80 -37.27
N LEU C 525 -0.17 -50.84 -37.84
CA LEU C 525 -1.32 -51.10 -38.72
C LEU C 525 -0.89 -51.10 -40.19
N ASN C 526 -1.77 -51.59 -41.09
CA ASN C 526 -1.50 -51.62 -42.53
C ASN C 526 -2.76 -51.30 -43.33
N SER C 527 -2.75 -50.13 -43.99
CA SER C 527 -3.80 -49.58 -44.85
C SER C 527 -5.23 -49.56 -44.20
N PRO C 528 -5.46 -48.87 -43.06
CA PRO C 528 -6.82 -48.83 -42.49
C PRO C 528 -7.79 -48.11 -43.42
N SER C 529 -8.86 -48.81 -43.83
CA SER C 529 -9.87 -48.32 -44.78
C SER C 529 -11.18 -47.83 -44.15
N SER C 530 -11.64 -48.47 -43.05
CA SER C 530 -12.90 -48.08 -42.39
C SER C 530 -12.86 -48.21 -40.86
N LEU C 531 -13.71 -47.42 -40.18
CA LEU C 531 -13.83 -47.39 -38.71
C LEU C 531 -15.28 -47.52 -38.25
N ALA C 532 -15.47 -48.06 -37.04
CA ALA C 532 -16.79 -48.26 -36.40
C ALA C 532 -16.62 -48.28 -34.87
N VAL C 533 -17.55 -47.64 -34.14
CA VAL C 533 -17.49 -47.60 -32.66
C VAL C 533 -18.56 -48.51 -32.05
N ALA C 534 -18.11 -49.50 -31.27
CA ALA C 534 -18.96 -50.46 -30.56
C ALA C 534 -19.74 -49.78 -29.40
N PRO C 535 -20.89 -50.33 -28.93
CA PRO C 535 -21.62 -49.67 -27.82
C PRO C 535 -20.80 -49.44 -26.54
N ASP C 536 -19.84 -50.34 -26.23
CA ASP C 536 -18.96 -50.21 -25.06
C ASP C 536 -17.77 -49.25 -25.29
N GLY C 537 -17.72 -48.62 -26.46
CA GLY C 537 -16.70 -47.64 -26.82
C GLY C 537 -15.49 -48.14 -27.56
N THR C 538 -15.41 -49.46 -27.85
CA THR C 538 -14.26 -50.02 -28.58
C THR C 538 -14.30 -49.62 -30.06
N ILE C 539 -13.13 -49.32 -30.63
CA ILE C 539 -13.00 -48.88 -32.02
C ILE C 539 -12.52 -50.01 -32.92
N TYR C 540 -13.34 -50.34 -33.94
CA TYR C 540 -13.02 -51.37 -34.93
C TYR C 540 -12.30 -50.72 -36.11
N ILE C 541 -11.25 -51.39 -36.59
CA ILE C 541 -10.42 -50.91 -37.70
C ILE C 541 -10.42 -51.95 -38.81
N ALA C 542 -10.77 -51.53 -40.04
CA ALA C 542 -10.73 -52.40 -41.21
C ALA C 542 -9.29 -52.32 -41.71
N ASP C 543 -8.44 -53.21 -41.17
CA ASP C 543 -7.01 -53.27 -41.47
C ASP C 543 -6.78 -54.05 -42.78
N LEU C 544 -7.22 -53.44 -43.90
CA LEU C 544 -7.18 -53.94 -45.28
C LEU C 544 -5.85 -54.59 -45.69
N GLY C 545 -4.73 -53.93 -45.36
CA GLY C 545 -3.38 -54.40 -45.67
C GLY C 545 -2.98 -55.71 -45.00
N ASN C 546 -3.52 -55.97 -43.79
CA ASN C 546 -3.25 -57.18 -43.04
C ASN C 546 -4.43 -58.19 -43.10
N ILE C 547 -5.45 -57.90 -43.95
CA ILE C 547 -6.67 -58.67 -44.20
C ILE C 547 -7.32 -59.12 -42.85
N ARG C 548 -7.49 -58.14 -41.94
CA ARG C 548 -8.02 -58.35 -40.60
C ARG C 548 -8.89 -57.19 -40.12
N ILE C 549 -9.70 -57.45 -39.09
CA ILE C 549 -10.50 -56.45 -38.39
C ILE C 549 -9.94 -56.41 -36.98
N ARG C 550 -9.36 -55.27 -36.61
CA ARG C 550 -8.72 -55.09 -35.30
C ARG C 550 -9.53 -54.17 -34.38
N ALA C 551 -9.58 -54.50 -33.08
CA ALA C 551 -10.33 -53.73 -32.09
C ALA C 551 -9.45 -53.04 -31.05
N VAL C 552 -9.65 -51.71 -30.88
CA VAL C 552 -8.95 -50.90 -29.87
C VAL C 552 -9.93 -50.76 -28.70
N SER C 553 -9.71 -51.58 -27.65
CA SER C 553 -10.58 -51.66 -26.48
C SER C 553 -9.98 -51.06 -25.21
N LYS C 554 -10.85 -50.67 -24.25
CA LYS C 554 -10.48 -50.15 -22.94
C LYS C 554 -9.81 -51.29 -22.17
N ASN C 555 -8.73 -50.99 -21.42
CA ASN C 555 -8.02 -52.00 -20.64
C ASN C 555 -8.95 -52.48 -19.52
N ARG C 556 -9.31 -53.78 -19.55
CA ARG C 556 -10.27 -54.37 -18.60
C ARG C 556 -9.90 -55.80 -18.16
N PRO C 557 -10.28 -56.24 -16.92
CA PRO C 557 -10.03 -57.64 -16.56
C PRO C 557 -11.04 -58.55 -17.24
N ILE C 558 -10.57 -59.68 -17.77
CA ILE C 558 -11.40 -60.65 -18.52
C ILE C 558 -11.76 -61.83 -17.61
N LEU C 559 -13.02 -62.32 -17.70
CA LEU C 559 -13.52 -63.48 -16.96
C LEU C 559 -12.81 -64.72 -17.49
N ASN C 560 -12.07 -65.43 -16.63
CA ASN C 560 -11.36 -66.65 -17.01
C ASN C 560 -12.29 -67.87 -17.08
N SER C 561 -11.73 -69.06 -17.36
CA SER C 561 -12.44 -70.34 -17.46
C SER C 561 -13.12 -70.76 -16.14
N PHE C 562 -12.65 -70.21 -15.01
CA PHE C 562 -13.16 -70.50 -13.66
C PHE C 562 -14.20 -69.45 -13.19
N ASN C 563 -14.68 -68.58 -14.12
CA ASN C 563 -15.65 -67.50 -13.87
C ASN C 563 -15.14 -66.54 -12.77
N GLN C 564 -13.86 -66.13 -12.92
CA GLN C 564 -13.16 -65.26 -11.98
C GLN C 564 -12.39 -64.14 -12.69
N TYR C 565 -12.14 -63.04 -11.97
CA TYR C 565 -11.38 -61.89 -12.46
C TYR C 565 -10.03 -61.85 -11.76
N GLU C 566 -8.98 -61.42 -12.49
CA GLU C 566 -7.62 -61.32 -11.94
C GLU C 566 -6.96 -59.99 -12.23
N ALA C 567 -6.39 -59.40 -11.17
CA ALA C 567 -5.65 -58.14 -11.18
C ALA C 567 -4.36 -58.39 -10.39
N ALA C 568 -3.33 -57.56 -10.58
CA ALA C 568 -2.04 -57.74 -9.89
C ALA C 568 -1.31 -56.43 -9.58
N SER C 569 -0.44 -56.50 -8.56
CA SER C 569 0.42 -55.40 -8.13
C SER C 569 1.88 -55.87 -8.24
N PRO C 570 2.57 -55.49 -9.34
CA PRO C 570 3.96 -55.95 -9.54
C PRO C 570 4.94 -55.42 -8.48
N GLY C 571 4.67 -54.23 -7.97
CA GLY C 571 5.46 -53.58 -6.92
C GLY C 571 5.42 -54.33 -5.61
N GLU C 572 4.27 -54.96 -5.29
CA GLU C 572 4.08 -55.75 -4.07
C GLU C 572 4.26 -57.25 -4.37
N GLN C 573 4.45 -57.61 -5.67
CA GLN C 573 4.61 -58.98 -6.18
C GLN C 573 3.43 -59.88 -5.75
N GLU C 574 2.20 -59.37 -5.96
CA GLU C 574 0.96 -60.03 -5.58
C GLU C 574 -0.04 -60.13 -6.74
N LEU C 575 -0.83 -61.21 -6.75
CA LEU C 575 -1.88 -61.48 -7.71
C LEU C 575 -3.20 -61.61 -6.93
N TYR C 576 -4.23 -60.83 -7.31
CA TYR C 576 -5.53 -60.83 -6.64
C TYR C 576 -6.60 -61.51 -7.47
N VAL C 577 -7.32 -62.46 -6.84
CA VAL C 577 -8.40 -63.24 -7.46
C VAL C 577 -9.75 -62.78 -6.90
N PHE C 578 -10.69 -62.45 -7.80
CA PHE C 578 -12.04 -61.99 -7.47
C PHE C 578 -13.06 -62.88 -8.16
N ASN C 579 -14.27 -63.03 -7.56
CA ASN C 579 -15.33 -63.82 -8.20
C ASN C 579 -16.03 -62.97 -9.29
N ALA C 580 -17.11 -63.49 -9.92
CA ALA C 580 -17.85 -62.79 -10.97
C ALA C 580 -18.46 -61.44 -10.52
N ASP C 581 -18.61 -61.23 -9.20
CA ASP C 581 -19.16 -60.01 -8.60
C ASP C 581 -18.07 -59.03 -8.09
N GLY C 582 -16.81 -59.36 -8.33
CA GLY C 582 -15.65 -58.55 -7.94
C GLY C 582 -15.30 -58.63 -6.47
N ILE C 583 -15.73 -59.72 -5.79
CA ILE C 583 -15.48 -59.98 -4.37
C ILE C 583 -14.18 -60.77 -4.22
N HIS C 584 -13.22 -60.21 -3.45
CA HIS C 584 -11.87 -60.75 -3.18
C HIS C 584 -11.87 -62.17 -2.60
N GLN C 585 -11.39 -63.14 -3.38
CA GLN C 585 -11.31 -64.54 -2.95
C GLN C 585 -9.95 -64.86 -2.36
N TYR C 586 -8.88 -64.66 -3.14
CA TYR C 586 -7.50 -64.95 -2.73
C TYR C 586 -6.50 -63.88 -3.16
N THR C 587 -5.33 -63.90 -2.51
CA THR C 587 -4.14 -63.11 -2.81
C THR C 587 -3.02 -64.13 -2.90
N LEU C 588 -2.42 -64.27 -4.09
CA LEU C 588 -1.34 -65.21 -4.36
C LEU C 588 -0.06 -64.44 -4.64
N SER C 589 1.10 -65.10 -4.50
CA SER C 589 2.38 -64.47 -4.83
C SER C 589 2.51 -64.49 -6.34
N LEU C 590 2.84 -63.34 -6.94
CA LEU C 590 3.02 -63.20 -8.39
C LEU C 590 4.24 -64.00 -8.87
N VAL C 591 5.23 -64.21 -7.98
CA VAL C 591 6.47 -64.94 -8.24
C VAL C 591 6.33 -66.44 -7.91
N THR C 592 6.03 -66.75 -6.64
CA THR C 592 5.94 -68.09 -6.07
C THR C 592 4.68 -68.87 -6.50
N GLY C 593 3.54 -68.17 -6.62
CA GLY C 593 2.27 -68.80 -6.99
C GLY C 593 1.58 -69.43 -5.80
N GLU C 594 2.14 -69.23 -4.59
CA GLU C 594 1.61 -69.74 -3.34
C GLU C 594 0.59 -68.75 -2.78
N TYR C 595 -0.46 -69.28 -2.11
CA TYR C 595 -1.51 -68.50 -1.50
C TYR C 595 -0.97 -67.73 -0.30
N LEU C 596 -1.16 -66.41 -0.30
CA LEU C 596 -0.70 -65.50 0.76
C LEU C 596 -1.84 -65.17 1.71
N TYR C 597 -3.06 -64.94 1.17
CA TYR C 597 -4.28 -64.62 1.93
C TYR C 597 -5.53 -65.28 1.31
N ASN C 598 -6.37 -65.87 2.17
CA ASN C 598 -7.64 -66.52 1.81
C ASN C 598 -8.75 -65.78 2.54
N PHE C 599 -9.75 -65.27 1.80
CA PHE C 599 -10.86 -64.48 2.34
C PHE C 599 -12.18 -65.25 2.34
N THR C 600 -12.77 -65.42 3.55
CA THR C 600 -14.07 -66.08 3.72
C THR C 600 -15.09 -65.05 4.23
N TYR C 601 -16.30 -65.08 3.65
CA TYR C 601 -17.38 -64.14 3.90
C TYR C 601 -18.60 -64.77 4.55
N SER C 602 -19.53 -63.93 5.04
CA SER C 602 -20.81 -64.35 5.61
C SER C 602 -21.83 -64.51 4.46
N SER C 603 -23.09 -64.84 4.80
CA SER C 603 -24.18 -65.00 3.84
C SER C 603 -24.55 -63.69 3.14
N ASP C 604 -24.28 -62.54 3.79
CA ASP C 604 -24.56 -61.18 3.28
C ASP C 604 -23.32 -60.56 2.57
N ASN C 605 -22.30 -61.39 2.25
CA ASN C 605 -21.03 -61.03 1.61
C ASN C 605 -20.20 -60.01 2.43
N ASP C 606 -20.23 -60.16 3.77
CA ASP C 606 -19.45 -59.35 4.71
C ASP C 606 -18.25 -60.19 5.14
N VAL C 607 -17.01 -59.68 4.95
CA VAL C 607 -15.76 -60.39 5.28
C VAL C 607 -15.75 -60.80 6.76
N THR C 608 -15.55 -62.11 7.01
CA THR C 608 -15.55 -62.65 8.37
C THR C 608 -14.21 -63.27 8.78
N GLU C 609 -13.35 -63.63 7.80
CA GLU C 609 -12.02 -64.20 8.09
C GLU C 609 -11.00 -63.97 6.99
N VAL C 610 -9.79 -63.56 7.40
CA VAL C 610 -8.62 -63.35 6.55
C VAL C 610 -7.60 -64.37 7.09
N MET C 611 -7.30 -65.40 6.28
CA MET C 611 -6.37 -66.47 6.66
C MET C 611 -5.07 -66.34 5.85
N ASP C 612 -3.95 -66.09 6.54
CA ASP C 612 -2.65 -65.96 5.87
C ASP C 612 -2.00 -67.33 5.60
N SER C 613 -0.87 -67.32 4.86
CA SER C 613 -0.08 -68.49 4.48
C SER C 613 0.44 -69.34 5.67
N ASN C 614 0.68 -68.68 6.82
CA ASN C 614 1.20 -69.31 8.04
C ASN C 614 0.14 -69.93 8.96
N GLY C 615 -1.14 -69.73 8.61
CA GLY C 615 -2.26 -70.23 9.39
C GLY C 615 -2.79 -69.24 10.41
N ASN C 616 -2.38 -67.96 10.29
CA ASN C 616 -2.81 -66.88 11.18
C ASN C 616 -4.14 -66.31 10.66
N SER C 617 -5.22 -66.50 11.43
CA SER C 617 -6.54 -66.04 11.03
C SER C 617 -7.01 -64.84 11.84
N LEU C 618 -7.41 -63.77 11.13
CA LEU C 618 -7.96 -62.55 11.71
C LEU C 618 -9.46 -62.63 11.43
N LYS C 619 -10.24 -62.96 12.47
CA LYS C 619 -11.68 -63.10 12.36
C LYS C 619 -12.42 -61.82 12.70
N VAL C 620 -13.43 -61.47 11.90
CA VAL C 620 -14.28 -60.31 12.11
C VAL C 620 -15.61 -60.87 12.62
N ARG C 621 -15.86 -60.74 13.94
CA ARG C 621 -17.10 -61.24 14.54
C ARG C 621 -18.21 -60.21 14.30
N ARG C 622 -19.28 -60.64 13.59
CA ARG C 622 -20.35 -59.74 13.19
C ARG C 622 -21.75 -60.06 13.70
N ASP C 623 -22.60 -59.03 13.67
CA ASP C 623 -24.03 -59.04 14.00
C ASP C 623 -24.78 -59.56 12.76
N ALA C 624 -26.08 -59.92 12.91
CA ALA C 624 -26.92 -60.41 11.82
C ALA C 624 -27.08 -59.39 10.68
N SER C 625 -27.03 -58.07 11.02
CA SER C 625 -27.11 -56.96 10.07
C SER C 625 -25.78 -56.71 9.33
N GLY C 626 -24.71 -57.36 9.79
CA GLY C 626 -23.37 -57.25 9.23
C GLY C 626 -22.49 -56.26 9.97
N MET C 627 -23.02 -55.68 11.06
CA MET C 627 -22.32 -54.70 11.89
C MET C 627 -21.17 -55.35 12.68
N PRO C 628 -19.93 -54.82 12.56
CA PRO C 628 -18.81 -55.43 13.31
C PRO C 628 -18.91 -55.22 14.82
N ARG C 629 -18.59 -56.27 15.60
CA ARG C 629 -18.62 -56.23 17.06
C ARG C 629 -17.19 -56.12 17.57
N HIS C 630 -16.30 -57.04 17.10
CA HIS C 630 -14.90 -57.09 17.47
C HIS C 630 -14.06 -57.90 16.47
N LEU C 631 -12.73 -57.80 16.60
CA LEU C 631 -11.75 -58.53 15.80
C LEU C 631 -11.10 -59.58 16.70
N LEU C 632 -11.10 -60.85 16.27
CA LEU C 632 -10.42 -61.93 16.99
C LEU C 632 -9.09 -62.16 16.28
N MET C 633 -8.02 -61.66 16.90
CA MET C 633 -6.65 -61.70 16.40
C MET C 633 -6.07 -63.12 16.34
N PRO C 634 -5.04 -63.39 15.49
CA PRO C 634 -4.46 -64.75 15.43
C PRO C 634 -4.00 -65.35 16.78
N ASP C 635 -3.67 -64.50 17.77
CA ASP C 635 -3.25 -64.89 19.11
C ASP C 635 -4.43 -64.97 20.11
N ASN C 636 -5.68 -65.01 19.57
CA ASN C 636 -6.96 -65.07 20.29
C ASN C 636 -7.22 -63.83 21.18
N GLN C 637 -6.64 -62.68 20.79
CA GLN C 637 -6.83 -61.40 21.48
C GLN C 637 -8.04 -60.70 20.87
N ILE C 638 -8.87 -60.08 21.72
CA ILE C 638 -10.08 -59.37 21.26
C ILE C 638 -9.82 -57.88 21.13
N VAL C 639 -10.07 -57.35 19.92
CA VAL C 639 -9.95 -55.92 19.62
C VAL C 639 -11.38 -55.42 19.38
N THR C 640 -11.92 -54.72 20.39
CA THR C 640 -13.29 -54.18 20.43
C THR C 640 -13.48 -53.07 19.39
N LEU C 641 -14.57 -53.20 18.60
CA LEU C 641 -14.95 -52.22 17.58
C LEU C 641 -16.30 -51.62 17.93
N ALA C 642 -16.37 -50.29 18.05
CA ALA C 642 -17.61 -49.58 18.34
C ALA C 642 -17.91 -48.67 17.17
N VAL C 643 -19.04 -48.92 16.48
CA VAL C 643 -19.46 -48.12 15.33
C VAL C 643 -20.59 -47.19 15.78
N GLY C 644 -20.40 -45.89 15.56
CA GLY C 644 -21.35 -44.85 15.93
C GLY C 644 -22.64 -44.86 15.15
N THR C 645 -23.65 -44.10 15.64
CA THR C 645 -24.98 -43.96 15.03
C THR C 645 -24.92 -43.37 13.62
N ASN C 646 -23.83 -42.63 13.31
CA ASN C 646 -23.57 -42.03 12.00
C ASN C 646 -22.92 -43.03 11.02
N GLY C 647 -22.66 -44.24 11.52
CA GLY C 647 -22.06 -45.33 10.75
C GLY C 647 -20.55 -45.34 10.69
N GLY C 648 -19.92 -44.45 11.47
CA GLY C 648 -18.46 -44.34 11.52
C GLY C 648 -17.83 -45.02 12.71
N LEU C 649 -16.69 -45.71 12.48
CA LEU C 649 -15.90 -46.42 13.49
C LEU C 649 -15.44 -45.40 14.55
N LYS C 650 -16.06 -45.48 15.73
CA LYS C 650 -15.89 -44.60 16.87
C LYS C 650 -14.74 -45.01 17.79
N LEU C 651 -14.60 -46.33 18.07
CA LEU C 651 -13.59 -46.84 18.99
C LEU C 651 -12.98 -48.17 18.57
N VAL C 652 -11.64 -48.27 18.68
CA VAL C 652 -10.81 -49.45 18.42
C VAL C 652 -9.98 -49.60 19.71
N SER C 653 -10.20 -50.70 20.46
CA SER C 653 -9.52 -50.88 21.74
C SER C 653 -9.31 -52.34 22.17
N THR C 654 -8.30 -52.56 23.03
CA THR C 654 -8.00 -53.85 23.64
C THR C 654 -8.50 -53.73 25.10
N GLN C 655 -8.30 -54.77 25.94
CA GLN C 655 -8.72 -54.75 27.33
C GLN C 655 -7.97 -53.71 28.18
N THR C 656 -6.82 -53.22 27.67
CA THR C 656 -5.97 -52.21 28.33
C THR C 656 -5.81 -50.92 27.52
N LEU C 657 -5.47 -51.04 26.22
CA LEU C 657 -5.19 -49.92 25.32
C LEU C 657 -6.38 -49.42 24.50
N GLU C 658 -6.42 -48.09 24.28
CA GLU C 658 -7.40 -47.42 23.44
C GLU C 658 -6.62 -47.06 22.16
N LEU C 659 -6.61 -47.99 21.19
CA LEU C 659 -5.87 -47.87 19.93
C LEU C 659 -6.32 -46.70 19.04
N GLY C 660 -7.63 -46.43 19.05
CA GLY C 660 -8.22 -45.36 18.26
C GLY C 660 -9.57 -44.89 18.76
N LEU C 661 -9.76 -43.56 18.75
CA LEU C 661 -11.00 -42.90 19.15
C LEU C 661 -11.29 -41.84 18.10
N MET C 662 -12.41 -41.99 17.39
CA MET C 662 -12.76 -41.13 16.26
C MET C 662 -14.14 -40.47 16.33
N THR C 663 -14.25 -39.27 15.74
CA THR C 663 -15.48 -38.50 15.59
C THR C 663 -15.56 -38.06 14.12
N TYR C 664 -16.78 -37.99 13.57
CA TYR C 664 -17.00 -37.64 12.16
C TYR C 664 -17.90 -36.42 12.02
N ASN C 665 -17.91 -35.81 10.82
CA ASN C 665 -18.73 -34.64 10.53
C ASN C 665 -20.09 -35.08 9.99
N GLY C 666 -21.07 -35.19 10.89
CA GLY C 666 -22.43 -35.61 10.58
C GLY C 666 -22.51 -37.01 10.00
N ASN C 667 -23.19 -37.14 8.85
CA ASN C 667 -23.33 -38.41 8.13
C ASN C 667 -22.46 -38.46 6.85
N SER C 668 -21.58 -37.45 6.67
CA SER C 668 -20.68 -37.32 5.52
C SER C 668 -19.61 -38.42 5.47
N GLY C 669 -19.22 -38.91 6.64
CA GLY C 669 -18.19 -39.94 6.79
C GLY C 669 -16.80 -39.36 6.90
N LEU C 670 -16.69 -38.02 6.82
CA LEU C 670 -15.42 -37.29 6.92
C LEU C 670 -14.93 -37.26 8.35
N LEU C 671 -13.74 -37.83 8.57
CA LEU C 671 -13.07 -37.93 9.87
C LEU C 671 -12.71 -36.55 10.43
N ALA C 672 -13.35 -36.18 11.55
CA ALA C 672 -13.14 -34.89 12.21
C ALA C 672 -11.98 -34.94 13.21
N THR C 673 -11.95 -35.96 14.09
CA THR C 673 -10.89 -36.14 15.10
C THR C 673 -10.42 -37.59 15.15
N LYS C 674 -9.16 -37.80 15.58
CA LYS C 674 -8.57 -39.11 15.77
C LYS C 674 -7.61 -39.05 16.96
N SER C 675 -7.86 -39.89 17.98
CA SER C 675 -7.06 -39.97 19.20
C SER C 675 -6.48 -41.36 19.38
N ASP C 676 -5.32 -41.44 20.07
CA ASP C 676 -4.68 -42.70 20.42
C ASP C 676 -4.59 -42.83 21.96
N GLU C 677 -3.92 -43.89 22.46
CA GLU C 677 -3.74 -44.18 23.89
C GLU C 677 -2.99 -43.09 24.67
N THR C 678 -2.10 -42.34 23.99
CA THR C 678 -1.28 -41.28 24.61
C THR C 678 -2.09 -40.00 24.91
N GLY C 679 -3.27 -39.88 24.27
CA GLY C 679 -4.15 -38.72 24.43
C GLY C 679 -3.97 -37.68 23.34
N TRP C 680 -3.09 -37.98 22.36
CA TRP C 680 -2.77 -37.13 21.21
C TRP C 680 -3.97 -37.10 20.26
N THR C 681 -4.62 -35.92 20.14
CA THR C 681 -5.78 -35.75 19.27
C THR C 681 -5.44 -34.86 18.07
N THR C 682 -5.68 -35.38 16.86
CA THR C 682 -5.48 -34.66 15.60
C THR C 682 -6.85 -34.22 15.10
N PHE C 683 -6.97 -32.96 14.68
CA PHE C 683 -8.21 -32.35 14.17
C PHE C 683 -8.11 -32.11 12.68
N TYR C 684 -9.15 -32.49 11.94
CA TYR C 684 -9.20 -32.34 10.48
C TYR C 684 -10.36 -31.45 10.06
N ASP C 685 -10.06 -30.46 9.21
CA ASP C 685 -11.04 -29.51 8.68
C ASP C 685 -11.14 -29.67 7.17
N TYR C 686 -12.38 -29.64 6.67
CA TYR C 686 -12.68 -29.80 5.25
C TYR C 686 -13.54 -28.64 4.77
N ASP C 687 -13.55 -28.41 3.44
CA ASP C 687 -14.43 -27.41 2.84
C ASP C 687 -15.78 -28.10 2.56
N HIS C 688 -16.78 -27.36 2.03
CA HIS C 688 -18.10 -27.92 1.74
C HIS C 688 -18.09 -29.01 0.65
N GLU C 689 -16.97 -29.09 -0.11
CA GLU C 689 -16.73 -30.07 -1.19
C GLU C 689 -16.13 -31.37 -0.64
N GLY C 690 -15.82 -31.40 0.66
CA GLY C 690 -15.24 -32.54 1.34
C GLY C 690 -13.75 -32.73 1.12
N ARG C 691 -13.05 -31.64 0.74
CA ARG C 691 -11.62 -31.62 0.50
C ARG C 691 -10.90 -31.10 1.73
N LEU C 692 -9.86 -31.83 2.18
CA LEU C 692 -9.05 -31.51 3.36
C LEU C 692 -8.39 -30.12 3.22
N THR C 693 -8.67 -29.24 4.17
CA THR C 693 -8.14 -27.86 4.19
C THR C 693 -7.14 -27.62 5.29
N ASN C 694 -7.35 -28.20 6.49
CA ASN C 694 -6.45 -28.01 7.64
C ASN C 694 -6.27 -29.30 8.47
N VAL C 695 -5.07 -29.49 9.02
CA VAL C 695 -4.69 -30.61 9.91
C VAL C 695 -3.99 -29.98 11.12
N THR C 696 -4.66 -30.00 12.28
CA THR C 696 -4.17 -29.40 13.53
C THR C 696 -3.72 -30.47 14.52
N ARG C 697 -2.50 -30.30 15.08
CA ARG C 697 -1.88 -31.24 16.01
C ARG C 697 -1.76 -30.65 17.44
N PRO C 698 -1.66 -31.48 18.52
CA PRO C 698 -1.54 -30.93 19.89
C PRO C 698 -0.32 -30.04 20.15
N THR C 699 0.66 -30.08 19.24
CA THR C 699 1.88 -29.27 19.25
C THR C 699 1.56 -27.82 18.87
N GLY C 700 0.40 -27.61 18.26
CA GLY C 700 -0.07 -26.30 17.80
C GLY C 700 0.23 -26.06 16.34
N VAL C 701 0.87 -27.04 15.68
CA VAL C 701 1.26 -26.99 14.27
C VAL C 701 0.04 -27.30 13.38
N VAL C 702 -0.24 -26.38 12.44
CA VAL C 702 -1.33 -26.49 11.48
C VAL C 702 -0.76 -26.61 10.06
N THR C 703 -1.20 -27.63 9.32
CA THR C 703 -0.85 -27.85 7.92
C THR C 703 -2.09 -27.46 7.11
N SER C 704 -1.95 -26.43 6.26
CA SER C 704 -3.05 -25.92 5.45
C SER C 704 -2.91 -26.21 3.96
N LEU C 705 -4.04 -26.59 3.33
CA LEU C 705 -4.14 -26.88 1.89
C LEU C 705 -5.15 -25.94 1.25
N HIS C 706 -4.72 -25.16 0.24
CA HIS C 706 -5.58 -24.23 -0.48
C HIS C 706 -5.65 -24.58 -1.96
N ARG C 707 -6.88 -24.73 -2.48
CA ARG C 707 -7.15 -25.10 -3.87
C ARG C 707 -7.63 -23.91 -4.69
N GLU C 708 -7.07 -23.78 -5.90
CA GLU C 708 -7.42 -22.78 -6.90
C GLU C 708 -7.66 -23.57 -8.19
N MET C 709 -8.93 -23.83 -8.48
CA MET C 709 -9.39 -24.62 -9.61
C MET C 709 -9.70 -23.73 -10.83
N GLU C 710 -8.73 -23.60 -11.75
CA GLU C 710 -8.84 -22.83 -12.98
C GLU C 710 -8.53 -23.77 -14.15
N LYS C 711 -7.88 -23.28 -15.25
CA LYS C 711 -7.47 -24.10 -16.40
C LYS C 711 -6.48 -25.18 -15.93
N SER C 712 -5.74 -24.87 -14.86
CA SER C 712 -4.81 -25.75 -14.16
C SER C 712 -5.18 -25.71 -12.66
N ILE C 713 -5.22 -26.88 -12.01
CA ILE C 713 -5.56 -26.97 -10.58
C ILE C 713 -4.28 -26.78 -9.74
N THR C 714 -4.24 -25.73 -8.91
CA THR C 714 -3.10 -25.46 -8.05
C THR C 714 -3.44 -25.68 -6.58
N ILE C 715 -2.63 -26.49 -5.90
CA ILE C 715 -2.81 -26.76 -4.46
C ILE C 715 -1.59 -26.21 -3.73
N ASP C 716 -1.83 -25.27 -2.80
CA ASP C 716 -0.81 -24.63 -1.99
C ASP C 716 -0.77 -25.28 -0.62
N ILE C 717 0.41 -25.74 -0.20
CA ILE C 717 0.65 -26.39 1.09
C ILE C 717 1.49 -25.47 1.96
N GLU C 718 0.98 -25.15 3.15
CA GLU C 718 1.63 -24.26 4.12
C GLU C 718 1.63 -24.89 5.50
N ASN C 719 2.65 -24.56 6.30
CA ASN C 719 2.81 -25.03 7.68
C ASN C 719 3.00 -23.83 8.59
N SER C 720 2.33 -23.82 9.75
CA SER C 720 2.38 -22.74 10.73
C SER C 720 3.75 -22.54 11.40
N ASN C 721 4.56 -23.61 11.48
CA ASN C 721 5.87 -23.59 12.14
C ASN C 721 7.07 -23.41 11.19
N ARG C 722 6.89 -23.62 9.87
CA ARG C 722 7.98 -23.53 8.88
C ARG C 722 7.68 -22.63 7.68
N ASP C 723 8.73 -22.20 6.96
CA ASP C 723 8.65 -21.39 5.76
C ASP C 723 8.88 -22.26 4.50
N ASP C 724 8.54 -23.57 4.60
CA ASP C 724 8.70 -24.56 3.54
C ASP C 724 7.43 -24.72 2.65
N ASP C 725 6.89 -23.58 2.16
CA ASP C 725 5.70 -23.56 1.31
C ASP C 725 5.91 -24.33 0.00
N VAL C 726 5.04 -25.34 -0.23
CA VAL C 726 5.08 -26.21 -1.41
C VAL C 726 3.79 -26.00 -2.22
N THR C 727 3.91 -25.80 -3.55
CA THR C 727 2.75 -25.63 -4.42
C THR C 727 2.79 -26.65 -5.56
N VAL C 728 1.65 -27.34 -5.79
CA VAL C 728 1.49 -28.36 -6.83
C VAL C 728 0.55 -27.83 -7.91
N ILE C 729 1.01 -27.78 -9.16
CA ILE C 729 0.21 -27.32 -10.30
C ILE C 729 -0.09 -28.54 -11.19
N THR C 730 -1.39 -28.77 -11.48
CA THR C 730 -1.84 -29.90 -12.31
C THR C 730 -2.52 -29.41 -13.60
N ASN C 731 -2.00 -29.87 -14.75
CA ASN C 731 -2.54 -29.58 -16.07
C ASN C 731 -2.93 -30.89 -16.74
N LEU C 732 -4.24 -31.12 -16.88
CA LEU C 732 -4.75 -32.34 -17.51
C LEU C 732 -5.11 -32.10 -18.97
N SER C 733 -4.61 -32.99 -19.85
CA SER C 733 -4.85 -32.92 -21.29
C SER C 733 -5.21 -34.31 -21.85
N SER C 734 -5.35 -34.41 -23.19
CA SER C 734 -5.66 -35.64 -23.89
C SER C 734 -4.49 -36.64 -23.85
N VAL C 735 -3.25 -36.13 -23.97
CA VAL C 735 -2.01 -36.93 -23.98
C VAL C 735 -1.46 -37.27 -22.59
N GLU C 736 -1.48 -36.31 -21.64
CA GLU C 736 -0.87 -36.50 -20.32
C GLU C 736 -1.45 -35.64 -19.20
N ALA C 737 -1.12 -36.03 -17.95
CA ALA C 737 -1.41 -35.33 -16.71
C ALA C 737 -0.05 -34.74 -16.32
N SER C 738 0.07 -33.41 -16.36
CA SER C 738 1.32 -32.69 -16.08
C SER C 738 1.31 -32.04 -14.71
N TYR C 739 2.30 -32.42 -13.87
CA TYR C 739 2.46 -31.94 -12.50
C TYR C 739 3.76 -31.15 -12.32
N THR C 740 3.68 -30.03 -11.58
CA THR C 740 4.81 -29.18 -11.27
C THR C 740 4.82 -28.86 -9.78
N VAL C 741 5.83 -29.38 -9.07
CA VAL C 741 6.01 -29.17 -7.62
C VAL C 741 7.01 -28.01 -7.49
N VAL C 742 6.54 -26.88 -6.91
CA VAL C 742 7.31 -25.66 -6.75
C VAL C 742 7.62 -25.33 -5.28
N GLN C 743 8.91 -25.07 -4.98
CA GLN C 743 9.44 -24.66 -3.68
C GLN C 743 10.34 -23.45 -3.98
N ASP C 744 9.77 -22.24 -3.88
CA ASP C 744 10.40 -20.94 -4.19
C ASP C 744 10.61 -20.82 -5.71
N GLN C 745 11.85 -21.05 -6.21
CA GLN C 745 12.20 -21.00 -7.63
C GLN C 745 12.64 -22.38 -8.14
N VAL C 746 12.67 -23.37 -7.22
CA VAL C 746 13.05 -24.76 -7.48
C VAL C 746 11.78 -25.50 -7.95
N ARG C 747 11.78 -25.92 -9.23
CA ARG C 747 10.64 -26.58 -9.86
C ARG C 747 10.98 -27.99 -10.34
N ASN C 748 10.18 -28.98 -9.88
CA ASN C 748 10.31 -30.39 -10.28
C ASN C 748 9.08 -30.77 -11.10
N SER C 749 9.30 -31.27 -12.32
CA SER C 749 8.23 -31.65 -13.24
C SER C 749 8.00 -33.15 -13.33
N TYR C 750 6.72 -33.55 -13.35
CA TYR C 750 6.26 -34.93 -13.41
C TYR C 750 5.20 -35.04 -14.51
N GLN C 751 5.32 -36.06 -15.37
CA GLN C 751 4.38 -36.27 -16.47
C GLN C 751 3.90 -37.71 -16.54
N LEU C 752 2.60 -37.91 -16.27
CA LEU C 752 1.95 -39.22 -16.34
C LEU C 752 1.19 -39.28 -17.66
N CYS C 753 1.81 -39.92 -18.65
CA CYS C 753 1.28 -40.04 -20.01
C CYS C 753 0.33 -41.21 -20.18
N ASN C 754 -0.59 -41.11 -21.17
CA ASN C 754 -1.61 -42.12 -21.49
C ASN C 754 -1.01 -43.46 -21.99
N ASN C 755 0.21 -43.40 -22.60
CA ASN C 755 0.92 -44.56 -23.12
C ASN C 755 1.56 -45.43 -22.01
N GLY C 756 1.46 -44.95 -20.76
CA GLY C 756 2.00 -45.63 -19.58
C GLY C 756 3.35 -45.15 -19.13
N THR C 757 3.87 -44.09 -19.76
CA THR C 757 5.18 -43.50 -19.45
C THR C 757 5.08 -42.49 -18.30
N LEU C 758 6.00 -42.60 -17.33
CA LEU C 758 6.15 -41.70 -16.20
C LEU C 758 7.49 -40.98 -16.40
N ARG C 759 7.44 -39.65 -16.63
CA ARG C 759 8.62 -38.85 -16.85
C ARG C 759 8.84 -37.84 -15.73
N VAL C 760 10.06 -37.85 -15.16
CA VAL C 760 10.46 -36.94 -14.09
C VAL C 760 11.56 -36.05 -14.62
N MET C 761 11.39 -34.74 -14.48
CA MET C 761 12.39 -33.75 -14.89
C MET C 761 12.73 -32.95 -13.64
N TYR C 762 13.75 -33.43 -12.89
CA TYR C 762 14.22 -32.82 -11.65
C TYR C 762 14.87 -31.47 -11.90
N ALA C 763 14.78 -30.58 -10.90
CA ALA C 763 15.37 -29.23 -10.95
C ALA C 763 16.90 -29.28 -11.11
N ASN C 764 17.55 -30.34 -10.56
CA ASN C 764 19.01 -30.54 -10.63
C ASN C 764 19.54 -30.76 -12.05
N GLY C 765 18.66 -31.14 -12.99
CA GLY C 765 19.02 -31.36 -14.39
C GLY C 765 18.87 -32.78 -14.88
N MET C 766 18.69 -33.74 -13.95
CA MET C 766 18.53 -35.15 -14.27
C MET C 766 17.07 -35.48 -14.61
N SER C 767 16.86 -36.25 -15.69
CA SER C 767 15.54 -36.69 -16.12
C SER C 767 15.46 -38.22 -16.17
N ILE C 768 14.36 -38.79 -15.64
CA ILE C 768 14.11 -40.23 -15.60
C ILE C 768 12.80 -40.52 -16.35
N SER C 769 12.84 -41.48 -17.28
CA SER C 769 11.66 -41.90 -18.04
C SER C 769 11.41 -43.39 -17.83
N PHE C 770 10.30 -43.71 -17.16
CA PHE C 770 9.87 -45.08 -16.90
C PHE C 770 8.86 -45.46 -17.98
N HIS C 771 9.06 -46.63 -18.62
CA HIS C 771 8.20 -47.09 -19.69
C HIS C 771 7.51 -48.40 -19.35
N SER C 772 6.17 -48.42 -19.52
CA SER C 772 5.30 -49.55 -19.24
C SER C 772 5.18 -50.55 -20.38
N GLU C 773 5.00 -51.83 -20.00
CA GLU C 773 4.83 -52.99 -20.89
C GLU C 773 3.81 -53.91 -20.22
N PRO C 774 3.00 -54.73 -20.96
CA PRO C 774 2.09 -55.65 -20.28
C PRO C 774 2.89 -56.74 -19.54
N HIS C 775 2.47 -57.13 -18.31
CA HIS C 775 3.16 -58.16 -17.51
C HIS C 775 3.09 -59.53 -18.18
N VAL C 776 4.23 -60.26 -18.19
CA VAL C 776 4.36 -61.59 -18.81
C VAL C 776 3.39 -62.65 -18.21
N LEU C 777 3.05 -62.52 -16.91
CA LEU C 777 2.17 -63.45 -16.18
C LEU C 777 0.71 -62.96 -16.05
N ALA C 778 0.51 -61.67 -15.71
CA ALA C 778 -0.82 -61.08 -15.49
C ALA C 778 -1.49 -60.47 -16.74
N GLY C 779 -0.73 -60.28 -17.82
CA GLY C 779 -1.25 -59.74 -19.08
C GLY C 779 -1.33 -58.23 -19.17
N THR C 780 -2.13 -57.73 -20.14
CA THR C 780 -2.35 -56.31 -20.43
C THR C 780 -3.03 -55.54 -19.31
N VAL C 781 -3.84 -56.23 -18.46
CA VAL C 781 -4.57 -55.63 -17.33
C VAL C 781 -3.60 -54.98 -16.31
N THR C 782 -2.33 -55.42 -16.26
CA THR C 782 -1.34 -54.83 -15.34
C THR C 782 -0.07 -54.36 -16.06
N PRO C 783 0.09 -53.03 -16.27
CA PRO C 783 1.33 -52.53 -16.90
C PRO C 783 2.49 -52.59 -15.91
N THR C 784 3.68 -52.96 -16.39
CA THR C 784 4.89 -53.06 -15.57
C THR C 784 6.03 -52.23 -16.14
N ILE C 785 6.82 -51.61 -15.27
CA ILE C 785 7.98 -50.84 -15.69
C ILE C 785 9.09 -51.84 -16.01
N GLY C 786 9.38 -51.99 -17.29
CA GLY C 786 10.41 -52.90 -17.78
C GLY C 786 11.61 -52.18 -18.36
N ARG C 787 11.50 -50.84 -18.49
CA ARG C 787 12.52 -49.98 -19.06
C ARG C 787 12.63 -48.66 -18.30
N CYS C 788 13.88 -48.18 -18.14
CA CYS C 788 14.19 -46.93 -17.46
C CYS C 788 15.35 -46.21 -18.16
N ASN C 789 15.03 -45.13 -18.89
CA ASN C 789 16.01 -44.32 -19.60
C ASN C 789 16.32 -43.06 -18.76
N ILE C 790 17.59 -42.90 -18.33
CA ILE C 790 18.10 -41.80 -17.49
C ILE C 790 18.93 -40.84 -18.34
N SER C 791 18.80 -39.53 -18.07
CA SER C 791 19.56 -38.49 -18.74
C SER C 791 20.20 -37.55 -17.71
N LEU C 792 21.52 -37.37 -17.79
CA LEU C 792 22.29 -36.47 -16.90
C LEU C 792 22.75 -35.23 -17.70
N PRO C 793 22.81 -34.02 -17.09
CA PRO C 793 23.25 -32.85 -17.86
C PRO C 793 24.78 -32.81 -18.07
N MET C 794 25.26 -33.66 -19.02
CA MET C 794 26.66 -33.82 -19.41
C MET C 794 26.81 -34.37 -20.84
N GLU C 795 28.05 -34.40 -21.38
CA GLU C 795 28.43 -34.86 -22.73
C GLU C 795 27.84 -36.22 -23.11
N ASN C 796 28.11 -37.27 -22.29
CA ASN C 796 27.60 -38.62 -22.48
C ASN C 796 26.83 -39.04 -21.23
N GLY C 797 25.66 -38.41 -21.05
CA GLY C 797 24.81 -38.60 -19.88
C GLY C 797 23.61 -39.53 -20.02
N LEU C 798 23.51 -40.26 -21.14
CA LEU C 798 22.38 -41.17 -21.35
C LEU C 798 22.65 -42.56 -20.79
N ASN C 799 21.82 -42.98 -19.83
CA ASN C 799 21.89 -44.29 -19.16
C ASN C 799 20.59 -45.06 -19.42
N SER C 800 20.65 -46.39 -19.37
CA SER C 800 19.47 -47.22 -19.60
C SER C 800 19.52 -48.51 -18.78
N ILE C 801 18.45 -48.78 -18.02
CA ILE C 801 18.29 -50.00 -17.22
C ILE C 801 17.05 -50.71 -17.74
N GLU C 802 17.13 -52.05 -17.84
CA GLU C 802 16.04 -52.86 -18.38
C GLU C 802 15.78 -54.10 -17.55
N TRP C 803 14.50 -54.48 -17.44
CA TRP C 803 14.04 -55.70 -16.79
C TRP C 803 13.36 -56.54 -17.86
N ARG C 804 13.94 -57.71 -18.16
CA ARG C 804 13.40 -58.62 -19.16
C ARG C 804 12.76 -59.82 -18.49
N LEU C 805 11.43 -59.86 -18.51
CA LEU C 805 10.59 -60.89 -17.89
C LEU C 805 10.29 -62.03 -18.86
N ARG C 806 10.25 -63.27 -18.35
CA ARG C 806 9.98 -64.48 -19.13
C ARG C 806 9.21 -65.52 -18.29
N LYS C 807 8.67 -66.55 -18.96
CA LYS C 807 7.93 -67.63 -18.31
C LYS C 807 8.10 -68.99 -18.99
N GLU C 808 7.95 -70.08 -18.22
CA GLU C 808 8.01 -71.45 -18.70
C GLU C 808 6.71 -72.15 -18.27
N GLN C 809 5.90 -72.56 -19.25
CA GLN C 809 4.62 -73.22 -18.99
C GLN C 809 4.63 -74.69 -19.38
N ILE C 810 4.24 -75.56 -18.43
CA ILE C 810 4.13 -77.00 -18.63
C ILE C 810 2.66 -77.39 -18.36
N LYS C 811 1.96 -77.87 -19.41
CA LYS C 811 0.55 -78.27 -19.41
C LYS C 811 -0.40 -77.10 -19.04
N GLY C 812 -0.07 -75.91 -19.53
CA GLY C 812 -0.83 -74.68 -19.31
C GLY C 812 -0.63 -74.00 -17.97
N LYS C 813 0.23 -74.59 -17.11
CA LYS C 813 0.53 -74.08 -15.76
C LYS C 813 1.95 -73.51 -15.71
N VAL C 814 2.13 -72.35 -15.02
CA VAL C 814 3.42 -71.67 -14.86
C VAL C 814 4.35 -72.50 -13.98
N THR C 815 5.52 -72.86 -14.52
CA THR C 815 6.56 -73.67 -13.89
C THR C 815 7.74 -72.80 -13.43
N VAL C 816 8.20 -71.86 -14.29
CA VAL C 816 9.34 -70.98 -14.03
C VAL C 816 8.99 -69.51 -14.36
N PHE C 817 9.40 -68.57 -13.48
CA PHE C 817 9.25 -67.13 -13.69
C PHE C 817 10.64 -66.49 -13.60
N GLY C 818 11.13 -66.08 -14.77
CA GLY C 818 12.46 -65.48 -14.93
C GLY C 818 12.44 -63.98 -15.09
N ARG C 819 13.47 -63.33 -14.52
CA ARG C 819 13.68 -61.89 -14.54
C ARG C 819 15.17 -61.62 -14.76
N LYS C 820 15.50 -60.84 -15.80
CA LYS C 820 16.90 -60.49 -16.13
C LYS C 820 17.10 -58.99 -16.09
N LEU C 821 18.13 -58.55 -15.35
CA LEU C 821 18.48 -57.14 -15.22
C LEU C 821 19.58 -56.82 -16.25
N ARG C 822 19.33 -55.79 -17.09
CA ARG C 822 20.23 -55.40 -18.16
C ARG C 822 20.59 -53.92 -18.16
N VAL C 823 21.84 -53.62 -18.51
CA VAL C 823 22.39 -52.27 -18.67
C VAL C 823 23.12 -52.22 -20.00
N HIS C 824 22.61 -51.39 -20.94
CA HIS C 824 23.12 -51.18 -22.30
C HIS C 824 23.35 -52.50 -23.07
N GLY C 825 22.29 -53.31 -23.10
CA GLY C 825 22.27 -54.60 -23.79
C GLY C 825 23.11 -55.71 -23.19
N ARG C 826 23.51 -55.57 -21.92
CA ARG C 826 24.33 -56.57 -21.22
C ARG C 826 23.65 -57.06 -19.95
N ASN C 827 23.55 -58.39 -19.79
CA ASN C 827 22.95 -59.03 -18.62
C ASN C 827 23.90 -58.94 -17.42
N LEU C 828 23.44 -58.34 -16.32
CA LEU C 828 24.23 -58.20 -15.09
C LEU C 828 23.85 -59.27 -14.09
N LEU C 829 22.53 -59.52 -13.96
CA LEU C 829 21.96 -60.47 -13.01
C LEU C 829 20.65 -61.06 -13.53
N SER C 830 20.35 -62.29 -13.10
CA SER C 830 19.13 -62.99 -13.43
C SER C 830 18.59 -63.65 -12.18
N ILE C 831 17.29 -63.41 -11.88
CA ILE C 831 16.58 -63.96 -10.73
C ILE C 831 15.44 -64.79 -11.30
N ASP C 832 15.58 -66.13 -11.25
CA ASP C 832 14.59 -67.08 -11.76
C ASP C 832 14.00 -67.93 -10.64
N TYR C 833 12.67 -68.08 -10.63
CA TYR C 833 11.99 -68.90 -9.63
C TYR C 833 11.33 -70.12 -10.27
N ASP C 834 11.70 -71.33 -9.81
CA ASP C 834 11.17 -72.61 -10.27
C ASP C 834 10.14 -73.11 -9.25
N ARG C 835 8.85 -72.98 -9.59
CA ARG C 835 7.71 -73.35 -8.74
C ARG C 835 7.64 -74.84 -8.39
N ASN C 836 8.16 -75.72 -9.27
CA ASN C 836 8.17 -77.17 -9.07
C ASN C 836 9.11 -77.63 -7.96
N ILE C 837 10.32 -77.05 -7.89
CA ILE C 837 11.33 -77.40 -6.88
C ILE C 837 11.46 -76.35 -5.77
N ARG C 838 10.67 -75.24 -5.86
CA ARG C 838 10.60 -74.12 -4.90
C ARG C 838 11.98 -73.44 -4.66
N THR C 839 12.79 -73.33 -5.72
CA THR C 839 14.12 -72.70 -5.63
C THR C 839 14.16 -71.41 -6.43
N GLU C 840 14.89 -70.41 -5.91
CA GLU C 840 15.09 -69.11 -6.54
C GLU C 840 16.58 -69.00 -6.89
N LYS C 841 16.90 -69.16 -8.18
CA LYS C 841 18.27 -69.08 -8.68
C LYS C 841 18.63 -67.66 -9.11
N ILE C 842 19.68 -67.10 -8.48
CA ILE C 842 20.24 -65.78 -8.76
C ILE C 842 21.64 -66.05 -9.31
N TYR C 843 21.88 -65.66 -10.56
CA TYR C 843 23.15 -65.95 -11.22
C TYR C 843 23.67 -64.85 -12.14
N ASP C 844 25.00 -64.79 -12.25
CA ASP C 844 25.80 -63.90 -13.09
C ASP C 844 25.87 -64.51 -14.50
N ASP C 845 26.19 -63.69 -15.51
CA ASP C 845 26.29 -64.14 -16.90
C ASP C 845 27.70 -64.67 -17.25
N HIS C 846 28.68 -64.55 -16.31
CA HIS C 846 30.07 -64.97 -16.55
C HIS C 846 30.64 -65.97 -15.52
N ARG C 847 29.78 -66.82 -14.90
CA ARG C 847 30.15 -67.86 -13.92
C ARG C 847 30.83 -67.34 -12.63
N LYS C 848 30.69 -66.04 -12.31
CA LYS C 848 31.30 -65.44 -11.12
C LYS C 848 30.46 -65.56 -9.84
N PHE C 849 29.12 -65.47 -9.96
CA PHE C 849 28.20 -65.54 -8.83
C PHE C 849 27.00 -66.44 -9.10
N THR C 850 26.65 -67.30 -8.11
CA THR C 850 25.50 -68.21 -8.14
C THR C 850 24.97 -68.41 -6.72
N LEU C 851 23.68 -68.11 -6.53
CA LEU C 851 22.99 -68.26 -5.24
C LEU C 851 21.62 -68.89 -5.46
N ARG C 852 21.31 -69.92 -4.64
CA ARG C 852 20.02 -70.60 -4.68
C ARG C 852 19.33 -70.40 -3.33
N ILE C 853 18.09 -69.90 -3.37
CA ILE C 853 17.28 -69.69 -2.17
C ILE C 853 16.14 -70.72 -2.19
N ILE C 854 16.13 -71.63 -1.21
CA ILE C 854 15.13 -72.69 -1.08
C ILE C 854 13.95 -72.19 -0.24
N TYR C 855 12.73 -72.40 -0.74
CA TYR C 855 11.48 -72.00 -0.08
C TYR C 855 10.78 -73.24 0.46
N ASP C 856 10.17 -73.14 1.66
CA ASP C 856 9.44 -74.26 2.27
C ASP C 856 8.02 -74.42 1.69
N GLN C 857 7.25 -75.40 2.21
CA GLN C 857 5.87 -75.70 1.78
C GLN C 857 4.89 -74.51 1.99
N LEU C 858 5.22 -73.61 2.93
CA LEU C 858 4.43 -72.41 3.25
C LEU C 858 4.83 -71.20 2.37
N GLY C 859 5.82 -71.40 1.51
CA GLY C 859 6.33 -70.38 0.59
C GLY C 859 7.28 -69.39 1.21
N ARG C 860 7.99 -69.78 2.29
CA ARG C 860 8.94 -68.90 2.98
C ARG C 860 10.38 -69.29 2.67
N PRO C 861 11.27 -68.32 2.36
CA PRO C 861 12.69 -68.66 2.13
C PRO C 861 13.32 -69.13 3.45
N PHE C 862 14.00 -70.30 3.45
CA PHE C 862 14.59 -70.85 4.67
C PHE C 862 16.06 -71.29 4.52
N LEU C 863 16.54 -71.44 3.27
CA LEU C 863 17.92 -71.88 3.02
C LEU C 863 18.58 -71.10 1.88
N TRP C 864 19.77 -70.54 2.16
CA TRP C 864 20.58 -69.76 1.22
C TRP C 864 21.85 -70.54 0.92
N LEU C 865 21.95 -71.09 -0.30
CA LEU C 865 23.07 -71.90 -0.76
C LEU C 865 24.00 -71.11 -1.70
N PRO C 866 25.12 -70.55 -1.20
CA PRO C 866 26.02 -69.77 -2.07
C PRO C 866 27.08 -70.60 -2.79
N SER C 867 27.75 -69.98 -3.78
CA SER C 867 28.84 -70.61 -4.54
C SER C 867 30.18 -70.37 -3.81
N SER C 868 31.30 -70.80 -4.42
CA SER C 868 32.68 -70.65 -3.91
C SER C 868 32.97 -71.38 -2.58
N GLY C 869 32.14 -72.38 -2.24
CA GLY C 869 32.27 -73.18 -1.03
C GLY C 869 32.04 -72.45 0.27
N LEU C 870 31.19 -71.40 0.24
CA LEU C 870 30.85 -70.59 1.40
C LEU C 870 29.80 -71.27 2.28
N ALA C 871 29.82 -70.97 3.59
CA ALA C 871 28.87 -71.52 4.57
C ALA C 871 27.45 -71.07 4.27
N ALA C 872 26.54 -72.05 4.17
CA ALA C 872 25.12 -71.81 3.88
C ALA C 872 24.41 -71.22 5.10
N VAL C 873 23.40 -70.38 4.84
CA VAL C 873 22.58 -69.75 5.89
C VAL C 873 21.20 -70.41 5.90
N ASN C 874 20.74 -70.87 7.07
CA ASN C 874 19.42 -71.48 7.24
C ASN C 874 18.68 -70.89 8.43
N VAL C 875 17.34 -70.72 8.30
CA VAL C 875 16.50 -70.13 9.34
C VAL C 875 15.38 -71.06 9.80
N SER C 876 14.90 -70.82 11.04
CA SER C 876 13.80 -71.52 11.69
C SER C 876 12.64 -70.54 11.85
N TYR C 877 11.40 -71.05 11.84
CA TYR C 877 10.20 -70.25 12.01
C TYR C 877 9.30 -70.82 13.09
N PHE C 878 8.55 -69.95 13.79
CA PHE C 878 7.56 -70.38 14.76
C PHE C 878 6.27 -70.69 13.97
N PHE C 879 5.24 -71.26 14.62
CA PHE C 879 3.95 -71.60 14.01
C PHE C 879 3.28 -70.42 13.28
N ASN C 880 3.43 -69.20 13.84
CA ASN C 880 2.87 -67.94 13.32
C ASN C 880 3.70 -67.28 12.20
N GLY C 881 4.75 -67.97 11.74
CA GLY C 881 5.62 -67.50 10.67
C GLY C 881 6.69 -66.52 11.08
N ARG C 882 6.80 -66.23 12.39
CA ARG C 882 7.82 -65.32 12.93
C ARG C 882 9.16 -66.06 12.96
N LEU C 883 10.26 -65.34 12.68
CA LEU C 883 11.62 -65.88 12.67
C LEU C 883 11.98 -66.38 14.07
N ALA C 884 12.32 -67.67 14.18
CA ALA C 884 12.66 -68.34 15.44
C ALA C 884 14.17 -68.38 15.70
N GLY C 885 14.94 -68.76 14.69
CA GLY C 885 16.39 -68.87 14.75
C GLY C 885 17.09 -68.66 13.44
N LEU C 886 18.42 -68.47 13.48
CA LEU C 886 19.29 -68.25 12.33
C LEU C 886 20.56 -69.07 12.50
N GLN C 887 21.11 -69.59 11.39
CA GLN C 887 22.35 -70.37 11.42
C GLN C 887 23.19 -70.16 10.17
N ARG C 888 24.50 -69.99 10.38
CA ARG C 888 25.52 -69.84 9.34
C ARG C 888 26.70 -70.69 9.82
N GLY C 889 26.76 -71.91 9.32
CA GLY C 889 27.79 -72.89 9.69
C GLY C 889 27.72 -73.28 11.16
N ALA C 890 28.79 -72.95 11.91
CA ALA C 890 28.92 -73.22 13.34
C ALA C 890 28.26 -72.15 14.23
N MET C 891 27.93 -70.99 13.62
CA MET C 891 27.31 -69.84 14.31
C MET C 891 25.78 -69.92 14.24
N SER C 892 25.11 -69.83 15.42
CA SER C 892 23.65 -69.86 15.53
C SER C 892 23.09 -69.03 16.69
N GLU C 893 21.86 -68.48 16.50
CA GLU C 893 21.14 -67.69 17.50
C GLU C 893 19.65 -68.03 17.40
N ARG C 894 19.13 -68.73 18.42
CA ARG C 894 17.73 -69.17 18.51
C ARG C 894 16.97 -68.46 19.62
N THR C 895 15.62 -68.45 19.53
CA THR C 895 14.74 -67.85 20.54
C THR C 895 13.55 -68.77 20.84
N ASP C 896 12.94 -68.60 22.02
CA ASP C 896 11.74 -69.31 22.47
C ASP C 896 10.69 -68.27 22.79
N ILE C 897 9.41 -68.55 22.48
CA ILE C 897 8.34 -67.58 22.74
C ILE C 897 7.27 -68.08 23.72
N ASP C 898 6.52 -67.12 24.27
CA ASP C 898 5.39 -67.26 25.20
C ASP C 898 4.15 -67.70 24.40
N LYS C 899 3.02 -67.90 25.10
CA LYS C 899 1.72 -68.17 24.48
C LYS C 899 1.23 -66.83 23.93
N GLN C 900 1.76 -65.71 24.48
CA GLN C 900 1.49 -64.32 24.14
C GLN C 900 2.41 -63.81 23.00
N GLY C 901 3.33 -64.66 22.56
CA GLY C 901 4.27 -64.36 21.47
C GLY C 901 5.49 -63.55 21.86
N ARG C 902 5.72 -63.39 23.18
CA ARG C 902 6.86 -62.64 23.74
C ARG C 902 8.07 -63.57 23.90
N ILE C 903 9.27 -63.08 23.55
CA ILE C 903 10.53 -63.84 23.67
C ILE C 903 10.81 -64.10 25.16
N ILE C 904 10.99 -65.38 25.53
CA ILE C 904 11.25 -65.80 26.91
C ILE C 904 12.69 -66.30 27.10
N SER C 905 13.34 -66.73 26.00
CA SER C 905 14.71 -67.23 26.00
C SER C 905 15.44 -66.91 24.70
N ARG C 906 16.78 -66.82 24.77
CA ARG C 906 17.68 -66.56 23.65
C ARG C 906 18.90 -67.48 23.79
N MET C 907 19.03 -68.48 22.90
CA MET C 907 20.11 -69.47 22.92
C MET C 907 21.18 -69.23 21.84
N PHE C 908 22.46 -69.29 22.23
CA PHE C 908 23.60 -69.10 21.34
C PHE C 908 24.33 -70.44 21.15
N ALA C 909 25.09 -70.62 20.04
CA ALA C 909 25.81 -71.87 19.74
C ALA C 909 26.90 -72.24 20.74
N ASP C 910 27.43 -71.25 21.49
CA ASP C 910 28.46 -71.48 22.51
C ASP C 910 27.87 -71.92 23.86
N GLY C 911 26.55 -72.06 23.92
CA GLY C 911 25.82 -72.49 25.11
C GLY C 911 25.28 -71.37 25.97
N LYS C 912 25.53 -70.10 25.59
CA LYS C 912 25.06 -68.92 26.31
C LYS C 912 23.54 -68.77 26.19
N VAL C 913 22.84 -68.62 27.34
CA VAL C 913 21.38 -68.50 27.39
C VAL C 913 20.96 -67.24 28.18
N TRP C 914 20.08 -66.41 27.58
CA TRP C 914 19.51 -65.21 28.20
C TRP C 914 18.04 -65.52 28.52
N SER C 915 17.57 -65.17 29.71
CA SER C 915 16.17 -65.38 30.08
C SER C 915 15.43 -64.04 30.12
N TYR C 916 14.16 -64.05 29.66
CA TYR C 916 13.29 -62.87 29.64
C TYR C 916 12.04 -63.18 30.47
N THR C 917 11.85 -62.45 31.59
CA THR C 917 10.69 -62.62 32.49
C THR C 917 9.81 -61.38 32.46
N TYR C 918 8.49 -61.55 32.32
CA TYR C 918 7.51 -60.47 32.24
C TYR C 918 6.64 -60.42 33.51
N LEU C 919 6.65 -59.25 34.21
CA LEU C 919 5.90 -59.02 35.44
C LEU C 919 5.40 -57.57 35.52
N GLU C 920 4.08 -57.36 35.29
CA GLU C 920 3.40 -56.04 35.35
C GLU C 920 4.13 -54.90 34.62
N LYS C 921 4.00 -54.84 33.27
CA LYS C 921 4.63 -53.84 32.38
C LYS C 921 6.18 -53.85 32.39
N SER C 922 6.78 -54.65 33.28
CA SER C 922 8.23 -54.77 33.43
C SER C 922 8.77 -56.08 32.89
N MET C 923 9.95 -56.03 32.27
CA MET C 923 10.65 -57.18 31.74
C MET C 923 12.05 -57.24 32.36
N VAL C 924 12.39 -58.41 32.90
CA VAL C 924 13.66 -58.71 33.56
C VAL C 924 14.48 -59.61 32.64
N LEU C 925 15.65 -59.10 32.21
CA LEU C 925 16.59 -59.82 31.35
C LEU C 925 17.78 -60.29 32.22
N LEU C 926 17.91 -61.61 32.39
CA LEU C 926 18.94 -62.23 33.21
C LEU C 926 19.92 -63.06 32.38
N LEU C 927 21.22 -62.85 32.62
CA LEU C 927 22.30 -63.59 31.96
C LEU C 927 22.81 -64.67 32.93
N GLN C 928 23.53 -65.68 32.42
CA GLN C 928 24.08 -66.79 33.22
C GLN C 928 25.10 -66.33 34.28
N SER C 929 25.71 -65.15 34.09
CA SER C 929 26.65 -64.54 35.02
C SER C 929 25.90 -63.86 36.19
N GLN C 930 24.55 -63.94 36.16
CA GLN C 930 23.57 -63.39 37.10
C GLN C 930 23.50 -61.84 37.02
N ARG C 931 23.87 -61.30 35.85
CA ARG C 931 23.76 -59.86 35.54
C ARG C 931 22.31 -59.65 35.12
N GLN C 932 21.62 -58.71 35.79
CA GLN C 932 20.19 -58.45 35.60
C GLN C 932 19.86 -57.03 35.15
N TYR C 933 19.06 -56.92 34.07
CA TYR C 933 18.59 -55.65 33.50
C TYR C 933 17.07 -55.62 33.55
N ILE C 934 16.50 -54.59 34.20
CA ILE C 934 15.06 -54.41 34.32
C ILE C 934 14.63 -53.26 33.42
N PHE C 935 13.67 -53.55 32.51
CA PHE C 935 13.12 -52.59 31.57
C PHE C 935 11.65 -52.39 31.92
N GLU C 936 11.28 -51.18 32.36
CA GLU C 936 9.93 -50.83 32.75
C GLU C 936 9.25 -50.08 31.60
N TYR C 937 8.08 -50.58 31.14
CA TYR C 937 7.38 -50.01 30.00
C TYR C 937 6.04 -49.35 30.31
N ASP C 938 5.53 -48.64 29.29
CA ASP C 938 4.24 -47.95 29.13
C ASP C 938 3.26 -49.03 28.70
N SER C 939 1.97 -48.66 28.55
CA SER C 939 0.96 -49.56 27.99
C SER C 939 1.25 -49.65 26.48
N SER C 940 1.90 -48.60 25.92
CA SER C 940 2.30 -48.44 24.51
C SER C 940 3.68 -49.05 24.19
N ASP C 941 4.24 -49.85 25.12
CA ASP C 941 5.54 -50.52 25.03
C ASP C 941 6.73 -49.54 24.82
N ARG C 942 6.64 -48.38 25.50
CA ARG C 942 7.67 -47.33 25.50
C ARG C 942 8.27 -47.25 26.89
N LEU C 943 9.60 -47.17 26.99
CA LEU C 943 10.33 -47.16 28.26
C LEU C 943 10.02 -46.01 29.21
N HIS C 944 9.85 -46.37 30.48
N HIS C 944 9.88 -46.33 30.50
CA HIS C 944 9.57 -45.51 31.64
CA HIS C 944 9.68 -45.32 31.54
C HIS C 944 10.86 -45.36 32.46
C HIS C 944 10.87 -45.33 32.51
N ALA C 945 11.60 -46.49 32.59
CA ALA C 945 12.82 -46.66 33.40
C ALA C 945 13.61 -47.91 32.97
N VAL C 946 14.93 -47.91 33.26
CA VAL C 946 15.86 -49.02 33.04
C VAL C 946 16.75 -49.13 34.29
N THR C 947 16.70 -50.29 34.97
CA THR C 947 17.51 -50.59 36.14
C THR C 947 18.65 -51.52 35.71
N MET C 948 19.89 -51.09 35.97
CA MET C 948 21.14 -51.78 35.61
C MET C 948 21.51 -52.82 36.67
N PRO C 949 22.44 -53.80 36.37
CA PRO C 949 22.87 -54.74 37.43
C PRO C 949 23.45 -54.08 38.69
N SER C 950 23.97 -52.83 38.58
CA SER C 950 24.51 -52.05 39.72
C SER C 950 23.38 -51.56 40.64
N VAL C 951 22.11 -51.79 40.21
CA VAL C 951 20.83 -51.43 40.87
C VAL C 951 20.55 -49.91 40.67
N ALA C 952 21.29 -49.27 39.73
CA ALA C 952 21.10 -47.85 39.38
C ALA C 952 19.96 -47.76 38.36
N ARG C 953 18.98 -46.89 38.66
CA ARG C 953 17.77 -46.68 37.87
C ARG C 953 17.83 -45.41 37.00
N HIS C 954 17.80 -45.61 35.69
CA HIS C 954 17.77 -44.56 34.66
C HIS C 954 16.29 -44.35 34.35
N SER C 955 15.85 -43.09 34.19
CA SER C 955 14.44 -42.80 33.91
C SER C 955 14.27 -41.97 32.65
N MET C 956 13.18 -42.24 31.89
CA MET C 956 12.88 -41.55 30.63
C MET C 956 11.41 -41.18 30.51
N SER C 957 11.11 -40.13 29.72
CA SER C 957 9.77 -39.65 29.43
C SER C 957 9.72 -38.86 28.12
N THR C 958 8.53 -38.79 27.51
CA THR C 958 8.24 -38.08 26.28
C THR C 958 6.99 -37.23 26.51
N HIS C 959 6.98 -35.98 26.03
CA HIS C 959 5.80 -35.12 26.15
C HIS C 959 5.65 -34.19 24.95
N THR C 960 4.40 -33.88 24.63
CA THR C 960 4.02 -32.95 23.58
C THR C 960 4.27 -31.55 24.14
N SER C 961 5.03 -30.74 23.41
CA SER C 961 5.38 -29.37 23.79
C SER C 961 4.76 -28.39 22.78
N VAL C 962 5.16 -27.10 22.81
CA VAL C 962 4.64 -26.10 21.87
C VAL C 962 5.56 -26.04 20.64
N GLY C 963 5.10 -26.67 19.55
CA GLY C 963 5.80 -26.72 18.27
C GLY C 963 6.67 -27.93 18.03
N TYR C 964 6.80 -28.82 19.05
CA TYR C 964 7.64 -30.03 18.99
C TYR C 964 7.26 -31.07 20.07
N ILE C 965 7.93 -32.23 20.04
CA ILE C 965 7.77 -33.33 20.99
C ILE C 965 9.12 -33.42 21.73
N ARG C 966 9.08 -33.32 23.07
CA ARG C 966 10.27 -33.36 23.92
C ARG C 966 10.52 -34.76 24.49
N ASN C 967 11.76 -35.28 24.33
CA ASN C 967 12.17 -36.59 24.84
C ASN C 967 13.24 -36.37 25.89
N ILE C 968 12.94 -36.70 27.15
CA ILE C 968 13.85 -36.50 28.29
C ILE C 968 14.43 -37.80 28.83
N TYR C 969 15.76 -37.84 28.97
CA TYR C 969 16.46 -38.95 29.61
C TYR C 969 17.13 -38.39 30.87
N ASN C 970 16.84 -38.99 32.03
CA ASN C 970 17.42 -38.60 33.31
C ASN C 970 18.38 -39.67 33.82
N PRO C 971 19.68 -39.32 34.01
CA PRO C 971 20.64 -40.30 34.55
C PRO C 971 20.34 -40.71 36.00
N PRO C 972 20.91 -41.83 36.54
CA PRO C 972 20.61 -42.21 37.93
C PRO C 972 20.94 -41.14 38.97
N GLU C 973 19.96 -40.84 39.86
CA GLU C 973 20.04 -39.83 40.94
C GLU C 973 20.59 -38.48 40.45
N SER C 974 20.13 -38.02 39.28
CA SER C 974 20.60 -36.78 38.67
C SER C 974 19.48 -36.01 37.98
N ASN C 975 19.64 -34.67 37.92
CA ASN C 975 18.73 -33.74 37.27
C ASN C 975 19.31 -33.24 35.92
N ALA C 976 20.51 -33.75 35.57
CA ALA C 976 21.25 -33.44 34.34
C ALA C 976 20.61 -34.14 33.13
N SER C 977 19.42 -33.65 32.75
CA SER C 977 18.60 -34.18 31.66
C SER C 977 19.23 -34.05 30.28
N VAL C 978 19.05 -35.10 29.46
CA VAL C 978 19.48 -35.17 28.07
C VAL C 978 18.19 -35.14 27.27
N ILE C 979 18.02 -34.09 26.45
CA ILE C 979 16.78 -33.86 25.71
C ILE C 979 16.98 -33.86 24.18
N PHE C 980 16.06 -34.54 23.48
CA PHE C 980 16.01 -34.60 22.02
C PHE C 980 14.62 -34.10 21.60
N ASP C 981 14.54 -32.88 21.04
CA ASP C 981 13.30 -32.25 20.59
C ASP C 981 13.08 -32.53 19.11
N TYR C 982 11.93 -33.15 18.77
CA TYR C 982 11.58 -33.51 17.39
C TYR C 982 10.30 -32.83 16.92
N SER C 983 10.27 -32.51 15.61
CA SER C 983 9.09 -31.93 14.96
C SER C 983 8.07 -33.06 14.71
N ASP C 984 6.84 -32.68 14.31
CA ASP C 984 5.74 -33.62 14.02
C ASP C 984 6.05 -34.62 12.91
N ASP C 985 6.94 -34.24 11.96
CA ASP C 985 7.37 -35.09 10.84
C ASP C 985 8.58 -36.00 11.18
N GLY C 986 9.08 -35.90 12.42
CA GLY C 986 10.19 -36.71 12.92
C GLY C 986 11.58 -36.19 12.67
N ARG C 987 11.73 -34.87 12.44
CA ARG C 987 13.03 -34.22 12.21
C ARG C 987 13.54 -33.60 13.51
N ILE C 988 14.85 -33.76 13.80
CA ILE C 988 15.49 -33.21 14.99
C ILE C 988 15.52 -31.67 14.95
N LEU C 989 15.14 -31.02 16.06
CA LEU C 989 15.08 -29.56 16.17
C LEU C 989 16.09 -29.02 17.18
N LYS C 990 16.27 -29.73 18.31
CA LYS C 990 17.19 -29.36 19.39
C LYS C 990 17.68 -30.56 20.19
N THR C 991 18.98 -30.54 20.54
CA THR C 991 19.65 -31.51 21.39
C THR C 991 20.15 -30.68 22.58
N SER C 992 19.69 -31.01 23.81
CA SER C 992 20.05 -30.29 25.03
C SER C 992 20.62 -31.18 26.12
N PHE C 993 21.68 -30.70 26.79
CA PHE C 993 22.34 -31.35 27.90
C PHE C 993 22.26 -30.36 29.06
N LEU C 994 21.23 -30.55 29.90
CA LEU C 994 20.90 -29.67 31.03
C LEU C 994 21.93 -29.64 32.17
N GLY C 995 22.87 -30.58 32.17
CA GLY C 995 23.93 -30.67 33.16
C GLY C 995 24.86 -29.48 33.16
N THR C 996 25.40 -29.11 31.98
CA THR C 996 26.29 -27.95 31.85
C THR C 996 25.66 -26.84 30.98
N GLY C 997 24.62 -27.18 30.23
CA GLY C 997 23.91 -26.23 29.38
C GLY C 997 24.22 -26.31 27.90
N ARG C 998 24.76 -27.46 27.45
CA ARG C 998 25.12 -27.72 26.04
C ARG C 998 23.85 -27.80 25.18
N GLN C 999 23.82 -27.05 24.05
CA GLN C 999 22.68 -27.00 23.15
C GLN C 999 23.08 -26.98 21.68
N VAL C 1000 22.40 -27.80 20.84
CA VAL C 1000 22.58 -27.83 19.39
C VAL C 1000 21.19 -27.59 18.78
N PHE C 1001 21.06 -26.51 17.99
CA PHE C 1001 19.81 -26.11 17.34
C PHE C 1001 19.86 -26.45 15.85
N TYR C 1002 18.79 -27.09 15.33
CA TYR C 1002 18.68 -27.47 13.91
C TYR C 1002 17.52 -26.72 13.27
N LYS C 1003 17.81 -25.95 12.21
CA LYS C 1003 16.83 -25.14 11.47
C LYS C 1003 16.65 -25.65 10.03
N TYR C 1004 15.42 -25.57 9.51
CA TYR C 1004 15.05 -26.04 8.17
C TYR C 1004 14.51 -24.89 7.32
N GLY C 1005 15.00 -24.78 6.10
CA GLY C 1005 14.64 -23.71 5.16
C GLY C 1005 13.44 -23.93 4.26
N LYS C 1006 13.31 -23.05 3.25
CA LYS C 1006 12.25 -23.00 2.24
C LYS C 1006 12.11 -24.27 1.38
N LEU C 1007 13.19 -25.07 1.27
CA LEU C 1007 13.19 -26.31 0.50
C LEU C 1007 12.94 -27.56 1.38
N SER C 1008 12.56 -27.32 2.66
CA SER C 1008 12.30 -28.33 3.70
C SER C 1008 13.57 -29.17 4.04
N LYS C 1009 14.76 -28.60 3.71
CA LYS C 1009 16.07 -29.18 3.95
C LYS C 1009 16.79 -28.38 5.04
N LEU C 1010 17.77 -29.01 5.72
CA LEU C 1010 18.58 -28.41 6.78
C LEU C 1010 19.23 -27.13 6.27
N SER C 1011 18.96 -25.99 6.94
CA SER C 1011 19.48 -24.68 6.55
C SER C 1011 20.50 -24.09 7.52
N GLU C 1012 20.37 -24.39 8.83
CA GLU C 1012 21.26 -23.87 9.86
C GLU C 1012 21.43 -24.79 11.07
N ILE C 1013 22.66 -24.84 11.62
CA ILE C 1013 23.03 -25.54 12.84
C ILE C 1013 23.72 -24.52 13.74
N VAL C 1014 23.16 -24.29 14.95
CA VAL C 1014 23.71 -23.32 15.90
C VAL C 1014 24.05 -24.01 17.23
N TYR C 1015 25.30 -23.86 17.68
CA TYR C 1015 25.82 -24.36 18.95
C TYR C 1015 26.88 -23.41 19.49
N ASP C 1016 26.79 -23.07 20.79
CA ASP C 1016 27.69 -22.15 21.49
C ASP C 1016 27.72 -20.78 20.79
N SER C 1017 28.88 -20.37 20.25
CA SER C 1017 29.07 -19.11 19.52
C SER C 1017 29.28 -19.39 18.01
N THR C 1018 29.02 -20.65 17.58
CA THR C 1018 29.17 -21.13 16.20
C THR C 1018 27.83 -21.20 15.47
N ALA C 1019 27.82 -20.78 14.20
CA ALA C 1019 26.67 -20.83 13.30
C ALA C 1019 27.12 -21.49 11.99
N VAL C 1020 26.45 -22.58 11.61
CA VAL C 1020 26.73 -23.35 10.39
C VAL C 1020 25.57 -23.15 9.41
N THR C 1021 25.86 -22.62 8.21
CA THR C 1021 24.82 -22.35 7.20
C THR C 1021 24.93 -23.26 6.00
N PHE C 1022 23.77 -23.76 5.53
CA PHE C 1022 23.67 -24.64 4.36
C PHE C 1022 22.98 -23.89 3.24
N GLY C 1023 23.75 -23.54 2.23
CA GLY C 1023 23.29 -22.81 1.05
C GLY C 1023 22.92 -23.73 -0.09
N TYR C 1024 21.75 -23.50 -0.67
CA TYR C 1024 21.23 -24.27 -1.79
C TYR C 1024 21.05 -23.38 -3.00
N ASP C 1025 21.29 -23.92 -4.22
CA ASP C 1025 21.12 -23.16 -5.46
C ASP C 1025 19.65 -22.82 -5.67
N GLU C 1026 19.37 -21.52 -5.89
CA GLU C 1026 18.03 -20.94 -6.07
C GLU C 1026 17.17 -21.61 -7.15
N THR C 1027 17.81 -22.16 -8.20
CA THR C 1027 17.13 -22.81 -9.33
C THR C 1027 17.11 -24.35 -9.26
N THR C 1028 18.30 -24.98 -9.08
CA THR C 1028 18.45 -26.45 -9.06
C THR C 1028 18.11 -27.11 -7.72
N GLY C 1029 18.15 -26.35 -6.63
CA GLY C 1029 17.84 -26.86 -5.29
C GLY C 1029 18.91 -27.74 -4.66
N VAL C 1030 20.06 -27.91 -5.34
CA VAL C 1030 21.18 -28.73 -4.85
C VAL C 1030 21.99 -27.98 -3.80
N LEU C 1031 22.64 -28.72 -2.87
CA LEU C 1031 23.47 -28.15 -1.83
C LEU C 1031 24.72 -27.56 -2.48
N LYS C 1032 24.81 -26.23 -2.44
CA LYS C 1032 25.87 -25.44 -3.04
C LYS C 1032 27.00 -25.11 -2.06
N MET C 1033 26.64 -24.75 -0.82
CA MET C 1033 27.60 -24.32 0.20
C MET C 1033 27.28 -24.82 1.62
N VAL C 1034 28.33 -25.07 2.41
CA VAL C 1034 28.29 -25.45 3.83
C VAL C 1034 29.33 -24.55 4.50
N ASN C 1035 28.88 -23.54 5.26
CA ASN C 1035 29.79 -22.58 5.91
C ASN C 1035 29.68 -22.55 7.43
N LEU C 1036 30.78 -22.88 8.11
CA LEU C 1036 30.91 -22.84 9.57
C LEU C 1036 31.53 -21.48 9.94
N GLN C 1037 30.87 -20.74 10.84
CA GLN C 1037 31.34 -19.42 11.29
C GLN C 1037 31.40 -19.36 12.82
N SER C 1038 32.63 -19.28 13.37
CA SER C 1038 32.88 -19.18 14.81
C SER C 1038 33.76 -17.96 15.07
N GLY C 1039 33.11 -16.79 15.10
CA GLY C 1039 33.76 -15.50 15.30
C GLY C 1039 34.55 -15.09 14.09
N GLY C 1040 35.87 -15.06 14.22
CA GLY C 1040 36.79 -14.70 13.15
C GLY C 1040 37.00 -15.84 12.17
N PHE C 1041 37.05 -17.08 12.69
CA PHE C 1041 37.25 -18.30 11.91
C PHE C 1041 36.05 -18.60 11.02
N SER C 1042 36.33 -18.94 9.76
CA SER C 1042 35.33 -19.30 8.75
C SER C 1042 35.84 -20.47 7.92
N CYS C 1043 35.04 -21.55 7.86
CA CYS C 1043 35.36 -22.75 7.09
C CYS C 1043 34.21 -22.99 6.11
N THR C 1044 34.51 -22.84 4.81
CA THR C 1044 33.50 -22.98 3.76
C THR C 1044 33.79 -24.16 2.82
N ILE C 1045 32.77 -25.00 2.59
CA ILE C 1045 32.83 -26.12 1.65
C ILE C 1045 31.83 -25.79 0.54
N ARG C 1046 32.31 -25.72 -0.71
CA ARG C 1046 31.47 -25.41 -1.86
C ARG C 1046 31.43 -26.55 -2.87
N TYR C 1047 30.24 -26.82 -3.44
CA TYR C 1047 30.03 -27.90 -4.40
C TYR C 1047 29.44 -27.43 -5.72
N ARG C 1048 29.84 -28.11 -6.80
CA ARG C 1048 29.30 -27.93 -8.14
C ARG C 1048 28.79 -29.33 -8.51
N LYS C 1049 27.59 -29.42 -9.07
CA LYS C 1049 26.99 -30.72 -9.37
C LYS C 1049 26.51 -30.90 -10.81
N ILE C 1050 26.60 -32.15 -11.30
CA ILE C 1050 26.10 -32.61 -12.60
C ILE C 1050 24.89 -33.44 -12.18
N GLY C 1051 23.72 -32.79 -12.15
CA GLY C 1051 22.48 -33.39 -11.65
C GLY C 1051 22.63 -33.58 -10.15
N PRO C 1052 22.52 -34.82 -9.64
CA PRO C 1052 22.73 -35.03 -8.19
C PRO C 1052 24.17 -35.42 -7.81
N LEU C 1053 25.08 -35.54 -8.81
CA LEU C 1053 26.48 -35.96 -8.62
C LEU C 1053 27.47 -34.80 -8.49
N VAL C 1054 28.37 -34.88 -7.48
CA VAL C 1054 29.42 -33.88 -7.22
C VAL C 1054 30.54 -34.00 -8.27
N ASP C 1055 30.87 -32.89 -8.96
CA ASP C 1055 31.96 -32.87 -9.94
C ASP C 1055 33.10 -31.92 -9.51
N LYS C 1056 32.87 -31.17 -8.42
CA LYS C 1056 33.83 -30.21 -7.84
C LYS C 1056 33.54 -29.98 -6.35
N GLN C 1057 34.60 -30.03 -5.52
CA GLN C 1057 34.55 -29.82 -4.07
C GLN C 1057 35.68 -28.85 -3.70
N ILE C 1058 35.30 -27.68 -3.12
CA ILE C 1058 36.23 -26.61 -2.73
C ILE C 1058 36.22 -26.43 -1.21
N TYR C 1059 37.40 -26.30 -0.60
CA TYR C 1059 37.61 -26.04 0.83
C TYR C 1059 38.24 -24.65 0.95
N ARG C 1060 37.58 -23.72 1.67
CA ARG C 1060 38.09 -22.35 1.85
C ARG C 1060 38.09 -21.94 3.32
N PHE C 1061 39.20 -21.30 3.75
CA PHE C 1061 39.40 -20.86 5.13
C PHE C 1061 39.75 -19.37 5.24
N SER C 1062 39.26 -18.71 6.31
CA SER C 1062 39.50 -17.29 6.58
C SER C 1062 40.83 -17.05 7.32
N GLU C 1063 41.38 -18.09 7.98
CA GLU C 1063 42.65 -18.05 8.73
C GLU C 1063 43.84 -17.71 7.83
N GLU C 1064 44.81 -16.95 8.37
CA GLU C 1064 46.01 -16.51 7.65
C GLU C 1064 46.94 -17.64 7.18
N GLY C 1065 47.27 -18.56 8.08
CA GLY C 1065 48.17 -19.68 7.81
C GLY C 1065 47.59 -20.90 7.11
N MET C 1066 46.27 -21.12 7.26
CA MET C 1066 45.56 -22.26 6.68
C MET C 1066 45.50 -22.25 5.16
N VAL C 1067 45.70 -23.44 4.55
CA VAL C 1067 45.70 -23.62 3.10
C VAL C 1067 44.33 -24.11 2.58
N ASN C 1068 43.97 -23.69 1.36
CA ASN C 1068 42.71 -24.06 0.71
C ASN C 1068 42.91 -25.31 -0.17
N ALA C 1069 41.79 -25.98 -0.53
CA ALA C 1069 41.82 -27.19 -1.35
C ALA C 1069 40.72 -27.21 -2.42
N ARG C 1070 40.97 -27.93 -3.52
CA ARG C 1070 40.06 -28.09 -4.65
C ARG C 1070 40.18 -29.53 -5.16
N PHE C 1071 39.03 -30.19 -5.39
CA PHE C 1071 38.97 -31.55 -5.91
C PHE C 1071 38.02 -31.59 -7.10
N ASP C 1072 38.55 -31.90 -8.28
CA ASP C 1072 37.79 -32.00 -9.53
C ASP C 1072 37.50 -33.46 -9.83
N TYR C 1073 36.23 -33.77 -10.13
CA TYR C 1073 35.77 -35.13 -10.42
C TYR C 1073 35.20 -35.22 -11.83
N THR C 1074 35.46 -36.35 -12.50
CA THR C 1074 34.90 -36.67 -13.82
C THR C 1074 34.20 -38.01 -13.69
N TYR C 1075 33.17 -38.23 -14.51
CA TYR C 1075 32.41 -39.48 -14.49
C TYR C 1075 32.57 -40.25 -15.79
N HIS C 1076 32.53 -41.59 -15.71
CA HIS C 1076 32.65 -42.45 -16.89
C HIS C 1076 31.44 -42.24 -17.79
N ASP C 1077 31.66 -42.31 -19.12
CA ASP C 1077 30.62 -42.11 -20.13
C ASP C 1077 29.46 -43.07 -19.92
N ASN C 1078 28.23 -42.52 -19.98
CA ASN C 1078 26.96 -43.24 -19.85
C ASN C 1078 26.83 -44.00 -18.51
N SER C 1079 27.31 -43.39 -17.41
CA SER C 1079 27.28 -43.97 -16.06
C SER C 1079 27.33 -42.92 -14.95
N PHE C 1080 27.19 -43.38 -13.70
CA PHE C 1080 27.24 -42.59 -12.47
C PHE C 1080 28.58 -42.90 -11.71
N ARG C 1081 29.48 -43.65 -12.37
CA ARG C 1081 30.79 -44.07 -11.85
C ARG C 1081 31.83 -42.95 -11.94
N ILE C 1082 32.54 -42.69 -10.82
CA ILE C 1082 33.61 -41.68 -10.76
C ILE C 1082 34.81 -42.24 -11.54
N ALA C 1083 35.27 -41.50 -12.58
CA ALA C 1083 36.39 -41.92 -13.41
C ALA C 1083 37.73 -41.36 -12.95
N SER C 1084 37.74 -40.11 -12.42
CA SER C 1084 38.96 -39.45 -11.96
C SER C 1084 38.73 -38.46 -10.81
N ILE C 1085 39.79 -38.24 -10.00
CA ILE C 1085 39.85 -37.27 -8.90
C ILE C 1085 41.15 -36.50 -9.10
N LYS C 1086 41.05 -35.17 -9.27
CA LYS C 1086 42.23 -34.32 -9.45
C LYS C 1086 42.32 -33.30 -8.30
N PRO C 1087 43.27 -33.51 -7.36
CA PRO C 1087 43.40 -32.58 -6.24
C PRO C 1087 44.34 -31.40 -6.48
N ILE C 1088 44.04 -30.26 -5.84
CA ILE C 1088 44.84 -29.02 -5.86
C ILE C 1088 44.83 -28.45 -4.42
N ILE C 1089 45.88 -28.73 -3.64
CA ILE C 1089 46.04 -28.25 -2.25
C ILE C 1089 47.09 -27.15 -2.24
N SER C 1090 46.77 -25.99 -1.62
CA SER C 1090 47.65 -24.82 -1.49
C SER C 1090 48.19 -24.32 -2.86
N GLU C 1091 47.32 -24.31 -3.89
CA GLU C 1091 47.59 -23.92 -5.28
C GLU C 1091 48.70 -24.79 -5.93
N THR C 1092 48.89 -26.02 -5.41
CA THR C 1092 49.86 -27.00 -5.90
C THR C 1092 49.09 -28.20 -6.48
N PRO C 1093 49.02 -28.35 -7.82
CA PRO C 1093 48.28 -29.49 -8.41
C PRO C 1093 48.97 -30.81 -8.12
N LEU C 1094 48.17 -31.83 -7.75
CA LEU C 1094 48.63 -33.18 -7.44
C LEU C 1094 48.26 -34.15 -8.56
N PRO C 1095 48.93 -35.32 -8.71
CA PRO C 1095 48.57 -36.24 -9.81
C PRO C 1095 47.13 -36.75 -9.75
N VAL C 1096 46.51 -36.92 -10.93
CA VAL C 1096 45.15 -37.42 -11.08
C VAL C 1096 45.09 -38.91 -10.73
N ASP C 1097 44.02 -39.33 -10.03
CA ASP C 1097 43.82 -40.73 -9.67
C ASP C 1097 42.69 -41.28 -10.53
N LEU C 1098 43.02 -42.24 -11.41
CA LEU C 1098 42.04 -42.85 -12.31
C LEU C 1098 41.39 -44.07 -11.69
N TYR C 1099 40.09 -44.26 -11.96
CA TYR C 1099 39.29 -45.37 -11.46
C TYR C 1099 38.71 -46.17 -12.61
N ARG C 1100 38.98 -47.49 -12.61
CA ARG C 1100 38.50 -48.42 -13.63
C ARG C 1100 37.61 -49.46 -12.96
N TYR C 1101 36.48 -49.81 -13.61
CA TYR C 1101 35.50 -50.74 -13.06
C TYR C 1101 35.09 -51.83 -14.04
N ASP C 1102 34.51 -52.92 -13.52
CA ASP C 1102 33.92 -54.00 -14.32
C ASP C 1102 32.48 -53.53 -14.56
N GLU C 1103 32.10 -53.37 -15.83
CA GLU C 1103 30.77 -52.87 -16.23
C GLU C 1103 29.60 -53.82 -15.91
N ILE C 1104 29.91 -55.10 -15.64
CA ILE C 1104 28.91 -56.14 -15.34
C ILE C 1104 28.61 -56.27 -13.84
N SER C 1105 29.62 -56.01 -12.99
CA SER C 1105 29.51 -56.16 -11.53
C SER C 1105 29.67 -54.87 -10.70
N GLY C 1106 30.38 -53.89 -11.24
CA GLY C 1106 30.66 -52.64 -10.54
C GLY C 1106 31.91 -52.70 -9.70
N LYS C 1107 32.66 -53.83 -9.79
CA LYS C 1107 33.91 -54.08 -9.07
C LYS C 1107 34.99 -53.07 -9.47
N VAL C 1108 35.71 -52.50 -8.49
CA VAL C 1108 36.81 -51.57 -8.76
C VAL C 1108 38.00 -52.42 -9.20
N GLU C 1109 38.41 -52.29 -10.47
CA GLU C 1109 39.51 -53.04 -11.06
C GLU C 1109 40.85 -52.30 -10.96
N HIS C 1110 40.80 -50.96 -10.87
CA HIS C 1110 41.99 -50.10 -10.76
C HIS C 1110 41.65 -48.79 -10.05
N PHE C 1111 42.50 -48.39 -9.09
CA PHE C 1111 42.36 -47.13 -8.36
C PHE C 1111 43.76 -46.54 -8.11
N GLY C 1112 43.98 -45.35 -8.65
CA GLY C 1112 45.27 -44.67 -8.58
C GLY C 1112 46.31 -45.42 -9.37
N LYS C 1113 47.28 -46.02 -8.65
CA LYS C 1113 48.35 -46.84 -9.23
C LYS C 1113 48.14 -48.33 -8.93
N PHE C 1114 47.09 -48.64 -8.15
CA PHE C 1114 46.76 -49.99 -7.68
C PHE C 1114 45.73 -50.71 -8.53
N GLY C 1115 46.00 -51.98 -8.81
CA GLY C 1115 45.12 -52.86 -9.56
C GLY C 1115 44.50 -53.90 -8.65
N VAL C 1116 43.22 -54.24 -8.88
CA VAL C 1116 42.51 -55.22 -8.03
C VAL C 1116 42.09 -56.47 -8.81
N ILE C 1117 42.38 -57.64 -8.24
CA ILE C 1117 42.04 -58.95 -8.80
C ILE C 1117 41.06 -59.64 -7.83
N TYR C 1118 39.96 -60.19 -8.37
CA TYR C 1118 38.93 -60.87 -7.59
C TYR C 1118 38.83 -62.33 -7.98
N TYR C 1119 38.87 -63.21 -6.96
CA TYR C 1119 38.72 -64.65 -7.10
C TYR C 1119 37.89 -65.11 -5.90
N ASP C 1120 36.69 -65.65 -6.17
CA ASP C 1120 35.69 -66.05 -5.16
C ASP C 1120 35.32 -64.80 -4.34
N ILE C 1121 35.60 -64.79 -3.02
CA ILE C 1121 35.34 -63.61 -2.18
C ILE C 1121 36.68 -62.95 -1.72
N ASN C 1122 37.84 -63.55 -2.14
CA ASN C 1122 39.19 -63.07 -1.83
C ASN C 1122 39.64 -61.98 -2.80
N GLN C 1123 40.51 -61.05 -2.34
CA GLN C 1123 41.01 -59.92 -3.13
C GLN C 1123 42.54 -59.76 -3.12
N ILE C 1124 43.10 -59.29 -4.24
CA ILE C 1124 44.54 -59.01 -4.39
C ILE C 1124 44.73 -57.59 -4.92
N ILE C 1125 45.44 -56.74 -4.16
CA ILE C 1125 45.78 -55.38 -4.58
C ILE C 1125 47.24 -55.43 -5.05
N THR C 1126 47.47 -55.08 -6.33
CA THR C 1126 48.79 -55.17 -6.94
C THR C 1126 49.32 -53.86 -7.53
N THR C 1127 50.65 -53.78 -7.58
CA THR C 1127 51.51 -52.73 -8.12
C THR C 1127 52.73 -53.50 -8.67
N ALA C 1128 53.57 -52.85 -9.50
CA ALA C 1128 54.79 -53.46 -10.04
C ALA C 1128 55.77 -53.85 -8.91
N VAL C 1129 55.63 -53.20 -7.74
CA VAL C 1129 56.44 -53.37 -6.54
C VAL C 1129 55.76 -54.28 -5.48
N MET C 1130 54.50 -53.95 -5.09
CA MET C 1130 53.78 -54.67 -4.04
C MET C 1130 52.58 -55.52 -4.49
N THR C 1131 52.20 -56.50 -3.63
CA THR C 1131 51.03 -57.37 -3.75
C THR C 1131 50.45 -57.58 -2.34
N LEU C 1132 49.20 -57.16 -2.12
CA LEU C 1132 48.50 -57.31 -0.85
C LEU C 1132 47.35 -58.32 -1.07
N SER C 1133 47.50 -59.53 -0.53
CA SER C 1133 46.52 -60.61 -0.66
C SER C 1133 45.69 -60.78 0.59
N LYS C 1134 44.36 -60.69 0.45
CA LYS C 1134 43.40 -60.84 1.54
C LYS C 1134 42.56 -62.10 1.33
N HIS C 1135 42.66 -63.04 2.29
CA HIS C 1135 41.96 -64.33 2.28
C HIS C 1135 40.88 -64.36 3.35
N PHE C 1136 39.66 -64.76 2.96
CA PHE C 1136 38.50 -64.83 3.86
C PHE C 1136 38.01 -66.26 4.00
N ASP C 1137 37.50 -66.62 5.19
CA ASP C 1137 36.97 -67.96 5.46
C ASP C 1137 35.53 -68.13 4.92
N THR C 1138 34.90 -69.30 5.20
CA THR C 1138 33.53 -69.65 4.76
C THR C 1138 32.44 -68.71 5.30
N HIS C 1139 32.71 -67.99 6.41
CA HIS C 1139 31.80 -67.03 7.04
C HIS C 1139 32.07 -65.58 6.58
N GLY C 1140 32.95 -65.43 5.58
CA GLY C 1140 33.33 -64.14 5.02
C GLY C 1140 34.23 -63.29 5.89
N ARG C 1141 34.82 -63.90 6.95
CA ARG C 1141 35.71 -63.23 7.90
C ARG C 1141 37.17 -63.42 7.47
N ILE C 1142 38.00 -62.37 7.62
CA ILE C 1142 39.42 -62.39 7.26
C ILE C 1142 40.18 -63.51 8.02
N LYS C 1143 40.89 -64.36 7.28
CA LYS C 1143 41.66 -65.48 7.85
C LYS C 1143 43.16 -65.33 7.62
N GLU C 1144 43.57 -64.64 6.54
CA GLU C 1144 44.98 -64.42 6.19
C GLU C 1144 45.20 -63.17 5.35
N VAL C 1145 46.21 -62.36 5.74
CA VAL C 1145 46.68 -61.16 5.04
C VAL C 1145 48.14 -61.42 4.69
N GLN C 1146 48.53 -61.10 3.45
CA GLN C 1146 49.89 -61.30 2.95
C GLN C 1146 50.31 -60.02 2.21
N TYR C 1147 51.39 -59.37 2.69
CA TYR C 1147 51.93 -58.14 2.10
C TYR C 1147 53.35 -58.42 1.58
N GLU C 1148 53.50 -58.43 0.25
CA GLU C 1148 54.77 -58.68 -0.42
C GLU C 1148 55.26 -57.44 -1.15
N MET C 1149 56.57 -57.18 -1.07
CA MET C 1149 57.26 -56.08 -1.73
C MET C 1149 58.50 -56.64 -2.41
N PHE C 1150 58.67 -56.35 -3.72
CA PHE C 1150 59.79 -56.82 -4.56
C PHE C 1150 59.95 -58.35 -4.49
N ARG C 1151 58.81 -59.09 -4.53
CA ARG C 1151 58.70 -60.56 -4.46
C ARG C 1151 59.24 -61.13 -3.12
N SER C 1152 59.28 -60.29 -2.07
CA SER C 1152 59.71 -60.64 -0.71
C SER C 1152 58.56 -60.35 0.26
N LEU C 1153 58.32 -61.27 1.21
CA LEU C 1153 57.25 -61.13 2.20
C LEU C 1153 57.63 -60.17 3.31
N MET C 1154 56.88 -59.07 3.44
CA MET C 1154 57.12 -58.03 4.44
C MET C 1154 56.25 -58.21 5.67
N TYR C 1155 55.00 -58.68 5.48
CA TYR C 1155 54.04 -58.86 6.56
C TYR C 1155 52.99 -59.92 6.27
N TRP C 1156 52.68 -60.75 7.28
CA TRP C 1156 51.62 -61.75 7.20
C TRP C 1156 50.92 -61.91 8.54
N MET C 1157 49.58 -62.00 8.49
CA MET C 1157 48.71 -62.17 9.65
C MET C 1157 47.69 -63.27 9.38
N THR C 1158 47.41 -64.10 10.39
CA THR C 1158 46.37 -65.14 10.33
C THR C 1158 45.44 -64.98 11.51
N VAL C 1159 44.13 -64.88 11.23
CA VAL C 1159 43.11 -64.73 12.27
C VAL C 1159 42.25 -65.99 12.36
N GLN C 1160 42.03 -66.46 13.59
CA GLN C 1160 41.20 -67.63 13.91
C GLN C 1160 40.06 -67.20 14.82
N TYR C 1161 38.87 -67.77 14.59
CA TYR C 1161 37.65 -67.42 15.33
C TYR C 1161 37.02 -68.61 16.03
N ASP C 1162 36.20 -68.35 17.07
CA ASP C 1162 35.43 -69.40 17.74
C ASP C 1162 34.08 -69.58 17.02
N SER C 1163 33.15 -70.37 17.59
CA SER C 1163 31.82 -70.62 17.03
C SER C 1163 31.01 -69.34 16.80
N MET C 1164 31.12 -68.36 17.72
CA MET C 1164 30.39 -67.10 17.66
C MET C 1164 31.07 -65.97 16.87
N GLY C 1165 32.20 -66.25 16.24
CA GLY C 1165 32.93 -65.26 15.45
C GLY C 1165 33.85 -64.33 16.23
N ARG C 1166 34.26 -64.74 17.45
CA ARG C 1166 35.18 -63.98 18.30
C ARG C 1166 36.60 -64.40 17.96
N VAL C 1167 37.51 -63.41 17.81
CA VAL C 1167 38.94 -63.63 17.52
C VAL C 1167 39.56 -64.38 18.70
N THR C 1168 40.06 -65.60 18.46
CA THR C 1168 40.69 -66.43 19.50
C THR C 1168 42.20 -66.56 19.31
N LYS C 1169 42.68 -66.44 18.06
CA LYS C 1169 44.10 -66.55 17.74
C LYS C 1169 44.51 -65.62 16.60
N ARG C 1170 45.65 -64.94 16.77
CA ARG C 1170 46.23 -64.03 15.79
C ARG C 1170 47.74 -64.24 15.72
N GLU C 1171 48.24 -64.60 14.54
CA GLU C 1171 49.69 -64.78 14.31
C GLU C 1171 50.17 -63.59 13.50
N LEU C 1172 51.29 -62.96 13.93
CA LEU C 1172 51.83 -61.77 13.27
C LEU C 1172 53.34 -61.84 13.02
N LYS C 1173 53.75 -61.49 11.80
CA LYS C 1173 55.15 -61.41 11.41
C LYS C 1173 55.34 -60.01 10.80
N LEU C 1174 56.02 -59.12 11.55
CA LEU C 1174 56.26 -57.74 11.12
C LEU C 1174 57.72 -57.58 10.69
N GLY C 1175 57.94 -57.68 9.38
CA GLY C 1175 59.27 -57.59 8.78
C GLY C 1175 59.65 -58.91 8.12
N PRO C 1176 60.53 -58.89 7.09
CA PRO C 1176 60.88 -60.14 6.40
C PRO C 1176 61.74 -61.14 7.20
N TYR C 1177 62.53 -60.64 8.17
CA TYR C 1177 63.42 -61.49 8.96
C TYR C 1177 63.02 -61.64 10.44
N ALA C 1178 61.99 -60.89 10.88
CA ALA C 1178 61.49 -60.94 12.26
C ALA C 1178 60.74 -62.24 12.55
N ASN C 1179 60.74 -62.68 13.84
CA ASN C 1179 60.05 -63.90 14.28
C ASN C 1179 58.53 -63.72 14.26
N THR C 1180 57.79 -64.85 14.25
CA THR C 1180 56.33 -64.84 14.25
C THR C 1180 55.78 -64.86 15.69
N THR C 1181 54.90 -63.90 16.02
CA THR C 1181 54.31 -63.79 17.35
C THR C 1181 52.87 -64.30 17.33
N LYS C 1182 52.54 -65.21 18.26
CA LYS C 1182 51.22 -65.83 18.42
C LYS C 1182 50.47 -65.21 19.59
N TYR C 1183 49.27 -64.66 19.34
CA TYR C 1183 48.42 -64.06 20.36
C TYR C 1183 47.15 -64.89 20.51
N THR C 1184 46.87 -65.36 21.74
CA THR C 1184 45.67 -66.15 22.03
C THR C 1184 44.75 -65.36 22.96
N TYR C 1185 43.44 -65.36 22.64
CA TYR C 1185 42.42 -64.60 23.36
C TYR C 1185 41.36 -65.47 24.01
N ASP C 1186 41.07 -65.22 25.31
CA ASP C 1186 40.06 -65.93 26.07
C ASP C 1186 38.98 -64.96 26.53
N TYR C 1187 37.71 -65.39 26.45
CA TYR C 1187 36.55 -64.58 26.79
C TYR C 1187 35.79 -65.13 27.99
N ASP C 1188 35.12 -64.24 28.74
CA ASP C 1188 34.33 -64.64 29.91
C ASP C 1188 32.94 -65.18 29.51
N GLY C 1189 32.09 -65.45 30.51
CA GLY C 1189 30.74 -65.97 30.34
C GLY C 1189 29.79 -65.10 29.51
N ASP C 1190 30.13 -63.80 29.36
CA ASP C 1190 29.33 -62.84 28.59
C ASP C 1190 30.02 -62.39 27.28
N GLY C 1191 31.10 -63.06 26.91
CA GLY C 1191 31.86 -62.77 25.69
C GLY C 1191 32.72 -61.53 25.77
N GLN C 1192 33.15 -61.17 27.00
CA GLN C 1192 34.01 -60.02 27.29
C GLN C 1192 35.44 -60.54 27.40
N LEU C 1193 36.40 -59.86 26.73
CA LEU C 1193 37.80 -60.25 26.72
C LEU C 1193 38.39 -60.34 28.12
N GLN C 1194 38.78 -61.55 28.51
CA GLN C 1194 39.28 -61.90 29.83
C GLN C 1194 40.81 -61.91 29.90
N SER C 1195 41.48 -62.53 28.91
CA SER C 1195 42.94 -62.64 28.88
C SER C 1195 43.53 -62.68 27.48
N VAL C 1196 44.80 -62.24 27.38
CA VAL C 1196 45.61 -62.22 26.15
C VAL C 1196 46.96 -62.83 26.49
N ALA C 1197 47.33 -63.90 25.76
CA ALA C 1197 48.60 -64.59 25.95
C ALA C 1197 49.51 -64.38 24.74
N VAL C 1198 50.81 -64.19 24.99
CA VAL C 1198 51.84 -63.99 23.96
C VAL C 1198 52.70 -65.25 23.91
N ASN C 1199 52.62 -66.02 22.81
CA ASN C 1199 53.31 -67.29 22.57
C ASN C 1199 53.03 -68.29 23.71
N ASP C 1200 51.73 -68.48 24.02
CA ASP C 1200 51.16 -69.35 25.06
C ASP C 1200 51.55 -68.94 26.51
N ARG C 1201 52.00 -67.69 26.70
CA ARG C 1201 52.40 -67.13 27.99
C ARG C 1201 51.46 -65.97 28.38
N PRO C 1202 50.71 -66.07 29.51
CA PRO C 1202 49.79 -64.98 29.90
C PRO C 1202 50.49 -63.64 30.14
N THR C 1203 49.99 -62.57 29.48
CA THR C 1203 50.54 -61.22 29.56
C THR C 1203 49.51 -60.18 30.05
N TRP C 1204 48.26 -60.27 29.55
CA TRP C 1204 47.21 -59.33 29.91
C TRP C 1204 46.00 -59.99 30.55
N ARG C 1205 45.43 -59.32 31.56
CA ARG C 1205 44.25 -59.76 32.27
C ARG C 1205 43.25 -58.61 32.33
N TYR C 1206 41.98 -58.91 32.03
CA TYR C 1206 40.89 -57.93 32.04
C TYR C 1206 39.72 -58.44 32.86
N SER C 1207 39.19 -57.58 33.75
CA SER C 1207 38.02 -57.90 34.57
C SER C 1207 36.97 -56.81 34.49
N TYR C 1208 35.69 -57.20 34.66
CA TYR C 1208 34.57 -56.30 34.48
C TYR C 1208 33.59 -56.24 35.65
N ASP C 1209 32.96 -55.07 35.79
CA ASP C 1209 31.91 -54.69 36.73
C ASP C 1209 30.64 -55.45 36.35
N LEU C 1210 29.58 -55.36 37.20
CA LEU C 1210 28.28 -55.96 36.88
C LEU C 1210 27.64 -55.21 35.70
N ASN C 1211 28.02 -53.93 35.51
CA ASN C 1211 27.53 -53.06 34.44
C ASN C 1211 28.39 -53.14 33.17
N GLY C 1212 29.45 -53.94 33.21
CA GLY C 1212 30.36 -54.11 32.08
C GLY C 1212 31.49 -53.10 32.02
N ASN C 1213 31.71 -52.37 33.13
CA ASN C 1213 32.78 -51.39 33.23
C ASN C 1213 34.09 -52.13 33.49
N LEU C 1214 35.11 -51.89 32.64
CA LEU C 1214 36.44 -52.50 32.75
C LEU C 1214 37.09 -51.95 34.03
N HIS C 1215 37.12 -52.77 35.10
CA HIS C 1215 37.65 -52.30 36.38
C HIS C 1215 39.02 -52.89 36.78
N LEU C 1216 39.68 -53.63 35.85
CA LEU C 1216 40.96 -54.28 36.09
C LEU C 1216 41.69 -54.53 34.78
N LEU C 1217 42.95 -54.06 34.67
CA LEU C 1217 43.79 -54.23 33.46
C LEU C 1217 45.28 -54.13 33.74
N ASN C 1218 46.09 -54.68 32.83
CA ASN C 1218 47.54 -54.56 32.85
C ASN C 1218 47.85 -53.43 31.86
N PRO C 1219 48.23 -52.21 32.34
CA PRO C 1219 48.43 -51.10 31.40
C PRO C 1219 49.69 -51.21 30.56
N GLY C 1220 49.54 -51.04 29.25
CA GLY C 1220 50.62 -51.11 28.27
C GLY C 1220 51.37 -52.42 28.29
N ASN C 1221 52.65 -52.36 28.66
CA ASN C 1221 53.57 -53.50 28.74
C ASN C 1221 53.69 -54.06 30.18
N SER C 1222 53.18 -53.30 31.18
CA SER C 1222 53.25 -53.61 32.62
C SER C 1222 52.63 -54.94 33.04
N VAL C 1223 53.28 -55.58 34.03
CA VAL C 1223 52.89 -56.86 34.64
C VAL C 1223 51.91 -56.53 35.79
N ARG C 1224 52.00 -55.30 36.34
CA ARG C 1224 51.18 -54.76 37.42
C ARG C 1224 49.70 -54.67 37.01
N LEU C 1225 48.80 -55.14 37.90
CA LEU C 1225 47.36 -55.13 37.69
C LEU C 1225 46.78 -53.83 38.26
N MET C 1226 46.21 -52.98 37.39
CA MET C 1226 45.66 -51.68 37.78
C MET C 1226 44.13 -51.65 37.87
N PRO C 1227 43.58 -51.08 38.97
CA PRO C 1227 42.11 -50.99 39.10
C PRO C 1227 41.52 -49.66 38.59
N LEU C 1228 40.32 -49.74 38.00
CA LEU C 1228 39.58 -48.56 37.50
C LEU C 1228 38.31 -48.41 38.34
N ARG C 1229 37.96 -47.15 38.67
CA ARG C 1229 36.79 -46.81 39.50
C ARG C 1229 35.71 -46.04 38.74
N TYR C 1230 34.43 -46.32 39.05
CA TYR C 1230 33.25 -45.76 38.40
C TYR C 1230 32.20 -45.29 39.40
N ASP C 1231 31.44 -44.23 39.04
CA ASP C 1231 30.35 -43.73 39.87
C ASP C 1231 29.02 -44.45 39.53
N LEU C 1232 27.89 -43.99 40.09
CA LEU C 1232 26.56 -44.57 39.86
C LEU C 1232 26.06 -44.41 38.41
N ARG C 1233 26.53 -43.35 37.72
CA ARG C 1233 26.18 -43.03 36.33
C ARG C 1233 27.14 -43.68 35.31
N ASP C 1234 27.95 -44.67 35.77
CA ASP C 1234 28.95 -45.43 34.99
C ASP C 1234 30.11 -44.55 34.44
N ARG C 1235 30.33 -43.36 35.03
CA ARG C 1235 31.41 -42.44 34.62
C ARG C 1235 32.68 -42.78 35.38
N ILE C 1236 33.82 -42.87 34.67
CA ILE C 1236 35.14 -43.18 35.25
C ILE C 1236 35.59 -42.04 36.19
N THR C 1237 36.14 -42.42 37.37
CA THR C 1237 36.61 -41.49 38.41
C THR C 1237 38.12 -41.67 38.69
N ARG C 1238 38.66 -42.87 38.43
CA ARG C 1238 40.07 -43.19 38.65
C ARG C 1238 40.56 -44.36 37.79
N LEU C 1239 41.83 -44.28 37.34
CA LEU C 1239 42.56 -45.31 36.60
C LEU C 1239 43.89 -45.46 37.34
N GLY C 1240 43.95 -46.50 38.16
CA GLY C 1240 45.08 -46.78 39.03
C GLY C 1240 45.18 -45.72 40.11
N ASP C 1241 46.17 -44.82 39.96
CA ASP C 1241 46.43 -43.69 40.85
C ASP C 1241 45.94 -42.37 40.23
N ILE C 1242 45.69 -42.36 38.91
CA ILE C 1242 45.26 -41.19 38.12
C ILE C 1242 43.75 -40.88 38.27
N PRO C 1243 43.37 -39.69 38.75
CA PRO C 1243 41.94 -39.35 38.83
C PRO C 1243 41.37 -38.89 37.51
N TYR C 1244 40.11 -39.27 37.23
CA TYR C 1244 39.36 -38.92 36.04
C TYR C 1244 38.18 -38.04 36.42
N LYS C 1245 37.81 -37.11 35.54
CA LYS C 1245 36.67 -36.22 35.73
C LYS C 1245 35.84 -36.23 34.46
N ILE C 1246 34.55 -36.57 34.61
CA ILE C 1246 33.57 -36.61 33.53
C ILE C 1246 32.49 -35.61 33.98
N ASP C 1247 32.14 -34.63 33.12
CA ASP C 1247 31.14 -33.62 33.47
C ASP C 1247 29.71 -34.18 33.59
N ASP C 1248 28.75 -33.34 33.99
CA ASP C 1248 27.34 -33.71 34.17
C ASP C 1248 26.60 -34.07 32.87
N ASP C 1249 27.23 -33.83 31.71
CA ASP C 1249 26.68 -34.18 30.39
C ASP C 1249 27.16 -35.54 29.92
N GLY C 1250 28.19 -36.08 30.58
CA GLY C 1250 28.79 -37.37 30.27
C GLY C 1250 30.04 -37.29 29.43
N PHE C 1251 30.60 -36.08 29.25
CA PHE C 1251 31.80 -35.84 28.45
C PHE C 1251 33.07 -35.78 29.29
N LEU C 1252 34.17 -36.33 28.74
CA LEU C 1252 35.49 -36.32 29.38
C LEU C 1252 35.92 -34.88 29.62
N CYS C 1253 36.28 -34.59 30.88
CA CYS C 1253 36.63 -33.27 31.38
C CYS C 1253 38.10 -33.17 31.75
N GLN C 1254 38.62 -34.19 32.48
CA GLN C 1254 40.01 -34.25 32.95
C GLN C 1254 40.51 -35.67 33.18
N ARG C 1255 41.81 -35.89 32.93
CA ARG C 1255 42.53 -37.14 33.20
C ARG C 1255 43.84 -36.70 33.87
N GLY C 1256 43.81 -36.63 35.20
CA GLY C 1256 44.93 -36.16 35.99
C GLY C 1256 45.14 -34.68 35.76
N SER C 1257 46.24 -34.32 35.08
CA SER C 1257 46.58 -32.93 34.73
C SER C 1257 46.06 -32.51 33.35
N ASP C 1258 45.69 -33.50 32.48
CA ASP C 1258 45.16 -33.28 31.14
C ASP C 1258 43.75 -32.67 31.22
N VAL C 1259 43.54 -31.53 30.53
CA VAL C 1259 42.24 -30.83 30.49
C VAL C 1259 41.68 -30.95 29.07
N PHE C 1260 40.41 -31.38 28.96
CA PHE C 1260 39.72 -31.56 27.69
C PHE C 1260 38.51 -30.64 27.59
N GLU C 1261 38.42 -29.88 26.48
CA GLU C 1261 37.33 -28.94 26.22
C GLU C 1261 36.47 -29.41 25.05
N TYR C 1262 35.28 -29.98 25.37
CA TYR C 1262 34.32 -30.45 24.37
C TYR C 1262 33.22 -29.41 24.20
N ASN C 1263 32.87 -29.08 22.94
CA ASN C 1263 31.83 -28.11 22.63
C ASN C 1263 30.41 -28.72 22.76
N SER C 1264 29.35 -27.94 22.42
CA SER C 1264 27.95 -28.41 22.48
C SER C 1264 27.66 -29.54 21.49
N LYS C 1265 28.38 -29.56 20.35
CA LYS C 1265 28.27 -30.57 19.30
C LYS C 1265 28.98 -31.90 19.69
N GLY C 1266 29.76 -31.86 20.77
CA GLY C 1266 30.49 -33.01 21.30
C GLY C 1266 31.85 -33.20 20.67
N LEU C 1267 32.40 -32.13 20.06
CA LEU C 1267 33.69 -32.13 19.39
C LEU C 1267 34.77 -31.51 20.29
N LEU C 1268 35.95 -32.17 20.34
CA LEU C 1268 37.09 -31.70 21.14
C LEU C 1268 37.72 -30.49 20.45
N THR C 1269 37.52 -29.30 21.02
CA THR C 1269 38.04 -28.04 20.47
C THR C 1269 39.45 -27.74 20.97
N ARG C 1270 39.75 -28.15 22.22
CA ARG C 1270 41.05 -27.91 22.85
C ARG C 1270 41.37 -28.93 23.94
N ALA C 1271 42.66 -29.22 24.11
CA ALA C 1271 43.21 -30.11 25.13
C ALA C 1271 44.59 -29.63 25.52
N TYR C 1272 44.88 -29.57 26.83
CA TYR C 1272 46.16 -29.08 27.34
C TYR C 1272 46.57 -29.66 28.69
N ASN C 1273 47.88 -29.59 28.99
CA ASN C 1273 48.47 -30.00 30.25
C ASN C 1273 49.45 -28.89 30.62
N LYS C 1274 49.12 -28.12 31.66
CA LYS C 1274 49.95 -27.00 32.14
C LYS C 1274 51.30 -27.48 32.69
N ALA C 1275 51.29 -28.61 33.44
CA ALA C 1275 52.49 -29.21 34.04
C ALA C 1275 53.47 -29.77 32.99
N ASN C 1276 52.93 -30.44 31.94
CA ASN C 1276 53.73 -31.03 30.85
C ASN C 1276 54.00 -30.04 29.69
N GLY C 1277 53.45 -28.83 29.82
CA GLY C 1277 53.63 -27.73 28.87
C GLY C 1277 53.10 -27.89 27.46
N TRP C 1278 52.12 -28.78 27.24
CA TRP C 1278 51.55 -28.97 25.90
C TRP C 1278 50.11 -28.48 25.78
N ASN C 1279 49.73 -28.07 24.56
CA ASN C 1279 48.42 -27.55 24.18
C ASN C 1279 48.14 -27.98 22.74
N VAL C 1280 46.88 -28.35 22.44
CA VAL C 1280 46.44 -28.75 21.10
C VAL C 1280 45.05 -28.17 20.83
N GLN C 1281 44.88 -27.53 19.66
CA GLN C 1281 43.61 -26.93 19.25
C GLN C 1281 43.13 -27.60 17.97
N TYR C 1282 41.82 -27.87 17.88
CA TYR C 1282 41.24 -28.51 16.71
C TYR C 1282 40.17 -27.63 16.08
N ARG C 1283 40.06 -27.69 14.75
CA ARG C 1283 39.07 -26.96 13.97
C ARG C 1283 38.22 -27.97 13.21
N TYR C 1284 36.91 -27.69 13.07
CA TYR C 1284 35.97 -28.59 12.42
C TYR C 1284 35.20 -27.89 11.31
N ASP C 1285 34.77 -28.66 10.29
CA ASP C 1285 33.96 -28.14 9.19
C ASP C 1285 32.47 -28.19 9.57
N GLY C 1286 31.63 -27.62 8.72
CA GLY C 1286 30.18 -27.58 8.92
C GLY C 1286 29.48 -28.94 8.97
N LEU C 1287 30.15 -29.99 8.47
CA LEU C 1287 29.62 -31.35 8.46
C LEU C 1287 30.07 -32.20 9.69
N GLY C 1288 30.79 -31.57 10.60
CA GLY C 1288 31.27 -32.17 11.85
C GLY C 1288 32.58 -32.94 11.78
N ARG C 1289 33.35 -32.77 10.69
CA ARG C 1289 34.63 -33.45 10.49
C ARG C 1289 35.80 -32.56 10.88
N ARG C 1290 36.86 -33.16 11.46
CA ARG C 1290 38.07 -32.43 11.86
C ARG C 1290 38.83 -31.92 10.63
N ALA C 1291 38.96 -30.59 10.53
CA ALA C 1291 39.63 -29.90 9.43
C ALA C 1291 41.12 -29.70 9.72
N SER C 1292 41.47 -29.38 10.99
CA SER C 1292 42.86 -29.16 11.39
C SER C 1292 43.19 -29.55 12.83
N CYS C 1293 44.49 -29.70 13.10
CA CYS C 1293 45.10 -30.02 14.39
C CYS C 1293 46.34 -29.13 14.50
N LYS C 1294 46.43 -28.32 15.56
CA LYS C 1294 47.56 -27.41 15.77
C LYS C 1294 48.01 -27.42 17.23
N THR C 1295 49.31 -27.66 17.45
CA THR C 1295 49.91 -27.69 18.79
C THR C 1295 50.76 -26.44 19.05
N ASN C 1296 51.16 -26.24 20.33
CA ASN C 1296 52.04 -25.15 20.77
C ASN C 1296 53.50 -25.59 20.59
N LEU C 1297 53.73 -26.87 20.24
CA LEU C 1297 55.04 -27.50 20.05
C LEU C 1297 55.50 -27.53 18.57
N GLY C 1298 54.84 -26.74 17.72
CA GLY C 1298 55.18 -26.63 16.30
C GLY C 1298 54.31 -27.39 15.32
N HIS C 1299 53.67 -28.50 15.76
CA HIS C 1299 52.83 -29.34 14.90
C HIS C 1299 51.59 -28.61 14.38
N HIS C 1300 51.32 -28.76 13.08
CA HIS C 1300 50.17 -28.18 12.40
C HIS C 1300 49.82 -29.01 11.16
N LEU C 1301 48.69 -29.72 11.23
CA LEU C 1301 48.20 -30.57 10.14
C LEU C 1301 46.80 -30.17 9.71
N GLN C 1302 46.48 -30.40 8.43
CA GLN C 1302 45.17 -30.14 7.85
C GLN C 1302 44.66 -31.43 7.20
N TYR C 1303 43.37 -31.73 7.36
CA TYR C 1303 42.75 -32.95 6.85
C TYR C 1303 41.70 -32.67 5.79
N PHE C 1304 41.70 -33.48 4.72
CA PHE C 1304 40.76 -33.35 3.60
C PHE C 1304 40.06 -34.67 3.29
N TYR C 1305 38.79 -34.57 2.86
CA TYR C 1305 37.90 -35.69 2.58
C TYR C 1305 37.42 -35.66 1.13
N ALA C 1306 38.22 -36.23 0.22
CA ALA C 1306 37.94 -36.28 -1.22
C ALA C 1306 37.06 -37.45 -1.67
N ASP C 1307 36.97 -38.53 -0.86
CA ASP C 1307 36.14 -39.69 -1.19
C ASP C 1307 34.66 -39.36 -1.00
N LEU C 1308 33.91 -39.32 -2.11
CA LEU C 1308 32.47 -39.02 -2.09
C LEU C 1308 31.64 -40.18 -1.52
N HIS C 1309 32.13 -41.43 -1.67
CA HIS C 1309 31.48 -42.64 -1.18
C HIS C 1309 31.72 -42.86 0.32
N ASN C 1310 32.88 -42.42 0.82
CA ASN C 1310 33.27 -42.51 2.22
C ASN C 1310 33.59 -41.08 2.73
N PRO C 1311 32.56 -40.26 3.05
CA PRO C 1311 32.83 -38.86 3.43
C PRO C 1311 33.58 -38.60 4.74
N THR C 1312 33.72 -39.62 5.63
CA THR C 1312 34.43 -39.46 6.91
C THR C 1312 35.90 -39.94 6.82
N ARG C 1313 36.29 -40.45 5.64
CA ARG C 1313 37.62 -40.99 5.32
C ARG C 1313 38.60 -39.87 4.98
N VAL C 1314 39.70 -39.75 5.75
CA VAL C 1314 40.76 -38.75 5.51
C VAL C 1314 41.55 -39.25 4.30
N THR C 1315 41.50 -38.53 3.18
CA THR C 1315 42.18 -38.93 1.94
C THR C 1315 43.50 -38.17 1.72
N HIS C 1316 43.58 -36.93 2.24
CA HIS C 1316 44.77 -36.07 2.10
C HIS C 1316 45.10 -35.35 3.39
N VAL C 1317 46.41 -35.22 3.68
CA VAL C 1317 46.92 -34.54 4.87
C VAL C 1317 47.95 -33.50 4.44
N TYR C 1318 47.74 -32.22 4.82
CA TYR C 1318 48.69 -31.14 4.53
C TYR C 1318 49.48 -30.85 5.80
N ASN C 1319 50.80 -31.01 5.73
CA ASN C 1319 51.72 -30.77 6.83
C ASN C 1319 52.37 -29.39 6.66
N HIS C 1320 52.12 -28.48 7.61
CA HIS C 1320 52.60 -27.09 7.60
C HIS C 1320 54.11 -26.92 7.89
N SER C 1321 54.73 -27.86 8.63
CA SER C 1321 56.16 -27.76 8.95
C SER C 1321 57.09 -28.02 7.76
N ASN C 1322 56.63 -28.77 6.74
CA ASN C 1322 57.42 -29.07 5.54
C ASN C 1322 56.69 -28.74 4.22
N SER C 1323 55.41 -28.29 4.32
CA SER C 1323 54.52 -27.89 3.21
C SER C 1323 54.23 -29.03 2.22
N GLU C 1324 54.31 -30.30 2.67
CA GLU C 1324 54.04 -31.45 1.79
C GLU C 1324 52.68 -32.09 2.06
N ILE C 1325 52.07 -32.64 0.98
CA ILE C 1325 50.76 -33.30 1.01
C ILE C 1325 50.94 -34.82 0.99
N THR C 1326 50.25 -35.52 1.92
CA THR C 1326 50.28 -36.96 2.05
C THR C 1326 48.93 -37.53 1.60
N SER C 1327 48.96 -38.39 0.57
CA SER C 1327 47.80 -39.08 0.02
C SER C 1327 47.67 -40.41 0.73
N LEU C 1328 46.50 -40.65 1.33
CA LEU C 1328 46.23 -41.87 2.09
C LEU C 1328 45.42 -42.84 1.24
N TYR C 1329 45.91 -44.09 1.11
CA TYR C 1329 45.25 -45.12 0.32
C TYR C 1329 44.74 -46.25 1.19
N TYR C 1330 43.45 -46.58 1.01
CA TYR C 1330 42.74 -47.59 1.78
C TYR C 1330 42.29 -48.75 0.91
N ASP C 1331 42.31 -49.97 1.47
CA ASP C 1331 41.89 -51.19 0.76
C ASP C 1331 40.35 -51.28 0.67
N LEU C 1332 39.83 -52.41 0.15
CA LEU C 1332 38.38 -52.64 -0.02
C LEU C 1332 37.61 -52.82 1.30
N GLN C 1333 38.34 -53.04 2.41
CA GLN C 1333 37.77 -53.19 3.76
C GLN C 1333 37.88 -51.87 4.54
N GLY C 1334 38.52 -50.87 3.92
CA GLY C 1334 38.72 -49.55 4.48
C GLY C 1334 39.97 -49.36 5.32
N HIS C 1335 40.85 -50.38 5.36
CA HIS C 1335 42.09 -50.31 6.14
C HIS C 1335 43.18 -49.61 5.33
N LEU C 1336 43.97 -48.76 6.00
CA LEU C 1336 45.09 -48.04 5.36
C LEU C 1336 46.17 -49.05 4.98
N PHE C 1337 46.60 -49.03 3.71
CA PHE C 1337 47.63 -49.96 3.23
C PHE C 1337 48.80 -49.27 2.55
N ALA C 1338 48.59 -48.03 2.06
CA ALA C 1338 49.63 -47.26 1.37
C ALA C 1338 49.52 -45.76 1.55
N MET C 1339 50.65 -45.06 1.36
CA MET C 1339 50.79 -43.61 1.45
C MET C 1339 51.68 -43.10 0.33
N GLU C 1340 51.39 -41.89 -0.16
CA GLU C 1340 52.16 -41.21 -1.21
C GLU C 1340 52.36 -39.76 -0.83
N SER C 1341 53.60 -39.28 -0.89
CA SER C 1341 53.95 -37.90 -0.55
C SER C 1341 54.11 -37.07 -1.81
N SER C 1342 53.86 -35.74 -1.69
CA SER C 1342 54.01 -34.78 -2.79
C SER C 1342 55.50 -34.59 -3.12
N SER C 1343 56.39 -34.97 -2.18
CA SER C 1343 57.85 -34.91 -2.33
C SER C 1343 58.39 -36.05 -3.21
N GLY C 1344 57.56 -37.06 -3.46
CA GLY C 1344 57.90 -38.22 -4.29
C GLY C 1344 58.04 -39.51 -3.51
N GLU C 1345 58.05 -39.43 -2.16
CA GLU C 1345 58.18 -40.58 -1.27
C GLU C 1345 56.94 -41.47 -1.24
N GLU C 1346 57.14 -42.79 -1.12
CA GLU C 1346 56.08 -43.80 -1.07
C GLU C 1346 56.24 -44.67 0.17
N TYR C 1347 55.13 -44.92 0.88
CA TYR C 1347 55.12 -45.73 2.09
C TYR C 1347 54.08 -46.84 1.99
N TYR C 1348 54.39 -48.01 2.56
CA TYR C 1348 53.53 -49.18 2.51
C TYR C 1348 53.20 -49.61 3.93
N VAL C 1349 51.92 -49.50 4.30
CA VAL C 1349 51.42 -49.74 5.65
C VAL C 1349 50.81 -51.14 5.83
N ALA C 1350 51.25 -51.83 6.88
CA ALA C 1350 50.78 -53.14 7.31
C ALA C 1350 49.72 -52.90 8.39
N SER C 1351 48.45 -53.19 8.09
CA SER C 1351 47.33 -53.00 9.02
C SER C 1351 46.68 -54.31 9.42
N ASP C 1352 46.26 -54.43 10.69
CA ASP C 1352 45.62 -55.65 11.19
C ASP C 1352 44.13 -55.75 10.79
N ASN C 1353 43.42 -56.76 11.36
CA ASN C 1353 42.01 -57.05 11.11
C ASN C 1353 41.03 -55.91 11.49
N THR C 1354 41.44 -55.01 12.41
CA THR C 1354 40.60 -53.89 12.84
C THR C 1354 40.92 -52.58 12.10
N GLY C 1355 41.95 -52.61 11.25
CA GLY C 1355 42.40 -51.46 10.46
C GLY C 1355 43.44 -50.61 11.14
N THR C 1356 44.10 -51.19 12.16
CA THR C 1356 45.13 -50.56 12.98
C THR C 1356 46.52 -50.72 12.32
N PRO C 1357 47.24 -49.61 12.00
CA PRO C 1357 48.58 -49.75 11.39
C PRO C 1357 49.60 -50.29 12.39
N LEU C 1358 50.23 -51.42 12.05
CA LEU C 1358 51.23 -52.10 12.88
C LEU C 1358 52.66 -51.92 12.40
N ALA C 1359 52.86 -51.57 11.11
CA ALA C 1359 54.18 -51.37 10.50
C ALA C 1359 54.12 -50.52 9.22
N VAL C 1360 55.22 -49.78 8.94
CA VAL C 1360 55.40 -48.94 7.76
C VAL C 1360 56.68 -49.43 7.06
N PHE C 1361 56.63 -49.57 5.72
CA PHE C 1361 57.75 -49.99 4.88
C PHE C 1361 58.04 -48.89 3.86
N SER C 1362 59.33 -48.57 3.66
CA SER C 1362 59.79 -47.53 2.74
C SER C 1362 59.65 -47.92 1.26
N ILE C 1363 59.93 -46.95 0.35
CA ILE C 1363 59.92 -47.10 -1.11
C ILE C 1363 60.87 -48.25 -1.58
N ASN C 1364 61.92 -48.55 -0.78
CA ASN C 1364 62.92 -49.60 -1.04
C ASN C 1364 62.67 -50.90 -0.24
N GLY C 1365 61.44 -51.09 0.23
CA GLY C 1365 61.01 -52.28 0.97
C GLY C 1365 61.71 -52.52 2.30
N LEU C 1366 61.95 -51.46 3.07
CA LEU C 1366 62.61 -51.55 4.37
C LEU C 1366 61.66 -51.06 5.46
N MET C 1367 61.51 -51.86 6.55
CA MET C 1367 60.65 -51.51 7.68
C MET C 1367 61.27 -50.34 8.44
N ILE C 1368 60.62 -49.18 8.39
CA ILE C 1368 61.07 -47.94 9.03
C ILE C 1368 60.36 -47.69 10.36
N LYS C 1369 59.15 -48.24 10.54
CA LYS C 1369 58.35 -48.10 11.77
C LYS C 1369 57.62 -49.41 12.07
N GLN C 1370 57.56 -49.78 13.36
CA GLN C 1370 56.89 -50.98 13.87
C GLN C 1370 56.20 -50.63 15.20
N LEU C 1371 54.88 -50.85 15.26
CA LEU C 1371 54.05 -50.58 16.44
C LEU C 1371 53.45 -51.84 17.03
N GLN C 1372 53.33 -51.87 18.37
CA GLN C 1372 52.71 -52.95 19.13
C GLN C 1372 51.67 -52.31 20.06
N TYR C 1373 50.41 -52.74 19.95
CA TYR C 1373 49.28 -52.23 20.73
C TYR C 1373 48.71 -53.31 21.64
N THR C 1374 48.08 -52.87 22.76
CA THR C 1374 47.34 -53.78 23.65
C THR C 1374 45.99 -54.00 22.97
N ALA C 1375 45.19 -54.97 23.47
CA ALA C 1375 43.86 -55.29 22.93
C ALA C 1375 42.94 -54.06 22.84
N TYR C 1376 43.04 -53.13 23.81
CA TYR C 1376 42.23 -51.92 23.85
C TYR C 1376 42.90 -50.70 23.16
N GLY C 1377 43.99 -50.94 22.42
CA GLY C 1377 44.66 -49.93 21.60
C GLY C 1377 45.69 -49.00 22.20
N GLU C 1378 46.34 -49.39 23.31
CA GLU C 1378 47.39 -48.58 23.91
C GLU C 1378 48.74 -49.05 23.38
N ILE C 1379 49.54 -48.12 22.80
CA ILE C 1379 50.87 -48.41 22.27
C ILE C 1379 51.85 -48.66 23.43
N TYR C 1380 52.55 -49.81 23.41
CA TYR C 1380 53.56 -50.17 24.39
C TYR C 1380 54.94 -50.30 23.76
N TYR C 1381 55.00 -50.35 22.41
CA TYR C 1381 56.23 -50.44 21.63
C TYR C 1381 56.13 -49.67 20.32
N ASP C 1382 57.17 -48.86 20.04
CA ASP C 1382 57.31 -48.06 18.83
C ASP C 1382 58.81 -48.01 18.48
N SER C 1383 59.18 -48.63 17.34
CA SER C 1383 60.57 -48.69 16.87
C SER C 1383 61.10 -47.34 16.39
N ASN C 1384 60.21 -46.47 15.87
CA ASN C 1384 60.56 -45.14 15.37
C ASN C 1384 59.49 -44.10 15.79
N PRO C 1385 59.61 -43.48 16.99
CA PRO C 1385 58.59 -42.50 17.43
C PRO C 1385 58.55 -41.19 16.64
N ASP C 1386 59.64 -40.87 15.92
CA ASP C 1386 59.75 -39.65 15.12
C ASP C 1386 58.94 -39.71 13.82
N PHE C 1387 58.66 -40.94 13.31
CA PHE C 1387 57.84 -41.12 12.12
C PHE C 1387 56.39 -41.02 12.56
N GLN C 1388 55.79 -39.85 12.35
CA GLN C 1388 54.42 -39.52 12.75
C GLN C 1388 53.36 -40.13 11.83
N LEU C 1389 52.50 -41.00 12.39
CA LEU C 1389 51.40 -41.64 11.67
C LEU C 1389 50.08 -40.99 12.07
N VAL C 1390 49.33 -40.50 11.07
CA VAL C 1390 48.04 -39.81 11.23
C VAL C 1390 46.93 -40.77 11.72
N ILE C 1391 46.84 -41.97 11.11
CA ILE C 1391 45.85 -42.98 11.46
C ILE C 1391 46.40 -43.96 12.51
N GLY C 1392 45.63 -44.15 13.58
CA GLY C 1392 45.96 -45.02 14.69
C GLY C 1392 45.01 -46.18 14.85
N PHE C 1393 44.73 -46.54 16.12
CA PHE C 1393 43.86 -47.65 16.51
C PHE C 1393 42.46 -47.59 15.87
N HIS C 1394 42.02 -48.74 15.30
CA HIS C 1394 40.72 -48.94 14.64
C HIS C 1394 40.48 -48.02 13.43
N GLY C 1395 41.54 -47.46 12.87
CA GLY C 1395 41.48 -46.58 11.70
C GLY C 1395 41.21 -45.11 11.98
N GLY C 1396 40.99 -44.77 13.25
CA GLY C 1396 40.73 -43.39 13.66
C GLY C 1396 41.97 -42.52 13.72
N LEU C 1397 41.80 -41.22 14.03
CA LEU C 1397 42.91 -40.28 14.13
C LEU C 1397 43.45 -40.28 15.57
N TYR C 1398 44.63 -40.88 15.79
CA TYR C 1398 45.24 -40.96 17.11
C TYR C 1398 46.10 -39.74 17.43
N ASP C 1399 45.97 -39.21 18.67
CA ASP C 1399 46.74 -38.08 19.16
C ASP C 1399 47.68 -38.56 20.29
N PRO C 1400 49.02 -38.50 20.10
CA PRO C 1400 49.93 -39.01 21.14
C PRO C 1400 49.97 -38.22 22.45
N LEU C 1401 49.48 -36.95 22.43
CA LEU C 1401 49.44 -36.08 23.61
C LEU C 1401 48.24 -36.40 24.50
N THR C 1402 47.03 -36.35 23.91
CA THR C 1402 45.75 -36.57 24.59
C THR C 1402 45.49 -38.05 24.90
N LYS C 1403 46.04 -38.95 24.07
CA LYS C 1403 45.88 -40.42 24.11
C LYS C 1403 44.47 -40.84 23.66
N LEU C 1404 43.82 -39.98 22.85
CA LEU C 1404 42.49 -40.20 22.31
C LEU C 1404 42.55 -40.48 20.81
N VAL C 1405 41.68 -41.39 20.35
CA VAL C 1405 41.52 -41.75 18.94
C VAL C 1405 40.19 -41.17 18.50
N HIS C 1406 40.24 -40.26 17.50
CA HIS C 1406 39.08 -39.55 16.98
C HIS C 1406 38.43 -40.23 15.79
N PHE C 1407 37.10 -40.32 15.88
CA PHE C 1407 36.16 -40.78 14.87
C PHE C 1407 35.17 -39.61 14.79
N THR C 1408 34.76 -39.20 13.58
CA THR C 1408 33.92 -38.02 13.32
C THR C 1408 32.82 -37.75 14.41
N GLN C 1409 32.09 -38.78 14.89
CA GLN C 1409 31.06 -38.55 15.91
C GLN C 1409 31.51 -38.79 17.37
N ARG C 1410 32.45 -39.71 17.61
CA ARG C 1410 32.92 -40.03 18.98
C ARG C 1410 34.44 -40.15 19.12
N ASP C 1411 34.95 -39.87 20.34
CA ASP C 1411 36.37 -40.01 20.69
C ASP C 1411 36.54 -41.23 21.59
N TYR C 1412 37.63 -41.99 21.39
CA TYR C 1412 37.92 -43.19 22.16
C TYR C 1412 39.21 -43.02 22.98
N ASP C 1413 39.14 -43.33 24.28
CA ASP C 1413 40.26 -43.25 25.22
C ASP C 1413 41.00 -44.60 25.28
N VAL C 1414 42.27 -44.62 24.80
CA VAL C 1414 43.08 -45.85 24.77
C VAL C 1414 43.54 -46.29 26.16
N LEU C 1415 43.70 -45.34 27.10
CA LEU C 1415 44.14 -45.66 28.46
C LEU C 1415 43.05 -46.34 29.29
N ALA C 1416 41.80 -45.83 29.21
CA ALA C 1416 40.67 -46.39 29.95
C ALA C 1416 40.00 -47.58 29.23
N GLY C 1417 40.12 -47.62 27.90
CA GLY C 1417 39.51 -48.67 27.08
C GLY C 1417 38.03 -48.45 26.85
N ARG C 1418 37.62 -47.17 26.82
CA ARG C 1418 36.23 -46.75 26.62
C ARG C 1418 36.13 -45.45 25.84
N TRP C 1419 34.90 -45.09 25.45
CA TRP C 1419 34.56 -43.86 24.75
C TRP C 1419 34.59 -42.72 25.77
N THR C 1420 34.83 -41.47 25.31
CA THR C 1420 34.92 -40.28 26.15
C THR C 1420 33.57 -39.60 26.38
N SER C 1421 32.52 -40.10 25.71
CA SER C 1421 31.16 -39.58 25.79
C SER C 1421 30.16 -40.71 25.55
N PRO C 1422 28.91 -40.62 26.09
CA PRO C 1422 27.95 -41.68 25.82
C PRO C 1422 27.19 -41.43 24.51
N ASP C 1423 26.67 -42.49 23.89
CA ASP C 1423 25.85 -42.35 22.69
C ASP C 1423 24.42 -42.41 23.19
N TYR C 1424 23.82 -41.23 23.43
CA TYR C 1424 22.47 -41.10 23.97
C TYR C 1424 21.36 -41.56 23.03
N THR C 1425 21.69 -41.78 21.74
CA THR C 1425 20.74 -42.27 20.73
C THR C 1425 20.45 -43.76 20.93
N MET C 1426 21.23 -44.46 21.80
CA MET C 1426 21.07 -45.87 22.17
C MET C 1426 19.69 -46.08 22.82
N TRP C 1427 19.22 -45.07 23.57
CA TRP C 1427 17.94 -45.06 24.29
C TRP C 1427 16.70 -45.16 23.39
N LYS C 1428 16.82 -44.74 22.13
CA LYS C 1428 15.75 -44.74 21.13
C LYS C 1428 15.25 -46.16 20.80
N ASN C 1429 16.16 -47.14 20.61
CA ASN C 1429 15.79 -48.51 20.23
C ASN C 1429 16.06 -49.60 21.28
N ILE C 1430 16.62 -49.26 22.46
CA ILE C 1430 16.91 -50.24 23.52
C ILE C 1430 15.60 -50.86 24.08
N GLY C 1431 14.50 -50.13 24.02
CA GLY C 1431 13.18 -50.59 24.46
C GLY C 1431 12.63 -51.67 23.55
N ARG C 1432 12.77 -51.46 22.22
CA ARG C 1432 12.32 -52.39 21.18
C ARG C 1432 13.25 -53.62 21.11
N GLU C 1433 14.57 -53.40 21.25
CA GLU C 1433 15.59 -54.45 21.22
C GLU C 1433 16.33 -54.49 22.57
N PRO C 1434 15.75 -55.13 23.62
CA PRO C 1434 16.43 -55.17 24.92
C PRO C 1434 17.60 -56.14 24.96
N ALA C 1435 18.75 -55.65 25.42
CA ALA C 1435 20.01 -56.40 25.50
C ALA C 1435 20.93 -55.79 26.57
N PRO C 1436 21.99 -56.50 27.06
CA PRO C 1436 22.91 -55.87 28.01
C PRO C 1436 23.61 -54.70 27.32
N PHE C 1437 23.70 -53.56 28.00
CA PHE C 1437 24.29 -52.35 27.42
C PHE C 1437 25.02 -51.50 28.45
N ASN C 1438 25.90 -50.63 27.96
CA ASN C 1438 26.69 -49.66 28.71
C ASN C 1438 26.94 -48.51 27.75
N LEU C 1439 26.72 -47.28 28.21
CA LEU C 1439 26.86 -46.07 27.40
C LEU C 1439 28.30 -45.74 26.98
N TYR C 1440 29.31 -46.28 27.69
CA TYR C 1440 30.71 -46.00 27.40
C TYR C 1440 31.53 -47.17 26.89
N MET C 1441 31.13 -48.44 27.18
CA MET C 1441 31.94 -49.61 26.79
C MET C 1441 32.21 -49.67 25.28
N PHE C 1442 33.43 -50.09 24.94
CA PHE C 1442 33.91 -50.20 23.57
C PHE C 1442 33.68 -51.61 23.04
N LYS C 1443 32.93 -51.72 21.91
CA LYS C 1443 32.62 -52.95 21.17
C LYS C 1443 32.19 -54.14 22.08
N SER C 1444 31.32 -53.87 23.08
CA SER C 1444 30.80 -54.85 24.05
C SER C 1444 31.92 -55.62 24.79
N ASN C 1445 33.07 -54.93 25.01
CA ASN C 1445 34.28 -55.40 25.67
C ASN C 1445 34.94 -56.58 24.91
N ASN C 1446 34.87 -56.53 23.57
CA ASN C 1446 35.46 -57.45 22.62
C ASN C 1446 36.08 -56.52 21.54
N PRO C 1447 37.25 -55.89 21.83
CA PRO C 1447 37.79 -54.89 20.89
C PRO C 1447 38.43 -55.41 19.60
N LEU C 1448 38.78 -56.71 19.52
CA LEU C 1448 39.46 -57.25 18.34
C LEU C 1448 38.54 -57.96 17.33
N SER C 1449 37.30 -58.29 17.71
CA SER C 1449 36.35 -58.96 16.83
C SER C 1449 35.31 -57.99 16.29
N ASN C 1450 34.76 -58.30 15.10
CA ASN C 1450 33.70 -57.50 14.48
C ASN C 1450 32.45 -57.64 15.34
N GLU C 1451 31.79 -56.50 15.63
CA GLU C 1451 30.61 -56.43 16.48
C GLU C 1451 29.51 -57.39 16.03
N LEU C 1452 29.00 -58.19 16.98
CA LEU C 1452 27.98 -59.19 16.72
C LEU C 1452 26.61 -58.56 16.48
N ASP C 1453 26.07 -58.83 15.28
CA ASP C 1453 24.79 -58.33 14.77
C ASP C 1453 24.10 -59.43 13.96
N LEU C 1454 22.79 -59.28 13.68
CA LEU C 1454 22.03 -60.23 12.87
C LEU C 1454 22.41 -60.14 11.39
N LYS C 1455 23.12 -59.04 10.99
CA LYS C 1455 23.63 -58.80 9.64
C LYS C 1455 24.73 -59.82 9.28
N ASN C 1456 25.25 -60.56 10.29
CA ASN C 1456 26.26 -61.61 10.12
C ASN C 1456 25.63 -62.84 9.45
N TYR C 1457 24.29 -63.00 9.55
CA TYR C 1457 23.53 -64.08 8.89
C TYR C 1457 22.98 -63.50 7.58
N VAL C 1458 23.67 -63.78 6.47
CA VAL C 1458 23.34 -63.25 5.14
C VAL C 1458 22.06 -63.92 4.59
N THR C 1459 20.95 -63.16 4.59
CA THR C 1459 19.63 -63.63 4.15
C THR C 1459 19.02 -62.78 3.01
N ASP C 1460 19.86 -62.01 2.29
CA ASP C 1460 19.42 -61.16 1.18
C ASP C 1460 20.45 -61.08 0.07
N VAL C 1461 19.98 -61.12 -1.20
CA VAL C 1461 20.77 -61.12 -2.44
C VAL C 1461 21.82 -59.99 -2.48
N LYS C 1462 21.41 -58.74 -2.18
CA LYS C 1462 22.31 -57.57 -2.19
C LYS C 1462 23.52 -57.73 -1.25
N SER C 1463 23.31 -58.38 -0.08
CA SER C 1463 24.36 -58.62 0.90
C SER C 1463 25.32 -59.74 0.47
N TRP C 1464 24.81 -60.77 -0.25
CA TRP C 1464 25.61 -61.88 -0.77
C TRP C 1464 26.51 -61.37 -1.90
N LEU C 1465 25.97 -60.45 -2.74
CA LEU C 1465 26.67 -59.84 -3.86
C LEU C 1465 27.85 -58.98 -3.42
N VAL C 1466 27.66 -58.20 -2.32
CA VAL C 1466 28.67 -57.32 -1.72
C VAL C 1466 29.93 -58.14 -1.35
N MET C 1467 29.73 -59.34 -0.77
CA MET C 1467 30.78 -60.30 -0.37
C MET C 1467 31.69 -60.68 -1.54
N PHE C 1468 31.08 -60.86 -2.74
CA PHE C 1468 31.77 -61.26 -3.96
C PHE C 1468 32.46 -60.09 -4.70
N GLY C 1469 32.44 -58.91 -4.09
CA GLY C 1469 33.07 -57.71 -4.64
C GLY C 1469 32.16 -56.86 -5.50
N PHE C 1470 30.94 -57.37 -5.82
CA PHE C 1470 29.93 -56.69 -6.63
C PHE C 1470 29.51 -55.38 -5.99
N GLN C 1471 29.43 -54.33 -6.80
CA GLN C 1471 29.01 -52.99 -6.36
C GLN C 1471 27.91 -52.51 -7.30
N LEU C 1472 26.66 -52.96 -7.02
CA LEU C 1472 25.45 -52.64 -7.79
C LEU C 1472 25.17 -51.13 -7.85
N SER C 1473 25.66 -50.39 -6.85
CA SER C 1473 25.54 -48.94 -6.72
C SER C 1473 26.25 -48.22 -7.88
N ASN C 1474 27.31 -48.84 -8.44
CA ASN C 1474 28.10 -48.33 -9.55
C ASN C 1474 27.50 -48.64 -10.93
N ILE C 1475 26.66 -49.69 -11.03
CA ILE C 1475 26.07 -50.10 -12.31
C ILE C 1475 24.56 -49.78 -12.42
N ILE C 1476 23.84 -49.71 -11.28
CA ILE C 1476 22.41 -49.36 -11.24
C ILE C 1476 22.30 -47.96 -10.61
N PRO C 1477 22.03 -46.91 -11.40
CA PRO C 1477 21.91 -45.55 -10.83
C PRO C 1477 20.80 -45.45 -9.79
N GLY C 1478 21.15 -44.90 -8.63
CA GLY C 1478 20.22 -44.72 -7.51
C GLY C 1478 20.22 -45.84 -6.50
N PHE C 1479 20.80 -47.01 -6.83
CA PHE C 1479 20.87 -48.18 -5.96
C PHE C 1479 21.65 -47.86 -4.67
N PRO C 1480 21.11 -48.21 -3.47
CA PRO C 1480 21.81 -47.87 -2.23
C PRO C 1480 23.19 -48.52 -2.03
N ARG C 1481 24.19 -47.69 -1.70
CA ARG C 1481 25.57 -48.12 -1.45
C ARG C 1481 25.69 -48.67 -0.03
N ALA C 1482 26.39 -49.81 0.12
CA ALA C 1482 26.62 -50.47 1.41
C ALA C 1482 27.49 -49.58 2.30
N LYS C 1483 26.96 -49.23 3.49
CA LYS C 1483 27.62 -48.35 4.47
C LYS C 1483 28.87 -48.97 5.07
N MET C 1484 30.00 -48.26 4.95
CA MET C 1484 31.30 -48.67 5.47
C MET C 1484 31.72 -47.71 6.60
N TYR C 1485 31.01 -47.81 7.75
CA TYR C 1485 31.26 -46.98 8.93
C TYR C 1485 31.38 -47.83 10.19
N PHE C 1486 32.40 -47.51 11.02
CA PHE C 1486 32.57 -48.14 12.32
C PHE C 1486 31.73 -47.31 13.29
N VAL C 1487 31.91 -45.98 13.27
CA VAL C 1487 31.16 -45.00 14.04
C VAL C 1487 30.19 -44.31 13.06
N SER C 1488 28.90 -44.26 13.42
CA SER C 1488 27.84 -43.64 12.62
C SER C 1488 28.13 -42.15 12.40
N PRO C 1489 28.01 -41.61 11.17
CA PRO C 1489 28.33 -40.18 10.93
C PRO C 1489 27.30 -39.22 11.56
N PRO C 1490 27.64 -37.91 11.75
CA PRO C 1490 26.64 -36.99 12.31
C PRO C 1490 25.49 -36.71 11.35
N TYR C 1491 24.32 -36.32 11.92
CA TYR C 1491 23.07 -36.03 11.20
C TYR C 1491 23.25 -35.19 9.93
N GLU C 1492 23.95 -34.04 10.03
CA GLU C 1492 24.20 -33.12 8.91
C GLU C 1492 24.98 -33.72 7.74
N LEU C 1493 25.89 -34.66 8.04
CA LEU C 1493 26.73 -35.32 7.05
C LEU C 1493 25.91 -36.29 6.19
N THR C 1494 25.11 -37.17 6.84
CA THR C 1494 24.24 -38.14 6.17
C THR C 1494 23.11 -37.42 5.42
N GLU C 1495 22.67 -36.26 5.96
CA GLU C 1495 21.62 -35.42 5.37
C GLU C 1495 22.11 -34.71 4.10
N SER C 1496 23.39 -34.28 4.07
CA SER C 1496 24.00 -33.60 2.92
C SER C 1496 24.12 -34.49 1.68
N GLN C 1497 24.16 -35.82 1.88
CA GLN C 1497 24.24 -36.82 0.81
C GLN C 1497 22.84 -37.18 0.29
N ALA C 1498 21.86 -37.32 1.20
CA ALA C 1498 20.48 -37.70 0.93
C ALA C 1498 19.55 -36.54 0.49
N CYS C 1499 20.01 -35.28 0.57
CA CYS C 1499 19.19 -34.12 0.19
C CYS C 1499 18.99 -34.00 -1.33
N GLU C 1500 19.90 -34.58 -2.13
CA GLU C 1500 19.82 -34.57 -3.60
C GLU C 1500 18.71 -35.50 -4.12
N ASN C 1501 18.26 -36.45 -3.28
CA ASN C 1501 17.17 -37.40 -3.58
C ASN C 1501 15.84 -36.64 -3.63
N GLY C 1502 14.93 -37.09 -4.50
CA GLY C 1502 13.61 -36.50 -4.70
C GLY C 1502 12.75 -36.45 -3.44
N GLN C 1503 12.08 -35.31 -3.22
CA GLN C 1503 11.20 -35.05 -2.07
C GLN C 1503 9.92 -35.92 -2.14
N LEU C 1504 9.25 -36.15 -1.00
CA LEU C 1504 8.04 -36.99 -0.94
C LEU C 1504 6.82 -36.31 -0.28
N ILE C 1505 6.69 -34.98 -0.47
CA ILE C 1505 5.59 -34.18 0.09
C ILE C 1505 4.26 -34.46 -0.61
N THR C 1506 4.25 -34.41 -1.96
CA THR C 1506 3.06 -34.60 -2.79
C THR C 1506 2.86 -36.07 -3.21
N GLY C 1507 1.64 -36.38 -3.66
CA GLY C 1507 1.23 -37.70 -4.12
C GLY C 1507 1.94 -38.18 -5.38
N VAL C 1508 2.22 -37.26 -6.32
CA VAL C 1508 2.92 -37.58 -7.58
C VAL C 1508 4.40 -37.92 -7.30
N GLN C 1509 4.98 -37.32 -6.24
CA GLN C 1509 6.34 -37.55 -5.79
C GLN C 1509 6.45 -38.96 -5.18
N GLN C 1510 5.39 -39.40 -4.48
CA GLN C 1510 5.29 -40.73 -3.86
C GLN C 1510 5.05 -41.82 -4.91
N THR C 1511 4.32 -41.49 -6.00
CA THR C 1511 4.04 -42.40 -7.13
C THR C 1511 5.36 -42.68 -7.85
N THR C 1512 6.18 -41.64 -8.06
CA THR C 1512 7.50 -41.66 -8.68
C THR C 1512 8.46 -42.57 -7.90
N GLU C 1513 8.45 -42.46 -6.55
CA GLU C 1513 9.29 -43.25 -5.65
C GLU C 1513 8.93 -44.73 -5.69
N ARG C 1514 7.63 -45.06 -5.80
CA ARG C 1514 7.13 -46.43 -5.92
C ARG C 1514 7.69 -47.07 -7.18
N HIS C 1515 7.73 -46.29 -8.28
CA HIS C 1515 8.27 -46.68 -9.58
C HIS C 1515 9.77 -46.95 -9.48
N ASN C 1516 10.50 -46.12 -8.70
CA ASN C 1516 11.94 -46.25 -8.48
C ASN C 1516 12.31 -47.47 -7.62
N GLN C 1517 11.64 -47.62 -6.45
CA GLN C 1517 11.87 -48.71 -5.50
C GLN C 1517 11.53 -50.09 -6.07
N ALA C 1518 10.40 -50.20 -6.83
CA ALA C 1518 9.97 -51.44 -7.46
C ALA C 1518 10.95 -51.88 -8.55
N PHE C 1519 11.62 -50.89 -9.18
CA PHE C 1519 12.62 -51.12 -10.21
C PHE C 1519 13.94 -51.66 -9.62
N MET C 1520 14.28 -51.26 -8.38
CA MET C 1520 15.52 -51.69 -7.69
C MET C 1520 15.39 -53.02 -6.92
N ALA C 1521 14.16 -53.55 -6.79
CA ALA C 1521 13.88 -54.82 -6.07
C ALA C 1521 14.52 -56.04 -6.77
N LEU C 1522 15.19 -56.90 -5.98
CA LEU C 1522 15.87 -58.09 -6.49
C LEU C 1522 15.10 -59.40 -6.24
N GLU C 1523 14.98 -59.82 -4.96
CA GLU C 1523 14.27 -61.05 -4.57
C GLU C 1523 12.77 -60.88 -4.76
N GLY C 1524 12.09 -61.99 -5.06
CA GLY C 1524 10.64 -62.03 -5.21
C GLY C 1524 9.94 -61.94 -3.85
N GLN C 1525 10.66 -62.35 -2.78
CA GLN C 1525 10.22 -62.36 -1.39
C GLN C 1525 11.41 -62.12 -0.45
N VAL C 1526 11.27 -61.17 0.50
CA VAL C 1526 12.30 -60.81 1.47
C VAL C 1526 11.80 -61.17 2.89
N ILE C 1527 12.66 -61.82 3.70
CA ILE C 1527 12.34 -62.20 5.08
C ILE C 1527 12.47 -61.01 6.03
N SER C 1528 11.73 -61.03 7.14
CA SER C 1528 11.81 -59.99 8.17
C SER C 1528 12.81 -60.48 9.22
N LYS C 1529 14.10 -60.13 9.02
CA LYS C 1529 15.20 -60.53 9.89
C LYS C 1529 15.18 -59.74 11.21
N ARG C 1530 14.27 -60.15 12.11
CA ARG C 1530 14.07 -59.53 13.42
C ARG C 1530 13.78 -60.60 14.47
N LEU C 1531 14.65 -60.68 15.49
CA LEU C 1531 14.47 -61.61 16.61
C LEU C 1531 13.97 -60.83 17.83
N HIS C 1532 12.98 -59.94 17.59
CA HIS C 1532 12.30 -59.09 18.58
C HIS C 1532 10.88 -58.80 18.12
N ALA C 1533 9.96 -58.55 19.08
CA ALA C 1533 8.56 -58.26 18.79
C ALA C 1533 8.37 -56.86 18.19
N SER C 1534 7.41 -56.74 17.25
CA SER C 1534 7.09 -55.49 16.57
C SER C 1534 6.37 -54.51 17.51
N ILE C 1535 6.86 -53.27 17.58
CA ILE C 1535 6.34 -52.20 18.44
C ILE C 1535 5.74 -51.07 17.57
N ARG C 1536 4.58 -50.52 17.99
CA ARG C 1536 3.93 -49.39 17.32
C ARG C 1536 4.77 -48.14 17.60
N GLU C 1537 5.46 -47.63 16.56
CA GLU C 1537 6.34 -46.47 16.68
C GLU C 1537 5.70 -45.18 16.15
N LYS C 1538 5.78 -44.10 16.95
CA LYS C 1538 5.25 -42.77 16.62
C LYS C 1538 6.41 -41.83 16.26
N ALA C 1539 6.14 -40.82 15.40
CA ALA C 1539 7.14 -39.84 14.93
C ALA C 1539 7.62 -38.91 16.05
N GLY C 1540 8.90 -39.04 16.40
CA GLY C 1540 9.55 -38.24 17.44
C GLY C 1540 9.28 -38.65 18.87
N HIS C 1541 8.51 -39.74 19.09
CA HIS C 1541 8.17 -40.29 20.41
C HIS C 1541 9.09 -41.47 20.72
N TRP C 1542 10.02 -41.29 21.67
CA TRP C 1542 10.98 -42.32 22.03
C TRP C 1542 10.55 -43.10 23.26
N PHE C 1543 10.03 -42.41 24.29
CA PHE C 1543 9.70 -42.98 25.58
C PHE C 1543 8.24 -42.85 26.00
N ALA C 1544 7.93 -43.37 27.21
CA ALA C 1544 6.61 -43.34 27.84
C ALA C 1544 6.09 -41.91 27.88
N THR C 1545 4.88 -41.72 27.39
CA THR C 1545 4.24 -40.42 27.28
C THR C 1545 3.67 -39.90 28.60
N SER C 1546 3.98 -38.63 28.90
CA SER C 1546 3.51 -37.89 30.08
C SER C 1546 2.14 -37.30 29.80
N THR C 1547 1.29 -37.16 30.85
CA THR C 1547 -0.05 -36.58 30.73
C THR C 1547 0.04 -35.17 30.14
N PRO C 1548 -0.65 -34.88 29.01
CA PRO C 1548 -0.52 -33.55 28.42
C PRO C 1548 -1.35 -32.47 29.11
N ILE C 1549 -0.92 -31.20 28.97
CA ILE C 1549 -1.65 -30.04 29.48
C ILE C 1549 -2.82 -29.83 28.51
N ILE C 1550 -2.53 -29.87 27.19
CA ILE C 1550 -3.53 -29.81 26.11
C ILE C 1550 -4.12 -31.23 26.07
N GLY C 1551 -5.23 -31.43 26.78
CA GLY C 1551 -5.90 -32.72 26.93
C GLY C 1551 -6.44 -33.36 25.67
N LYS C 1552 -6.89 -34.62 25.80
CA LYS C 1552 -7.49 -35.41 24.73
C LYS C 1552 -8.83 -34.75 24.38
N GLY C 1553 -9.05 -34.51 23.09
CA GLY C 1553 -10.26 -33.87 22.59
C GLY C 1553 -10.18 -32.36 22.53
N ILE C 1554 -8.99 -31.80 22.82
CA ILE C 1554 -8.73 -30.35 22.79
C ILE C 1554 -7.91 -29.99 21.55
N MET C 1555 -8.38 -28.99 20.80
CA MET C 1555 -7.67 -28.46 19.63
C MET C 1555 -6.84 -27.28 20.10
N PHE C 1556 -5.59 -27.21 19.64
CA PHE C 1556 -4.65 -26.15 19.97
C PHE C 1556 -3.90 -25.76 18.71
N ALA C 1557 -3.94 -24.46 18.36
CA ALA C 1557 -3.29 -23.95 17.15
C ALA C 1557 -2.55 -22.64 17.40
N VAL C 1558 -1.32 -22.53 16.87
CA VAL C 1558 -0.49 -21.34 16.97
C VAL C 1558 -0.18 -20.88 15.53
N LYS C 1559 -0.96 -19.90 15.04
CA LYS C 1559 -0.84 -19.32 13.70
C LYS C 1559 -0.34 -17.88 13.82
N LYS C 1560 0.88 -17.61 13.29
CA LYS C 1560 1.56 -16.31 13.32
C LYS C 1560 1.67 -15.70 14.74
N GLY C 1561 1.89 -16.58 15.72
CA GLY C 1561 2.02 -16.22 17.13
C GLY C 1561 0.70 -16.04 17.86
N ARG C 1562 -0.44 -16.31 17.19
CA ARG C 1562 -1.78 -16.17 17.78
C ARG C 1562 -2.36 -17.54 18.13
N VAL C 1563 -2.87 -17.69 19.37
CA VAL C 1563 -3.43 -18.95 19.87
C VAL C 1563 -4.94 -19.04 19.69
N THR C 1564 -5.40 -20.16 19.13
CA THR C 1564 -6.80 -20.51 18.93
C THR C 1564 -7.01 -21.93 19.46
N THR C 1565 -8.11 -22.15 20.19
CA THR C 1565 -8.44 -23.46 20.77
C THR C 1565 -9.84 -23.94 20.38
N GLY C 1566 -10.01 -25.26 20.35
CA GLY C 1566 -11.26 -25.93 20.03
C GLY C 1566 -11.57 -27.04 21.01
N ILE C 1567 -12.84 -27.47 21.05
CA ILE C 1567 -13.32 -28.51 21.96
C ILE C 1567 -14.12 -29.59 21.24
N SER C 1568 -13.81 -30.87 21.51
CA SER C 1568 -14.54 -32.03 20.98
C SER C 1568 -15.32 -32.71 22.13
N SER C 1569 -16.22 -33.66 21.80
CA SER C 1569 -17.08 -34.37 22.74
C SER C 1569 -16.36 -35.12 23.88
N ILE C 1570 -15.23 -35.79 23.57
CA ILE C 1570 -14.48 -36.59 24.55
C ILE C 1570 -13.72 -35.75 25.61
N ALA C 1571 -13.41 -34.48 25.31
CA ALA C 1571 -12.69 -33.58 26.22
C ALA C 1571 -13.34 -33.47 27.61
N THR C 1572 -12.52 -33.57 28.67
CA THR C 1572 -12.98 -33.46 30.06
C THR C 1572 -13.23 -31.99 30.38
N ASP C 1573 -13.98 -31.70 31.46
CA ASP C 1573 -14.30 -30.33 31.88
C ASP C 1573 -13.05 -29.52 32.23
N ASP C 1574 -12.07 -30.15 32.91
CA ASP C 1574 -10.80 -29.50 33.30
C ASP C 1574 -9.89 -29.19 32.11
N SER C 1575 -9.98 -30.00 31.02
CA SER C 1575 -9.22 -29.81 29.79
C SER C 1575 -9.80 -28.63 29.00
N ARG C 1576 -11.14 -28.44 29.09
CA ARG C 1576 -11.90 -27.36 28.45
C ARG C 1576 -11.59 -26.03 29.13
N LYS C 1577 -11.26 -26.08 30.46
CA LYS C 1577 -10.91 -24.92 31.28
C LYS C 1577 -9.58 -24.33 30.80
N ILE C 1578 -8.58 -25.20 30.55
CA ILE C 1578 -7.24 -24.84 30.05
C ILE C 1578 -7.36 -24.24 28.64
N ALA C 1579 -8.20 -24.86 27.78
CA ALA C 1579 -8.47 -24.43 26.41
C ALA C 1579 -9.09 -23.03 26.36
N SER C 1580 -10.06 -22.76 27.25
CA SER C 1580 -10.75 -21.47 27.38
C SER C 1580 -9.79 -20.35 27.78
N VAL C 1581 -8.85 -20.65 28.70
CA VAL C 1581 -7.84 -19.70 29.19
C VAL C 1581 -6.79 -19.41 28.10
N LEU C 1582 -6.33 -20.45 27.39
CA LEU C 1582 -5.31 -20.32 26.34
C LEU C 1582 -5.81 -19.66 25.05
N ASN C 1583 -7.13 -19.66 24.78
CA ASN C 1583 -7.71 -19.06 23.58
C ASN C 1583 -7.46 -17.55 23.53
N SER C 1584 -7.13 -17.03 22.31
CA SER C 1584 -6.83 -15.63 21.98
C SER C 1584 -5.50 -15.10 22.55
N ALA C 1585 -4.68 -15.97 23.16
CA ALA C 1585 -3.37 -15.57 23.71
C ALA C 1585 -2.33 -15.40 22.60
N HIS C 1586 -1.26 -14.64 22.88
CA HIS C 1586 -0.18 -14.43 21.92
C HIS C 1586 1.10 -15.12 22.40
N TYR C 1587 1.57 -16.11 21.65
CA TYR C 1587 2.78 -16.89 21.97
C TYR C 1587 4.06 -16.13 21.66
N LEU C 1588 5.02 -16.18 22.59
CA LEU C 1588 6.33 -15.55 22.45
C LEU C 1588 7.22 -16.49 21.63
N GLU C 1589 7.16 -16.34 20.29
CA GLU C 1589 7.90 -17.16 19.32
C GLU C 1589 9.41 -17.04 19.51
N LYS C 1590 10.12 -18.18 19.44
CA LYS C 1590 11.58 -18.33 19.60
C LYS C 1590 12.11 -17.98 21.00
N MET C 1591 11.20 -17.57 21.93
CA MET C 1591 11.56 -17.18 23.29
C MET C 1591 10.99 -18.14 24.35
N HIS C 1592 11.31 -19.43 24.18
CA HIS C 1592 10.96 -20.52 25.09
C HIS C 1592 12.28 -21.12 25.57
N TYR C 1593 12.43 -21.35 26.89
CA TYR C 1593 13.69 -21.84 27.44
C TYR C 1593 13.52 -22.97 28.45
N SER C 1594 14.64 -23.67 28.75
CA SER C 1594 14.70 -24.72 29.76
C SER C 1594 15.22 -24.06 31.03
N ILE C 1595 14.30 -23.67 31.92
CA ILE C 1595 14.61 -22.99 33.18
C ILE C 1595 14.35 -23.95 34.34
N GLU C 1596 15.42 -24.30 35.10
CA GLU C 1596 15.41 -25.22 36.25
C GLU C 1596 14.83 -26.60 35.87
N GLY C 1597 15.15 -27.06 34.66
CA GLY C 1597 14.68 -28.33 34.12
C GLY C 1597 13.32 -28.24 33.42
N LYS C 1598 12.58 -27.14 33.66
CA LYS C 1598 11.25 -26.90 33.10
C LYS C 1598 11.26 -26.36 31.67
N ASP C 1599 10.51 -27.02 30.79
CA ASP C 1599 10.29 -26.67 29.39
C ASP C 1599 9.26 -25.53 29.41
N THR C 1600 9.74 -24.29 29.65
CA THR C 1600 8.89 -23.10 29.81
C THR C 1600 8.52 -22.42 28.49
N HIS C 1601 7.22 -22.13 28.32
CA HIS C 1601 6.66 -21.45 27.17
C HIS C 1601 5.87 -20.23 27.64
N TYR C 1602 6.18 -19.05 27.05
CA TYR C 1602 5.57 -17.78 27.42
C TYR C 1602 4.47 -17.32 26.47
N PHE C 1603 3.35 -16.86 27.07
CA PHE C 1603 2.15 -16.37 26.39
C PHE C 1603 1.67 -15.08 27.04
N VAL C 1604 0.95 -14.24 26.28
CA VAL C 1604 0.37 -12.97 26.76
C VAL C 1604 -1.10 -12.85 26.38
N LYS C 1605 -1.88 -12.19 27.24
CA LYS C 1605 -3.30 -11.95 26.99
C LYS C 1605 -3.65 -10.49 27.23
N ILE C 1606 -4.20 -9.83 26.20
CA ILE C 1606 -4.60 -8.42 26.29
C ILE C 1606 -6.06 -8.35 26.76
N GLY C 1607 -6.22 -7.97 28.02
CA GLY C 1607 -7.49 -7.85 28.71
C GLY C 1607 -7.36 -8.18 30.18
N SER C 1608 -8.48 -8.54 30.82
CA SER C 1608 -8.50 -8.88 32.24
C SER C 1608 -8.58 -10.38 32.47
N ALA C 1609 -7.95 -10.85 33.56
CA ALA C 1609 -7.93 -12.27 33.97
C ALA C 1609 -9.22 -12.72 34.64
N ASP C 1610 -10.12 -11.76 34.98
CA ASP C 1610 -11.41 -11.99 35.65
C ASP C 1610 -12.25 -13.08 35.02
N SER C 1611 -12.44 -13.02 33.69
CA SER C 1611 -13.23 -14.00 32.92
C SER C 1611 -12.61 -15.39 33.00
N ASP C 1612 -11.28 -15.48 32.88
CA ASP C 1612 -10.53 -16.73 32.95
C ASP C 1612 -10.42 -17.30 34.36
N LEU C 1613 -10.48 -16.43 35.39
CA LEU C 1613 -10.44 -16.84 36.81
C LEU C 1613 -11.74 -17.50 37.25
N VAL C 1614 -12.87 -17.08 36.64
CA VAL C 1614 -14.21 -17.63 36.87
C VAL C 1614 -14.24 -19.06 36.29
N THR C 1615 -13.63 -19.24 35.10
CA THR C 1615 -13.50 -20.51 34.38
C THR C 1615 -12.69 -21.52 35.22
N LEU C 1616 -11.54 -21.09 35.77
CA LEU C 1616 -10.66 -21.91 36.60
C LEU C 1616 -11.21 -22.17 38.01
N ALA C 1617 -12.25 -21.38 38.42
CA ALA C 1617 -12.92 -21.42 39.73
C ALA C 1617 -11.94 -21.22 40.89
N MET C 1618 -11.07 -20.20 40.76
CA MET C 1618 -10.04 -19.82 41.75
C MET C 1618 -9.72 -18.33 41.69
N THR C 1619 -9.08 -17.80 42.75
CA THR C 1619 -8.68 -16.39 42.87
C THR C 1619 -7.16 -16.24 42.91
N SER C 1620 -6.49 -17.09 43.73
CA SER C 1620 -5.04 -17.12 43.91
C SER C 1620 -4.58 -18.50 44.43
N GLY C 1621 -3.27 -18.72 44.44
CA GLY C 1621 -2.66 -19.96 44.90
C GLY C 1621 -2.53 -21.03 43.84
N ARG C 1622 -2.42 -22.30 44.27
CA ARG C 1622 -2.26 -23.47 43.40
C ARG C 1622 -3.46 -24.42 43.51
N LYS C 1623 -3.96 -24.90 42.35
CA LYS C 1623 -5.08 -25.84 42.23
C LYS C 1623 -4.65 -27.03 41.38
N VAL C 1624 -5.01 -28.25 41.83
CA VAL C 1624 -4.69 -29.51 41.13
C VAL C 1624 -5.95 -30.02 40.42
N LEU C 1625 -5.85 -30.23 39.11
CA LEU C 1625 -6.96 -30.72 38.27
C LEU C 1625 -7.04 -32.26 38.31
N ASP C 1626 -8.12 -32.84 37.72
CA ASP C 1626 -8.35 -34.29 37.66
C ASP C 1626 -7.21 -35.05 36.95
N SER C 1627 -6.59 -34.39 35.95
CA SER C 1627 -5.46 -34.91 35.17
C SER C 1627 -4.15 -34.88 35.99
N GLY C 1628 -4.08 -34.01 36.99
CA GLY C 1628 -2.91 -33.83 37.84
C GLY C 1628 -2.17 -32.53 37.56
N VAL C 1629 -2.62 -31.78 36.52
CA VAL C 1629 -2.07 -30.51 36.07
C VAL C 1629 -2.22 -29.43 37.14
N ASN C 1630 -1.12 -28.74 37.47
CA ASN C 1630 -1.08 -27.67 38.46
C ASN C 1630 -1.43 -26.33 37.81
N VAL C 1631 -2.35 -25.58 38.43
CA VAL C 1631 -2.77 -24.23 38.00
C VAL C 1631 -2.36 -23.27 39.11
N THR C 1632 -1.38 -22.39 38.83
CA THR C 1632 -0.89 -21.42 39.81
C THR C 1632 -1.22 -19.99 39.37
N VAL C 1633 -2.05 -19.30 40.16
CA VAL C 1633 -2.45 -17.92 39.92
C VAL C 1633 -1.73 -17.02 40.92
N SER C 1634 -1.02 -16.00 40.42
CA SER C 1634 -0.25 -15.07 41.25
C SER C 1634 -0.21 -13.67 40.64
N GLN C 1635 0.22 -12.69 41.45
CA GLN C 1635 0.39 -11.31 41.00
C GLN C 1635 1.84 -10.87 41.28
N PRO C 1636 2.82 -11.35 40.47
CA PRO C 1636 4.22 -11.00 40.73
C PRO C 1636 4.59 -9.55 40.41
N THR C 1637 5.63 -9.05 41.10
CA THR C 1637 6.19 -7.72 40.91
C THR C 1637 7.64 -7.92 40.47
N LEU C 1638 7.94 -7.53 39.22
CA LEU C 1638 9.27 -7.70 38.64
C LEU C 1638 10.01 -6.39 38.42
N LEU C 1639 11.33 -6.40 38.68
CA LEU C 1639 12.22 -5.27 38.45
C LEU C 1639 13.07 -5.61 37.23
N ILE C 1640 12.68 -5.07 36.06
CA ILE C 1640 13.36 -5.30 34.79
C ILE C 1640 13.91 -3.97 34.26
N ASN C 1641 15.27 -3.83 34.27
CA ASN C 1641 16.01 -2.65 33.80
C ASN C 1641 15.57 -1.34 34.48
N GLY C 1642 15.42 -1.39 35.81
CA GLY C 1642 14.99 -0.25 36.61
C GLY C 1642 13.49 -0.08 36.73
N ARG C 1643 12.73 -0.55 35.72
CA ARG C 1643 11.27 -0.48 35.66
C ARG C 1643 10.62 -1.52 36.55
N THR C 1644 9.61 -1.11 37.33
CA THR C 1644 8.83 -1.98 38.20
C THR C 1644 7.51 -2.29 37.49
N ARG C 1645 7.09 -3.57 37.50
CA ARG C 1645 5.84 -3.97 36.88
C ARG C 1645 5.13 -5.09 37.62
N ARG C 1646 3.81 -4.93 37.80
CA ARG C 1646 2.93 -5.87 38.48
C ARG C 1646 1.84 -6.32 37.51
N PHE C 1647 1.56 -7.63 37.47
CA PHE C 1647 0.57 -8.23 36.55
C PHE C 1647 0.03 -9.55 37.07
N THR C 1648 -1.15 -9.97 36.58
CA THR C 1648 -1.72 -11.27 36.93
C THR C 1648 -1.01 -12.33 36.08
N ASN C 1649 -0.65 -13.45 36.69
CA ASN C 1649 0.07 -14.54 36.05
C ASN C 1649 -0.62 -15.88 36.31
N ILE C 1650 -1.03 -16.57 35.22
CA ILE C 1650 -1.63 -17.90 35.30
C ILE C 1650 -0.61 -18.89 34.72
N GLU C 1651 -0.23 -19.89 35.52
CA GLU C 1651 0.75 -20.91 35.14
C GLU C 1651 0.16 -22.32 35.15
N PHE C 1652 0.26 -23.03 34.02
CA PHE C 1652 -0.19 -24.41 33.87
C PHE C 1652 1.06 -25.30 33.83
N GLN C 1653 1.14 -26.32 34.72
CA GLN C 1653 2.32 -27.17 34.81
C GLN C 1653 2.03 -28.65 35.10
N TYR C 1654 2.68 -29.54 34.33
CA TYR C 1654 2.68 -30.98 34.52
C TYR C 1654 4.11 -31.46 34.26
N SER C 1655 4.72 -32.09 35.29
CA SER C 1655 6.10 -32.61 35.27
C SER C 1655 7.07 -31.49 34.83
N THR C 1656 7.80 -31.65 33.70
CA THR C 1656 8.73 -30.61 33.23
C THR C 1656 8.05 -29.57 32.33
N LEU C 1657 6.84 -29.84 31.80
CA LEU C 1657 6.16 -28.88 30.93
C LEU C 1657 5.52 -27.75 31.73
N LEU C 1658 5.85 -26.50 31.38
CA LEU C 1658 5.35 -25.28 32.03
C LEU C 1658 4.87 -24.28 30.98
N ILE C 1659 3.59 -23.88 31.06
CA ILE C 1659 2.95 -22.90 30.18
C ILE C 1659 2.58 -21.69 31.05
N ASN C 1660 3.17 -20.52 30.73
CA ASN C 1660 2.97 -19.28 31.49
C ASN C 1660 2.21 -18.22 30.69
N ILE C 1661 1.19 -17.60 31.32
CA ILE C 1661 0.36 -16.55 30.70
C ILE C 1661 0.42 -15.24 31.51
N ARG C 1662 0.83 -14.15 30.84
CA ARG C 1662 0.91 -12.80 31.41
C ARG C 1662 -0.30 -11.98 30.94
N TYR C 1663 -0.96 -11.26 31.86
CA TYR C 1663 -2.10 -10.42 31.53
C TYR C 1663 -1.72 -8.94 31.56
N GLY C 1664 -2.22 -8.20 30.58
CA GLY C 1664 -1.99 -6.77 30.41
C GLY C 1664 -3.11 -6.09 29.63
N LEU C 1665 -3.16 -4.76 29.68
CA LEU C 1665 -4.19 -3.98 28.98
C LEU C 1665 -3.64 -3.17 27.83
N THR C 1666 -2.39 -2.69 27.97
CA THR C 1666 -1.68 -1.89 26.97
C THR C 1666 -1.29 -2.71 25.74
N ALA C 1667 -0.99 -2.02 24.62
CA ALA C 1667 -0.57 -2.66 23.36
C ALA C 1667 0.86 -3.19 23.47
N ASP C 1668 1.68 -2.56 24.33
CA ASP C 1668 3.08 -2.92 24.58
C ASP C 1668 3.28 -4.14 25.50
N THR C 1669 2.18 -4.85 25.88
CA THR C 1669 2.20 -6.04 26.76
C THR C 1669 3.13 -7.14 26.20
N LEU C 1670 3.00 -7.45 24.89
CA LEU C 1670 3.82 -8.46 24.20
C LEU C 1670 5.30 -8.03 24.17
N ASP C 1671 5.56 -6.74 23.90
CA ASP C 1671 6.91 -6.17 23.85
C ASP C 1671 7.56 -6.11 25.23
N GLU C 1672 6.75 -5.90 26.30
CA GLU C 1672 7.22 -5.83 27.68
C GLU C 1672 7.61 -7.22 28.20
N GLU C 1673 6.81 -8.26 27.87
CA GLU C 1673 7.06 -9.65 28.25
C GLU C 1673 8.30 -10.17 27.52
N LYS C 1674 8.46 -9.78 26.23
CA LYS C 1674 9.63 -10.14 25.41
C LYS C 1674 10.90 -9.56 26.03
N ALA C 1675 10.85 -8.29 26.49
CA ALA C 1675 11.96 -7.59 27.14
C ALA C 1675 12.24 -8.19 28.53
N ARG C 1676 11.20 -8.70 29.21
CA ARG C 1676 11.29 -9.32 30.54
C ARG C 1676 11.97 -10.69 30.47
N VAL C 1677 11.49 -11.58 29.56
CA VAL C 1677 12.02 -12.94 29.40
C VAL C 1677 13.48 -12.94 28.90
N LEU C 1678 13.83 -11.96 28.03
CA LEU C 1678 15.19 -11.82 27.49
C LEU C 1678 16.15 -11.32 28.56
N ASP C 1679 15.69 -10.41 29.45
CA ASP C 1679 16.49 -9.87 30.55
C ASP C 1679 16.74 -10.95 31.61
N GLN C 1680 15.72 -11.78 31.89
CA GLN C 1680 15.81 -12.89 32.85
C GLN C 1680 16.75 -13.98 32.32
N ALA C 1681 16.72 -14.22 30.99
CA ALA C 1681 17.60 -15.18 30.31
C ALA C 1681 19.03 -14.64 30.29
N ARG C 1682 19.20 -13.31 30.08
CA ARG C 1682 20.50 -12.63 30.08
C ARG C 1682 21.16 -12.79 31.46
N GLN C 1683 20.36 -12.69 32.54
CA GLN C 1683 20.80 -12.87 33.94
C GLN C 1683 21.27 -14.30 34.18
N ARG C 1684 20.56 -15.29 33.57
CA ARG C 1684 20.89 -16.73 33.68
C ARG C 1684 22.19 -17.02 32.93
N ALA C 1685 22.34 -16.48 31.71
CA ALA C 1685 23.53 -16.62 30.86
C ALA C 1685 24.76 -16.01 31.54
N LEU C 1686 24.62 -14.79 32.11
CA LEU C 1686 25.69 -14.10 32.80
C LEU C 1686 26.05 -14.75 34.13
N GLY C 1687 25.03 -15.19 34.87
CA GLY C 1687 25.19 -15.87 36.15
C GLY C 1687 25.97 -17.17 36.01
N SER C 1688 25.64 -17.96 34.97
CA SER C 1688 26.28 -19.22 34.64
C SER C 1688 27.71 -19.01 34.11
N ALA C 1689 27.90 -18.06 33.17
CA ALA C 1689 29.20 -17.76 32.56
C ALA C 1689 30.26 -17.29 33.57
N TRP C 1690 29.87 -16.41 34.53
CA TRP C 1690 30.77 -15.92 35.57
C TRP C 1690 31.14 -17.03 36.56
N ALA C 1691 30.16 -17.91 36.89
CA ALA C 1691 30.34 -19.05 37.79
C ALA C 1691 31.33 -20.05 37.21
N LYS C 1692 31.21 -20.33 35.89
CA LYS C 1692 32.09 -21.24 35.14
C LYS C 1692 33.49 -20.65 35.05
N GLU C 1693 33.59 -19.31 34.89
CA GLU C 1693 34.86 -18.57 34.81
C GLU C 1693 35.59 -18.60 36.16
N GLN C 1694 34.82 -18.47 37.28
CA GLN C 1694 35.34 -18.51 38.64
C GLN C 1694 35.86 -19.93 38.96
N GLN C 1695 35.11 -20.96 38.50
CA GLN C 1695 35.46 -22.37 38.68
C GLN C 1695 36.75 -22.74 37.94
N LYS C 1696 36.98 -22.15 36.75
CA LYS C 1696 38.19 -22.36 35.94
C LYS C 1696 39.42 -21.83 36.70
N ALA C 1697 39.28 -20.67 37.35
CA ALA C 1697 40.33 -20.03 38.16
C ALA C 1697 40.63 -20.85 39.42
N ARG C 1698 39.59 -21.44 40.04
CA ARG C 1698 39.68 -22.28 41.24
C ARG C 1698 40.39 -23.60 40.93
N ASP C 1699 40.06 -24.23 39.79
CA ASP C 1699 40.62 -25.51 39.31
C ASP C 1699 42.04 -25.40 38.76
N GLY C 1700 42.46 -24.18 38.41
CA GLY C 1700 43.76 -23.91 37.83
C GLY C 1700 43.77 -24.08 36.32
N ARG C 1701 42.56 -24.13 35.72
CA ARG C 1701 42.33 -24.27 34.28
C ARG C 1701 42.39 -22.91 33.59
N GLU C 1702 42.67 -22.90 32.27
CA GLU C 1702 42.72 -21.69 31.46
C GLU C 1702 41.31 -21.15 31.23
N GLY C 1703 41.17 -19.84 31.41
CA GLY C 1703 39.90 -19.15 31.23
C GLY C 1703 39.59 -18.76 29.81
N SER C 1704 38.39 -18.19 29.59
CA SER C 1704 37.93 -17.73 28.27
C SER C 1704 38.71 -16.49 27.81
N ARG C 1705 39.15 -15.66 28.78
CA ARG C 1705 39.93 -14.44 28.57
C ARG C 1705 41.20 -14.49 29.41
N VAL C 1706 42.25 -13.75 28.99
CA VAL C 1706 43.51 -13.69 29.74
C VAL C 1706 43.37 -12.62 30.86
N TRP C 1707 43.31 -13.09 32.11
CA TRP C 1707 43.18 -12.24 33.30
C TRP C 1707 44.54 -12.05 33.97
N THR C 1708 44.77 -10.85 34.55
CA THR C 1708 46.00 -10.55 35.30
C THR C 1708 45.86 -11.14 36.71
N ASP C 1709 46.97 -11.15 37.50
CA ASP C 1709 46.99 -11.67 38.88
C ASP C 1709 45.93 -11.03 39.78
N GLY C 1710 45.74 -9.71 39.61
CA GLY C 1710 44.76 -8.93 40.35
C GLY C 1710 43.33 -9.23 39.92
N GLU C 1711 43.11 -9.37 38.59
CA GLU C 1711 41.82 -9.70 37.98
C GLU C 1711 41.38 -11.11 38.38
N LYS C 1712 42.33 -12.08 38.37
CA LYS C 1712 42.09 -13.48 38.74
C LYS C 1712 41.71 -13.59 40.22
N GLN C 1713 42.41 -12.84 41.10
CA GLN C 1713 42.13 -12.82 42.54
C GLN C 1713 40.78 -12.19 42.86
N GLN C 1714 40.39 -11.15 42.09
CA GLN C 1714 39.10 -10.46 42.21
C GLN C 1714 37.96 -11.42 41.87
N LEU C 1715 38.16 -12.24 40.83
CA LEU C 1715 37.21 -13.26 40.35
C LEU C 1715 37.03 -14.39 41.39
N LEU C 1716 38.13 -14.77 42.07
CA LEU C 1716 38.12 -15.82 43.09
C LEU C 1716 37.38 -15.40 44.37
N ASN C 1717 37.54 -14.13 44.79
CA ASN C 1717 36.95 -13.59 46.01
C ASN C 1717 35.51 -13.08 45.85
N THR C 1718 35.24 -12.25 44.82
CA THR C 1718 33.91 -11.66 44.61
C THR C 1718 33.02 -12.47 43.66
N GLY C 1719 33.59 -12.96 42.57
CA GLY C 1719 32.87 -13.72 41.55
C GLY C 1719 32.76 -12.97 40.23
N ARG C 1720 32.99 -11.65 40.28
CA ARG C 1720 32.96 -10.73 39.14
C ARG C 1720 34.27 -9.95 39.08
N VAL C 1721 34.61 -9.39 37.90
CA VAL C 1721 35.82 -8.58 37.70
C VAL C 1721 35.39 -7.16 37.30
N GLN C 1722 35.89 -6.15 38.05
CA GLN C 1722 35.58 -4.72 37.84
C GLN C 1722 36.04 -4.22 36.48
N GLY C 1723 35.10 -3.61 35.75
CA GLY C 1723 35.33 -3.08 34.41
C GLY C 1723 34.96 -4.06 33.31
N TYR C 1724 34.80 -5.35 33.68
CA TYR C 1724 34.45 -6.43 32.75
C TYR C 1724 33.00 -6.85 32.88
N GLU C 1725 32.35 -7.07 31.73
CA GLU C 1725 30.96 -7.51 31.60
C GLU C 1725 30.84 -8.54 30.48
N GLY C 1726 29.88 -9.44 30.59
CA GLY C 1726 29.61 -10.46 29.59
C GLY C 1726 28.72 -9.95 28.49
N TYR C 1727 29.14 -10.15 27.23
CA TYR C 1727 28.41 -9.73 26.04
C TYR C 1727 28.18 -10.94 25.12
N TYR C 1728 27.07 -10.91 24.35
CA TYR C 1728 26.74 -12.00 23.42
C TYR C 1728 27.70 -12.01 22.23
N VAL C 1729 28.18 -13.20 21.83
CA VAL C 1729 29.06 -13.37 20.66
C VAL C 1729 28.12 -13.35 19.44
N LEU C 1730 27.17 -14.30 19.37
CA LEU C 1730 26.15 -14.34 18.34
C LEU C 1730 25.01 -13.44 18.84
N PRO C 1731 24.62 -12.39 18.08
CA PRO C 1731 23.59 -11.47 18.57
C PRO C 1731 22.25 -12.10 18.93
N VAL C 1732 21.72 -11.72 20.11
CA VAL C 1732 20.45 -12.18 20.69
C VAL C 1732 19.25 -11.70 19.84
N GLU C 1733 19.44 -10.63 19.05
CA GLU C 1733 18.44 -10.05 18.15
C GLU C 1733 18.13 -11.00 16.99
N GLN C 1734 19.16 -11.75 16.51
CA GLN C 1734 19.03 -12.71 15.42
C GLN C 1734 18.92 -14.14 15.97
N TYR C 1735 19.46 -14.37 17.18
CA TYR C 1735 19.46 -15.66 17.85
C TYR C 1735 18.83 -15.57 19.26
N PRO C 1736 17.48 -15.38 19.38
CA PRO C 1736 16.87 -15.28 20.73
C PRO C 1736 16.88 -16.59 21.53
N GLU C 1737 17.03 -17.73 20.85
CA GLU C 1737 17.10 -19.06 21.46
C GLU C 1737 18.36 -19.28 22.31
N LEU C 1738 19.44 -18.53 22.06
CA LEU C 1738 20.70 -18.61 22.81
C LEU C 1738 20.80 -17.53 23.91
N ALA C 1739 19.67 -16.92 24.28
CA ALA C 1739 19.60 -15.85 25.29
C ALA C 1739 20.07 -16.28 26.70
N ASP C 1740 19.84 -17.55 27.08
CA ASP C 1740 20.26 -18.06 28.40
C ASP C 1740 21.53 -18.94 28.33
N SER C 1741 22.18 -18.99 27.15
CA SER C 1741 23.38 -19.78 26.90
C SER C 1741 24.66 -19.07 27.35
N SER C 1742 25.37 -19.67 28.33
CA SER C 1742 26.61 -19.13 28.88
C SER C 1742 27.78 -19.28 27.89
N SER C 1743 27.68 -20.27 26.97
CA SER C 1743 28.68 -20.53 25.93
C SER C 1743 28.60 -19.53 24.76
N ASN C 1744 27.62 -18.61 24.81
CA ASN C 1744 27.43 -17.53 23.83
C ASN C 1744 27.79 -16.18 24.48
N ILE C 1745 28.50 -16.22 25.62
CA ILE C 1745 28.92 -15.03 26.39
C ILE C 1745 30.45 -14.89 26.36
N GLN C 1746 30.94 -13.65 26.17
CA GLN C 1746 32.36 -13.29 26.17
C GLN C 1746 32.60 -12.10 27.11
N PHE C 1747 33.64 -12.17 27.95
CA PHE C 1747 33.95 -11.10 28.89
C PHE C 1747 34.87 -10.08 28.24
N LEU C 1748 34.39 -8.82 28.17
CA LEU C 1748 35.13 -7.71 27.57
C LEU C 1748 35.02 -6.45 28.42
N ARG C 1749 36.08 -5.62 28.39
CA ARG C 1749 36.09 -4.32 29.06
C ARG C 1749 35.50 -3.28 28.09
N GLN C 1750 35.19 -2.07 28.57
CA GLN C 1750 34.58 -1.01 27.75
C GLN C 1750 35.48 -0.49 26.60
N ASN C 1751 36.75 -0.96 26.54
CA ASN C 1751 37.72 -0.62 25.50
C ASN C 1751 37.43 -1.36 24.19
N GLU C 1752 36.81 -2.56 24.29
CA GLU C 1752 36.42 -3.47 23.20
C GLU C 1752 37.60 -3.90 22.33
N VAL D 7 -45.07 46.67 -25.46
CA VAL D 7 -44.25 45.49 -25.72
C VAL D 7 -43.39 45.10 -24.50
N ARG D 8 -43.37 43.79 -24.19
CA ARG D 8 -42.60 43.17 -23.11
C ARG D 8 -41.63 42.19 -23.75
N ARG D 9 -40.44 42.02 -23.16
CA ARG D 9 -39.39 41.17 -23.70
C ARG D 9 -38.89 40.14 -22.71
N GLU D 10 -38.70 38.90 -23.19
CA GLU D 10 -38.14 37.80 -22.41
C GLU D 10 -37.13 37.05 -23.25
N LEU D 11 -36.08 36.52 -22.61
CA LEU D 11 -35.03 35.75 -23.27
C LEU D 11 -34.48 34.71 -22.29
N SER D 12 -34.29 33.47 -22.77
CA SER D 12 -33.68 32.39 -21.97
C SER D 12 -32.76 31.53 -22.82
N CYS D 13 -31.60 31.15 -22.26
CA CYS D 13 -30.60 30.29 -22.92
C CYS D 13 -31.10 28.83 -22.93
N GLU D 14 -30.49 27.97 -23.77
CA GLU D 14 -30.86 26.55 -23.91
C GLU D 14 -30.93 25.78 -22.57
N GLY D 15 -32.02 25.04 -22.39
CA GLY D 15 -32.29 24.25 -21.20
C GLY D 15 -32.97 25.02 -20.08
N TYR D 16 -33.11 26.35 -20.24
CA TYR D 16 -33.75 27.20 -19.23
C TYR D 16 -35.14 27.63 -19.66
N SER D 17 -36.04 27.79 -18.69
CA SER D 17 -37.41 28.19 -18.97
C SER D 17 -37.56 29.70 -19.19
N ILE D 18 -38.55 30.07 -20.02
CA ILE D 18 -38.94 31.45 -20.30
C ILE D 18 -40.26 31.68 -19.55
N ASP D 19 -40.35 32.76 -18.78
CA ASP D 19 -41.55 33.05 -17.97
C ASP D 19 -42.23 34.32 -18.47
N LEU D 20 -43.51 34.20 -18.81
CA LEU D 20 -44.35 35.29 -19.30
C LEU D 20 -45.50 35.47 -18.34
N ARG D 21 -45.68 36.69 -17.82
CA ARG D 21 -46.77 36.98 -16.89
C ARG D 21 -47.43 38.31 -17.20
N CYS D 22 -48.77 38.34 -17.12
CA CYS D 22 -49.58 39.54 -17.32
C CYS D 22 -50.29 39.94 -16.01
N PRO D 23 -50.49 41.26 -15.76
CA PRO D 23 -51.16 41.68 -14.50
C PRO D 23 -52.67 41.44 -14.52
N GLY D 24 -53.25 41.26 -13.33
CA GLY D 24 -54.69 41.08 -13.11
C GLY D 24 -55.37 40.04 -13.98
N SER D 25 -56.32 40.49 -14.81
CA SER D 25 -57.10 39.64 -15.72
C SER D 25 -56.58 39.69 -17.17
N ASP D 26 -55.54 40.50 -17.47
CA ASP D 26 -54.92 40.63 -18.79
C ASP D 26 -54.28 39.32 -19.24
N VAL D 27 -54.30 39.05 -20.55
CA VAL D 27 -53.79 37.83 -21.16
C VAL D 27 -52.65 38.09 -22.15
N ILE D 28 -51.78 37.09 -22.34
CA ILE D 28 -50.63 37.13 -23.26
C ILE D 28 -51.06 37.12 -24.72
N MET D 29 -50.34 37.91 -25.54
CA MET D 29 -50.43 37.91 -27.00
C MET D 29 -48.99 37.91 -27.53
N ILE D 30 -48.59 36.85 -28.25
CA ILE D 30 -47.24 36.74 -28.81
C ILE D 30 -47.08 37.65 -30.03
N GLU D 31 -46.09 38.55 -29.97
CA GLU D 31 -45.76 39.53 -30.99
C GLU D 31 -44.73 38.95 -31.97
N SER D 32 -43.65 38.36 -31.43
CA SER D 32 -42.60 37.68 -32.21
C SER D 32 -41.89 36.66 -31.32
N ALA D 33 -41.30 35.63 -31.94
CA ALA D 33 -40.56 34.59 -31.22
C ALA D 33 -39.55 33.92 -32.14
N ASN D 34 -38.40 33.54 -31.58
CA ASN D 34 -37.36 32.79 -32.29
C ASN D 34 -36.61 31.90 -31.34
N TYR D 35 -36.39 30.65 -31.75
CA TYR D 35 -35.58 29.67 -31.05
C TYR D 35 -34.41 29.41 -31.98
N GLY D 36 -33.22 29.79 -31.56
CA GLY D 36 -32.02 29.63 -32.37
C GLY D 36 -30.94 30.59 -31.95
N ARG D 37 -30.33 31.28 -32.93
CA ARG D 37 -29.27 32.26 -32.66
C ARG D 37 -29.25 33.34 -33.73
N THR D 38 -29.40 34.61 -33.31
CA THR D 38 -29.41 35.78 -34.20
C THR D 38 -28.30 36.78 -33.87
N ASP D 39 -27.53 36.51 -32.80
CA ASP D 39 -26.46 37.37 -32.30
C ASP D 39 -25.32 36.50 -31.74
N ASP D 40 -24.07 37.01 -31.81
CA ASP D 40 -22.87 36.29 -31.36
C ASP D 40 -22.49 36.52 -29.87
N LYS D 41 -23.11 37.51 -29.22
CA LYS D 41 -22.85 37.85 -27.81
C LYS D 41 -23.88 37.26 -26.85
N ILE D 42 -25.10 36.95 -27.32
CA ILE D 42 -26.17 36.39 -26.48
C ILE D 42 -25.89 34.95 -26.06
N CYS D 43 -26.05 34.64 -24.77
CA CYS D 43 -25.87 33.30 -24.17
C CYS D 43 -24.46 32.72 -24.42
N ASP D 44 -23.48 33.24 -23.66
CA ASP D 44 -22.06 32.90 -23.71
C ASP D 44 -21.76 31.41 -23.53
N ALA D 45 -20.87 30.87 -24.40
CA ALA D 45 -20.44 29.47 -24.41
C ALA D 45 -19.10 29.31 -25.18
N ASP D 46 -18.71 28.07 -25.56
CA ASP D 46 -17.48 27.74 -26.29
C ASP D 46 -17.36 28.47 -27.66
N PRO D 47 -16.18 28.58 -28.33
CA PRO D 47 -16.13 29.27 -29.64
C PRO D 47 -17.21 28.87 -30.65
N PHE D 48 -17.64 27.59 -30.59
CA PHE D 48 -18.70 27.01 -31.42
C PHE D 48 -20.06 27.72 -31.31
N GLN D 49 -20.28 28.48 -30.22
CA GLN D 49 -21.52 29.24 -30.01
C GLN D 49 -21.70 30.36 -31.04
N MET D 50 -20.65 31.15 -31.31
CA MET D 50 -20.70 32.32 -32.19
C MET D 50 -20.52 32.00 -33.68
N GLU D 51 -20.40 30.70 -34.03
CA GLU D 51 -20.18 30.23 -35.40
C GLU D 51 -21.37 30.45 -36.35
N ASN D 52 -22.59 30.63 -35.81
CA ASN D 52 -23.77 30.83 -36.63
C ASN D 52 -24.74 31.83 -36.00
N THR D 53 -24.91 33.00 -36.65
CA THR D 53 -25.81 34.07 -36.21
C THR D 53 -27.06 34.15 -37.10
N ASP D 54 -27.24 33.16 -37.99
CA ASP D 54 -28.37 33.07 -38.89
C ASP D 54 -29.17 31.77 -38.67
N CYS D 55 -29.43 31.45 -37.39
CA CYS D 55 -30.17 30.26 -37.00
C CYS D 55 -31.61 30.63 -36.58
N TYR D 56 -32.58 30.32 -37.46
CA TYR D 56 -34.00 30.66 -37.28
C TYR D 56 -34.91 29.44 -37.30
N LEU D 57 -35.99 29.49 -36.49
CA LEU D 57 -37.03 28.46 -36.46
C LEU D 57 -38.37 29.15 -36.79
N PRO D 58 -38.94 28.93 -37.99
CA PRO D 58 -40.21 29.61 -38.35
C PRO D 58 -41.40 29.26 -37.46
N ASP D 59 -41.44 28.00 -36.98
CA ASP D 59 -42.52 27.51 -36.13
C ASP D 59 -42.45 28.00 -34.68
N ALA D 60 -41.36 28.68 -34.27
CA ALA D 60 -41.20 29.23 -32.91
C ALA D 60 -42.34 30.17 -32.53
N PHE D 61 -42.79 31.01 -33.48
CA PHE D 61 -43.91 31.92 -33.30
C PHE D 61 -45.20 31.13 -33.08
N LYS D 62 -45.45 30.09 -33.90
CA LYS D 62 -46.62 29.22 -33.82
C LYS D 62 -46.70 28.45 -32.49
N ILE D 63 -45.56 27.86 -32.05
CA ILE D 63 -45.45 27.11 -30.80
C ILE D 63 -45.73 28.00 -29.58
N MET D 64 -45.12 29.20 -29.55
CA MET D 64 -45.32 30.17 -28.47
C MET D 64 -46.76 30.69 -28.45
N THR D 65 -47.34 30.99 -29.63
CA THR D 65 -48.72 31.47 -29.78
C THR D 65 -49.71 30.44 -29.22
N GLN D 66 -49.54 29.16 -29.59
CA GLN D 66 -50.39 28.07 -29.13
C GLN D 66 -50.27 27.80 -27.62
N ARG D 67 -49.05 27.87 -27.08
CA ARG D 67 -48.78 27.61 -25.66
C ARG D 67 -49.07 28.76 -24.70
N CYS D 68 -48.97 30.03 -25.16
CA CYS D 68 -49.09 31.18 -24.26
C CYS D 68 -50.29 32.11 -24.49
N ASN D 69 -50.85 32.21 -25.72
CA ASN D 69 -51.98 33.11 -25.96
C ASN D 69 -53.22 32.79 -25.14
N ASN D 70 -53.96 33.85 -24.72
CA ASN D 70 -55.18 33.81 -23.91
C ASN D 70 -54.93 33.37 -22.46
N ARG D 71 -53.65 33.35 -22.03
CA ARG D 71 -53.27 32.94 -20.68
C ARG D 71 -52.69 34.09 -19.85
N THR D 72 -52.95 34.07 -18.53
CA THR D 72 -52.43 35.04 -17.55
C THR D 72 -50.91 34.84 -17.39
N GLN D 73 -50.45 33.58 -17.44
CA GLN D 73 -49.04 33.22 -17.30
C GLN D 73 -48.64 32.07 -18.23
N CYS D 74 -47.33 32.00 -18.57
CA CYS D 74 -46.80 30.97 -19.46
C CYS D 74 -45.35 30.63 -19.11
N ILE D 75 -45.04 29.33 -19.02
CA ILE D 75 -43.69 28.82 -18.75
C ILE D 75 -43.34 27.84 -19.87
N VAL D 76 -42.28 28.16 -20.65
CA VAL D 76 -41.84 27.33 -21.79
C VAL D 76 -40.34 27.07 -21.68
N VAL D 77 -39.92 25.78 -21.75
CA VAL D 77 -38.51 25.42 -21.70
C VAL D 77 -37.86 25.53 -23.08
N THR D 78 -36.73 26.24 -23.13
CA THR D 78 -35.91 26.48 -24.32
C THR D 78 -35.10 25.22 -24.64
N GLY D 79 -35.73 24.23 -25.26
CA GLY D 79 -35.05 22.99 -25.58
C GLY D 79 -35.74 22.07 -26.56
N SER D 80 -35.15 20.88 -26.76
CA SER D 80 -35.60 19.83 -27.68
C SER D 80 -36.94 19.16 -27.32
N ASP D 81 -37.40 19.30 -26.06
CA ASP D 81 -38.68 18.74 -25.61
C ASP D 81 -39.88 19.53 -26.14
N VAL D 82 -39.67 20.82 -26.46
CA VAL D 82 -40.73 21.73 -26.94
C VAL D 82 -40.49 22.21 -28.39
N PHE D 83 -39.21 22.43 -28.76
CA PHE D 83 -38.86 22.96 -30.08
C PHE D 83 -37.99 22.01 -30.90
N PRO D 84 -38.15 21.97 -32.25
CA PRO D 84 -37.20 21.19 -33.06
C PRO D 84 -35.84 21.91 -33.10
N ASP D 85 -34.79 21.24 -33.62
CA ASP D 85 -33.47 21.85 -33.68
C ASP D 85 -33.19 22.53 -35.03
N PRO D 86 -33.09 23.88 -35.06
CA PRO D 86 -32.80 24.56 -36.34
C PRO D 86 -31.32 24.61 -36.69
N CYS D 87 -30.40 24.32 -35.73
CA CYS D 87 -28.95 24.35 -35.95
C CYS D 87 -28.18 23.44 -34.97
N PRO D 88 -28.16 22.10 -35.20
CA PRO D 88 -27.43 21.21 -34.28
C PRO D 88 -25.94 21.54 -34.16
N GLY D 89 -25.46 21.62 -32.92
CA GLY D 89 -24.07 21.96 -32.60
C GLY D 89 -23.91 23.37 -32.09
N THR D 90 -24.83 24.28 -32.48
CA THR D 90 -24.84 25.68 -32.06
C THR D 90 -25.67 25.82 -30.79
N TYR D 91 -25.12 26.50 -29.76
CA TYR D 91 -25.81 26.75 -28.50
C TYR D 91 -26.90 27.81 -28.72
N LYS D 92 -28.16 27.41 -28.54
CA LYS D 92 -29.32 28.26 -28.85
C LYS D 92 -29.95 29.01 -27.67
N TYR D 93 -30.91 29.89 -28.00
CA TYR D 93 -31.70 30.64 -27.03
C TYR D 93 -33.07 30.94 -27.62
N LEU D 94 -34.03 31.23 -26.75
CA LEU D 94 -35.39 31.58 -27.12
C LEU D 94 -35.59 33.05 -26.81
N GLU D 95 -35.91 33.84 -27.83
CA GLU D 95 -36.13 35.28 -27.72
C GLU D 95 -37.59 35.56 -28.10
N VAL D 96 -38.34 36.20 -27.18
CA VAL D 96 -39.76 36.46 -27.37
C VAL D 96 -40.15 37.92 -27.06
N GLN D 97 -41.04 38.49 -27.89
CA GLN D 97 -41.64 39.80 -27.69
C GLN D 97 -43.14 39.54 -27.55
N TYR D 98 -43.79 40.16 -26.55
CA TYR D 98 -45.21 39.93 -26.29
C TYR D 98 -45.92 41.11 -25.63
N GLU D 99 -47.25 41.08 -25.65
CA GLU D 99 -48.09 42.09 -25.03
C GLU D 99 -49.06 41.46 -24.04
N CYS D 100 -49.67 42.30 -23.19
CA CYS D 100 -50.70 41.93 -22.24
C CYS D 100 -51.92 42.72 -22.65
N VAL D 101 -52.97 42.01 -23.08
CA VAL D 101 -54.21 42.57 -23.61
C VAL D 101 -55.41 42.13 -22.76
N PRO D 102 -56.56 42.84 -22.80
CA PRO D 102 -57.71 42.39 -21.99
C PRO D 102 -58.35 41.09 -22.48
#